data_6CER
#
_entry.id   6CER
#
_cell.length_a   121.760
_cell.length_b   123.919
_cell.length_c   128.279
_cell.angle_alpha   90.00
_cell.angle_beta   118.12
_cell.angle_gamma   90.00
#
_symmetry.space_group_name_H-M   'P 1 21 1'
#
loop_
_entity.id
_entity.type
_entity.pdbx_description
1 polymer 'Pyruvate dehydrogenase E1 component subunit alpha, somatic form, mitochondrial'
2 polymer 'Pyruvate dehydrogenase E1 component subunit beta, mitochondrial'
3 non-polymer 'THIAMINE DIPHOSPHATE'
4 non-polymer 'MAGNESIUM ION'
5 water water
#
loop_
_entity_poly.entity_id
_entity_poly.type
_entity_poly.pdbx_seq_one_letter_code
_entity_poly.pdbx_strand_id
1 'polypeptide(L)'
;MRGSFANDATFEIKKCDLHRLEEGPPVTTVLTREDGLKYYRMMQTVRRMELKADQLYKQKIIRGFCHLCDGQEACCVGLE
AGINPTDHLITAYRAHGFTFTRGLSVREILAELTGRKGGCAKGKGGSMHMYAKNFYGGNGIMGAQVPLGAGIALACKYNG
KDEVCLTLYGDGAANQGQIFEAYNMAALWKLPCIFICENNRYGMGTSVERAAASTDYYKRGDFIPGLRVDGMDILCVREA
TRFAAAYCRSGKGPILMELQTYRYHGHSMSDPGVSYRTREEIQEVRSKSDPIMLLKDRMVNSNLASVEELKEIDVEVRKE
IEDAAQFATADPEPPLEELGYHIYSSDPPFEVRGANQWIKFKSVS
;
A,C,E,G
2 'polypeptide(L)'
;GSLQVTVRDAINQGMDEELERDEKVFLLGEEVAQYDGAYKVSRGLWKKYGDKRIIDTPISEMGFAGIAVGAAMAGLRPIC
EFMTFNFSMQAIDQVINSAAKTYYMSGGLQPVPIVFRGPNGASAGVAAQHSQCFAAWYGHCPGLKVVSPWNSEDAKGLIK
SAIRDNNPVVVLENELMYGVPFEFPPEAQSKDFLIPIGKAKIERQGTHITVVSHSRPVGHCLEAAAVLSKEGVECEVINM
RTIRPMDMETIEASVMKTNHLVTVEGGWPQFGVGAEICARIMEGPAFNFLDAPAVRVTGADVPMPYAKILEDNSIPQVKD
IIFAIKKTLNI
;
B,D,F,H
#
loop_
_chem_comp.id
_chem_comp.type
_chem_comp.name
_chem_comp.formula
MG non-polymer 'MAGNESIUM ION' 'Mg 2'
TPP non-polymer 'THIAMINE DIPHOSPHATE' 'C12 H19 N4 O7 P2 S 1'
#
# COMPACT_ATOMS: atom_id res chain seq x y z
N GLY A 3 -41.66 -38.90 11.81
CA GLY A 3 -40.59 -39.10 12.76
C GLY A 3 -39.21 -39.25 12.15
N SER A 4 -38.80 -38.29 11.32
CA SER A 4 -37.50 -38.29 10.67
C SER A 4 -37.11 -36.86 10.35
N PHE A 5 -35.87 -36.48 10.63
CA PHE A 5 -35.42 -35.10 10.48
C PHE A 5 -34.34 -35.01 9.41
N ALA A 6 -34.57 -34.17 8.41
CA ALA A 6 -33.55 -33.87 7.41
C ALA A 6 -32.40 -33.09 8.03
N ASN A 7 -31.18 -33.37 7.59
CA ASN A 7 -30.01 -32.68 8.11
C ASN A 7 -29.89 -31.27 7.53
N ASP A 8 -30.23 -31.11 6.25
CA ASP A 8 -30.13 -29.82 5.58
C ASP A 8 -31.28 -29.68 4.58
N ALA A 9 -31.44 -28.48 4.05
CA ALA A 9 -32.45 -28.20 3.04
C ALA A 9 -32.04 -26.97 2.26
N THR A 10 -32.37 -26.95 0.98
CA THR A 10 -32.06 -25.83 0.10
C THR A 10 -33.28 -24.91 0.03
N PHE A 11 -33.02 -23.60 0.05
CA PHE A 11 -34.08 -22.60 0.05
C PHE A 11 -33.82 -21.53 -0.99
N GLU A 12 -34.89 -21.04 -1.59
CA GLU A 12 -34.80 -19.92 -2.52
C GLU A 12 -34.83 -18.63 -1.71
N ILE A 13 -33.87 -17.76 -1.99
CA ILE A 13 -33.72 -16.51 -1.28
C ILE A 13 -33.98 -15.36 -2.26
N LYS A 14 -34.46 -14.26 -1.72
CA LYS A 14 -34.83 -13.11 -2.54
C LYS A 14 -33.60 -12.51 -3.21
N LYS A 15 -33.78 -12.05 -4.45
CA LYS A 15 -32.68 -11.44 -5.20
C LYS A 15 -32.47 -10.00 -4.76
N CYS A 16 -31.23 -9.66 -4.40
CA CYS A 16 -30.91 -8.31 -3.93
C CYS A 16 -30.85 -7.32 -5.09
N ASP A 17 -31.40 -6.13 -4.86
CA ASP A 17 -31.22 -5.04 -5.81
C ASP A 17 -29.78 -4.55 -5.75
N LEU A 18 -29.16 -4.38 -6.92
CA LEU A 18 -27.74 -4.08 -6.98
C LEU A 18 -27.50 -2.62 -7.36
N HIS A 19 -26.31 -2.14 -7.01
CA HIS A 19 -25.85 -0.80 -7.40
C HIS A 19 -24.37 -0.87 -7.68
N ARG A 20 -23.97 -0.62 -8.92
CA ARG A 20 -22.58 -0.73 -9.34
C ARG A 20 -22.02 -2.12 -9.04
N LEU A 21 -22.82 -3.14 -9.32
CA LEU A 21 -22.38 -4.53 -9.20
C LEU A 21 -23.02 -5.34 -10.31
N GLU A 22 -22.22 -6.19 -10.96
CA GLU A 22 -22.76 -7.06 -12.00
C GLU A 22 -23.40 -8.32 -11.40
N GLU A 23 -22.73 -8.95 -10.44
CA GLU A 23 -23.23 -10.16 -9.80
C GLU A 23 -23.37 -9.93 -8.30
N GLY A 24 -24.47 -10.44 -7.74
CA GLY A 24 -24.76 -10.29 -6.34
C GLY A 24 -24.72 -11.60 -5.58
N PRO A 25 -25.30 -11.62 -4.39
CA PRO A 25 -25.32 -12.85 -3.58
C PRO A 25 -26.16 -13.92 -4.25
N PRO A 26 -25.91 -15.19 -3.94
CA PRO A 26 -26.71 -16.26 -4.54
C PRO A 26 -28.16 -16.20 -4.10
N VAL A 27 -29.04 -16.74 -4.96
CA VAL A 27 -30.48 -16.80 -4.68
C VAL A 27 -30.88 -18.14 -4.10
N THR A 28 -29.92 -19.00 -3.78
CA THR A 28 -30.18 -20.26 -3.09
C THR A 28 -29.15 -20.41 -1.97
N THR A 29 -29.56 -21.04 -0.89
CA THR A 29 -28.66 -21.26 0.23
C THR A 29 -29.05 -22.55 0.93
N VAL A 30 -28.10 -23.13 1.66
CA VAL A 30 -28.30 -24.35 2.41
C VAL A 30 -28.36 -24.00 3.88
N LEU A 31 -29.46 -24.36 4.54
CA LEU A 31 -29.61 -24.22 5.98
C LEU A 31 -29.64 -25.61 6.60
N THR A 32 -28.74 -25.85 7.55
CA THR A 32 -28.70 -27.12 8.26
C THR A 32 -29.67 -27.08 9.44
N ARG A 33 -29.98 -28.27 9.95
CA ARG A 33 -30.88 -28.36 11.10
C ARG A 33 -30.27 -27.69 12.32
N GLU A 34 -28.98 -27.92 12.57
CA GLU A 34 -28.33 -27.31 13.74
C GLU A 34 -28.33 -25.79 13.66
N ASP A 35 -28.02 -25.24 12.47
CA ASP A 35 -28.03 -23.79 12.33
C ASP A 35 -29.45 -23.24 12.45
N GLY A 36 -30.45 -23.95 11.92
CA GLY A 36 -31.82 -23.48 12.04
C GLY A 36 -32.27 -23.39 13.49
N LEU A 37 -32.00 -24.45 14.26
CA LEU A 37 -32.33 -24.42 15.67
C LEU A 37 -31.52 -23.37 16.41
N LYS A 38 -30.27 -23.14 16.00
CA LYS A 38 -29.46 -22.12 16.65
C LYS A 38 -30.00 -20.72 16.34
N TYR A 39 -30.31 -20.47 15.07
CA TYR A 39 -30.84 -19.15 14.68
C TYR A 39 -32.20 -18.91 15.32
N TYR A 40 -33.02 -19.95 15.42
CA TYR A 40 -34.35 -19.80 16.00
C TYR A 40 -34.27 -19.45 17.48
N ARG A 41 -33.45 -20.18 18.24
CA ARG A 41 -33.31 -19.90 19.66
C ARG A 41 -32.73 -18.51 19.90
N MET A 42 -31.79 -18.08 19.04
CA MET A 42 -31.21 -16.75 19.19
C MET A 42 -32.26 -15.67 18.93
N MET A 43 -33.07 -15.82 17.89
CA MET A 43 -34.08 -14.81 17.60
C MET A 43 -35.17 -14.78 18.67
N GLN A 44 -35.63 -15.95 19.12
CA GLN A 44 -36.67 -15.96 20.14
C GLN A 44 -36.16 -15.39 21.46
N THR A 45 -34.86 -15.55 21.74
CA THR A 45 -34.29 -14.94 22.94
C THR A 45 -34.28 -13.42 22.82
N VAL A 46 -33.84 -12.90 21.68
CA VAL A 46 -33.85 -11.45 21.47
C VAL A 46 -35.27 -10.90 21.56
N ARG A 47 -36.24 -11.64 21.03
CA ARG A 47 -37.63 -11.20 21.08
C ARG A 47 -38.13 -11.11 22.52
N ARG A 48 -38.02 -12.22 23.27
CA ARG A 48 -38.50 -12.22 24.63
C ARG A 48 -37.70 -11.27 25.50
N MET A 49 -36.46 -10.99 25.14
CA MET A 49 -35.68 -10.02 25.90
C MET A 49 -36.20 -8.60 25.67
N GLU A 50 -36.53 -8.25 24.43
CA GLU A 50 -37.04 -6.91 24.17
C GLU A 50 -38.45 -6.73 24.74
N LEU A 51 -39.27 -7.79 24.71
CA LEU A 51 -40.61 -7.69 25.29
C LEU A 51 -40.53 -7.51 26.81
N LYS A 52 -39.57 -8.17 27.46
CA LYS A 52 -39.39 -7.97 28.89
C LYS A 52 -38.88 -6.58 29.20
N ALA A 53 -37.93 -6.09 28.40
CA ALA A 53 -37.44 -4.73 28.59
C ALA A 53 -38.57 -3.72 28.41
N ASP A 54 -39.45 -3.96 27.44
CA ASP A 54 -40.60 -3.08 27.26
C ASP A 54 -41.49 -3.09 28.50
N GLN A 55 -41.63 -4.25 29.13
CA GLN A 55 -42.43 -4.35 30.35
C GLN A 55 -41.80 -3.59 31.49
N LEU A 56 -40.49 -3.75 31.68
CA LEU A 56 -39.79 -3.02 32.74
C LEU A 56 -39.78 -1.52 32.48
N TYR A 57 -39.73 -1.12 31.21
CA TYR A 57 -39.75 0.29 30.87
C TYR A 57 -41.09 0.92 31.24
N LYS A 58 -42.19 0.21 30.97
CA LYS A 58 -43.51 0.71 31.36
C LYS A 58 -43.65 0.77 32.88
N GLN A 59 -43.05 -0.19 33.58
CA GLN A 59 -43.05 -0.17 35.03
C GLN A 59 -42.06 0.85 35.61
N LYS A 60 -41.38 1.61 34.75
CA LYS A 60 -40.45 2.67 35.14
C LYS A 60 -39.24 2.13 35.91
N ILE A 61 -39.00 0.83 35.86
CA ILE A 61 -37.80 0.27 36.45
C ILE A 61 -36.58 0.65 35.61
N ILE A 62 -36.75 0.69 34.30
CA ILE A 62 -35.73 1.20 33.39
C ILE A 62 -35.98 2.68 33.16
N ARG A 63 -34.93 3.48 33.20
CA ARG A 63 -35.06 4.92 33.06
C ARG A 63 -34.42 5.41 31.78
N GLY A 64 -34.71 6.65 31.44
CA GLY A 64 -34.10 7.30 30.30
C GLY A 64 -34.56 6.74 28.98
N PHE A 65 -33.64 6.18 28.22
CA PHE A 65 -33.95 5.65 26.91
C PHE A 65 -34.08 4.14 26.95
N CYS A 66 -34.92 3.61 26.05
CA CYS A 66 -35.09 2.17 25.88
C CYS A 66 -35.63 1.86 24.49
N HIS A 67 -34.76 1.93 23.48
CA HIS A 67 -35.15 1.65 22.10
C HIS A 67 -35.11 0.15 21.84
N LEU A 68 -36.23 -0.41 21.39
CA LEU A 68 -36.35 -1.85 21.22
C LEU A 68 -36.17 -2.24 19.75
N CYS A 69 -35.62 -3.43 19.54
CA CYS A 69 -35.34 -3.92 18.19
C CYS A 69 -36.22 -5.10 17.80
N ASP A 70 -37.33 -5.31 18.49
CA ASP A 70 -38.22 -6.41 18.15
C ASP A 70 -38.81 -6.19 16.77
N GLY A 71 -38.88 -7.28 15.99
CA GLY A 71 -39.20 -7.21 14.58
C GLY A 71 -37.99 -7.17 13.68
N GLN A 72 -36.80 -6.88 14.21
CA GLN A 72 -35.57 -6.86 13.45
C GLN A 72 -34.64 -8.00 13.85
N GLU A 73 -35.20 -9.09 14.37
CA GLU A 73 -34.36 -10.15 14.90
C GLU A 73 -33.56 -10.83 13.80
N ALA A 74 -34.06 -10.83 12.56
CA ALA A 74 -33.30 -11.43 11.47
C ALA A 74 -32.06 -10.63 11.12
N CYS A 75 -31.99 -9.36 11.52
CA CYS A 75 -30.82 -8.54 11.23
C CYS A 75 -29.66 -8.88 12.16
N CYS A 76 -29.86 -8.69 13.47
CA CYS A 76 -28.74 -8.93 14.38
C CYS A 76 -28.33 -10.40 14.41
N VAL A 77 -29.29 -11.32 14.25
CA VAL A 77 -28.95 -12.75 14.19
C VAL A 77 -28.46 -13.13 12.80
N GLY A 78 -29.06 -12.56 11.75
CA GLY A 78 -28.59 -12.85 10.40
C GLY A 78 -27.18 -12.35 10.13
N LEU A 79 -26.85 -11.15 10.61
CA LEU A 79 -25.51 -10.61 10.42
C LEU A 79 -24.47 -11.43 11.18
N GLU A 80 -24.81 -11.89 12.39
CA GLU A 80 -23.86 -12.69 13.15
C GLU A 80 -23.57 -14.02 12.45
N ALA A 81 -24.57 -14.58 11.76
CA ALA A 81 -24.37 -15.84 11.07
C ALA A 81 -23.48 -15.71 9.84
N GLY A 82 -23.30 -14.50 9.33
CA GLY A 82 -22.48 -14.23 8.18
C GLY A 82 -21.11 -13.66 8.46
N ILE A 83 -20.72 -13.48 9.72
CA ILE A 83 -19.42 -12.97 10.10
C ILE A 83 -18.81 -13.89 11.14
N ASN A 84 -17.57 -13.61 11.49
CA ASN A 84 -16.85 -14.38 12.51
C ASN A 84 -16.86 -13.65 13.84
N PRO A 85 -16.65 -14.36 14.95
CA PRO A 85 -16.49 -13.66 16.24
C PRO A 85 -15.27 -12.77 16.28
N THR A 86 -14.30 -12.98 15.40
CA THR A 86 -13.12 -12.12 15.31
C THR A 86 -13.33 -10.90 14.41
N ASP A 87 -14.49 -10.79 13.78
CA ASP A 87 -14.86 -9.57 13.06
C ASP A 87 -15.47 -8.55 14.05
N HIS A 88 -15.65 -7.33 13.56
CA HIS A 88 -16.03 -6.21 14.41
C HIS A 88 -17.37 -5.65 13.97
N LEU A 89 -18.11 -5.10 14.93
CA LEU A 89 -19.42 -4.54 14.65
C LEU A 89 -19.70 -3.36 15.58
N ILE A 90 -20.37 -2.34 15.06
CA ILE A 90 -20.75 -1.17 15.83
C ILE A 90 -22.08 -0.65 15.28
N THR A 91 -22.92 -0.12 16.18
CA THR A 91 -24.23 0.38 15.77
C THR A 91 -24.58 1.59 16.65
N ALA A 92 -25.80 2.09 16.49
CA ALA A 92 -26.27 3.26 17.23
C ALA A 92 -26.97 2.85 18.53
N TYR A 93 -28.05 3.55 18.88
CA TYR A 93 -28.68 3.43 20.20
C TYR A 93 -29.55 2.18 20.38
N ARG A 94 -29.80 1.41 19.34
CA ARG A 94 -30.70 0.26 19.39
C ARG A 94 -29.88 -1.03 19.39
N ALA A 95 -29.14 -1.25 20.48
CA ALA A 95 -28.09 -2.25 20.48
C ALA A 95 -28.40 -3.45 21.36
N HIS A 96 -29.64 -3.58 21.84
CA HIS A 96 -29.96 -4.68 22.76
C HIS A 96 -29.76 -6.04 22.08
N GLY A 97 -30.26 -6.18 20.86
CA GLY A 97 -30.08 -7.44 20.15
C GLY A 97 -28.62 -7.72 19.82
N PHE A 98 -27.91 -6.70 19.33
CA PHE A 98 -26.50 -6.91 18.95
C PHE A 98 -25.63 -7.22 20.16
N THR A 99 -25.95 -6.69 21.33
CA THR A 99 -25.19 -7.03 22.51
C THR A 99 -25.34 -8.50 22.86
N PHE A 100 -26.54 -9.06 22.65
CA PHE A 100 -26.72 -10.48 22.94
C PHE A 100 -26.07 -11.35 21.88
N THR A 101 -26.22 -11.00 20.60
CA THR A 101 -25.66 -11.81 19.53
C THR A 101 -24.13 -11.77 19.53
N ARG A 102 -23.52 -10.73 20.10
CA ARG A 102 -22.07 -10.66 20.13
C ARG A 102 -21.48 -11.33 21.37
N GLY A 103 -22.31 -11.94 22.21
CA GLY A 103 -21.83 -12.82 23.26
C GLY A 103 -22.26 -12.50 24.69
N LEU A 104 -22.84 -11.34 24.97
CA LEU A 104 -23.22 -11.02 26.35
C LEU A 104 -24.52 -11.71 26.74
N SER A 105 -24.66 -12.01 28.03
CA SER A 105 -25.82 -12.74 28.51
C SER A 105 -27.01 -11.82 28.73
N VAL A 106 -28.20 -12.44 28.76
CA VAL A 106 -29.42 -11.67 28.97
C VAL A 106 -29.44 -11.08 30.38
N ARG A 107 -28.82 -11.77 31.34
CA ARG A 107 -28.70 -11.24 32.68
C ARG A 107 -27.92 -9.91 32.69
N GLU A 108 -26.78 -9.89 31.98
CA GLU A 108 -25.97 -8.67 31.94
C GLU A 108 -26.73 -7.53 31.26
N ILE A 109 -27.46 -7.84 30.19
CA ILE A 109 -28.13 -6.80 29.43
C ILE A 109 -29.29 -6.21 30.23
N LEU A 110 -30.10 -7.06 30.85
CA LEU A 110 -31.23 -6.54 31.62
C LEU A 110 -30.77 -5.81 32.89
N ALA A 111 -29.76 -6.35 33.56
CA ALA A 111 -29.26 -5.68 34.75
C ALA A 111 -28.69 -4.31 34.41
N GLU A 112 -28.05 -4.19 33.24
CA GLU A 112 -27.61 -2.88 32.79
C GLU A 112 -28.79 -1.97 32.50
N LEU A 113 -29.83 -2.50 31.85
CA LEU A 113 -31.02 -1.70 31.59
C LEU A 113 -31.65 -1.20 32.89
N THR A 114 -31.67 -2.04 33.93
CA THR A 114 -32.21 -1.61 35.21
C THR A 114 -31.21 -0.82 36.05
N GLY A 115 -29.99 -0.62 35.55
CA GLY A 115 -28.99 0.18 36.22
C GLY A 115 -28.49 -0.43 37.52
N ARG A 116 -28.08 -1.68 37.48
CA ARG A 116 -27.63 -2.41 38.67
C ARG A 116 -26.16 -2.77 38.54
N LYS A 117 -25.57 -3.16 39.66
CA LYS A 117 -24.14 -3.47 39.70
C LYS A 117 -23.81 -4.69 38.84
N GLY A 118 -24.77 -5.59 38.63
CA GLY A 118 -24.57 -6.75 37.79
C GLY A 118 -24.67 -6.49 36.30
N GLY A 119 -24.86 -5.24 35.89
CA GLY A 119 -24.94 -4.92 34.47
C GLY A 119 -23.60 -5.03 33.78
N CYS A 120 -23.65 -5.13 32.45
CA CYS A 120 -22.42 -5.30 31.68
C CYS A 120 -21.52 -4.07 31.78
N ALA A 121 -22.10 -2.89 31.99
CA ALA A 121 -21.35 -1.67 32.20
C ALA A 121 -21.41 -1.20 33.66
N LYS A 122 -21.72 -2.12 34.58
CA LYS A 122 -21.81 -1.82 36.02
C LYS A 122 -22.80 -0.71 36.31
N GLY A 123 -23.86 -0.62 35.51
CA GLY A 123 -24.86 0.40 35.70
C GLY A 123 -24.46 1.80 35.30
N LYS A 124 -23.31 1.96 34.66
CA LYS A 124 -22.82 3.30 34.32
C LYS A 124 -23.34 3.81 32.98
N GLY A 125 -23.80 2.93 32.09
CA GLY A 125 -24.14 3.32 30.73
C GLY A 125 -25.60 3.26 30.37
N GLY A 126 -26.30 2.23 30.83
CA GLY A 126 -27.71 2.12 30.50
C GLY A 126 -27.95 1.49 29.14
N SER A 127 -29.07 1.88 28.53
CA SER A 127 -29.54 1.22 27.31
C SER A 127 -28.63 1.50 26.12
N MET A 128 -28.05 2.69 26.05
CA MET A 128 -27.38 3.15 24.85
C MET A 128 -25.89 2.84 24.81
N HIS A 129 -25.29 2.45 25.92
CA HIS A 129 -23.83 2.30 25.98
C HIS A 129 -23.45 0.95 26.59
N MET A 130 -23.60 -0.12 25.80
CA MET A 130 -23.23 -1.46 26.19
C MET A 130 -22.13 -1.96 25.27
N TYR A 131 -21.04 -2.46 25.84
CA TYR A 131 -19.87 -2.84 25.07
C TYR A 131 -19.52 -4.31 25.31
N ALA A 132 -18.91 -4.93 24.31
CA ALA A 132 -18.50 -6.33 24.40
C ALA A 132 -17.25 -6.52 23.54
N LYS A 133 -16.70 -7.73 23.56
CA LYS A 133 -15.48 -8.02 22.80
C LYS A 133 -15.78 -7.92 21.30
N ASN A 134 -15.06 -7.02 20.63
CA ASN A 134 -15.27 -6.70 19.22
C ASN A 134 -16.68 -6.20 18.96
N PHE A 135 -17.37 -5.73 19.98
CA PHE A 135 -18.64 -5.03 19.84
C PHE A 135 -18.47 -3.64 20.42
N TYR A 136 -18.37 -2.64 19.55
CA TYR A 136 -18.10 -1.28 19.96
C TYR A 136 -19.37 -0.52 20.29
N GLY A 137 -20.41 -1.24 20.67
CA GLY A 137 -21.47 -0.69 21.46
C GLY A 137 -22.51 0.09 20.68
N GLY A 138 -23.49 0.53 21.43
CA GLY A 138 -24.35 1.57 20.96
C GLY A 138 -23.76 2.94 21.22
N ASN A 139 -24.26 3.91 20.48
CA ASN A 139 -23.76 5.27 20.54
C ASN A 139 -24.95 6.21 20.48
N GLY A 140 -24.99 7.19 21.40
CA GLY A 140 -26.15 8.05 21.52
C GLY A 140 -26.23 9.15 20.49
N ILE A 141 -25.08 9.59 19.99
CA ILE A 141 -25.04 10.66 19.01
C ILE A 141 -25.20 10.07 17.63
N MET A 142 -26.24 10.48 16.91
CA MET A 142 -26.56 9.84 15.65
C MET A 142 -25.53 10.17 14.58
N GLY A 143 -25.15 9.14 13.83
CA GLY A 143 -24.14 9.25 12.82
C GLY A 143 -22.73 9.06 13.31
N ALA A 144 -22.47 9.32 14.60
CA ALA A 144 -21.11 9.31 15.10
C ALA A 144 -20.47 7.94 15.01
N GLN A 145 -21.27 6.87 15.07
CA GLN A 145 -20.70 5.53 15.02
C GLN A 145 -20.20 5.16 13.64
N VAL A 146 -20.60 5.89 12.60
CA VAL A 146 -20.21 5.54 11.24
C VAL A 146 -18.73 5.85 11.02
N PRO A 147 -18.22 7.05 11.32
CA PRO A 147 -16.76 7.22 11.25
C PRO A 147 -16.02 6.34 12.23
N LEU A 148 -16.59 6.04 13.40
CA LEU A 148 -15.91 5.16 14.34
C LEU A 148 -15.67 3.78 13.73
N GLY A 149 -16.70 3.23 13.09
CA GLY A 149 -16.57 1.93 12.45
C GLY A 149 -15.57 1.94 11.29
N ALA A 150 -15.56 3.02 10.52
CA ALA A 150 -14.57 3.15 9.46
C ALA A 150 -13.15 3.13 10.05
N GLY A 151 -12.97 3.69 11.24
CA GLY A 151 -11.67 3.63 11.88
C GLY A 151 -11.33 2.25 12.40
N ILE A 152 -12.34 1.51 12.86
CA ILE A 152 -12.13 0.11 13.23
C ILE A 152 -11.74 -0.70 12.00
N ALA A 153 -12.36 -0.39 10.86
CA ALA A 153 -11.95 -1.04 9.62
C ALA A 153 -10.53 -0.64 9.24
N LEU A 154 -10.14 0.61 9.52
CA LEU A 154 -8.75 1.02 9.28
C LEU A 154 -7.79 0.17 10.10
N ALA A 155 -8.14 -0.10 11.36
CA ALA A 155 -7.31 -0.96 12.19
C ALA A 155 -7.32 -2.40 11.69
N CYS A 156 -8.45 -2.84 11.10
CA CYS A 156 -8.48 -4.16 10.48
C CYS A 156 -7.47 -4.25 9.34
N LYS A 157 -7.48 -3.26 8.45
CA LYS A 157 -6.48 -3.21 7.39
C LYS A 157 -5.08 -3.02 7.95
N TYR A 158 -4.95 -2.20 9.00
CA TYR A 158 -3.64 -1.92 9.59
C TYR A 158 -2.98 -3.19 10.11
N ASN A 159 -3.75 -4.04 10.80
CA ASN A 159 -3.19 -5.25 11.39
C ASN A 159 -3.08 -6.40 10.39
N GLY A 160 -3.82 -6.32 9.28
CA GLY A 160 -3.70 -7.31 8.21
C GLY A 160 -4.01 -8.73 8.62
N LYS A 161 -5.10 -8.93 9.34
CA LYS A 161 -5.57 -10.27 9.70
C LYS A 161 -6.89 -10.61 9.00
N ASP A 162 -7.24 -9.85 7.96
CA ASP A 162 -8.42 -10.12 7.15
C ASP A 162 -9.69 -10.12 8.00
N GLU A 163 -9.79 -9.14 8.89
CA GLU A 163 -11.02 -8.91 9.63
C GLU A 163 -11.79 -7.76 9.00
N VAL A 164 -13.10 -7.76 9.20
CA VAL A 164 -13.95 -6.72 8.65
C VAL A 164 -14.70 -6.05 9.79
N CYS A 165 -15.28 -4.89 9.50
CA CYS A 165 -16.11 -4.17 10.45
C CYS A 165 -17.47 -3.88 9.83
N LEU A 166 -18.52 -4.22 10.56
CA LEU A 166 -19.88 -3.87 10.18
C LEU A 166 -20.28 -2.60 10.95
N THR A 167 -20.68 -1.56 10.22
CA THR A 167 -20.98 -0.27 10.80
C THR A 167 -22.42 0.08 10.45
N LEU A 168 -23.31 -0.01 11.44
CA LEU A 168 -24.74 0.13 11.20
C LEU A 168 -25.25 1.50 11.57
N TYR A 169 -26.26 1.95 10.83
CA TYR A 169 -26.96 3.19 11.14
C TYR A 169 -28.38 3.08 10.61
N GLY A 170 -29.31 3.70 11.31
CA GLY A 170 -30.69 3.71 10.88
C GLY A 170 -30.91 4.68 9.73
N ASP A 171 -32.10 4.58 9.13
CA ASP A 171 -32.42 5.46 8.01
C ASP A 171 -32.52 6.92 8.46
N GLY A 172 -32.91 7.16 9.71
CA GLY A 172 -32.97 8.52 10.23
C GLY A 172 -31.63 9.19 10.36
N ALA A 173 -30.56 8.40 10.49
CA ALA A 173 -29.20 8.91 10.57
C ALA A 173 -28.51 8.99 9.21
N ALA A 174 -29.18 8.55 8.14
CA ALA A 174 -28.57 8.47 6.82
C ALA A 174 -28.26 9.84 6.20
N ASN A 175 -28.65 10.93 6.82
CA ASN A 175 -28.32 12.26 6.31
C ASN A 175 -27.30 12.99 7.20
N GLN A 176 -26.63 12.26 8.08
CA GLN A 176 -25.52 12.84 8.84
C GLN A 176 -24.33 13.07 7.91
N GLY A 177 -23.82 14.30 7.90
CA GLY A 177 -22.72 14.62 6.99
C GLY A 177 -21.50 13.75 7.20
N GLN A 178 -21.21 13.38 8.45
CA GLN A 178 -20.03 12.57 8.72
C GLN A 178 -20.09 11.20 8.06
N ILE A 179 -21.28 10.71 7.71
CA ILE A 179 -21.37 9.45 6.99
C ILE A 179 -20.81 9.61 5.59
N PHE A 180 -21.12 10.72 4.92
CA PHE A 180 -20.58 10.94 3.59
C PHE A 180 -19.08 11.20 3.62
N GLU A 181 -18.58 11.81 4.71
CA GLU A 181 -17.14 11.93 4.89
C GLU A 181 -16.50 10.55 5.09
N ALA A 182 -17.22 9.65 5.78
CA ALA A 182 -16.70 8.30 5.98
C ALA A 182 -16.75 7.47 4.69
N TYR A 183 -17.76 7.69 3.84
CA TYR A 183 -17.80 7.03 2.55
C TYR A 183 -16.53 7.33 1.75
N ASN A 184 -16.20 8.62 1.62
CA ASN A 184 -15.09 9.03 0.78
C ASN A 184 -13.77 8.48 1.28
N MET A 185 -13.56 8.47 2.60
CA MET A 185 -12.29 7.96 3.12
C MET A 185 -12.22 6.44 3.03
N ALA A 186 -13.34 5.76 3.27
CA ALA A 186 -13.36 4.30 3.20
C ALA A 186 -13.05 3.81 1.79
N ALA A 187 -13.62 4.46 0.77
CA ALA A 187 -13.33 4.09 -0.61
C ALA A 187 -11.93 4.53 -1.03
N LEU A 188 -11.46 5.67 -0.51
CA LEU A 188 -10.15 6.19 -0.87
C LEU A 188 -9.04 5.26 -0.37
N TRP A 189 -9.20 4.70 0.82
CA TRP A 189 -8.21 3.82 1.42
C TRP A 189 -8.60 2.36 1.34
N LYS A 190 -9.72 2.03 0.71
CA LYS A 190 -10.20 0.64 0.58
C LYS A 190 -10.28 -0.05 1.93
N LEU A 191 -11.02 0.57 2.86
CA LEU A 191 -11.19 -0.01 4.18
C LEU A 191 -12.20 -1.16 4.14
N PRO A 192 -11.94 -2.26 4.85
CA PRO A 192 -12.88 -3.40 4.89
C PRO A 192 -14.10 -3.09 5.75
N CYS A 193 -14.85 -2.09 5.33
CA CYS A 193 -15.99 -1.57 6.08
C CYS A 193 -17.27 -1.86 5.33
N ILE A 194 -18.20 -2.54 6.00
CA ILE A 194 -19.52 -2.81 5.46
C ILE A 194 -20.47 -1.81 6.10
N PHE A 195 -20.83 -0.77 5.34
CA PHE A 195 -21.81 0.22 5.80
C PHE A 195 -23.20 -0.39 5.67
N ILE A 196 -23.92 -0.46 6.78
CA ILE A 196 -25.23 -1.09 6.82
C ILE A 196 -26.24 -0.05 7.25
N CYS A 197 -27.19 0.28 6.36
CA CYS A 197 -28.28 1.18 6.68
C CYS A 197 -29.49 0.35 7.05
N GLU A 198 -29.93 0.46 8.31
CA GLU A 198 -31.12 -0.21 8.79
C GLU A 198 -32.33 0.64 8.42
N ASN A 199 -33.01 0.28 7.34
CA ASN A 199 -34.17 1.05 6.91
C ASN A 199 -35.43 0.46 7.53
N ASN A 200 -36.19 1.32 8.21
CA ASN A 200 -37.46 0.96 8.81
C ASN A 200 -38.56 1.48 7.89
N ARG A 201 -39.52 0.63 7.56
CA ARG A 201 -40.56 1.02 6.64
C ARG A 201 -41.94 0.87 7.27
N ALA A 211 -37.91 14.26 4.79
CA ALA A 211 -36.81 13.72 5.58
C ALA A 211 -35.56 13.44 4.74
N ALA A 212 -35.75 12.77 3.59
CA ALA A 212 -34.65 12.40 2.71
C ALA A 212 -35.11 12.49 1.26
N ALA A 213 -34.35 13.20 0.42
CA ALA A 213 -34.71 13.34 -0.99
C ALA A 213 -34.56 12.03 -1.75
N SER A 214 -33.74 11.10 -1.26
CA SER A 214 -33.55 9.80 -1.89
C SER A 214 -33.68 8.73 -0.82
N THR A 215 -34.63 7.81 -1.01
CA THR A 215 -34.82 6.69 -0.11
C THR A 215 -34.13 5.42 -0.57
N ASP A 216 -33.38 5.47 -1.68
CA ASP A 216 -32.56 4.35 -2.11
C ASP A 216 -31.23 4.41 -1.37
N TYR A 217 -31.26 3.97 -0.12
CA TYR A 217 -30.11 4.12 0.76
C TYR A 217 -28.92 3.29 0.30
N TYR A 218 -29.15 2.20 -0.43
CA TYR A 218 -28.03 1.40 -0.91
C TYR A 218 -27.27 2.09 -2.06
N LYS A 219 -27.80 3.19 -2.60
CA LYS A 219 -27.12 3.93 -3.65
C LYS A 219 -26.45 5.19 -3.14
N ARG A 220 -26.62 5.54 -1.86
CA ARG A 220 -26.13 6.80 -1.33
C ARG A 220 -24.61 6.87 -1.25
N GLY A 221 -23.93 5.72 -1.26
CA GLY A 221 -22.48 5.75 -1.31
C GLY A 221 -21.89 6.16 -2.64
N ASP A 222 -22.73 6.37 -3.67
CA ASP A 222 -22.30 6.80 -5.00
C ASP A 222 -21.23 5.87 -5.57
N PHE A 223 -19.97 6.14 -5.25
CA PHE A 223 -18.86 5.34 -5.75
C PHE A 223 -18.77 3.99 -5.04
N ILE A 224 -19.31 3.87 -3.84
CA ILE A 224 -19.31 2.59 -3.13
C ILE A 224 -20.48 1.76 -3.64
N PRO A 225 -20.25 0.50 -4.05
CA PRO A 225 -21.37 -0.33 -4.49
C PRO A 225 -22.27 -0.73 -3.33
N GLY A 226 -23.55 -0.95 -3.65
CA GLY A 226 -24.53 -1.28 -2.64
C GLY A 226 -25.46 -2.39 -3.07
N LEU A 227 -26.15 -2.96 -2.09
CA LEU A 227 -27.14 -4.00 -2.31
C LEU A 227 -28.24 -3.86 -1.26
N ARG A 228 -29.49 -3.96 -1.71
CA ARG A 228 -30.66 -3.81 -0.85
C ARG A 228 -31.22 -5.19 -0.52
N VAL A 229 -31.37 -5.47 0.78
CA VAL A 229 -31.68 -6.80 1.29
C VAL A 229 -33.00 -6.77 2.06
N ASP A 230 -33.74 -7.88 1.97
CA ASP A 230 -34.94 -8.07 2.77
C ASP A 230 -34.55 -8.51 4.18
N GLY A 231 -34.69 -7.61 5.15
CA GLY A 231 -34.26 -7.83 6.52
C GLY A 231 -35.18 -8.65 7.40
N MET A 232 -36.34 -9.06 6.91
CA MET A 232 -37.20 -9.98 7.65
C MET A 232 -36.87 -11.44 7.38
N ASP A 233 -36.09 -11.72 6.33
CA ASP A 233 -35.67 -13.07 5.99
C ASP A 233 -34.24 -13.25 6.52
N ILE A 234 -34.09 -14.10 7.54
CA ILE A 234 -32.76 -14.23 8.15
C ILE A 234 -31.78 -14.91 7.19
N LEU A 235 -32.25 -15.89 6.41
CA LEU A 235 -31.37 -16.52 5.44
C LEU A 235 -30.98 -15.56 4.33
N CYS A 236 -31.89 -14.65 3.94
CA CYS A 236 -31.55 -13.65 2.94
C CYS A 236 -30.52 -12.65 3.47
N VAL A 237 -30.58 -12.34 4.77
CA VAL A 237 -29.58 -11.46 5.40
C VAL A 237 -28.24 -12.19 5.55
N ARG A 238 -28.28 -13.45 5.96
CA ARG A 238 -27.05 -14.22 6.13
C ARG A 238 -26.26 -14.31 4.84
N GLU A 239 -26.93 -14.56 3.72
CA GLU A 239 -26.21 -14.72 2.46
C GLU A 239 -25.62 -13.40 1.99
N ALA A 240 -26.35 -12.30 2.18
CA ALA A 240 -25.81 -10.99 1.80
C ALA A 240 -24.63 -10.61 2.67
N THR A 241 -24.67 -10.97 3.95
CA THR A 241 -23.54 -10.69 4.84
C THR A 241 -22.31 -11.48 4.41
N ARG A 242 -22.50 -12.77 4.12
CA ARG A 242 -21.38 -13.58 3.63
C ARG A 242 -20.82 -12.99 2.34
N PHE A 243 -21.69 -12.48 1.46
CA PHE A 243 -21.24 -11.83 0.23
C PHE A 243 -20.46 -10.55 0.53
N ALA A 244 -20.98 -9.71 1.42
CA ALA A 244 -20.33 -8.44 1.71
C ALA A 244 -19.03 -8.64 2.48
N ALA A 245 -19.00 -9.60 3.41
CA ALA A 245 -17.77 -9.87 4.16
C ALA A 245 -16.68 -10.40 3.25
N ALA A 246 -17.02 -11.30 2.32
CA ALA A 246 -16.02 -11.79 1.38
C ALA A 246 -15.53 -10.68 0.46
N TYR A 247 -16.42 -9.74 0.11
CA TYR A 247 -16.03 -8.60 -0.71
C TYR A 247 -14.96 -7.76 -0.01
N CYS A 248 -15.16 -7.48 1.28
CA CYS A 248 -14.17 -6.68 2.00
C CYS A 248 -12.88 -7.43 2.23
N ARG A 249 -12.95 -8.75 2.45
CA ARG A 249 -11.75 -9.53 2.69
C ARG A 249 -10.89 -9.69 1.45
N SER A 250 -11.45 -9.49 0.25
CA SER A 250 -10.66 -9.60 -0.96
C SER A 250 -9.79 -8.39 -1.22
N GLY A 251 -9.98 -7.32 -0.44
CA GLY A 251 -9.24 -6.09 -0.65
C GLY A 251 -9.91 -5.11 -1.59
N LYS A 252 -11.13 -5.39 -2.03
CA LYS A 252 -11.85 -4.51 -2.96
C LYS A 252 -12.40 -3.27 -2.27
N GLY A 253 -12.21 -3.12 -0.96
CA GLY A 253 -12.63 -1.93 -0.26
C GLY A 253 -13.99 -2.04 0.40
N PRO A 254 -14.64 -0.90 0.64
CA PRO A 254 -15.90 -0.90 1.38
C PRO A 254 -17.09 -1.30 0.51
N ILE A 255 -18.21 -1.52 1.18
CA ILE A 255 -19.45 -1.91 0.53
C ILE A 255 -20.61 -1.43 1.39
N LEU A 256 -21.71 -1.09 0.73
CA LEU A 256 -22.89 -0.56 1.39
C LEU A 256 -24.01 -1.59 1.31
N MET A 257 -24.72 -1.79 2.42
CA MET A 257 -25.74 -2.82 2.50
C MET A 257 -26.96 -2.25 3.22
N GLU A 258 -28.10 -2.23 2.54
CA GLU A 258 -29.35 -1.74 3.10
C GLU A 258 -30.22 -2.92 3.51
N LEU A 259 -30.54 -3.00 4.80
CA LEU A 259 -31.41 -4.04 5.34
C LEU A 259 -32.81 -3.45 5.52
N GLN A 260 -33.77 -3.94 4.76
CA GLN A 260 -35.15 -3.47 4.83
C GLN A 260 -35.87 -4.27 5.90
N THR A 261 -36.25 -3.61 6.98
CA THR A 261 -36.87 -4.28 8.11
C THR A 261 -38.07 -3.45 8.58
N TYR A 262 -38.66 -3.85 9.71
CA TYR A 262 -39.83 -3.19 10.27
C TYR A 262 -39.81 -3.38 11.79
N ARG A 263 -40.24 -2.35 12.52
CA ARG A 263 -40.24 -2.38 13.97
C ARG A 263 -41.67 -2.46 14.51
N TYR A 264 -41.85 -3.25 15.57
CA TYR A 264 -43.13 -3.34 16.25
C TYR A 264 -43.30 -2.29 17.35
N HIS A 265 -42.35 -1.36 17.48
CA HIS A 265 -42.41 -0.32 18.49
C HIS A 265 -41.78 0.97 17.98
N THR A 278 -58.24 -0.63 14.39
CA THR A 278 -57.56 0.66 14.34
C THR A 278 -56.67 0.71 13.10
N ARG A 279 -56.13 1.91 12.82
CA ARG A 279 -55.25 2.08 11.67
C ARG A 279 -53.87 1.49 11.91
N GLU A 280 -53.36 1.58 13.14
CA GLU A 280 -52.09 0.97 13.51
C GLU A 280 -52.26 -0.51 13.84
N GLU A 281 -53.24 -1.15 13.21
CA GLU A 281 -53.44 -2.60 13.34
C GLU A 281 -52.14 -3.36 13.08
N ILE A 282 -51.54 -3.14 11.90
CA ILE A 282 -50.28 -3.69 11.42
C ILE A 282 -49.93 -5.07 11.98
N GLN A 283 -50.94 -5.89 12.25
CA GLN A 283 -50.72 -7.31 12.38
C GLN A 283 -50.27 -7.89 11.04
N GLU A 284 -50.53 -7.16 9.95
CA GLU A 284 -50.16 -7.45 8.58
C GLU A 284 -48.66 -7.35 8.33
N VAL A 285 -47.88 -7.18 9.38
CA VAL A 285 -46.44 -7.39 9.32
C VAL A 285 -46.02 -8.60 10.15
N ARG A 286 -46.64 -8.76 11.33
CA ARG A 286 -46.41 -9.96 12.14
C ARG A 286 -46.94 -11.20 11.42
N SER A 287 -48.09 -11.08 10.75
CA SER A 287 -48.73 -12.26 10.18
C SER A 287 -48.01 -12.74 8.92
N LYS A 288 -47.49 -11.81 8.13
CA LYS A 288 -46.87 -12.16 6.86
C LYS A 288 -45.35 -12.15 6.89
N SER A 289 -44.74 -11.28 7.70
CA SER A 289 -43.31 -10.99 7.55
C SER A 289 -42.50 -11.16 8.84
N ASP A 290 -43.10 -11.66 9.92
CA ASP A 290 -42.35 -11.81 11.16
C ASP A 290 -41.14 -12.71 10.94
N PRO A 291 -39.93 -12.26 11.29
CA PRO A 291 -38.74 -13.07 10.99
C PRO A 291 -38.68 -14.40 11.73
N ILE A 292 -39.22 -14.47 12.95
CA ILE A 292 -39.22 -15.75 13.65
C ILE A 292 -40.24 -16.69 13.03
N MET A 293 -41.38 -16.15 12.59
CA MET A 293 -42.39 -17.01 11.99
C MET A 293 -41.96 -17.49 10.61
N LEU A 294 -41.16 -16.69 9.88
CA LEU A 294 -40.68 -17.12 8.58
C LEU A 294 -39.68 -18.27 8.70
N LEU A 295 -38.72 -18.15 9.63
CA LEU A 295 -37.79 -19.25 9.85
C LEU A 295 -38.51 -20.48 10.39
N LYS A 296 -39.56 -20.26 11.20
CA LYS A 296 -40.38 -21.36 11.71
C LYS A 296 -41.05 -22.11 10.56
N ASP A 297 -41.68 -21.38 9.65
CA ASP A 297 -42.39 -22.04 8.55
C ASP A 297 -41.42 -22.76 7.62
N ARG A 298 -40.24 -22.18 7.41
CA ARG A 298 -39.26 -22.81 6.53
C ARG A 298 -38.76 -24.12 7.10
N MET A 299 -38.52 -24.17 8.41
CA MET A 299 -37.94 -25.38 9.00
C MET A 299 -38.96 -26.51 9.12
N VAL A 300 -40.24 -26.19 9.31
CA VAL A 300 -41.25 -27.22 9.45
C VAL A 300 -41.62 -27.84 8.11
N ASN A 301 -41.74 -27.00 7.06
CA ASN A 301 -42.10 -27.51 5.75
C ASN A 301 -41.00 -28.36 5.15
N SER A 302 -39.74 -28.09 5.50
CA SER A 302 -38.62 -28.85 4.98
C SER A 302 -38.16 -29.94 5.94
N ASN A 303 -38.94 -30.23 6.96
CA ASN A 303 -38.65 -31.31 7.91
C ASN A 303 -37.33 -31.10 8.64
N LEU A 304 -36.91 -29.84 8.82
CA LEU A 304 -35.73 -29.56 9.62
C LEU A 304 -36.03 -29.61 11.11
N ALA A 305 -37.27 -29.34 11.50
CA ALA A 305 -37.69 -29.38 12.90
C ALA A 305 -39.21 -29.48 12.95
N SER A 306 -39.73 -29.88 14.11
CA SER A 306 -41.17 -30.01 14.31
C SER A 306 -41.73 -28.82 15.07
N VAL A 307 -43.04 -28.63 14.91
CA VAL A 307 -43.73 -27.55 15.64
C VAL A 307 -43.59 -27.76 17.14
N GLU A 308 -43.62 -29.02 17.59
CA GLU A 308 -43.44 -29.31 19.00
C GLU A 308 -42.04 -28.94 19.46
N GLU A 309 -41.04 -29.13 18.60
CA GLU A 309 -39.66 -28.80 18.94
C GLU A 309 -39.49 -27.29 19.16
N LEU A 310 -40.05 -26.49 18.26
CA LEU A 310 -39.92 -25.04 18.36
C LEU A 310 -40.75 -24.47 19.50
N LYS A 311 -41.85 -25.14 19.89
CA LYS A 311 -42.57 -24.71 21.07
C LYS A 311 -41.78 -25.01 22.35
N GLU A 312 -41.08 -26.15 22.36
CA GLU A 312 -40.21 -26.47 23.48
C GLU A 312 -39.11 -25.42 23.64
N ILE A 313 -38.63 -24.85 22.53
CA ILE A 313 -37.61 -23.82 22.60
C ILE A 313 -38.20 -22.51 23.14
N ASP A 314 -39.42 -22.18 22.73
CA ASP A 314 -40.08 -20.98 23.25
C ASP A 314 -40.21 -21.01 24.77
N VAL A 315 -40.54 -22.18 25.31
CA VAL A 315 -40.73 -22.32 26.76
C VAL A 315 -39.41 -22.13 27.50
N GLU A 316 -38.35 -22.79 27.02
CA GLU A 316 -37.04 -22.62 27.63
C GLU A 316 -36.59 -21.16 27.59
N VAL A 317 -36.81 -20.49 26.47
CA VAL A 317 -36.38 -19.10 26.33
C VAL A 317 -37.16 -18.20 27.27
N ARG A 318 -38.48 -18.42 27.36
CA ARG A 318 -39.28 -17.58 28.25
C ARG A 318 -38.90 -17.78 29.70
N LYS A 319 -38.58 -19.02 30.10
CA LYS A 319 -38.09 -19.27 31.45
C LYS A 319 -36.77 -18.56 31.70
N GLU A 320 -35.88 -18.57 30.71
CA GLU A 320 -34.57 -17.94 30.87
C GLU A 320 -34.68 -16.43 30.98
N ILE A 321 -35.66 -15.81 30.30
CA ILE A 321 -35.82 -14.37 30.40
C ILE A 321 -36.40 -13.99 31.76
N GLU A 322 -37.43 -14.73 32.21
CA GLU A 322 -37.99 -14.43 33.52
C GLU A 322 -36.97 -14.65 34.62
N ASP A 323 -36.11 -15.67 34.47
CA ASP A 323 -35.03 -15.86 35.44
C ASP A 323 -34.05 -14.71 35.40
N ALA A 324 -33.75 -14.19 34.21
CA ALA A 324 -32.84 -13.04 34.11
C ALA A 324 -33.52 -11.77 34.62
N ALA A 325 -34.81 -11.60 34.30
CA ALA A 325 -35.52 -10.42 34.78
C ALA A 325 -35.61 -10.42 36.30
N GLN A 326 -35.72 -11.61 36.90
CA GLN A 326 -35.72 -11.70 38.36
C GLN A 326 -34.38 -11.25 38.91
N PHE A 327 -33.28 -11.64 38.27
CA PHE A 327 -31.95 -11.19 38.68
C PHE A 327 -31.82 -9.68 38.53
N ALA A 328 -32.26 -9.14 37.38
CA ALA A 328 -32.15 -7.70 37.14
C ALA A 328 -33.02 -6.87 38.09
N THR A 329 -34.06 -7.45 38.66
CA THR A 329 -34.94 -6.73 39.57
C THR A 329 -34.42 -6.75 41.00
N ALA A 330 -33.89 -7.90 41.44
CA ALA A 330 -33.41 -8.02 42.82
C ALA A 330 -31.99 -7.53 43.00
N ASP A 331 -31.23 -7.40 41.92
CA ASP A 331 -29.82 -7.02 42.02
C ASP A 331 -29.70 -5.59 42.54
N PRO A 332 -28.82 -5.34 43.51
CA PRO A 332 -28.71 -3.98 44.07
C PRO A 332 -28.02 -3.00 43.13
N GLU A 333 -28.24 -1.71 43.40
CA GLU A 333 -27.60 -0.64 42.66
C GLU A 333 -26.08 -0.66 42.88
N PRO A 334 -25.32 0.02 42.02
CA PRO A 334 -23.87 0.12 42.27
C PRO A 334 -23.62 0.88 43.54
N PRO A 335 -22.54 0.55 44.25
CA PRO A 335 -22.22 1.29 45.47
C PRO A 335 -21.83 2.72 45.13
N LEU A 336 -22.15 3.64 46.05
CA LEU A 336 -21.85 5.05 45.81
C LEU A 336 -20.35 5.29 45.76
N GLU A 337 -19.56 4.43 46.42
CA GLU A 337 -18.10 4.59 46.44
C GLU A 337 -17.45 4.40 45.09
N GLU A 338 -18.16 3.81 44.12
CA GLU A 338 -17.63 3.57 42.79
C GLU A 338 -18.15 4.56 41.76
N LEU A 339 -18.66 5.71 42.19
CA LEU A 339 -19.20 6.69 41.24
C LEU A 339 -18.09 7.22 40.33
N GLY A 340 -16.93 7.51 40.87
CA GLY A 340 -15.83 8.05 40.10
C GLY A 340 -14.91 7.04 39.46
N TYR A 341 -15.19 5.74 39.62
CA TYR A 341 -14.31 4.72 39.06
C TYR A 341 -14.29 4.78 37.54
N HIS A 342 -13.14 4.42 36.98
CA HIS A 342 -12.97 4.20 35.54
C HIS A 342 -13.19 5.46 34.71
N ILE A 343 -12.48 6.52 35.09
CA ILE A 343 -12.45 7.72 34.25
C ILE A 343 -11.32 7.64 33.24
N TYR A 344 -10.12 7.27 33.70
CA TYR A 344 -8.98 7.03 32.83
C TYR A 344 -8.55 5.57 32.95
N SER A 345 -7.91 5.07 31.90
CA SER A 345 -7.38 3.71 31.89
C SER A 345 -5.88 3.74 32.19
N SER A 346 -5.43 2.72 32.92
CA SER A 346 -4.00 2.51 33.19
C SER A 346 -3.37 3.70 33.91
N ASP A 347 -4.15 4.40 34.72
CA ASP A 347 -3.69 5.57 35.45
C ASP A 347 -3.64 5.29 36.94
N PRO A 348 -2.85 6.05 37.70
CA PRO A 348 -2.84 5.89 39.15
C PRO A 348 -4.12 6.44 39.76
N PRO A 349 -4.47 6.01 40.97
CA PRO A 349 -5.70 6.50 41.61
C PRO A 349 -5.62 7.98 41.94
N PHE A 350 -6.79 8.62 41.92
CA PHE A 350 -6.94 10.04 42.25
C PHE A 350 -8.37 10.26 42.73
N GLU A 351 -8.66 11.50 43.13
CA GLU A 351 -9.98 11.87 43.64
C GLU A 351 -10.65 12.86 42.69
N VAL A 352 -11.96 12.71 42.52
CA VAL A 352 -12.76 13.61 41.71
C VAL A 352 -13.70 14.39 42.63
N ARG A 353 -14.00 15.61 42.23
CA ARG A 353 -14.84 16.49 43.03
C ARG A 353 -16.32 16.14 42.87
N GLY A 354 -17.04 16.14 43.97
CA GLY A 354 -18.47 15.86 43.99
C GLY A 354 -19.31 17.10 43.84
N ALA A 355 -20.48 17.10 44.49
CA ALA A 355 -21.39 18.23 44.38
C ALA A 355 -20.82 19.49 45.02
N ASN A 356 -19.92 19.34 45.99
CA ASN A 356 -19.17 20.47 46.53
C ASN A 356 -17.76 20.00 46.86
N GLN A 357 -16.91 20.96 47.24
CA GLN A 357 -15.49 20.67 47.42
C GLN A 357 -15.20 19.73 48.58
N TRP A 358 -16.20 19.42 49.40
CA TRP A 358 -16.01 18.51 50.52
C TRP A 358 -16.44 17.10 50.20
N ILE A 359 -17.05 16.88 49.03
CA ILE A 359 -17.38 15.55 48.55
C ILE A 359 -16.25 15.11 47.62
N LYS A 360 -15.56 14.03 47.98
CA LYS A 360 -14.45 13.50 47.20
C LYS A 360 -14.70 12.03 46.91
N PHE A 361 -14.80 11.70 45.63
CA PHE A 361 -14.95 10.32 45.17
C PHE A 361 -13.61 9.81 44.68
N LYS A 362 -13.23 8.61 45.15
CA LYS A 362 -12.01 7.99 44.67
C LYS A 362 -12.20 7.45 43.26
N SER A 363 -11.23 7.69 42.39
CA SER A 363 -11.29 7.23 41.00
C SER A 363 -10.19 6.19 40.79
N VAL A 364 -10.59 4.99 40.37
CA VAL A 364 -9.68 3.88 40.12
C VAL A 364 -9.88 3.42 38.68
N SER A 365 -8.77 3.08 38.01
CA SER A 365 -8.84 2.57 36.65
C SER A 365 -9.54 1.23 36.60
N SER B 2 24.75 20.06 24.50
CA SER B 2 23.54 20.85 24.30
C SER B 2 23.42 21.32 22.85
N LEU B 3 22.20 21.29 22.32
CA LEU B 3 21.91 21.68 20.95
C LEU B 3 20.86 22.78 20.94
N GLN B 4 20.81 23.51 19.83
CA GLN B 4 19.77 24.51 19.59
C GLN B 4 18.64 23.82 18.82
N VAL B 5 17.50 23.65 19.48
CA VAL B 5 16.37 22.90 18.92
C VAL B 5 15.13 23.79 19.00
N THR B 6 14.42 23.91 17.89
CA THR B 6 13.17 24.62 17.89
C THR B 6 12.04 23.72 18.39
N VAL B 7 10.96 24.35 18.85
CA VAL B 7 9.80 23.60 19.34
C VAL B 7 9.24 22.72 18.24
N ARG B 8 9.23 23.20 17.00
CA ARG B 8 8.79 22.39 15.87
C ARG B 8 9.66 21.14 15.73
N ASP B 9 10.98 21.29 15.85
CA ASP B 9 11.86 20.12 15.78
C ASP B 9 11.69 19.22 17.00
N ALA B 10 11.36 19.80 18.16
CA ALA B 10 11.18 18.99 19.37
C ALA B 10 9.94 18.11 19.28
N ILE B 11 8.85 18.66 18.74
CA ILE B 11 7.66 17.84 18.51
C ILE B 11 7.96 16.75 17.48
N ASN B 12 8.70 17.10 16.42
CA ASN B 12 9.06 16.12 15.41
C ASN B 12 9.88 14.99 16.02
N GLN B 13 10.80 15.34 16.93
CA GLN B 13 11.57 14.30 17.62
C GLN B 13 10.65 13.42 18.46
N GLY B 14 9.69 14.02 19.15
CA GLY B 14 8.79 13.24 19.99
C GLY B 14 7.98 12.25 19.19
N MET B 15 7.29 12.72 18.15
CA MET B 15 6.48 11.81 17.35
C MET B 15 7.33 10.74 16.67
N ASP B 16 8.50 11.12 16.15
CA ASP B 16 9.36 10.15 15.49
C ASP B 16 9.78 9.04 16.46
N GLU B 17 10.14 9.39 17.69
CA GLU B 17 10.58 8.38 18.63
C GLU B 17 9.44 7.44 19.02
N GLU B 18 8.23 7.97 19.14
CA GLU B 18 7.09 7.14 19.53
C GLU B 18 6.61 6.27 18.37
N LEU B 19 6.74 6.76 17.13
CA LEU B 19 6.45 5.92 15.98
C LEU B 19 7.44 4.76 15.88
N GLU B 20 8.73 5.05 16.10
CA GLU B 20 9.74 4.01 16.07
C GLU B 20 9.57 3.03 17.23
N ARG B 21 9.04 3.49 18.37
CA ARG B 21 8.93 2.65 19.54
C ARG B 21 7.77 1.67 19.44
N ASP B 22 6.62 2.13 18.95
CA ASP B 22 5.38 1.35 18.96
C ASP B 22 4.74 1.41 17.57
N GLU B 23 4.66 0.25 16.90
CA GLU B 23 4.10 0.20 15.55
C GLU B 23 2.60 0.47 15.51
N LYS B 24 1.91 0.44 16.65
CA LYS B 24 0.50 0.78 16.69
C LYS B 24 0.26 2.28 16.61
N VAL B 25 1.30 3.09 16.74
CA VAL B 25 1.16 4.54 16.67
C VAL B 25 1.17 4.97 15.21
N PHE B 26 0.22 5.83 14.84
CA PHE B 26 0.23 6.42 13.50
C PHE B 26 -0.31 7.84 13.58
N LEU B 27 0.00 8.61 12.53
CA LEU B 27 -0.36 10.02 12.44
C LEU B 27 -1.26 10.24 11.23
N LEU B 28 -2.38 10.93 11.44
CA LEU B 28 -3.26 11.29 10.35
C LEU B 28 -3.73 12.72 10.51
N GLY B 29 -4.05 13.35 9.39
CA GLY B 29 -4.43 14.74 9.37
C GLY B 29 -4.22 15.30 7.98
N GLU B 30 -4.52 16.59 7.84
CA GLU B 30 -4.40 17.26 6.55
C GLU B 30 -2.97 17.70 6.32
N GLU B 31 -2.39 17.26 5.19
CA GLU B 31 -1.07 17.66 4.72
C GLU B 31 0.06 17.19 5.62
N VAL B 32 -0.19 16.20 6.48
CA VAL B 32 0.86 15.74 7.37
C VAL B 32 1.91 14.89 6.65
N ALA B 33 1.61 14.39 5.45
CA ALA B 33 2.50 13.45 4.80
C ALA B 33 3.41 14.12 3.77
N GLN B 34 2.96 14.17 2.51
CA GLN B 34 3.85 14.61 1.43
C GLN B 34 4.17 16.09 1.52
N TYR B 35 3.25 16.90 2.03
CA TYR B 35 3.51 18.32 2.21
C TYR B 35 4.47 18.58 3.37
N ASP B 36 4.90 17.54 4.09
CA ASP B 36 5.80 17.63 5.23
C ASP B 36 5.20 18.36 6.42
N GLY B 37 3.88 18.56 6.42
CA GLY B 37 3.19 19.24 7.50
C GLY B 37 2.79 20.65 7.13
N ALA B 38 1.55 21.01 7.48
CA ALA B 38 1.07 22.37 7.21
C ALA B 38 1.96 23.43 7.85
N TYR B 39 2.59 23.10 8.98
CA TYR B 39 3.59 23.95 9.62
C TYR B 39 4.91 23.22 9.75
N LYS B 40 5.13 22.23 8.86
CA LYS B 40 6.39 21.50 8.78
C LYS B 40 6.74 20.78 10.07
N VAL B 41 5.73 20.44 10.87
CA VAL B 41 5.97 19.76 12.12
C VAL B 41 6.29 18.29 11.89
N SER B 42 5.63 17.68 10.90
CA SER B 42 5.82 16.27 10.57
C SER B 42 6.77 16.06 9.39
N ARG B 43 7.76 16.95 9.24
CA ARG B 43 8.69 16.85 8.13
C ARG B 43 9.46 15.54 8.18
N GLY B 44 9.58 14.88 7.03
CA GLY B 44 10.32 13.65 6.90
C GLY B 44 9.64 12.41 7.43
N LEU B 45 8.53 12.55 8.16
CA LEU B 45 7.91 11.37 8.76
C LEU B 45 7.32 10.46 7.68
N TRP B 46 6.66 11.04 6.67
CA TRP B 46 6.10 10.23 5.60
C TRP B 46 7.19 9.53 4.81
N LYS B 47 8.32 10.20 4.57
CA LYS B 47 9.40 9.55 3.85
C LYS B 47 9.99 8.38 4.63
N LYS B 48 9.85 8.37 5.95
CA LYS B 48 10.41 7.30 6.77
C LYS B 48 9.46 6.13 6.96
N TYR B 49 8.15 6.38 7.09
CA TYR B 49 7.20 5.36 7.48
C TYR B 49 6.15 5.02 6.43
N GLY B 50 5.81 5.94 5.53
CA GLY B 50 4.97 5.62 4.40
C GLY B 50 3.49 5.84 4.64
N ASP B 51 2.69 5.43 3.63
CA ASP B 51 1.26 5.67 3.67
C ASP B 51 0.57 4.94 4.83
N LYS B 52 1.16 3.84 5.31
CA LYS B 52 0.48 3.05 6.33
C LYS B 52 0.41 3.80 7.66
N ARG B 53 1.47 4.54 8.01
CA ARG B 53 1.58 5.19 9.32
C ARG B 53 1.44 6.70 9.28
N ILE B 54 1.68 7.35 8.15
CA ILE B 54 1.52 8.79 8.02
C ILE B 54 0.47 9.00 6.94
N ILE B 55 -0.75 9.36 7.35
CA ILE B 55 -1.93 9.28 6.49
C ILE B 55 -2.41 10.70 6.19
N ASP B 56 -2.33 11.12 4.93
CA ASP B 56 -2.96 12.36 4.52
C ASP B 56 -4.46 12.18 4.43
N THR B 57 -5.19 13.06 5.07
CA THR B 57 -6.64 12.97 5.06
C THR B 57 -7.27 14.11 4.26
N PRO B 58 -8.46 13.91 3.71
CA PRO B 58 -9.19 15.02 3.10
C PRO B 58 -9.64 16.02 4.14
N ILE B 59 -10.12 17.16 3.67
CA ILE B 59 -10.64 18.18 4.57
C ILE B 59 -12.01 17.74 5.06
N SER B 60 -12.03 16.86 6.07
CA SER B 60 -13.25 16.26 6.62
C SER B 60 -13.03 16.03 8.12
N GLU B 61 -13.04 17.13 8.88
CA GLU B 61 -12.62 17.10 10.28
C GLU B 61 -13.42 16.08 11.09
N MET B 62 -14.74 16.21 11.08
CA MET B 62 -15.56 15.27 11.82
C MET B 62 -15.30 13.84 11.38
N GLY B 63 -15.03 13.63 10.09
CA GLY B 63 -14.84 12.30 9.55
C GLY B 63 -13.56 11.62 10.02
N PHE B 64 -12.40 12.26 9.85
CA PHE B 64 -11.18 11.54 10.20
C PHE B 64 -10.89 11.57 11.70
N ALA B 65 -11.44 12.54 12.44
CA ALA B 65 -11.36 12.47 13.90
C ALA B 65 -12.12 11.27 14.45
N GLY B 66 -13.33 11.03 13.93
CA GLY B 66 -14.06 9.84 14.32
C GLY B 66 -13.36 8.57 13.87
N ILE B 67 -12.73 8.60 12.69
CA ILE B 67 -11.96 7.46 12.22
C ILE B 67 -10.77 7.20 13.14
N ALA B 68 -10.13 8.26 13.63
CA ALA B 68 -9.03 8.10 14.57
C ALA B 68 -9.52 7.44 15.85
N VAL B 69 -10.60 7.95 16.44
CA VAL B 69 -11.14 7.38 17.67
C VAL B 69 -11.53 5.93 17.44
N GLY B 70 -12.08 5.60 16.27
CA GLY B 70 -12.44 4.23 15.97
C GLY B 70 -11.24 3.30 15.98
N ALA B 71 -10.16 3.72 15.32
CA ALA B 71 -8.94 2.93 15.34
C ALA B 71 -8.39 2.79 16.76
N ALA B 72 -8.56 3.81 17.60
CA ALA B 72 -8.10 3.76 18.97
C ALA B 72 -8.90 2.74 19.79
N MET B 73 -10.21 2.68 19.56
CA MET B 73 -11.01 1.66 20.22
C MET B 73 -10.61 0.27 19.76
N ALA B 74 -10.20 0.12 18.50
CA ALA B 74 -9.81 -1.17 17.98
C ALA B 74 -8.40 -1.58 18.36
N GLY B 75 -7.71 -0.78 19.18
CA GLY B 75 -6.42 -1.18 19.70
C GLY B 75 -5.23 -0.41 19.16
N LEU B 76 -5.42 0.50 18.22
CA LEU B 76 -4.31 1.31 17.72
C LEU B 76 -4.15 2.57 18.56
N ARG B 77 -3.08 3.32 18.30
CA ARG B 77 -2.73 4.52 19.07
C ARG B 77 -2.52 5.70 18.13
N PRO B 78 -3.61 6.25 17.58
CA PRO B 78 -3.47 7.30 16.58
C PRO B 78 -3.01 8.64 17.16
N ILE B 79 -2.44 9.45 16.28
CA ILE B 79 -2.14 10.85 16.54
C ILE B 79 -2.96 11.65 15.53
N CYS B 80 -4.02 12.28 15.99
CA CYS B 80 -4.92 13.02 15.12
C CYS B 80 -4.56 14.50 15.17
N GLU B 81 -4.11 15.04 14.05
CA GLU B 81 -3.71 16.43 13.96
C GLU B 81 -4.84 17.25 13.34
N PHE B 82 -5.23 18.32 14.02
CA PHE B 82 -6.05 19.36 13.44
C PHE B 82 -5.11 20.47 12.97
N MET B 83 -5.35 20.98 11.76
CA MET B 83 -4.45 22.00 11.22
C MET B 83 -4.35 23.21 12.14
N THR B 84 -5.49 23.69 12.65
CA THR B 84 -5.55 24.50 13.86
C THR B 84 -6.72 23.98 14.66
N PHE B 85 -6.77 24.32 15.94
CA PHE B 85 -7.87 23.81 16.74
C PHE B 85 -9.17 24.54 16.48
N ASN B 86 -9.15 25.64 15.73
CA ASN B 86 -10.40 26.24 15.27
C ASN B 86 -11.20 25.24 14.46
N PHE B 87 -10.51 24.40 13.69
CA PHE B 87 -11.17 23.41 12.87
C PHE B 87 -11.61 22.19 13.67
N SER B 88 -11.17 22.06 14.92
CA SER B 88 -11.59 20.93 15.73
C SER B 88 -13.05 21.06 16.17
N MET B 89 -13.61 22.26 16.13
CA MET B 89 -15.01 22.42 16.49
C MET B 89 -15.92 21.59 15.61
N GLN B 90 -15.52 21.34 14.36
CA GLN B 90 -16.31 20.45 13.50
C GLN B 90 -16.29 19.03 14.03
N ALA B 91 -15.25 18.64 14.74
CA ALA B 91 -15.11 17.29 15.24
C ALA B 91 -15.23 17.19 16.74
N ILE B 92 -15.64 18.26 17.41
CA ILE B 92 -15.59 18.29 18.86
C ILE B 92 -16.57 17.29 19.47
N ASP B 93 -17.62 16.91 18.73
CA ASP B 93 -18.52 15.88 19.26
C ASP B 93 -17.79 14.55 19.36
N GLN B 94 -16.93 14.24 18.39
CA GLN B 94 -16.16 13.00 18.45
C GLN B 94 -15.13 13.05 19.57
N VAL B 95 -14.57 14.22 19.85
CA VAL B 95 -13.58 14.33 20.91
C VAL B 95 -14.23 14.13 22.27
N ILE B 96 -15.38 14.75 22.48
CA ILE B 96 -16.02 14.76 23.80
C ILE B 96 -16.84 13.50 24.01
N ASN B 97 -17.80 13.24 23.11
CA ASN B 97 -18.77 12.18 23.32
C ASN B 97 -18.25 10.81 22.92
N SER B 98 -17.43 10.71 21.89
CA SER B 98 -16.95 9.41 21.46
C SER B 98 -15.67 8.99 22.17
N ALA B 99 -14.79 9.94 22.51
CA ALA B 99 -13.48 9.59 23.06
C ALA B 99 -13.39 9.81 24.57
N ALA B 100 -13.76 10.99 25.04
CA ALA B 100 -13.53 11.33 26.43
C ALA B 100 -14.41 10.50 27.37
N LYS B 101 -15.70 10.39 27.04
CA LYS B 101 -16.68 9.76 27.90
C LYS B 101 -16.77 8.24 27.76
N THR B 102 -16.07 7.66 26.78
CA THR B 102 -16.34 6.26 26.44
C THR B 102 -15.86 5.30 27.52
N TYR B 103 -14.65 5.50 28.05
CA TYR B 103 -14.15 4.57 29.04
C TYR B 103 -15.05 4.52 30.26
N TYR B 104 -15.58 5.67 30.69
CA TYR B 104 -16.44 5.73 31.86
C TYR B 104 -17.76 5.02 31.62
N MET B 105 -18.38 5.27 30.46
CA MET B 105 -19.67 4.65 30.17
C MET B 105 -19.56 3.14 30.08
N SER B 106 -18.44 2.62 29.56
CA SER B 106 -18.26 1.18 29.41
C SER B 106 -18.01 0.47 30.72
N GLY B 107 -17.84 1.19 31.82
CA GLY B 107 -17.51 0.54 33.08
C GLY B 107 -16.10 0.03 33.16
N GLY B 108 -15.18 0.65 32.40
CA GLY B 108 -13.79 0.24 32.40
C GLY B 108 -13.43 -0.80 31.39
N LEU B 109 -14.19 -0.92 30.29
CA LEU B 109 -13.96 -1.95 29.30
C LEU B 109 -13.34 -1.46 28.00
N GLN B 110 -13.66 -0.23 27.57
CA GLN B 110 -13.23 0.29 26.26
C GLN B 110 -12.38 1.54 26.42
N PRO B 111 -11.06 1.41 26.46
CA PRO B 111 -10.19 2.60 26.50
C PRO B 111 -9.97 3.18 25.11
N VAL B 112 -9.65 4.47 25.09
CA VAL B 112 -9.45 5.20 23.83
C VAL B 112 -8.08 5.89 23.85
N PRO B 113 -6.99 5.19 23.56
CA PRO B 113 -5.67 5.85 23.54
C PRO B 113 -5.46 6.68 22.28
N ILE B 114 -5.64 7.99 22.39
CA ILE B 114 -5.58 8.87 21.22
C ILE B 114 -4.98 10.21 21.63
N VAL B 115 -4.35 10.88 20.67
CA VAL B 115 -3.80 12.22 20.87
C VAL B 115 -4.41 13.16 19.83
N PHE B 116 -4.90 14.30 20.30
CA PHE B 116 -5.37 15.39 19.44
C PHE B 116 -4.37 16.53 19.57
N ARG B 117 -3.62 16.80 18.51
CA ARG B 117 -2.61 17.84 18.56
C ARG B 117 -2.81 18.83 17.41
N GLY B 118 -2.17 19.99 17.56
CA GLY B 118 -2.28 21.05 16.59
C GLY B 118 -2.12 22.39 17.26
N PRO B 119 -1.85 23.44 16.48
CA PRO B 119 -1.67 24.77 17.10
C PRO B 119 -2.98 25.32 17.62
N ASN B 120 -2.87 26.11 18.68
CA ASN B 120 -4.04 26.65 19.36
C ASN B 120 -3.79 28.12 19.67
N GLY B 121 -4.86 28.90 19.60
CA GLY B 121 -4.79 30.30 19.99
C GLY B 121 -4.38 31.23 18.87
N ALA B 122 -3.90 32.40 19.28
CA ALA B 122 -3.66 33.49 18.36
C ALA B 122 -2.42 33.26 17.51
N SER B 123 -2.41 33.87 16.34
CA SER B 123 -1.28 33.77 15.42
C SER B 123 -0.82 35.16 14.99
N ALA B 124 -0.86 35.43 13.68
CA ALA B 124 -0.45 36.73 13.15
C ALA B 124 -1.25 37.02 11.90
N GLY B 125 -2.30 37.84 12.05
CA GLY B 125 -3.09 38.26 10.91
C GLY B 125 -4.06 37.23 10.37
N VAL B 126 -4.43 36.22 11.18
CA VAL B 126 -5.33 35.19 10.68
C VAL B 126 -6.78 35.47 11.04
N ALA B 127 -7.08 36.62 11.64
CA ALA B 127 -8.43 37.11 11.88
C ALA B 127 -9.19 36.22 12.86
N ALA B 128 -10.50 36.47 12.99
CA ALA B 128 -11.26 35.97 14.14
C ALA B 128 -11.47 34.46 14.09
N GLN B 129 -11.68 33.90 12.91
CA GLN B 129 -12.02 32.48 12.83
C GLN B 129 -10.82 31.56 12.93
N HIS B 130 -9.61 32.10 12.99
CA HIS B 130 -8.40 31.27 13.04
C HIS B 130 -7.53 31.59 14.26
N SER B 131 -8.09 32.26 15.26
CA SER B 131 -7.30 32.74 16.40
C SER B 131 -7.85 32.28 17.74
N GLN B 132 -8.85 31.42 17.78
CA GLN B 132 -9.50 31.08 19.04
C GLN B 132 -8.66 30.11 19.85
N CYS B 133 -8.67 30.31 21.17
CA CYS B 133 -7.97 29.44 22.12
C CYS B 133 -8.98 28.51 22.77
N PHE B 134 -8.68 27.21 22.79
CA PHE B 134 -9.63 26.22 23.29
C PHE B 134 -9.14 25.55 24.57
N ALA B 135 -8.29 26.20 25.34
CA ALA B 135 -7.79 25.60 26.56
C ALA B 135 -8.91 25.39 27.57
N ALA B 136 -9.77 26.40 27.75
CA ALA B 136 -10.82 26.27 28.75
C ALA B 136 -11.88 25.27 28.32
N TRP B 137 -12.24 25.27 27.04
CA TRP B 137 -13.26 24.36 26.54
C TRP B 137 -12.88 22.91 26.81
N TYR B 138 -11.69 22.50 26.37
CA TYR B 138 -11.31 21.11 26.53
C TYR B 138 -10.98 20.77 27.98
N GLY B 139 -10.40 21.72 28.72
CA GLY B 139 -10.13 21.47 30.14
C GLY B 139 -11.38 21.33 30.97
N HIS B 140 -12.52 21.76 30.44
CA HIS B 140 -13.80 21.71 31.12
C HIS B 140 -14.38 20.30 31.20
N CYS B 141 -13.84 19.34 30.43
CA CYS B 141 -14.52 18.08 30.16
C CYS B 141 -13.86 16.92 30.87
N PRO B 142 -14.56 16.18 31.73
CA PRO B 142 -13.98 14.98 32.33
C PRO B 142 -13.72 13.92 31.27
N GLY B 143 -12.78 13.03 31.58
CA GLY B 143 -12.34 12.01 30.66
C GLY B 143 -11.27 12.43 29.68
N LEU B 144 -10.99 13.72 29.56
CA LEU B 144 -9.91 14.24 28.75
C LEU B 144 -8.72 14.59 29.62
N LYS B 145 -7.56 14.68 28.98
CA LYS B 145 -6.39 15.32 29.55
C LYS B 145 -5.95 16.39 28.56
N VAL B 146 -5.70 17.60 29.07
CA VAL B 146 -5.38 18.73 28.23
C VAL B 146 -4.05 19.31 28.66
N VAL B 147 -3.12 19.44 27.71
CA VAL B 147 -1.80 20.00 27.95
C VAL B 147 -1.56 21.13 26.96
N SER B 148 -0.66 22.03 27.33
CA SER B 148 -0.35 23.20 26.50
C SER B 148 1.13 23.51 26.68
N PRO B 149 1.99 22.94 25.82
CA PRO B 149 3.43 23.14 25.99
C PRO B 149 3.86 24.55 25.59
N TRP B 150 5.01 24.95 26.14
CA TRP B 150 5.61 26.25 25.83
C TRP B 150 6.91 26.09 25.04
N ASN B 151 7.97 25.60 25.67
CA ASN B 151 9.27 25.57 25.03
C ASN B 151 9.54 24.19 24.42
N SER B 152 10.78 23.97 23.98
CA SER B 152 11.12 22.73 23.30
C SER B 152 11.06 21.54 24.25
N GLU B 153 11.62 21.69 25.46
CA GLU B 153 11.50 20.63 26.46
C GLU B 153 10.05 20.28 26.72
N ASP B 154 9.20 21.29 26.95
CA ASP B 154 7.78 21.05 27.17
C ASP B 154 7.16 20.26 26.03
N ALA B 155 7.46 20.66 24.79
CA ALA B 155 6.81 20.07 23.63
C ALA B 155 7.16 18.59 23.49
N LYS B 156 8.46 18.26 23.54
CA LYS B 156 8.85 16.88 23.34
C LYS B 156 8.41 16.00 24.50
N GLY B 157 8.59 16.48 25.74
CA GLY B 157 8.24 15.66 26.89
C GLY B 157 6.75 15.36 26.99
N LEU B 158 5.91 16.35 26.68
CA LEU B 158 4.47 16.17 26.78
C LEU B 158 3.92 15.35 25.62
N ILE B 159 4.44 15.56 24.41
CA ILE B 159 3.93 14.80 23.27
C ILE B 159 4.23 13.33 23.42
N LYS B 160 5.34 12.99 24.08
CA LYS B 160 5.66 11.58 24.32
C LYS B 160 4.79 11.01 25.43
N SER B 161 4.55 11.78 26.50
CA SER B 161 3.61 11.34 27.53
C SER B 161 2.19 11.21 27.00
N ALA B 162 1.80 12.12 26.10
CA ALA B 162 0.46 12.08 25.53
C ALA B 162 0.25 10.80 24.73
N ILE B 163 1.26 10.39 23.96
CA ILE B 163 1.08 9.20 23.13
C ILE B 163 1.05 7.94 23.98
N ARG B 164 1.88 7.88 25.03
CA ARG B 164 1.95 6.70 25.87
C ARG B 164 0.78 6.60 26.84
N ASP B 165 0.04 7.68 27.06
CA ASP B 165 -1.13 7.61 27.91
C ASP B 165 -2.26 6.91 27.18
N ASN B 166 -2.96 6.02 27.90
CA ASN B 166 -3.99 5.18 27.33
C ASN B 166 -5.34 5.88 27.23
N ASN B 167 -5.37 7.21 27.26
CA ASN B 167 -6.61 7.96 27.27
C ASN B 167 -6.53 9.12 26.28
N PRO B 168 -7.64 9.75 25.92
CA PRO B 168 -7.59 10.89 24.98
C PRO B 168 -6.86 12.08 25.60
N VAL B 169 -5.83 12.55 24.92
CA VAL B 169 -5.03 13.70 25.34
C VAL B 169 -5.10 14.76 24.25
N VAL B 170 -5.43 15.98 24.64
CA VAL B 170 -5.46 17.12 23.73
C VAL B 170 -4.18 17.92 23.93
N VAL B 171 -3.44 18.12 22.85
CA VAL B 171 -2.16 18.82 22.89
C VAL B 171 -2.35 20.15 22.16
N LEU B 172 -2.53 21.23 22.92
CA LEU B 172 -2.73 22.55 22.34
C LEU B 172 -1.37 23.17 22.12
N GLU B 173 -0.91 23.14 20.86
CA GLU B 173 0.38 23.70 20.50
C GLU B 173 0.23 25.19 20.18
N ASN B 174 1.32 25.80 19.73
CA ASN B 174 1.34 27.23 19.38
C ASN B 174 2.18 27.42 18.13
N GLU B 175 1.61 28.11 17.15
CA GLU B 175 2.29 28.27 15.87
C GLU B 175 3.51 29.17 15.99
N LEU B 176 3.37 30.28 16.73
CA LEU B 176 4.48 31.21 16.88
C LEU B 176 5.61 30.62 17.70
N MET B 177 5.36 29.55 18.44
CA MET B 177 6.43 28.89 19.16
C MET B 177 7.17 27.86 18.32
N TYR B 178 6.62 27.47 17.16
CA TYR B 178 7.22 26.42 16.34
C TYR B 178 8.67 26.74 15.97
N GLY B 179 8.92 27.96 15.52
CA GLY B 179 10.23 28.36 15.05
C GLY B 179 11.17 28.92 16.08
N VAL B 180 10.80 28.89 17.36
CA VAL B 180 11.63 29.49 18.41
C VAL B 180 12.63 28.45 18.91
N PRO B 181 13.93 28.75 18.92
CA PRO B 181 14.92 27.81 19.44
C PRO B 181 15.13 27.93 20.94
N PHE B 182 15.48 26.80 21.55
CA PHE B 182 15.77 26.73 22.97
C PHE B 182 16.98 25.84 23.18
N GLU B 183 17.70 26.07 24.28
CA GLU B 183 18.77 25.17 24.66
C GLU B 183 18.19 23.81 25.02
N PHE B 184 18.63 22.78 24.30
CA PHE B 184 18.11 21.42 24.47
C PHE B 184 19.14 20.59 25.20
N PRO B 185 18.96 20.33 26.50
CA PRO B 185 19.98 19.61 27.27
C PRO B 185 20.01 18.14 26.90
N PRO B 186 21.08 17.42 27.27
CA PRO B 186 21.16 16.00 26.89
C PRO B 186 20.04 15.15 27.44
N GLU B 187 19.46 15.54 28.59
CA GLU B 187 18.35 14.78 29.14
C GLU B 187 17.13 14.84 28.24
N ALA B 188 16.92 15.97 27.57
CA ALA B 188 15.79 16.11 26.64
C ALA B 188 16.04 15.40 25.31
N GLN B 189 17.31 15.25 24.91
CA GLN B 189 17.62 14.56 23.66
C GLN B 189 17.39 13.06 23.74
N SER B 190 17.22 12.50 24.93
CA SER B 190 17.05 11.06 25.08
C SER B 190 15.71 10.60 24.52
N LYS B 191 15.66 9.32 24.12
CA LYS B 191 14.41 8.72 23.67
C LYS B 191 13.50 8.33 24.83
N ASP B 192 13.99 8.39 26.07
CA ASP B 192 13.19 8.07 27.25
C ASP B 192 12.75 9.32 27.99
N PHE B 193 12.94 10.50 27.40
CA PHE B 193 12.58 11.75 28.05
C PHE B 193 11.06 11.90 28.10
N LEU B 194 10.52 12.00 29.31
CA LEU B 194 9.08 12.14 29.51
C LEU B 194 8.80 13.26 30.50
N ILE B 195 7.77 14.05 30.21
CA ILE B 195 7.25 15.04 31.15
C ILE B 195 5.90 14.56 31.64
N PRO B 196 5.72 14.30 32.93
CA PRO B 196 4.46 13.75 33.40
C PRO B 196 3.33 14.75 33.27
N ILE B 197 2.16 14.25 32.85
CA ILE B 197 0.98 15.09 32.77
C ILE B 197 0.49 15.38 34.18
N GLY B 198 0.20 16.66 34.47
CA GLY B 198 -0.35 17.04 35.75
C GLY B 198 0.59 17.70 36.72
N LYS B 199 1.83 18.00 36.31
CA LYS B 199 2.77 18.69 37.18
C LYS B 199 3.28 19.93 36.46
N ALA B 200 3.25 21.06 37.15
CA ALA B 200 3.74 22.31 36.59
C ALA B 200 5.23 22.47 36.86
N LYS B 201 5.86 23.39 36.13
CA LYS B 201 7.28 23.67 36.25
C LYS B 201 7.49 25.13 36.59
N ILE B 202 8.32 25.39 37.60
CA ILE B 202 8.72 26.75 37.96
C ILE B 202 9.87 27.14 37.04
N GLU B 203 9.63 28.11 36.16
CA GLU B 203 10.65 28.58 35.24
C GLU B 203 11.55 29.65 35.84
N ARG B 204 11.11 30.28 36.94
CA ARG B 204 11.90 31.32 37.59
C ARG B 204 11.50 31.39 39.06
N GLN B 205 12.49 31.28 39.95
CA GLN B 205 12.24 31.38 41.38
C GLN B 205 12.04 32.83 41.78
N GLY B 206 11.06 33.06 42.67
CA GLY B 206 10.77 34.40 43.14
C GLY B 206 10.20 34.38 44.54
N THR B 207 10.05 35.57 45.11
CA THR B 207 9.52 35.70 46.46
C THR B 207 8.46 36.76 46.62
N HIS B 208 8.23 37.60 45.62
CA HIS B 208 7.30 38.73 45.76
C HIS B 208 5.94 38.49 45.14
N ILE B 209 5.85 37.69 44.08
CA ILE B 209 4.57 37.47 43.42
C ILE B 209 4.67 36.21 42.57
N THR B 210 3.59 35.44 42.55
CA THR B 210 3.49 34.23 41.76
C THR B 210 2.78 34.56 40.45
N VAL B 211 3.42 34.23 39.33
CA VAL B 211 2.85 34.50 38.01
C VAL B 211 2.70 33.16 37.29
N VAL B 212 1.46 32.77 37.04
CA VAL B 212 1.14 31.48 36.42
C VAL B 212 0.64 31.73 35.01
N SER B 213 1.13 30.91 34.07
CA SER B 213 0.75 31.05 32.67
C SER B 213 0.91 29.71 31.96
N HIS B 214 0.51 29.68 30.70
CA HIS B 214 0.64 28.47 29.88
C HIS B 214 0.80 28.90 28.43
N SER B 215 1.49 28.06 27.65
CA SER B 215 1.75 28.29 26.23
C SER B 215 2.64 29.52 26.03
N ARG B 216 2.53 30.16 24.87
CA ARG B 216 3.45 31.23 24.49
C ARG B 216 3.59 32.33 25.52
N PRO B 217 2.54 32.83 26.18
CA PRO B 217 2.72 33.94 27.13
C PRO B 217 3.65 33.64 28.31
N VAL B 218 4.04 32.38 28.54
CA VAL B 218 5.02 32.08 29.57
C VAL B 218 6.31 32.84 29.30
N GLY B 219 6.72 32.90 28.03
CA GLY B 219 7.90 33.66 27.67
C GLY B 219 7.76 35.14 27.98
N HIS B 220 6.56 35.69 27.78
CA HIS B 220 6.34 37.08 28.12
C HIS B 220 6.41 37.32 29.62
N CYS B 221 5.99 36.33 30.43
CA CYS B 221 6.13 36.48 31.88
C CYS B 221 7.60 36.53 32.27
N LEU B 222 8.44 35.72 31.63
CA LEU B 222 9.86 35.76 31.91
C LEU B 222 10.46 37.09 31.50
N GLU B 223 10.00 37.65 30.38
CA GLU B 223 10.45 39.00 30.00
C GLU B 223 10.00 40.03 31.03
N ALA B 224 8.76 39.93 31.49
CA ALA B 224 8.26 40.84 32.50
C ALA B 224 9.03 40.68 33.81
N ALA B 225 9.29 39.43 34.22
CA ALA B 225 10.02 39.23 35.47
C ALA B 225 11.44 39.78 35.39
N ALA B 226 12.07 39.71 34.22
CA ALA B 226 13.43 40.23 34.07
C ALA B 226 13.46 41.74 34.15
N VAL B 227 12.43 42.41 33.62
CA VAL B 227 12.35 43.86 33.73
C VAL B 227 12.09 44.26 35.18
N LEU B 228 11.16 43.55 35.84
CA LEU B 228 10.84 43.87 37.23
C LEU B 228 11.99 43.52 38.16
N SER B 229 12.83 42.54 37.78
CA SER B 229 13.96 42.18 38.62
C SER B 229 14.95 43.32 38.77
N LYS B 230 15.11 44.13 37.72
CA LYS B 230 15.93 45.33 37.79
C LYS B 230 15.37 46.37 38.75
N GLU B 231 14.11 46.22 39.16
CA GLU B 231 13.47 47.14 40.09
C GLU B 231 13.34 46.56 41.49
N GLY B 232 13.90 45.38 41.75
CA GLY B 232 13.82 44.76 43.06
C GLY B 232 12.61 43.89 43.29
N VAL B 233 11.92 43.45 42.24
CA VAL B 233 10.72 42.61 42.35
C VAL B 233 11.03 41.25 41.75
N GLU B 234 11.08 40.22 42.59
CA GLU B 234 11.39 38.87 42.15
C GLU B 234 10.10 38.12 41.90
N CYS B 235 9.82 37.82 40.63
CA CYS B 235 8.61 37.08 40.26
C CYS B 235 8.90 35.59 40.23
N GLU B 236 7.92 34.80 40.67
CA GLU B 236 7.99 33.35 40.57
C GLU B 236 7.06 32.93 39.42
N VAL B 237 7.66 32.68 38.25
CA VAL B 237 6.88 32.33 37.07
C VAL B 237 6.66 30.82 37.04
N ILE B 238 5.41 30.40 36.86
CA ILE B 238 5.03 29.00 36.87
C ILE B 238 4.43 28.65 35.52
N ASN B 239 4.93 27.58 34.92
CA ASN B 239 4.44 27.08 33.64
C ASN B 239 3.50 25.90 33.92
N MET B 240 2.20 26.09 33.65
CA MET B 240 1.20 25.08 33.96
C MET B 240 1.52 23.76 33.27
N ARG B 241 1.86 23.79 31.98
CA ARG B 241 2.09 22.62 31.13
C ARG B 241 0.80 21.84 30.91
N THR B 242 0.14 21.42 31.98
CA THR B 242 -1.09 20.64 31.92
C THR B 242 -2.27 21.55 32.27
N ILE B 243 -3.31 21.49 31.46
CA ILE B 243 -4.54 22.23 31.75
C ILE B 243 -5.51 21.41 32.58
N ARG B 244 -5.65 20.12 32.25
CA ARG B 244 -6.47 19.20 33.03
C ARG B 244 -5.74 17.86 33.16
N PRO B 245 -5.43 17.40 34.38
CA PRO B 245 -5.67 18.05 35.67
C PRO B 245 -4.54 19.01 36.10
N MET B 246 -4.87 20.28 36.28
CA MET B 246 -3.84 21.26 36.56
C MET B 246 -3.21 21.03 37.93
N ASP B 247 -1.98 21.50 38.07
CA ASP B 247 -1.17 21.30 39.28
C ASP B 247 -1.37 22.49 40.19
N MET B 248 -2.43 22.44 41.02
CA MET B 248 -2.70 23.54 41.93
C MET B 248 -1.77 23.51 43.14
N GLU B 249 -1.27 22.34 43.53
CA GLU B 249 -0.40 22.26 44.69
C GLU B 249 0.87 23.10 44.49
N THR B 250 1.40 23.11 43.27
CA THR B 250 2.58 23.94 43.00
C THR B 250 2.23 25.42 43.05
N ILE B 251 1.06 25.79 42.53
CA ILE B 251 0.63 27.19 42.61
C ILE B 251 0.37 27.59 44.06
N GLU B 252 -0.35 26.74 44.79
CA GLU B 252 -0.66 27.05 46.19
C GLU B 252 0.62 27.21 47.01
N ALA B 253 1.58 26.30 46.83
CA ALA B 253 2.83 26.41 47.55
C ALA B 253 3.56 27.71 47.21
N SER B 254 3.44 28.17 45.97
CA SER B 254 4.06 29.44 45.59
C SER B 254 3.33 30.61 46.21
N VAL B 255 1.99 30.59 46.17
CA VAL B 255 1.21 31.70 46.74
C VAL B 255 1.46 31.81 48.24
N MET B 256 1.60 30.67 48.93
CA MET B 256 1.89 30.72 50.35
C MET B 256 3.24 31.34 50.66
N LYS B 257 4.13 31.44 49.67
CA LYS B 257 5.41 32.10 49.85
C LYS B 257 5.40 33.54 49.35
N THR B 258 4.75 33.79 48.23
CA THR B 258 4.79 35.11 47.63
C THR B 258 3.67 36.02 48.11
N ASN B 259 2.56 35.45 48.58
CA ASN B 259 1.39 36.17 49.06
C ASN B 259 0.69 36.97 47.97
N HIS B 260 1.06 36.78 46.70
CA HIS B 260 0.44 37.48 45.58
C HIS B 260 0.39 36.55 44.39
N LEU B 261 -0.66 36.69 43.57
CA LEU B 261 -0.87 35.83 42.42
C LEU B 261 -1.44 36.61 41.25
N VAL B 262 -0.85 36.43 40.08
CA VAL B 262 -1.38 36.96 38.82
C VAL B 262 -1.34 35.86 37.78
N THR B 263 -2.47 35.61 37.12
CA THR B 263 -2.55 34.63 36.06
C THR B 263 -2.52 35.33 34.70
N VAL B 264 -1.81 34.73 33.75
CA VAL B 264 -1.65 35.28 32.40
C VAL B 264 -1.99 34.18 31.40
N GLU B 265 -2.91 34.48 30.48
CA GLU B 265 -3.35 33.52 29.47
C GLU B 265 -3.66 34.25 28.18
N GLY B 266 -3.64 33.51 27.07
CA GLY B 266 -3.93 34.09 25.77
C GLY B 266 -5.41 34.09 25.39
N GLY B 267 -6.20 33.17 25.95
CA GLY B 267 -7.59 33.05 25.56
C GLY B 267 -8.48 34.11 26.15
N TRP B 268 -9.77 33.97 25.86
CA TRP B 268 -10.77 34.94 26.29
C TRP B 268 -10.93 34.92 27.80
N PRO B 269 -11.30 36.04 28.42
CA PRO B 269 -11.29 36.11 29.88
C PRO B 269 -12.40 35.31 30.55
N GLN B 270 -13.66 35.53 30.13
CA GLN B 270 -14.81 34.95 30.84
C GLN B 270 -14.81 33.43 30.71
N PHE B 271 -14.91 32.74 31.86
CA PHE B 271 -14.90 31.28 31.93
C PHE B 271 -13.62 30.69 31.36
N GLY B 272 -12.50 31.39 31.50
CA GLY B 272 -11.23 30.95 30.96
C GLY B 272 -10.37 30.23 31.99
N VAL B 273 -9.10 30.04 31.62
CA VAL B 273 -8.16 29.31 32.49
C VAL B 273 -7.90 30.09 33.77
N GLY B 274 -7.69 31.40 33.68
CA GLY B 274 -7.46 32.18 34.88
C GLY B 274 -8.62 32.12 35.86
N ALA B 275 -9.85 32.02 35.36
CA ALA B 275 -11.00 31.97 36.26
C ALA B 275 -10.96 30.72 37.14
N GLU B 276 -10.49 29.60 36.59
CA GLU B 276 -10.41 28.38 37.39
C GLU B 276 -9.31 28.47 38.45
N ILE B 277 -8.16 29.02 38.08
CA ILE B 277 -7.06 29.15 39.04
C ILE B 277 -7.48 30.03 40.20
N CYS B 278 -8.14 31.15 39.91
CA CYS B 278 -8.57 32.05 40.98
C CYS B 278 -9.61 31.40 41.88
N ALA B 279 -10.53 30.62 41.30
CA ALA B 279 -11.51 29.95 42.14
C ALA B 279 -10.86 28.90 43.04
N ARG B 280 -9.84 28.20 42.51
CA ARG B 280 -9.19 27.15 43.29
C ARG B 280 -8.34 27.70 44.43
N ILE B 281 -7.69 28.85 44.25
CA ILE B 281 -6.94 29.40 45.38
C ILE B 281 -7.88 29.90 46.46
N MET B 282 -9.06 30.37 46.06
CA MET B 282 -10.02 30.87 47.04
C MET B 282 -10.67 29.73 47.82
N GLU B 283 -10.98 28.63 47.14
CA GLU B 283 -11.49 27.44 47.83
C GLU B 283 -10.39 26.69 48.57
N GLY B 284 -9.12 26.99 48.26
CA GLY B 284 -8.01 26.20 48.73
C GLY B 284 -7.35 26.73 50.00
N PRO B 285 -6.21 26.12 50.37
CA PRO B 285 -5.55 26.52 51.62
C PRO B 285 -4.72 27.78 51.51
N ALA B 286 -4.47 28.28 50.31
CA ALA B 286 -3.59 29.43 50.13
C ALA B 286 -4.33 30.77 50.18
N PHE B 287 -5.67 30.75 50.31
CA PHE B 287 -6.42 32.00 50.26
C PHE B 287 -6.06 32.92 51.42
N ASN B 288 -5.88 32.37 52.61
CA ASN B 288 -5.53 33.21 53.74
C ASN B 288 -4.15 33.83 53.59
N PHE B 289 -3.31 33.26 52.71
CA PHE B 289 -1.98 33.78 52.47
C PHE B 289 -1.95 34.89 51.43
N LEU B 290 -3.07 35.18 50.77
CA LEU B 290 -3.13 36.28 49.81
C LEU B 290 -3.18 37.60 50.56
N ASP B 291 -2.23 38.48 50.30
CA ASP B 291 -2.29 39.84 50.81
C ASP B 291 -2.95 40.81 49.84
N ALA B 292 -3.34 40.33 48.66
CA ALA B 292 -4.02 41.14 47.66
C ALA B 292 -4.84 40.21 46.79
N PRO B 293 -5.91 40.69 46.17
CA PRO B 293 -6.68 39.82 45.28
C PRO B 293 -5.86 39.41 44.08
N ALA B 294 -6.12 38.19 43.60
CA ALA B 294 -5.50 37.69 42.39
C ALA B 294 -6.19 38.27 41.17
N VAL B 295 -5.42 38.72 40.19
CA VAL B 295 -5.98 39.35 39.00
C VAL B 295 -5.61 38.51 37.78
N ARG B 296 -6.42 38.62 36.74
CA ARG B 296 -6.27 37.83 35.52
C ARG B 296 -5.80 38.72 34.38
N VAL B 297 -4.74 38.28 33.70
CA VAL B 297 -4.28 38.89 32.45
C VAL B 297 -4.65 37.96 31.31
N THR B 298 -5.52 38.42 30.43
CA THR B 298 -6.09 37.58 29.40
C THR B 298 -6.03 38.31 28.06
N GLY B 299 -6.54 37.64 27.02
CA GLY B 299 -6.80 38.32 25.77
C GLY B 299 -8.00 39.24 25.89
N ALA B 300 -8.12 40.16 24.94
CA ALA B 300 -9.26 41.04 24.92
C ALA B 300 -10.53 40.25 24.66
N ASP B 301 -11.63 40.74 25.21
CA ASP B 301 -12.91 40.03 25.13
C ASP B 301 -13.58 40.31 23.79
N VAL B 302 -12.86 40.10 22.69
CA VAL B 302 -13.38 40.38 21.35
C VAL B 302 -12.96 39.26 20.42
N PRO B 303 -13.69 39.07 19.33
CA PRO B 303 -13.15 38.27 18.23
C PRO B 303 -11.87 38.91 17.72
N MET B 304 -10.91 38.08 17.37
CA MET B 304 -9.58 38.58 17.03
C MET B 304 -9.65 39.47 15.80
N PRO B 305 -9.25 40.74 15.88
CA PRO B 305 -9.21 41.59 14.70
C PRO B 305 -7.99 41.31 13.85
N TYR B 306 -8.04 41.79 12.61
CA TYR B 306 -6.99 41.53 11.62
C TYR B 306 -5.83 42.51 11.70
N ALA B 307 -6.12 43.80 11.81
CA ALA B 307 -5.07 44.82 11.73
C ALA B 307 -3.99 44.59 12.79
N LYS B 308 -2.76 44.93 12.41
CA LYS B 308 -1.60 44.67 13.28
C LYS B 308 -1.73 45.39 14.61
N ILE B 309 -2.13 46.68 14.58
CA ILE B 309 -2.22 47.45 15.82
C ILE B 309 -3.33 46.92 16.71
N LEU B 310 -4.44 46.45 16.12
CA LEU B 310 -5.56 45.96 16.91
C LEU B 310 -5.28 44.58 17.48
N GLU B 311 -4.67 43.69 16.70
CA GLU B 311 -4.35 42.36 17.21
C GLU B 311 -3.30 42.45 18.31
N ASP B 312 -2.34 43.39 18.20
CA ASP B 312 -1.34 43.56 19.25
C ASP B 312 -1.98 43.89 20.59
N ASN B 313 -3.11 44.59 20.59
CA ASN B 313 -3.81 44.95 21.81
C ASN B 313 -4.92 43.97 22.18
N SER B 314 -5.09 42.89 21.42
CA SER B 314 -6.00 41.80 21.77
C SER B 314 -5.26 40.63 22.39
N ILE B 315 -3.95 40.76 22.59
CA ILE B 315 -3.09 39.69 23.10
C ILE B 315 -2.34 40.26 24.30
N PRO B 316 -2.11 39.45 25.35
CA PRO B 316 -1.33 39.96 26.49
C PRO B 316 0.06 40.39 26.05
N GLN B 317 0.41 41.63 26.35
CA GLN B 317 1.75 42.15 26.10
C GLN B 317 2.56 42.16 27.39
N VAL B 318 3.87 42.36 27.23
CA VAL B 318 4.77 42.38 28.38
C VAL B 318 4.42 43.52 29.33
N LYS B 319 4.05 44.67 28.77
CA LYS B 319 3.67 45.80 29.61
C LYS B 319 2.36 45.54 30.34
N ASP B 320 1.47 44.72 29.76
CA ASP B 320 0.22 44.37 30.43
C ASP B 320 0.45 43.47 31.65
N ILE B 321 1.45 42.59 31.58
CA ILE B 321 1.79 41.75 32.73
C ILE B 321 2.42 42.58 33.83
N ILE B 322 3.36 43.46 33.47
CA ILE B 322 4.01 44.31 34.46
C ILE B 322 2.98 45.21 35.14
N PHE B 323 2.04 45.77 34.36
CA PHE B 323 1.05 46.66 34.93
C PHE B 323 0.19 45.94 35.96
N ALA B 324 -0.27 44.73 35.62
CA ALA B 324 -1.08 43.96 36.57
C ALA B 324 -0.25 43.56 37.79
N ILE B 325 1.03 43.23 37.58
CA ILE B 325 1.87 42.87 38.72
C ILE B 325 2.05 44.07 39.64
N LYS B 326 2.31 45.25 39.08
CA LYS B 326 2.51 46.42 39.92
C LYS B 326 1.22 46.84 40.62
N LYS B 327 0.07 46.61 40.01
CA LYS B 327 -1.19 46.87 40.70
C LYS B 327 -1.34 45.96 41.91
N THR B 328 -0.98 44.69 41.76
CA THR B 328 -1.12 43.73 42.87
C THR B 328 -0.23 44.10 44.04
N LEU B 329 0.97 44.60 43.75
CA LEU B 329 1.95 44.96 44.77
C LEU B 329 1.84 46.41 45.23
N ASN B 330 0.88 47.17 44.70
CA ASN B 330 0.66 48.57 45.04
C ASN B 330 1.93 49.39 44.84
N ILE B 331 2.59 49.18 43.69
CA ILE B 331 3.81 49.91 43.36
C ILE B 331 3.70 50.49 41.94
N ALA C 6 -17.71 45.82 -35.49
CA ALA C 6 -18.90 44.98 -35.52
C ALA C 6 -19.73 45.16 -34.26
N ASN C 7 -21.06 45.12 -34.41
CA ASN C 7 -21.95 45.35 -33.28
C ASN C 7 -22.07 44.11 -32.40
N ASP C 8 -22.19 42.93 -33.01
CA ASP C 8 -22.32 41.70 -32.27
C ASP C 8 -21.63 40.57 -33.03
N ALA C 9 -21.49 39.42 -32.36
CA ALA C 9 -20.89 38.26 -32.99
C ALA C 9 -21.31 37.01 -32.23
N THR C 10 -21.49 35.92 -32.96
CA THR C 10 -21.86 34.63 -32.39
C THR C 10 -20.60 33.79 -32.17
N PHE C 11 -20.56 33.09 -31.05
CA PHE C 11 -19.39 32.31 -30.66
C PHE C 11 -19.78 30.91 -30.24
N GLU C 12 -18.89 29.96 -30.54
CA GLU C 12 -19.05 28.57 -30.13
C GLU C 12 -18.47 28.37 -28.73
N ILE C 13 -19.28 27.82 -27.84
CA ILE C 13 -18.85 27.50 -26.47
C ILE C 13 -18.95 26.00 -26.27
N LYS C 14 -18.12 25.48 -25.38
CA LYS C 14 -18.04 24.05 -25.14
C LYS C 14 -19.35 23.49 -24.59
N LYS C 15 -19.67 22.26 -24.99
CA LYS C 15 -20.88 21.61 -24.52
C LYS C 15 -20.68 21.05 -23.12
N CYS C 16 -21.60 21.37 -22.20
CA CYS C 16 -21.49 20.92 -20.83
C CYS C 16 -21.91 19.47 -20.69
N ASP C 17 -21.12 18.70 -19.93
CA ASP C 17 -21.52 17.36 -19.55
C ASP C 17 -22.66 17.44 -18.53
N LEU C 18 -23.69 16.63 -18.73
CA LEU C 18 -24.92 16.73 -17.97
C LEU C 18 -25.04 15.60 -16.95
N HIS C 19 -25.85 15.86 -15.92
CA HIS C 19 -26.19 14.87 -14.91
C HIS C 19 -27.65 15.09 -14.52
N ARG C 20 -28.49 14.10 -14.81
CA ARG C 20 -29.93 14.18 -14.54
C ARG C 20 -30.54 15.42 -15.18
N LEU C 21 -30.16 15.68 -16.42
CA LEU C 21 -30.75 16.73 -17.24
C LEU C 21 -30.83 16.22 -18.67
N GLU C 22 -31.98 16.43 -19.31
CA GLU C 22 -32.13 16.00 -20.70
C GLU C 22 -31.57 17.05 -21.67
N GLU C 23 -31.85 18.32 -21.43
CA GLU C 23 -31.37 19.42 -22.25
C GLU C 23 -30.56 20.37 -21.38
N GLY C 24 -29.43 20.84 -21.93
CA GLY C 24 -28.54 21.72 -21.20
C GLY C 24 -28.45 23.12 -21.78
N PRO C 25 -27.42 23.86 -21.38
CA PRO C 25 -27.24 25.22 -21.90
C PRO C 25 -26.92 25.20 -23.37
N PRO C 26 -27.21 26.28 -24.09
CA PRO C 26 -26.92 26.31 -25.52
C PRO C 26 -25.41 26.25 -25.80
N VAL C 27 -25.07 25.75 -26.99
CA VAL C 27 -23.68 25.66 -27.41
C VAL C 27 -23.24 26.84 -28.25
N THR C 28 -24.11 27.83 -28.44
CA THR C 28 -23.78 29.07 -29.13
C THR C 28 -24.34 30.23 -28.34
N THR C 29 -23.66 31.37 -28.39
CA THR C 29 -24.11 32.56 -27.69
C THR C 29 -23.68 33.79 -28.47
N VAL C 30 -24.38 34.89 -28.21
CA VAL C 30 -24.10 36.17 -28.84
C VAL C 30 -23.46 37.09 -27.81
N LEU C 31 -22.29 37.63 -28.12
CA LEU C 31 -21.59 38.59 -27.29
C LEU C 31 -21.61 39.95 -27.98
N THR C 32 -22.11 40.96 -27.27
CA THR C 32 -22.13 42.31 -27.81
C THR C 32 -20.80 43.01 -27.58
N ARG C 33 -20.58 44.09 -28.33
CA ARG C 33 -19.34 44.85 -28.17
C ARG C 33 -19.27 45.50 -26.79
N GLU C 34 -20.38 46.08 -26.32
CA GLU C 34 -20.39 46.72 -25.00
C GLU C 34 -20.12 45.73 -23.89
N ASP C 35 -20.74 44.55 -23.95
CA ASP C 35 -20.50 43.55 -22.91
C ASP C 35 -19.07 43.03 -22.96
N GLY C 36 -18.51 42.87 -24.16
CA GLY C 36 -17.15 42.39 -24.28
C GLY C 36 -16.14 43.32 -23.63
N LEU C 37 -16.26 44.64 -23.90
CA LEU C 37 -15.37 45.61 -23.28
C LEU C 37 -15.57 45.68 -21.78
N LYS C 38 -16.81 45.52 -21.31
CA LYS C 38 -17.03 45.49 -19.87
C LYS C 38 -16.44 44.23 -19.23
N TYR C 39 -16.65 43.07 -19.88
CA TYR C 39 -16.09 41.82 -19.34
C TYR C 39 -14.57 41.86 -19.36
N TYR C 40 -13.98 42.42 -20.42
CA TYR C 40 -12.53 42.49 -20.51
C TYR C 40 -11.96 43.41 -19.42
N ARG C 41 -12.54 44.59 -19.26
CA ARG C 41 -12.06 45.51 -18.24
C ARG C 41 -12.24 44.92 -16.84
N MET C 42 -13.36 44.25 -16.59
CA MET C 42 -13.57 43.64 -15.29
C MET C 42 -12.57 42.52 -15.03
N MET C 43 -12.34 41.67 -16.03
CA MET C 43 -11.37 40.58 -15.85
C MET C 43 -9.96 41.12 -15.69
N GLN C 44 -9.58 42.10 -16.52
CA GLN C 44 -8.22 42.62 -16.44
C GLN C 44 -7.98 43.37 -15.13
N THR C 45 -9.02 43.98 -14.56
CA THR C 45 -8.87 44.64 -13.27
C THR C 45 -8.61 43.62 -12.15
N VAL C 46 -9.37 42.53 -12.14
CA VAL C 46 -9.17 41.48 -11.14
C VAL C 46 -7.77 40.89 -11.26
N ARG C 47 -7.29 40.71 -12.50
CA ARG C 47 -5.96 40.14 -12.71
C ARG C 47 -4.87 41.02 -12.12
N ARG C 48 -4.85 42.30 -12.51
CA ARG C 48 -3.83 43.22 -11.99
C ARG C 48 -3.97 43.41 -10.49
N MET C 49 -5.17 43.24 -9.95
CA MET C 49 -5.36 43.39 -8.51
C MET C 49 -4.75 42.23 -7.73
N GLU C 50 -4.92 41.00 -8.21
CA GLU C 50 -4.36 39.85 -7.50
C GLU C 50 -2.84 39.82 -7.61
N LEU C 51 -2.28 40.26 -8.75
CA LEU C 51 -0.83 40.34 -8.88
C LEU C 51 -0.25 41.39 -7.95
N LYS C 52 -0.95 42.51 -7.77
CA LYS C 52 -0.49 43.53 -6.83
C LYS C 52 -0.57 43.02 -5.40
N ALA C 53 -1.66 42.33 -5.05
CA ALA C 53 -1.76 41.76 -3.71
C ALA C 53 -0.65 40.73 -3.47
N ASP C 54 -0.33 39.93 -4.49
CA ASP C 54 0.75 38.96 -4.36
C ASP C 54 2.08 39.64 -4.06
N GLN C 55 2.32 40.80 -4.67
CA GLN C 55 3.55 41.51 -4.39
C GLN C 55 3.56 42.03 -2.95
N LEU C 56 2.44 42.61 -2.51
CA LEU C 56 2.34 43.10 -1.14
C LEU C 56 2.40 41.95 -0.14
N TYR C 57 1.84 40.79 -0.51
CA TYR C 57 1.93 39.63 0.38
C TYR C 57 3.37 39.14 0.49
N LYS C 58 4.09 39.10 -0.64
CA LYS C 58 5.50 38.74 -0.58
C LYS C 58 6.30 39.80 0.16
N GLN C 59 5.91 41.07 0.01
CA GLN C 59 6.52 42.13 0.79
C GLN C 59 6.04 42.14 2.24
N LYS C 60 5.18 41.21 2.66
CA LYS C 60 4.71 41.11 4.05
C LYS C 60 3.95 42.35 4.49
N ILE C 61 3.51 43.18 3.54
CA ILE C 61 2.62 44.27 3.88
C ILE C 61 1.24 43.72 4.22
N ILE C 62 0.84 42.65 3.54
CA ILE C 62 -0.35 41.86 3.87
C ILE C 62 0.11 40.73 4.79
N ARG C 63 -0.67 40.47 5.84
CA ARG C 63 -0.31 39.44 6.81
C ARG C 63 -1.29 38.28 6.74
N GLY C 64 -0.91 37.19 7.40
CA GLY C 64 -1.78 36.05 7.54
C GLY C 64 -2.03 35.29 6.25
N PHE C 65 -3.28 35.23 5.82
CA PHE C 65 -3.68 34.51 4.63
C PHE C 65 -3.91 35.49 3.49
N CYS C 66 -3.67 35.02 2.26
CA CYS C 66 -3.92 35.82 1.07
C CYS C 66 -4.07 34.89 -0.13
N HIS C 67 -5.23 34.25 -0.25
CA HIS C 67 -5.46 33.32 -1.34
C HIS C 67 -5.89 34.10 -2.58
N LEU C 68 -5.15 33.91 -3.67
CA LEU C 68 -5.37 34.64 -4.91
C LEU C 68 -6.16 33.79 -5.90
N CYS C 69 -6.96 34.45 -6.72
CA CYS C 69 -7.82 33.80 -7.70
C CYS C 69 -7.38 34.06 -9.14
N ASP C 70 -6.13 34.46 -9.34
CA ASP C 70 -5.63 34.72 -10.68
C ASP C 70 -5.65 33.43 -11.51
N GLY C 71 -6.11 33.54 -12.74
CA GLY C 71 -6.42 32.40 -13.57
C GLY C 71 -7.88 31.99 -13.55
N GLN C 72 -8.66 32.50 -12.59
CA GLN C 72 -10.08 32.21 -12.46
C GLN C 72 -10.95 33.43 -12.75
N GLU C 73 -10.45 34.37 -13.56
CA GLU C 73 -11.19 35.59 -13.79
C GLU C 73 -12.47 35.36 -14.58
N ALA C 74 -12.51 34.30 -15.40
CA ALA C 74 -13.72 33.97 -16.15
C ALA C 74 -14.83 33.47 -15.24
N CYS C 75 -14.52 33.07 -14.01
CA CYS C 75 -15.55 32.58 -13.09
C CYS C 75 -16.35 33.73 -12.51
N CYS C 76 -15.69 34.60 -11.73
CA CYS C 76 -16.41 35.66 -11.03
C CYS C 76 -17.03 36.65 -12.00
N VAL C 77 -16.37 36.93 -13.12
CA VAL C 77 -16.97 37.84 -14.09
C VAL C 77 -18.05 37.14 -14.89
N GLY C 78 -17.83 35.87 -15.24
CA GLY C 78 -18.85 35.11 -15.96
C GLY C 78 -20.09 34.88 -15.12
N LEU C 79 -19.90 34.57 -13.83
CA LEU C 79 -21.05 34.37 -12.96
C LEU C 79 -21.85 35.66 -12.79
N GLU C 80 -21.16 36.79 -12.66
CA GLU C 80 -21.87 38.06 -12.51
C GLU C 80 -22.66 38.42 -13.76
N ALA C 81 -22.18 38.03 -14.94
CA ALA C 81 -22.89 38.31 -16.18
C ALA C 81 -24.14 37.45 -16.34
N GLY C 82 -24.24 36.35 -15.60
CA GLY C 82 -25.40 35.48 -15.65
C GLY C 82 -26.38 35.65 -14.52
N ILE C 83 -26.13 36.59 -13.61
CA ILE C 83 -27.01 36.86 -12.47
C ILE C 83 -27.30 38.35 -12.42
N ASN C 84 -28.21 38.72 -11.53
CA ASN C 84 -28.63 40.08 -11.28
C ASN C 84 -27.96 40.64 -10.04
N PRO C 85 -27.88 41.96 -9.91
CA PRO C 85 -27.39 42.52 -8.63
C PRO C 85 -28.29 42.18 -7.45
N THR C 86 -29.55 41.82 -7.69
CA THR C 86 -30.45 41.41 -6.63
C THR C 86 -30.32 39.94 -6.27
N ASP C 87 -29.48 39.19 -6.98
CA ASP C 87 -29.18 37.82 -6.58
C ASP C 87 -28.09 37.81 -5.50
N HIS C 88 -27.88 36.65 -4.91
CA HIS C 88 -27.02 36.49 -3.75
C HIS C 88 -25.88 35.53 -4.07
N LEU C 89 -24.72 35.77 -3.46
CA LEU C 89 -23.54 34.95 -3.73
C LEU C 89 -22.71 34.84 -2.46
N ILE C 90 -22.12 33.66 -2.26
CA ILE C 90 -21.26 33.40 -1.10
C ILE C 90 -20.20 32.40 -1.52
N THR C 91 -19.00 32.55 -0.97
CA THR C 91 -17.88 31.69 -1.33
C THR C 91 -17.00 31.50 -0.10
N ALA C 92 -15.85 30.87 -0.30
CA ALA C 92 -14.89 30.62 0.78
C ALA C 92 -13.85 31.72 0.88
N TYR C 93 -12.60 31.36 1.17
CA TYR C 93 -11.55 32.33 1.48
C TYR C 93 -10.94 33.01 0.27
N ARG C 94 -11.28 32.60 -0.95
CA ARG C 94 -10.68 33.15 -2.16
C ARG C 94 -11.66 34.10 -2.85
N ALA C 95 -11.97 35.19 -2.14
CA ALA C 95 -13.11 36.03 -2.47
C ALA C 95 -12.74 37.41 -2.99
N HIS C 96 -11.48 37.66 -3.34
CA HIS C 96 -11.08 39.00 -3.78
C HIS C 96 -11.79 39.39 -5.08
N GLY C 97 -11.83 38.47 -6.04
CA GLY C 97 -12.49 38.78 -7.31
C GLY C 97 -13.98 39.00 -7.14
N PHE C 98 -14.63 38.16 -6.34
CA PHE C 98 -16.07 38.31 -6.14
C PHE C 98 -16.41 39.59 -5.39
N THR C 99 -15.50 40.04 -4.51
CA THR C 99 -15.74 41.30 -3.80
C THR C 99 -15.80 42.47 -4.77
N PHE C 100 -14.97 42.45 -5.81
CA PHE C 100 -14.97 43.53 -6.79
C PHE C 100 -16.17 43.44 -7.73
N THR C 101 -16.51 42.23 -8.21
CA THR C 101 -17.65 42.08 -9.10
C THR C 101 -18.99 42.35 -8.41
N ARG C 102 -19.04 42.22 -7.08
CA ARG C 102 -20.25 42.49 -6.31
C ARG C 102 -20.39 43.96 -5.89
N GLY C 103 -19.47 44.82 -6.32
CA GLY C 103 -19.65 46.25 -6.19
C GLY C 103 -18.59 47.01 -5.41
N LEU C 104 -17.69 46.35 -4.69
CA LEU C 104 -16.68 47.08 -3.94
C LEU C 104 -15.54 47.52 -4.85
N SER C 105 -14.93 48.65 -4.49
CA SER C 105 -13.85 49.23 -5.26
C SER C 105 -12.52 48.59 -4.93
N VAL C 106 -11.55 48.77 -5.83
CA VAL C 106 -10.23 48.18 -5.62
C VAL C 106 -9.53 48.81 -4.42
N ARG C 107 -9.78 50.09 -4.16
CA ARG C 107 -9.21 50.74 -2.99
C ARG C 107 -9.65 50.06 -1.70
N GLU C 108 -10.95 49.77 -1.57
CA GLU C 108 -11.45 49.16 -0.36
C GLU C 108 -10.86 47.77 -0.14
N ILE C 109 -10.70 47.00 -1.22
CA ILE C 109 -10.21 45.63 -1.11
C ILE C 109 -8.74 45.62 -0.69
N LEU C 110 -7.93 46.46 -1.34
CA LEU C 110 -6.50 46.48 -1.05
C LEU C 110 -6.24 47.07 0.34
N ALA C 111 -6.96 48.12 0.71
CA ALA C 111 -6.77 48.72 2.03
C ALA C 111 -7.15 47.74 3.14
N GLU C 112 -8.19 46.92 2.89
CA GLU C 112 -8.54 45.88 3.84
C GLU C 112 -7.45 44.82 3.91
N LEU C 113 -6.88 44.45 2.76
CA LEU C 113 -5.79 43.49 2.74
C LEU C 113 -4.59 43.99 3.54
N THR C 114 -4.28 45.28 3.42
CA THR C 114 -3.16 45.87 4.17
C THR C 114 -3.54 46.26 5.59
N GLY C 115 -4.80 46.04 6.00
CA GLY C 115 -5.22 46.32 7.34
C GLY C 115 -5.22 47.78 7.74
N ARG C 116 -5.87 48.64 6.94
CA ARG C 116 -5.93 50.06 7.20
C ARG C 116 -7.38 50.48 7.43
N LYS C 117 -7.57 51.68 7.96
CA LYS C 117 -8.92 52.15 8.28
C LYS C 117 -9.76 52.31 7.03
N GLY C 118 -9.13 52.54 5.88
CA GLY C 118 -9.89 52.68 4.65
C GLY C 118 -10.37 51.38 4.04
N GLY C 119 -10.13 50.25 4.71
CA GLY C 119 -10.62 48.99 4.20
C GLY C 119 -12.13 48.87 4.35
N CYS C 120 -12.70 47.93 3.59
CA CYS C 120 -14.15 47.76 3.60
C CYS C 120 -14.66 47.29 4.96
N ALA C 121 -13.84 46.57 5.71
CA ALA C 121 -14.16 46.16 7.08
C ALA C 121 -13.38 46.94 8.12
N LYS C 122 -12.85 48.11 7.76
CA LYS C 122 -12.06 48.95 8.66
C LYS C 122 -10.86 48.20 9.24
N GLY C 123 -10.29 47.28 8.46
CA GLY C 123 -9.16 46.52 8.93
C GLY C 123 -9.48 45.43 9.93
N LYS C 124 -10.76 45.15 10.16
CA LYS C 124 -11.18 44.17 11.16
C LYS C 124 -11.22 42.75 10.62
N GLY C 125 -11.31 42.57 9.31
CA GLY C 125 -11.55 41.25 8.77
C GLY C 125 -10.40 40.65 7.99
N GLY C 126 -9.72 41.48 7.20
CA GLY C 126 -8.60 40.99 6.40
C GLY C 126 -9.04 40.32 5.11
N SER C 127 -8.21 39.37 4.66
CA SER C 127 -8.40 38.78 3.34
C SER C 127 -9.65 37.91 3.27
N MET C 128 -9.97 37.20 4.35
CA MET C 128 -10.98 36.16 4.29
C MET C 128 -12.39 36.62 4.63
N HIS C 129 -12.56 37.80 5.19
CA HIS C 129 -13.87 38.24 5.68
C HIS C 129 -14.17 39.63 5.13
N MET C 130 -14.56 39.67 3.86
CA MET C 130 -14.96 40.91 3.19
C MET C 130 -16.38 40.73 2.71
N TYR C 131 -17.26 41.68 3.04
CA TYR C 131 -18.67 41.58 2.73
C TYR C 131 -19.11 42.77 1.88
N ALA C 132 -20.15 42.53 1.08
CA ALA C 132 -20.69 43.55 0.17
C ALA C 132 -22.19 43.33 0.03
N LYS C 133 -22.82 44.19 -0.78
CA LYS C 133 -24.25 44.11 -0.99
C LYS C 133 -24.62 42.83 -1.70
N ASN C 134 -25.46 42.02 -1.05
CA ASN C 134 -25.86 40.70 -1.54
C ASN C 134 -24.67 39.79 -1.81
N PHE C 135 -23.53 40.11 -1.20
CA PHE C 135 -22.35 39.25 -1.20
C PHE C 135 -22.04 38.92 0.24
N TYR C 136 -22.34 37.69 0.64
CA TYR C 136 -22.20 37.25 2.01
C TYR C 136 -20.79 36.75 2.32
N GLY C 137 -19.82 37.26 1.58
CA GLY C 137 -18.45 37.28 2.01
C GLY C 137 -17.68 36.00 1.80
N GLY C 138 -16.41 36.09 2.12
CA GLY C 138 -15.60 34.91 2.29
C GLY C 138 -15.74 34.35 3.68
N ASN C 139 -15.39 33.07 3.81
CA ASN C 139 -15.51 32.36 5.07
C ASN C 139 -14.27 31.50 5.26
N GLY C 140 -13.69 31.56 6.45
CA GLY C 140 -12.43 30.88 6.71
C GLY C 140 -12.57 29.40 6.98
N ILE C 141 -13.72 28.97 7.48
CA ILE C 141 -13.96 27.56 7.76
C ILE C 141 -14.50 26.90 6.49
N MET C 142 -13.78 25.90 5.98
CA MET C 142 -14.15 25.32 4.70
C MET C 142 -15.41 24.50 4.80
N GLY C 143 -16.30 24.68 3.81
CA GLY C 143 -17.57 24.01 3.77
C GLY C 143 -18.67 24.71 4.53
N ALA C 144 -18.31 25.50 5.54
CA ALA C 144 -19.33 26.14 6.35
C ALA C 144 -20.19 27.09 5.54
N GLN C 145 -19.62 27.66 4.47
CA GLN C 145 -20.36 28.61 3.65
C GLN C 145 -21.43 27.94 2.82
N VAL C 146 -21.38 26.62 2.66
CA VAL C 146 -22.32 25.89 1.82
C VAL C 146 -23.68 25.82 2.49
N PRO C 147 -23.80 25.39 3.76
CA PRO C 147 -25.10 25.51 4.43
C PRO C 147 -25.59 26.93 4.53
N LEU C 148 -24.68 27.90 4.68
CA LEU C 148 -25.09 29.30 4.73
C LEU C 148 -25.78 29.72 3.44
N GLY C 149 -25.23 29.33 2.29
CA GLY C 149 -25.87 29.66 1.03
C GLY C 149 -27.23 29.02 0.87
N ALA C 150 -27.38 27.78 1.32
CA ALA C 150 -28.68 27.13 1.32
C ALA C 150 -29.68 27.90 2.17
N GLY C 151 -29.22 28.51 3.27
CA GLY C 151 -30.10 29.33 4.08
C GLY C 151 -30.45 30.66 3.42
N ILE C 152 -29.50 31.24 2.67
CA ILE C 152 -29.81 32.44 1.91
C ILE C 152 -30.83 32.12 0.81
N ALA C 153 -30.69 30.96 0.18
CA ALA C 153 -31.70 30.53 -0.79
C ALA C 153 -33.04 30.28 -0.12
N LEU C 154 -33.03 29.79 1.12
CA LEU C 154 -34.27 29.62 1.87
C LEU C 154 -34.96 30.96 2.07
N ALA C 155 -34.18 32.00 2.38
CA ALA C 155 -34.77 33.33 2.49
C ALA C 155 -35.27 33.83 1.15
N CYS C 156 -34.60 33.45 0.06
CA CYS C 156 -35.08 33.82 -1.27
C CYS C 156 -36.47 33.24 -1.53
N LYS C 157 -36.63 31.94 -1.28
CA LYS C 157 -37.94 31.33 -1.38
C LYS C 157 -38.91 31.92 -0.36
N TYR C 158 -38.41 32.21 0.84
CA TYR C 158 -39.25 32.77 1.89
C TYR C 158 -39.86 34.11 1.48
N ASN C 159 -39.04 34.97 0.86
CA ASN C 159 -39.53 36.29 0.46
C ASN C 159 -40.28 36.25 -0.87
N GLY C 160 -40.07 35.21 -1.68
CA GLY C 160 -40.81 34.99 -2.92
C GLY C 160 -40.74 36.10 -3.95
N LYS C 161 -39.54 36.60 -4.24
CA LYS C 161 -39.35 37.59 -5.30
C LYS C 161 -38.49 37.04 -6.44
N ASP C 162 -38.39 35.70 -6.54
CA ASP C 162 -37.68 35.03 -7.62
C ASP C 162 -36.19 35.41 -7.68
N GLU C 163 -35.56 35.46 -6.51
CA GLU C 163 -34.11 35.66 -6.42
C GLU C 163 -33.43 34.32 -6.15
N VAL C 164 -32.17 34.21 -6.57
CA VAL C 164 -31.41 32.99 -6.39
C VAL C 164 -30.14 33.29 -5.61
N CYS C 165 -29.53 32.22 -5.10
CA CYS C 165 -28.27 32.30 -4.37
C CYS C 165 -27.24 31.37 -4.99
N LEU C 166 -26.05 31.91 -5.28
CA LEU C 166 -24.92 31.14 -5.77
C LEU C 166 -24.02 30.81 -4.60
N THR C 167 -23.74 29.52 -4.40
CA THR C 167 -22.97 29.03 -3.26
C THR C 167 -21.76 28.28 -3.76
N LEU C 168 -20.57 28.87 -3.60
CA LEU C 168 -19.36 28.32 -4.16
C LEU C 168 -18.52 27.60 -3.10
N TYR C 169 -17.83 26.55 -3.54
CA TYR C 169 -16.87 25.85 -2.70
C TYR C 169 -15.81 25.22 -3.60
N GLY C 170 -14.58 25.15 -3.10
CA GLY C 170 -13.50 24.55 -3.84
C GLY C 170 -13.57 23.04 -3.88
N ASP C 171 -12.75 22.44 -4.74
CA ASP C 171 -12.71 20.98 -4.83
C ASP C 171 -12.13 20.35 -3.57
N GLY C 172 -11.24 21.05 -2.87
CA GLY C 172 -10.70 20.53 -1.62
C GLY C 172 -11.71 20.45 -0.50
N ALA C 173 -12.77 21.26 -0.57
CA ALA C 173 -13.85 21.26 0.40
C ALA C 173 -15.01 20.35 0.00
N ALA C 174 -14.95 19.74 -1.18
CA ALA C 174 -16.07 18.97 -1.69
C ALA C 174 -16.36 17.70 -0.89
N ASN C 175 -15.53 17.36 0.09
CA ASN C 175 -15.78 16.22 0.95
C ASN C 175 -16.19 16.63 2.36
N GLN C 176 -16.57 17.89 2.54
CA GLN C 176 -17.12 18.34 3.81
C GLN C 176 -18.52 17.78 3.98
N GLY C 177 -18.76 17.10 5.10
CA GLY C 177 -20.04 16.44 5.30
C GLY C 177 -21.22 17.38 5.25
N GLN C 178 -21.05 18.60 5.77
CA GLN C 178 -22.15 19.55 5.81
C GLN C 178 -22.64 19.93 4.41
N ILE C 179 -21.80 19.77 3.39
CA ILE C 179 -22.25 20.01 2.03
C ILE C 179 -23.31 19.00 1.62
N PHE C 180 -23.10 17.73 1.97
CA PHE C 180 -24.10 16.72 1.65
C PHE C 180 -25.36 16.91 2.48
N GLU C 181 -25.23 17.43 3.70
CA GLU C 181 -26.42 17.80 4.46
C GLU C 181 -27.16 18.95 3.78
N ALA C 182 -26.42 19.87 3.17
CA ALA C 182 -27.06 20.97 2.46
C ALA C 182 -27.70 20.50 1.17
N TYR C 183 -27.09 19.52 0.48
CA TYR C 183 -27.71 18.92 -0.70
C TYR C 183 -29.09 18.37 -0.38
N ASN C 184 -29.17 17.54 0.67
CA ASN C 184 -30.39 16.83 0.98
C ASN C 184 -31.53 17.77 1.34
N MET C 185 -31.24 18.82 2.11
CA MET C 185 -32.29 19.75 2.51
C MET C 185 -32.68 20.67 1.36
N ALA C 186 -31.72 21.08 0.53
CA ALA C 186 -32.04 21.98 -0.58
C ALA C 186 -32.99 21.32 -1.57
N ALA C 187 -32.75 20.05 -1.91
CA ALA C 187 -33.66 19.36 -2.82
C ALA C 187 -34.98 19.03 -2.14
N LEU C 188 -34.95 18.75 -0.84
CA LEU C 188 -36.16 18.43 -0.10
C LEU C 188 -37.11 19.63 -0.06
N TRP C 189 -36.57 20.85 0.09
CA TRP C 189 -37.39 22.05 0.17
C TRP C 189 -37.44 22.83 -1.14
N LYS C 190 -36.81 22.34 -2.19
CA LYS C 190 -36.79 23.00 -3.50
C LYS C 190 -36.26 24.42 -3.39
N LEU C 191 -35.10 24.56 -2.73
CA LEU C 191 -34.49 25.86 -2.51
C LEU C 191 -33.80 26.34 -3.77
N PRO C 192 -33.90 27.63 -4.10
CA PRO C 192 -33.23 28.19 -5.29
C PRO C 192 -31.75 28.40 -5.07
N CYS C 193 -31.03 27.32 -4.80
CA CYS C 193 -29.61 27.36 -4.47
C CYS C 193 -28.80 26.72 -5.59
N ILE C 194 -27.83 27.46 -6.12
CA ILE C 194 -26.93 26.96 -7.15
C ILE C 194 -25.62 26.59 -6.45
N PHE C 195 -25.44 25.29 -6.23
CA PHE C 195 -24.18 24.81 -5.67
C PHE C 195 -23.12 24.84 -6.75
N ILE C 196 -22.04 25.59 -6.51
CA ILE C 196 -20.98 25.77 -7.48
C ILE C 196 -19.69 25.23 -6.87
N CYS C 197 -19.15 24.18 -7.48
CA CYS C 197 -17.86 23.65 -7.06
C CYS C 197 -16.78 24.20 -7.99
N GLU C 198 -15.87 24.99 -7.44
CA GLU C 198 -14.73 25.50 -8.19
C GLU C 198 -13.65 24.43 -8.22
N ASN C 199 -13.58 23.71 -9.33
CA ASN C 199 -12.62 22.63 -9.51
C ASN C 199 -11.40 23.16 -10.25
N ASN C 200 -10.21 22.88 -9.72
CA ASN C 200 -8.97 23.24 -10.41
C ASN C 200 -8.43 21.99 -11.10
N ARG C 201 -7.48 21.32 -10.47
CA ARG C 201 -6.99 20.06 -11.03
C ARG C 201 -7.09 18.94 -9.98
N ALA C 211 -7.25 12.54 -2.86
CA ALA C 211 -8.00 12.98 -1.68
C ALA C 211 -9.53 12.92 -1.88
N ALA C 212 -9.96 12.42 -3.04
CA ALA C 212 -11.38 12.31 -3.35
C ALA C 212 -11.61 11.06 -4.18
N ALA C 213 -12.55 10.22 -3.73
CA ALA C 213 -12.86 8.99 -4.45
C ALA C 213 -13.56 9.25 -5.77
N SER C 214 -14.24 10.38 -5.92
CA SER C 214 -14.91 10.76 -7.16
C SER C 214 -14.55 12.19 -7.53
N THR C 215 -13.99 12.36 -8.73
CA THR C 215 -13.66 13.68 -9.24
C THR C 215 -14.74 14.24 -10.16
N ASP C 216 -15.84 13.52 -10.33
CA ASP C 216 -17.00 14.05 -11.06
C ASP C 216 -17.86 14.82 -10.07
N TYR C 217 -17.40 16.03 -9.74
CA TYR C 217 -18.05 16.81 -8.70
C TYR C 217 -19.45 17.23 -9.07
N TYR C 218 -19.76 17.33 -10.37
CA TYR C 218 -21.11 17.68 -10.78
C TYR C 218 -22.11 16.56 -10.54
N LYS C 219 -21.64 15.38 -10.14
CA LYS C 219 -22.52 14.25 -9.84
C LYS C 219 -22.72 14.02 -8.35
N ARG C 220 -22.00 14.75 -7.48
CA ARG C 220 -22.05 14.46 -6.05
C ARG C 220 -23.39 14.82 -5.42
N GLY C 221 -24.19 15.67 -6.06
CA GLY C 221 -25.52 15.94 -5.55
C GLY C 221 -26.50 14.80 -5.72
N ASP C 222 -26.11 13.73 -6.41
CA ASP C 222 -26.95 12.55 -6.62
C ASP C 222 -28.31 12.92 -7.21
N PHE C 223 -29.28 13.21 -6.35
CA PHE C 223 -30.63 13.57 -6.80
C PHE C 223 -30.68 14.98 -7.39
N ILE C 224 -29.75 15.85 -7.02
CA ILE C 224 -29.70 17.19 -7.59
C ILE C 224 -29.02 17.13 -8.95
N PRO C 225 -29.61 17.68 -9.99
CA PRO C 225 -28.96 17.66 -11.31
C PRO C 225 -27.73 18.54 -11.34
N GLY C 226 -26.77 18.16 -12.19
CA GLY C 226 -25.51 18.87 -12.26
C GLY C 226 -25.05 19.05 -13.70
N LEU C 227 -24.12 19.98 -13.86
CA LEU C 227 -23.49 20.23 -15.16
C LEU C 227 -22.05 20.68 -14.94
N ARG C 228 -21.15 20.15 -15.76
CA ARG C 228 -19.73 20.48 -15.68
C ARG C 228 -19.40 21.48 -16.79
N VAL C 229 -18.80 22.61 -16.40
CA VAL C 229 -18.62 23.78 -17.26
C VAL C 229 -17.13 24.08 -17.41
N ASP C 230 -16.75 24.58 -18.57
CA ASP C 230 -15.39 25.06 -18.81
C ASP C 230 -15.24 26.44 -18.16
N GLY C 231 -14.52 26.51 -17.05
CA GLY C 231 -14.37 27.74 -16.30
C GLY C 231 -13.33 28.71 -16.82
N MET C 232 -12.60 28.35 -17.88
CA MET C 232 -11.67 29.25 -18.54
C MET C 232 -12.33 30.06 -19.65
N ASP C 233 -13.51 29.67 -20.08
CA ASP C 233 -14.26 30.38 -21.11
C ASP C 233 -15.33 31.21 -20.40
N ILE C 234 -15.19 32.54 -20.46
CA ILE C 234 -16.12 33.41 -19.76
C ILE C 234 -17.51 33.33 -20.40
N LEU C 235 -17.58 33.19 -21.73
CA LEU C 235 -18.87 33.08 -22.39
C LEU C 235 -19.58 31.78 -22.01
N CYS C 236 -18.82 30.70 -21.83
CA CYS C 236 -19.42 29.44 -21.39
C CYS C 236 -19.92 29.52 -19.95
N VAL C 237 -19.22 30.28 -19.09
CA VAL C 237 -19.67 30.43 -17.72
C VAL C 237 -20.93 31.28 -17.64
N ARG C 238 -20.98 32.36 -18.42
CA ARG C 238 -22.16 33.21 -18.42
C ARG C 238 -23.40 32.44 -18.85
N GLU C 239 -23.29 31.66 -19.93
CA GLU C 239 -24.45 30.95 -20.44
C GLU C 239 -24.91 29.85 -19.50
N ALA C 240 -23.96 29.13 -18.89
CA ALA C 240 -24.34 28.09 -17.94
C ALA C 240 -25.00 28.70 -16.71
N THR C 241 -24.52 29.86 -16.27
CA THR C 241 -25.13 30.53 -15.12
C THR C 241 -26.56 30.98 -15.42
N ARG C 242 -26.78 31.58 -16.60
CA ARG C 242 -28.14 31.97 -16.96
C ARG C 242 -29.07 30.76 -16.98
N PHE C 243 -28.57 29.63 -17.48
CA PHE C 243 -29.35 28.40 -17.49
C PHE C 243 -29.68 27.93 -16.08
N ALA C 244 -28.67 27.94 -15.19
CA ALA C 244 -28.89 27.49 -13.81
C ALA C 244 -29.78 28.45 -13.04
N ALA C 245 -29.63 29.75 -13.29
CA ALA C 245 -30.51 30.73 -12.63
C ALA C 245 -31.95 30.57 -13.10
N ALA C 246 -32.17 30.38 -14.39
CA ALA C 246 -33.52 30.15 -14.89
C ALA C 246 -34.10 28.86 -14.33
N TYR C 247 -33.27 27.85 -14.13
CA TYR C 247 -33.72 26.60 -13.52
C TYR C 247 -34.24 26.85 -12.11
N CYS C 248 -33.51 27.61 -11.31
CA CYS C 248 -33.92 27.86 -9.93
C CYS C 248 -35.12 28.80 -9.85
N ARG C 249 -35.20 29.77 -10.76
CA ARG C 249 -36.32 30.70 -10.75
C ARG C 249 -37.62 30.04 -11.19
N SER C 250 -37.55 28.94 -11.95
CA SER C 250 -38.76 28.24 -12.36
C SER C 250 -39.35 27.38 -11.26
N GLY C 251 -38.67 27.24 -10.12
CA GLY C 251 -39.16 26.42 -9.03
C GLY C 251 -38.72 24.98 -9.05
N LYS C 252 -37.83 24.60 -9.95
CA LYS C 252 -37.37 23.22 -10.03
C LYS C 252 -36.36 22.86 -8.94
N GLY C 253 -36.03 23.80 -8.05
CA GLY C 253 -35.17 23.48 -6.93
C GLY C 253 -33.72 23.79 -7.20
N PRO C 254 -32.82 23.12 -6.48
CA PRO C 254 -31.39 23.41 -6.59
C PRO C 254 -30.77 22.80 -7.85
N ILE C 255 -29.52 23.18 -8.09
CA ILE C 255 -28.73 22.66 -9.20
C ILE C 255 -27.26 22.79 -8.85
N LEU C 256 -26.46 21.85 -9.32
CA LEU C 256 -25.03 21.78 -9.04
C LEU C 256 -24.25 22.09 -10.31
N MET C 257 -23.21 22.90 -10.18
CA MET C 257 -22.47 23.41 -11.34
C MET C 257 -20.98 23.32 -11.05
N GLU C 258 -20.24 22.57 -11.88
CA GLU C 258 -18.81 22.39 -11.70
C GLU C 258 -18.04 23.26 -12.69
N LEU C 259 -17.24 24.20 -12.19
CA LEU C 259 -16.40 25.05 -13.01
C LEU C 259 -14.96 24.56 -12.95
N GLN C 260 -14.45 24.11 -14.10
CA GLN C 260 -13.08 23.62 -14.20
C GLN C 260 -12.15 24.77 -14.57
N THR C 261 -11.23 25.09 -13.66
CA THR C 261 -10.28 26.20 -13.86
C THR C 261 -8.86 25.81 -13.46
N VAL C 285 0.26 26.43 -19.73
CA VAL C 285 -1.15 26.60 -19.43
C VAL C 285 -1.63 27.94 -19.96
N ARG C 286 -0.94 29.00 -19.52
CA ARG C 286 -1.25 30.36 -19.96
C ARG C 286 -1.03 30.55 -21.46
N SER C 287 -0.37 29.61 -22.13
CA SER C 287 -0.14 29.75 -23.57
C SER C 287 -1.42 29.62 -24.38
N LYS C 288 -2.36 28.77 -23.94
CA LYS C 288 -3.64 28.67 -24.65
C LYS C 288 -4.76 28.30 -23.68
N SER C 289 -4.78 28.94 -22.50
CA SER C 289 -5.91 28.80 -21.60
C SER C 289 -6.18 30.02 -20.73
N ASP C 290 -5.45 31.10 -20.87
CA ASP C 290 -5.71 32.30 -20.08
C ASP C 290 -7.10 32.84 -20.41
N PRO C 291 -7.96 33.08 -19.43
CA PRO C 291 -9.31 33.56 -19.75
C PRO C 291 -9.31 34.94 -20.37
N ILE C 292 -8.33 35.79 -20.02
CA ILE C 292 -8.22 37.10 -20.63
C ILE C 292 -7.70 36.99 -22.05
N MET C 293 -6.77 36.04 -22.28
CA MET C 293 -6.22 35.88 -23.61
C MET C 293 -7.25 35.30 -24.57
N LEU C 294 -8.17 34.47 -24.07
CA LEU C 294 -9.20 33.92 -24.92
C LEU C 294 -10.21 34.99 -25.35
N LEU C 295 -10.69 35.79 -24.41
CA LEU C 295 -11.63 36.85 -24.75
C LEU C 295 -10.98 37.92 -25.61
N LYS C 296 -9.69 38.20 -25.36
CA LYS C 296 -8.96 39.17 -26.19
C LYS C 296 -8.90 38.71 -27.64
N ASP C 297 -8.53 37.44 -27.87
CA ASP C 297 -8.43 36.92 -29.23
C ASP C 297 -9.80 36.84 -29.90
N ARG C 298 -10.84 36.52 -29.14
CA ARG C 298 -12.19 36.41 -29.72
C ARG C 298 -12.70 37.76 -30.21
N MET C 299 -12.47 38.82 -29.46
CA MET C 299 -13.02 40.13 -29.83
C MET C 299 -12.25 40.75 -30.98
N VAL C 300 -10.95 40.48 -31.10
CA VAL C 300 -10.16 41.06 -32.18
C VAL C 300 -10.46 40.35 -33.49
N ASN C 301 -10.61 39.02 -33.45
CA ASN C 301 -10.85 38.27 -34.69
C ASN C 301 -12.21 38.60 -35.28
N SER C 302 -13.20 38.93 -34.45
CA SER C 302 -14.55 39.24 -34.92
C SER C 302 -14.79 40.75 -35.03
N ASN C 303 -13.74 41.56 -34.94
CA ASN C 303 -13.83 43.02 -35.08
C ASN C 303 -14.73 43.64 -34.01
N LEU C 304 -14.85 42.98 -32.85
CA LEU C 304 -15.56 43.56 -31.73
C LEU C 304 -14.72 44.62 -31.03
N ALA C 305 -13.40 44.52 -31.14
CA ALA C 305 -12.48 45.49 -30.56
C ALA C 305 -11.14 45.36 -31.25
N SER C 306 -10.32 46.39 -31.11
CA SER C 306 -8.98 46.42 -31.69
C SER C 306 -7.93 46.12 -30.63
N VAL C 307 -6.76 45.68 -31.10
CA VAL C 307 -5.64 45.44 -30.20
C VAL C 307 -5.25 46.72 -29.47
N GLU C 308 -5.32 47.86 -30.17
CA GLU C 308 -4.97 49.13 -29.54
C GLU C 308 -5.94 49.50 -28.42
N GLU C 309 -7.23 49.19 -28.59
CA GLU C 309 -8.20 49.49 -27.54
C GLU C 309 -7.93 48.67 -26.29
N LEU C 310 -7.67 47.37 -26.46
CA LEU C 310 -7.45 46.52 -25.29
C LEU C 310 -6.12 46.85 -24.61
N LYS C 311 -5.16 47.38 -25.36
CA LYS C 311 -3.93 47.87 -24.72
C LYS C 311 -4.17 49.16 -23.97
N GLU C 312 -4.98 50.06 -24.54
CA GLU C 312 -5.32 51.28 -23.80
C GLU C 312 -6.11 50.97 -22.54
N ILE C 313 -6.94 49.92 -22.57
CA ILE C 313 -7.65 49.51 -21.35
C ILE C 313 -6.67 48.93 -20.34
N ASP C 314 -5.67 48.17 -20.81
CA ASP C 314 -4.64 47.66 -19.92
C ASP C 314 -3.93 48.78 -19.19
N VAL C 315 -3.67 49.90 -19.89
CA VAL C 315 -3.00 51.03 -19.26
C VAL C 315 -3.91 51.67 -18.22
N GLU C 316 -5.18 51.90 -18.59
CA GLU C 316 -6.13 52.48 -17.65
C GLU C 316 -6.29 51.62 -16.40
N VAL C 317 -6.39 50.30 -16.58
CA VAL C 317 -6.55 49.40 -15.45
C VAL C 317 -5.30 49.40 -14.58
N ARG C 318 -4.12 49.35 -15.22
CA ARG C 318 -2.87 49.27 -14.49
C ARG C 318 -2.64 50.54 -13.66
N LYS C 319 -3.05 51.69 -14.20
CA LYS C 319 -2.99 52.94 -13.44
C LYS C 319 -3.91 52.89 -12.23
N GLU C 320 -5.11 52.32 -12.38
CA GLU C 320 -6.05 52.25 -11.27
C GLU C 320 -5.55 51.34 -10.16
N ILE C 321 -4.76 50.32 -10.50
CA ILE C 321 -4.23 49.42 -9.48
C ILE C 321 -3.12 50.09 -8.69
N GLU C 322 -2.20 50.79 -9.38
CA GLU C 322 -1.12 51.48 -8.68
C GLU C 322 -1.66 52.59 -7.78
N ASP C 323 -2.71 53.28 -8.24
CA ASP C 323 -3.32 54.32 -7.42
C ASP C 323 -3.95 53.72 -6.16
N ALA C 324 -4.60 52.56 -6.29
CA ALA C 324 -5.20 51.93 -5.12
C ALA C 324 -4.14 51.36 -4.19
N ALA C 325 -3.07 50.80 -4.75
CA ALA C 325 -2.02 50.22 -3.91
C ALA C 325 -1.30 51.27 -3.07
N GLN C 326 -1.04 52.46 -3.63
CA GLN C 326 -0.40 53.48 -2.82
C GLN C 326 -1.33 53.97 -1.71
N PHE C 327 -2.62 54.11 -2.01
CA PHE C 327 -3.57 54.46 -0.96
C PHE C 327 -3.57 53.42 0.14
N ALA C 328 -3.58 52.13 -0.22
CA ALA C 328 -3.58 51.08 0.79
C ALA C 328 -2.31 51.09 1.62
N THR C 329 -1.21 51.59 1.05
CA THR C 329 0.05 51.62 1.79
C THR C 329 0.20 52.88 2.64
N ALA C 330 -0.25 54.03 2.13
CA ALA C 330 -0.10 55.29 2.85
C ALA C 330 -1.20 55.52 3.87
N ASP C 331 -2.33 54.82 3.75
CA ASP C 331 -3.44 55.02 4.67
C ASP C 331 -3.05 54.52 6.07
N PRO C 332 -3.40 55.26 7.11
CA PRO C 332 -3.02 54.83 8.46
C PRO C 332 -3.84 53.65 8.93
N GLU C 333 -3.32 52.96 9.94
CA GLU C 333 -4.04 51.85 10.55
C GLU C 333 -5.33 52.36 11.21
N PRO C 334 -6.28 51.47 11.48
CA PRO C 334 -7.47 51.88 12.23
C PRO C 334 -7.08 52.33 13.62
N PRO C 335 -7.81 53.30 14.19
CA PRO C 335 -7.47 53.77 15.53
C PRO C 335 -7.77 52.71 16.60
N LEU C 336 -6.92 52.71 17.63
CA LEU C 336 -7.06 51.75 18.72
C LEU C 336 -8.36 51.97 19.50
N GLU C 337 -8.91 53.18 19.48
CA GLU C 337 -10.15 53.46 20.20
C GLU C 337 -11.34 52.70 19.63
N GLU C 338 -11.22 52.17 18.41
CA GLU C 338 -12.31 51.43 17.76
C GLU C 338 -12.09 49.92 17.79
N LEU C 339 -11.26 49.42 18.69
CA LEU C 339 -10.99 47.98 18.72
C LEU C 339 -12.24 47.17 19.06
N GLY C 340 -13.01 47.63 20.03
CA GLY C 340 -14.21 46.95 20.45
C GLY C 340 -15.47 47.30 19.70
N TYR C 341 -15.39 48.18 18.71
CA TYR C 341 -16.59 48.56 17.96
C TYR C 341 -17.17 47.36 17.22
N HIS C 342 -18.50 47.36 17.09
CA HIS C 342 -19.25 46.42 16.24
C HIS C 342 -19.15 44.97 16.74
N ILE C 343 -19.49 44.76 18.00
CA ILE C 343 -19.64 43.40 18.52
C ILE C 343 -21.08 42.92 18.39
N TYR C 344 -22.04 43.72 18.81
CA TYR C 344 -23.46 43.44 18.65
C TYR C 344 -24.09 44.51 17.77
N SER C 345 -25.19 44.16 17.13
CA SER C 345 -25.94 45.11 16.32
C SER C 345 -27.15 45.65 17.10
N SER C 346 -27.45 46.93 16.88
CA SER C 346 -28.65 47.57 17.45
C SER C 346 -28.68 47.51 18.98
N ASP C 347 -27.51 47.54 19.61
CA ASP C 347 -27.39 47.45 21.06
C ASP C 347 -26.88 48.76 21.64
N PRO C 348 -27.14 49.01 22.93
CA PRO C 348 -26.58 50.21 23.58
C PRO C 348 -25.09 50.07 23.76
N PRO C 349 -24.37 51.19 23.92
CA PRO C 349 -22.92 51.10 24.09
C PRO C 349 -22.54 50.47 25.42
N PHE C 350 -21.40 49.78 25.42
CA PHE C 350 -20.84 49.17 26.62
C PHE C 350 -19.34 49.06 26.42
N GLU C 351 -18.64 48.63 27.47
CA GLU C 351 -17.19 48.49 27.41
C GLU C 351 -16.78 47.03 27.59
N VAL C 352 -15.75 46.62 26.84
CA VAL C 352 -15.23 45.26 26.89
C VAL C 352 -13.85 45.27 27.53
N ARG C 353 -13.51 44.14 28.14
CA ARG C 353 -12.25 43.98 28.85
C ARG C 353 -11.11 43.76 27.87
N GLY C 354 -9.99 44.43 28.11
CA GLY C 354 -8.80 44.31 27.31
C GLY C 354 -7.84 43.27 27.85
N ALA C 355 -6.54 43.55 27.69
CA ALA C 355 -5.53 42.60 28.13
C ALA C 355 -5.51 42.40 29.64
N ASN C 356 -5.95 43.39 30.41
CA ASN C 356 -6.16 43.24 31.84
C ASN C 356 -7.38 44.04 32.25
N GLN C 357 -7.79 43.88 33.50
CA GLN C 357 -9.06 44.47 33.95
C GLN C 357 -9.03 45.98 33.98
N TRP C 358 -7.88 46.61 33.77
CA TRP C 358 -7.82 48.07 33.74
C TRP C 358 -7.82 48.64 32.33
N ILE C 359 -7.76 47.80 31.31
CA ILE C 359 -7.92 48.25 29.93
C ILE C 359 -9.37 48.02 29.53
N LYS C 360 -10.07 49.09 29.20
CA LYS C 360 -11.48 49.03 28.83
C LYS C 360 -11.63 49.67 27.47
N PHE C 361 -12.12 48.91 26.51
CA PHE C 361 -12.39 49.40 25.17
C PHE C 361 -13.89 49.66 25.04
N LYS C 362 -14.24 50.83 24.54
CA LYS C 362 -15.66 51.13 24.31
C LYS C 362 -16.15 50.39 23.06
N SER C 363 -17.32 49.76 23.19
CA SER C 363 -17.93 49.00 22.11
C SER C 363 -19.23 49.69 21.70
N VAL C 364 -19.33 50.05 20.43
CA VAL C 364 -20.51 50.70 19.87
C VAL C 364 -21.00 49.85 18.71
N SER C 365 -22.32 49.74 18.58
CA SER C 365 -22.91 48.99 17.46
C SER C 365 -22.63 49.69 16.13
N GLY D 1 -55.55 38.12 39.05
CA GLY D 1 -55.92 37.42 37.83
C GLY D 1 -54.80 36.58 37.27
N SER D 2 -54.09 35.87 38.15
CA SER D 2 -52.95 35.06 37.76
C SER D 2 -53.38 33.65 37.36
N LEU D 3 -52.54 33.01 36.56
CA LEU D 3 -52.78 31.66 36.05
C LEU D 3 -51.62 30.76 36.43
N GLN D 4 -51.89 29.46 36.40
CA GLN D 4 -50.87 28.43 36.57
C GLN D 4 -50.36 28.02 35.18
N VAL D 5 -49.11 28.35 34.90
CA VAL D 5 -48.52 28.15 33.58
C VAL D 5 -47.22 27.37 33.73
N THR D 6 -47.06 26.33 32.92
CA THR D 6 -45.82 25.57 32.91
C THR D 6 -44.78 26.28 32.06
N VAL D 7 -43.51 25.99 32.34
CA VAL D 7 -42.42 26.59 31.58
C VAL D 7 -42.54 26.24 30.10
N ARG D 8 -42.96 25.01 29.81
CA ARG D 8 -43.21 24.61 28.43
C ARG D 8 -44.27 25.50 27.79
N ASP D 9 -45.35 25.79 28.51
CA ASP D 9 -46.38 26.66 27.97
C ASP D 9 -45.89 28.10 27.84
N ALA D 10 -45.00 28.54 28.75
CA ALA D 10 -44.52 29.90 28.68
C ALA D 10 -43.62 30.11 27.47
N ILE D 11 -42.75 29.13 27.15
CA ILE D 11 -41.96 29.21 25.93
C ILE D 11 -42.87 29.20 24.71
N ASN D 12 -43.89 28.35 24.73
CA ASN D 12 -44.83 28.27 23.61
C ASN D 12 -45.55 29.59 23.39
N GLN D 13 -45.93 30.27 24.48
CA GLN D 13 -46.54 31.59 24.37
C GLN D 13 -45.57 32.58 23.76
N GLY D 14 -44.30 32.53 24.19
CA GLY D 14 -43.32 33.48 23.69
C GLY D 14 -43.11 33.36 22.19
N MET D 15 -42.82 32.14 21.73
CA MET D 15 -42.59 31.93 20.30
C MET D 15 -43.82 32.27 19.48
N ASP D 16 -45.01 31.87 19.96
CA ASP D 16 -46.23 32.15 19.21
C ASP D 16 -46.43 33.66 19.03
N GLU D 17 -46.23 34.44 20.09
CA GLU D 17 -46.47 35.88 20.03
C GLU D 17 -45.47 36.57 19.11
N GLU D 18 -44.22 36.10 19.08
CA GLU D 18 -43.22 36.71 18.21
C GLU D 18 -43.42 36.31 16.75
N LEU D 19 -43.93 35.10 16.49
CA LEU D 19 -44.24 34.73 15.11
C LEU D 19 -45.35 35.61 14.54
N GLU D 20 -46.39 35.87 15.34
CA GLU D 20 -47.47 36.73 14.88
C GLU D 20 -47.01 38.18 14.71
N ARG D 21 -46.01 38.61 15.48
CA ARG D 21 -45.55 39.99 15.46
C ARG D 21 -44.73 40.29 14.21
N ASP D 22 -43.85 39.37 13.81
CA ASP D 22 -42.90 39.60 12.73
C ASP D 22 -42.90 38.39 11.80
N GLU D 23 -43.32 38.59 10.55
CA GLU D 23 -43.39 37.49 9.60
C GLU D 23 -42.02 36.97 9.20
N LYS D 24 -40.95 37.69 9.53
CA LYS D 24 -39.61 37.21 9.27
C LYS D 24 -39.18 36.13 10.26
N VAL D 25 -39.90 35.97 11.35
CA VAL D 25 -39.56 34.96 12.36
C VAL D 25 -40.08 33.61 11.91
N PHE D 26 -39.24 32.59 12.02
CA PHE D 26 -39.67 31.23 11.75
C PHE D 26 -38.90 30.28 12.65
N LEU D 27 -39.44 29.09 12.82
CA LEU D 27 -38.87 28.07 13.69
C LEU D 27 -38.52 26.85 12.87
N LEU D 28 -37.30 26.35 13.02
CA LEU D 28 -36.89 25.12 12.35
C LEU D 28 -36.15 24.24 13.34
N GLY D 29 -36.21 22.95 13.09
CA GLY D 29 -35.61 21.98 13.99
C GLY D 29 -36.24 20.62 13.77
N GLU D 30 -35.76 19.65 14.55
CA GLU D 30 -36.25 18.28 14.41
C GLU D 30 -37.53 18.11 15.21
N GLU D 31 -38.57 17.63 14.54
CA GLU D 31 -39.86 17.30 15.15
C GLU D 31 -40.59 18.53 15.68
N VAL D 32 -40.22 19.73 15.22
CA VAL D 32 -40.88 20.93 15.72
C VAL D 32 -42.28 21.11 15.14
N ALA D 33 -42.59 20.47 14.02
CA ALA D 33 -43.85 20.74 13.33
C ALA D 33 -44.93 19.72 13.67
N GLN D 34 -45.03 18.66 12.86
CA GLN D 34 -46.16 17.73 12.97
C GLN D 34 -46.13 16.94 14.26
N TYR D 35 -44.93 16.65 14.79
CA TYR D 35 -44.81 15.95 16.06
C TYR D 35 -45.15 16.83 17.26
N ASP D 36 -45.44 18.12 17.05
CA ASP D 36 -45.75 19.09 18.09
C ASP D 36 -44.58 19.39 19.01
N GLY D 37 -43.36 19.02 18.62
CA GLY D 37 -42.19 19.28 19.45
C GLY D 37 -41.68 18.06 20.16
N ALA D 38 -40.36 17.84 20.15
CA ALA D 38 -39.78 16.69 20.81
C ALA D 38 -40.14 16.64 22.29
N TYR D 39 -40.31 17.80 22.92
CA TYR D 39 -40.77 17.91 24.29
C TYR D 39 -42.04 18.73 24.35
N LYS D 40 -42.79 18.75 23.25
CA LYS D 40 -44.10 19.40 23.14
C LYS D 40 -44.01 20.90 23.42
N VAL D 41 -42.85 21.51 23.20
CA VAL D 41 -42.71 22.94 23.44
C VAL D 41 -43.36 23.75 22.33
N SER D 42 -43.28 23.27 21.09
CA SER D 42 -43.83 23.98 19.94
C SER D 42 -45.19 23.46 19.53
N ARG D 43 -45.99 23.00 20.50
CA ARG D 43 -47.31 22.45 20.22
C ARG D 43 -48.23 23.48 19.57
N GLY D 44 -48.95 23.05 18.54
CA GLY D 44 -49.93 23.88 17.88
C GLY D 44 -49.37 24.93 16.94
N LEU D 45 -48.05 25.14 16.92
CA LEU D 45 -47.48 26.19 16.08
C LEU D 45 -47.61 25.87 14.61
N TRP D 46 -47.36 24.62 14.22
CA TRP D 46 -47.46 24.26 12.80
C TRP D 46 -48.90 24.37 12.30
N LYS D 47 -49.88 23.99 13.13
CA LYS D 47 -51.28 24.12 12.71
C LYS D 47 -51.67 25.56 12.48
N LYS D 48 -51.00 26.50 13.14
CA LYS D 48 -51.35 27.91 13.06
C LYS D 48 -50.59 28.64 11.95
N TYR D 49 -49.33 28.26 11.68
CA TYR D 49 -48.49 29.02 10.77
C TYR D 49 -48.06 28.26 9.51
N GLY D 50 -48.03 26.94 9.54
CA GLY D 50 -47.84 26.17 8.33
C GLY D 50 -46.40 25.80 8.04
N ASP D 51 -46.24 25.18 6.85
CA ASP D 51 -44.92 24.67 6.45
C ASP D 51 -43.91 25.80 6.28
N LYS D 52 -44.38 27.01 5.95
CA LYS D 52 -43.45 28.09 5.68
C LYS D 52 -42.73 28.55 6.94
N ARG D 53 -43.43 28.56 8.09
CA ARG D 53 -42.88 29.15 9.30
C ARG D 53 -42.41 28.12 10.32
N ILE D 54 -42.93 26.90 10.28
CA ILE D 54 -42.54 25.84 11.21
C ILE D 54 -41.99 24.70 10.35
N ILE D 55 -40.67 24.54 10.33
CA ILE D 55 -39.98 23.73 9.34
C ILE D 55 -39.37 22.50 10.02
N ASP D 56 -39.89 21.32 9.66
CA ASP D 56 -39.29 20.07 10.10
C ASP D 56 -37.99 19.82 9.36
N THR D 57 -36.92 19.59 10.11
CA THR D 57 -35.64 19.37 9.47
C THR D 57 -35.18 17.93 9.65
N PRO D 58 -34.34 17.42 8.75
CA PRO D 58 -33.70 16.12 8.98
C PRO D 58 -32.70 16.23 10.12
N ILE D 59 -32.22 15.08 10.57
CA ILE D 59 -31.23 15.04 11.63
C ILE D 59 -29.86 15.38 11.04
N SER D 60 -29.60 16.67 10.85
CA SER D 60 -28.39 17.18 10.22
C SER D 60 -28.03 18.48 10.92
N GLU D 61 -27.49 18.37 12.13
CA GLU D 61 -27.30 19.52 13.00
C GLU D 61 -26.46 20.60 12.34
N MET D 62 -25.24 20.25 11.90
CA MET D 62 -24.38 21.24 11.26
C MET D 62 -25.06 21.87 10.07
N GLY D 63 -25.85 21.09 9.33
CA GLY D 63 -26.51 21.57 8.13
C GLY D 63 -27.63 22.56 8.37
N PHE D 64 -28.62 22.21 9.19
CA PHE D 64 -29.76 23.11 9.34
C PHE D 64 -29.45 24.25 10.29
N ALA D 65 -28.47 24.10 11.18
CA ALA D 65 -28.02 25.25 11.95
C ALA D 65 -27.37 26.28 11.04
N GLY D 66 -26.52 25.82 10.12
CA GLY D 66 -25.95 26.73 9.15
C GLY D 66 -27.00 27.35 8.25
N ILE D 67 -28.03 26.57 7.90
CA ILE D 67 -29.12 27.10 7.10
C ILE D 67 -29.83 28.22 7.85
N ALA D 68 -30.01 28.04 9.16
CA ALA D 68 -30.61 29.09 9.98
C ALA D 68 -29.74 30.34 9.98
N VAL D 69 -28.43 30.18 10.22
CA VAL D 69 -27.53 31.33 10.22
C VAL D 69 -27.52 32.01 8.87
N GLY D 70 -27.57 31.23 7.78
CA GLY D 70 -27.64 31.83 6.46
C GLY D 70 -28.91 32.64 6.28
N ALA D 71 -30.04 32.08 6.69
CA ALA D 71 -31.30 32.81 6.60
C ALA D 71 -31.26 34.08 7.45
N ALA D 72 -30.54 34.05 8.57
CA ALA D 72 -30.41 35.25 9.39
C ALA D 72 -29.61 36.33 8.67
N MET D 73 -28.55 35.93 7.96
CA MET D 73 -27.76 36.89 7.21
C MET D 73 -28.56 37.56 6.11
N ALA D 74 -29.50 36.84 5.51
CA ALA D 74 -30.30 37.40 4.42
C ALA D 74 -31.47 38.24 4.91
N GLY D 75 -31.59 38.46 6.22
CA GLY D 75 -32.59 39.36 6.77
C GLY D 75 -33.70 38.70 7.56
N LEU D 76 -33.77 37.37 7.63
CA LEU D 76 -34.79 36.70 8.40
C LEU D 76 -34.32 36.54 9.86
N ARG D 77 -35.26 36.10 10.71
CA ARG D 77 -35.02 35.99 12.15
C ARG D 77 -35.36 34.57 12.60
N PRO D 78 -34.51 33.60 12.27
CA PRO D 78 -34.83 32.20 12.55
C PRO D 78 -34.76 31.86 14.02
N ILE D 79 -35.47 30.80 14.37
CA ILE D 79 -35.37 30.15 15.69
C ILE D 79 -34.90 28.73 15.42
N CYS D 80 -33.64 28.46 15.74
CA CYS D 80 -33.03 27.17 15.49
C CYS D 80 -33.08 26.35 16.76
N GLU D 81 -33.83 25.25 16.75
CA GLU D 81 -33.96 24.40 17.93
C GLU D 81 -33.06 23.19 17.79
N PHE D 82 -32.24 22.94 18.81
CA PHE D 82 -31.57 21.65 18.96
C PHE D 82 -32.39 20.80 19.91
N MET D 83 -32.58 19.52 19.54
CA MET D 83 -33.42 18.65 20.36
C MET D 83 -32.90 18.58 21.80
N THR D 84 -31.58 18.44 21.95
CA THR D 84 -30.88 18.77 23.19
C THR D 84 -29.59 19.49 22.80
N PHE D 85 -29.00 20.19 23.76
CA PHE D 85 -27.77 20.90 23.43
C PHE D 85 -26.54 19.99 23.35
N ASN D 86 -26.64 18.72 23.76
CA ASN D 86 -25.57 17.78 23.46
C ASN D 86 -25.35 17.65 21.96
N PHE D 87 -26.44 17.72 21.20
CA PHE D 87 -26.39 17.57 19.75
C PHE D 87 -25.94 18.83 19.04
N SER D 88 -25.85 19.96 19.76
CA SER D 88 -25.36 21.18 19.15
C SER D 88 -23.87 21.14 18.88
N MET D 89 -23.14 20.24 19.55
CA MET D 89 -21.69 20.15 19.31
C MET D 89 -21.39 19.83 17.85
N GLN D 90 -22.28 19.11 17.16
CA GLN D 90 -22.08 18.88 15.74
C GLN D 90 -22.19 20.17 14.94
N ALA D 91 -22.92 21.15 15.45
CA ALA D 91 -23.16 22.40 14.73
C ALA D 91 -22.47 23.58 15.39
N ILE D 92 -21.58 23.34 16.35
CA ILE D 92 -21.06 24.43 17.17
C ILE D 92 -20.19 25.40 16.37
N ASP D 93 -19.59 24.95 15.25
CA ASP D 93 -18.81 25.86 14.43
C ASP D 93 -19.69 26.93 13.81
N GLN D 94 -20.92 26.57 13.41
CA GLN D 94 -21.80 27.56 12.83
C GLN D 94 -22.24 28.60 13.87
N VAL D 95 -22.37 28.19 15.14
CA VAL D 95 -22.76 29.15 16.17
C VAL D 95 -21.63 30.13 16.45
N ILE D 96 -20.40 29.62 16.55
CA ILE D 96 -19.25 30.42 16.96
C ILE D 96 -18.63 31.14 15.76
N ASN D 97 -18.23 30.38 14.75
CA ASN D 97 -17.46 30.97 13.66
C ASN D 97 -18.34 31.66 12.63
N SER D 98 -19.54 31.15 12.38
CA SER D 98 -20.39 31.72 11.35
C SER D 98 -21.34 32.80 11.88
N ALA D 99 -21.80 32.69 13.13
CA ALA D 99 -22.82 33.59 13.66
C ALA D 99 -22.29 34.63 14.64
N ALA D 100 -21.53 34.20 15.66
CA ALA D 100 -21.12 35.15 16.71
C ALA D 100 -20.10 36.16 16.18
N LYS D 101 -19.10 35.70 15.43
CA LYS D 101 -17.98 36.56 15.04
C LYS D 101 -18.24 37.38 13.77
N THR D 102 -19.37 37.16 13.09
CA THR D 102 -19.54 37.74 11.76
C THR D 102 -19.69 39.25 11.82
N TYR D 103 -20.52 39.75 12.73
CA TYR D 103 -20.75 41.19 12.81
C TYR D 103 -19.46 41.94 13.09
N TYR D 104 -18.59 41.38 13.93
CA TYR D 104 -17.31 42.03 14.21
C TYR D 104 -16.39 41.96 12.99
N MET D 105 -16.28 40.79 12.36
CA MET D 105 -15.42 40.67 11.19
C MET D 105 -15.92 41.52 10.03
N SER D 106 -17.23 41.68 9.90
CA SER D 106 -17.78 42.46 8.80
C SER D 106 -17.58 43.96 9.01
N GLY D 107 -17.05 44.38 10.15
CA GLY D 107 -16.91 45.79 10.44
C GLY D 107 -18.23 46.47 10.74
N GLY D 108 -19.22 45.71 11.22
CA GLY D 108 -20.51 46.27 11.52
C GLY D 108 -21.49 46.29 10.36
N LEU D 109 -21.31 45.43 9.37
CA LEU D 109 -22.16 45.44 8.18
C LEU D 109 -23.15 44.29 8.13
N GLN D 110 -22.80 43.10 8.64
CA GLN D 110 -23.61 41.91 8.50
C GLN D 110 -24.06 41.41 9.87
N PRO D 111 -25.25 41.82 10.34
CA PRO D 111 -25.77 41.28 11.59
C PRO D 111 -26.43 39.92 11.39
N VAL D 112 -26.46 39.15 12.47
CA VAL D 112 -26.98 37.78 12.44
C VAL D 112 -28.06 37.60 13.50
N PRO D 113 -29.30 38.03 13.23
CA PRO D 113 -30.38 37.83 14.21
C PRO D 113 -30.90 36.40 14.23
N ILE D 114 -30.44 35.61 15.20
CA ILE D 114 -30.77 34.19 15.26
C ILE D 114 -30.89 33.78 16.72
N VAL D 115 -31.72 32.78 16.99
CA VAL D 115 -31.88 32.24 18.33
C VAL D 115 -31.59 30.75 18.28
N PHE D 116 -30.76 30.28 19.21
CA PHE D 116 -30.48 28.86 19.40
C PHE D 116 -31.09 28.45 20.73
N ARG D 117 -32.15 27.65 20.69
CA ARG D 117 -32.84 27.24 21.90
C ARG D 117 -32.99 25.72 21.94
N GLY D 118 -33.23 25.21 23.16
CA GLY D 118 -33.34 23.80 23.39
C GLY D 118 -32.92 23.45 24.81
N PRO D 119 -33.27 22.25 25.27
CA PRO D 119 -32.91 21.85 26.64
C PRO D 119 -31.42 21.64 26.79
N ASN D 120 -30.93 21.91 27.99
CA ASN D 120 -29.51 21.87 28.32
C ASN D 120 -29.33 21.18 29.66
N GLY D 121 -28.22 20.48 29.81
CA GLY D 121 -27.88 19.93 31.11
C GLY D 121 -28.51 18.57 31.38
N ALA D 122 -28.56 18.25 32.66
CA ALA D 122 -28.92 16.91 33.10
C ALA D 122 -30.42 16.67 32.97
N SER D 123 -30.77 15.39 32.81
CA SER D 123 -32.16 15.00 32.67
C SER D 123 -32.47 13.90 33.69
N ALA D 124 -32.89 12.72 33.22
CA ALA D 124 -33.21 11.61 34.12
C ALA D 124 -32.90 10.30 33.39
N GLY D 125 -31.73 9.73 33.69
CA GLY D 125 -31.37 8.44 33.14
C GLY D 125 -30.92 8.46 31.70
N VAL D 126 -30.51 9.62 31.16
CA VAL D 126 -30.12 9.70 29.76
C VAL D 126 -28.62 9.51 29.54
N ALA D 127 -27.85 9.22 30.59
CA ALA D 127 -26.44 8.87 30.51
C ALA D 127 -25.54 10.01 30.04
N ALA D 128 -24.26 9.71 29.81
CA ALA D 128 -23.22 10.75 29.74
C ALA D 128 -23.34 11.60 28.48
N GLN D 129 -23.73 11.00 27.36
CA GLN D 129 -23.77 11.73 26.10
C GLN D 129 -25.01 12.60 25.96
N HIS D 130 -25.93 12.58 26.93
CA HIS D 130 -27.17 13.34 26.86
C HIS D 130 -27.38 14.23 28.08
N SER D 131 -26.33 14.47 28.88
CA SER D 131 -26.48 15.21 30.13
C SER D 131 -25.55 16.41 30.25
N GLN D 132 -24.83 16.78 29.20
CA GLN D 132 -23.83 17.82 29.32
C GLN D 132 -24.48 19.20 29.38
N CYS D 133 -23.91 20.08 30.22
CA CYS D 133 -24.32 21.47 30.33
C CYS D 133 -23.33 22.34 29.55
N PHE D 134 -23.84 23.24 28.72
CA PHE D 134 -23.00 24.06 27.85
C PHE D 134 -23.04 25.55 28.21
N ALA D 135 -23.38 25.88 29.45
CA ALA D 135 -23.48 27.28 29.85
C ALA D 135 -22.11 27.97 29.82
N ALA D 136 -21.09 27.32 30.36
CA ALA D 136 -19.76 27.92 30.37
C ALA D 136 -19.17 28.00 28.97
N TRP D 137 -19.40 26.96 28.15
CA TRP D 137 -18.85 26.95 26.80
C TRP D 137 -19.38 28.12 25.98
N TYR D 138 -20.71 28.26 25.90
CA TYR D 138 -21.26 29.33 25.07
C TYR D 138 -21.03 30.69 25.71
N GLY D 139 -21.04 30.77 27.05
CA GLY D 139 -20.75 32.03 27.71
C GLY D 139 -19.32 32.50 27.55
N HIS D 140 -18.44 31.60 27.11
CA HIS D 140 -17.03 31.93 26.93
C HIS D 140 -16.76 32.79 25.71
N CYS D 141 -17.73 32.92 24.79
CA CYS D 141 -17.44 33.41 23.45
C CYS D 141 -18.01 34.79 23.19
N PRO D 142 -17.17 35.75 22.78
CA PRO D 142 -17.68 37.07 22.39
C PRO D 142 -18.55 36.98 21.14
N GLY D 143 -19.42 37.97 21.02
CA GLY D 143 -20.38 38.02 19.94
C GLY D 143 -21.64 37.24 20.17
N LEU D 144 -21.68 36.38 21.19
CA LEU D 144 -22.87 35.66 21.59
C LEU D 144 -23.52 36.34 22.79
N LYS D 145 -24.80 36.03 22.97
CA LYS D 145 -25.50 36.29 24.22
C LYS D 145 -26.09 34.97 24.69
N VAL D 146 -25.88 34.65 25.96
CA VAL D 146 -26.28 33.36 26.52
C VAL D 146 -27.19 33.59 27.71
N VAL D 147 -28.37 32.97 27.67
CA VAL D 147 -29.34 33.06 28.74
C VAL D 147 -29.71 31.66 29.22
N SER D 148 -30.20 31.58 30.44
CA SER D 148 -30.53 30.30 31.07
C SER D 148 -31.74 30.50 31.97
N PRO D 149 -32.94 30.32 31.43
CA PRO D 149 -34.14 30.58 32.23
C PRO D 149 -34.35 29.49 33.27
N TRP D 150 -35.14 29.85 34.29
CA TRP D 150 -35.54 28.91 35.35
C TRP D 150 -37.04 28.65 35.30
N ASN D 151 -37.86 29.63 35.68
CA ASN D 151 -39.29 29.44 35.82
C ASN D 151 -40.03 29.92 34.56
N SER D 152 -41.35 30.02 34.67
CA SER D 152 -42.17 30.37 33.52
C SER D 152 -41.96 31.82 33.11
N GLU D 153 -41.90 32.74 34.09
CA GLU D 153 -41.60 34.14 33.78
C GLU D 153 -40.28 34.25 33.03
N ASP D 154 -39.23 33.60 33.55
CA ASP D 154 -37.93 33.65 32.90
C ASP D 154 -38.02 33.18 31.45
N ALA D 155 -38.70 32.07 31.22
CA ALA D 155 -38.70 31.46 29.89
C ALA D 155 -39.37 32.36 28.86
N LYS D 156 -40.58 32.85 29.15
CA LYS D 156 -41.28 33.66 28.16
C LYS D 156 -40.59 35.02 27.94
N GLY D 157 -40.19 35.68 29.03
CA GLY D 157 -39.56 36.99 28.89
C GLY D 157 -38.24 36.94 28.14
N LEU D 158 -37.44 35.91 28.39
CA LEU D 158 -36.14 35.80 27.72
C LEU D 158 -36.28 35.34 26.27
N ILE D 159 -37.22 34.42 25.99
CA ILE D 159 -37.37 33.93 24.63
C ILE D 159 -37.88 35.04 23.72
N LYS D 160 -38.67 35.97 24.25
CA LYS D 160 -39.12 37.10 23.44
C LYS D 160 -38.00 38.11 23.24
N SER D 161 -37.18 38.33 24.27
CA SER D 161 -36.02 39.21 24.10
C SER D 161 -35.01 38.61 23.14
N ALA D 162 -34.82 37.30 23.20
CA ALA D 162 -33.86 36.65 22.30
C ALA D 162 -34.26 36.83 20.85
N ILE D 163 -35.55 36.73 20.54
CA ILE D 163 -35.99 36.83 19.16
C ILE D 163 -35.87 38.27 18.65
N ARG D 164 -36.15 39.24 19.51
CA ARG D 164 -36.09 40.64 19.11
C ARG D 164 -34.65 41.18 19.04
N ASP D 165 -33.69 40.49 19.65
CA ASP D 165 -32.30 40.93 19.56
C ASP D 165 -31.72 40.62 18.19
N ASN D 166 -30.96 41.56 17.65
CA ASN D 166 -30.40 41.45 16.30
C ASN D 166 -29.10 40.64 16.26
N ASN D 167 -28.84 39.82 17.27
CA ASN D 167 -27.57 39.10 17.37
C ASN D 167 -27.83 37.65 17.75
N PRO D 168 -26.84 36.76 17.62
CA PRO D 168 -27.05 35.36 18.03
C PRO D 168 -27.26 35.26 19.53
N VAL D 169 -28.38 34.67 19.92
CA VAL D 169 -28.72 34.45 21.33
C VAL D 169 -28.92 32.96 21.54
N VAL D 170 -28.24 32.41 22.54
CA VAL D 170 -28.39 31.01 22.94
C VAL D 170 -29.29 30.94 24.15
N VAL D 171 -30.35 30.15 24.07
CA VAL D 171 -31.32 30.01 25.16
C VAL D 171 -31.21 28.58 25.67
N LEU D 172 -30.53 28.39 26.79
CA LEU D 172 -30.32 27.08 27.39
C LEU D 172 -31.50 26.76 28.30
N GLU D 173 -32.42 25.94 27.80
CA GLU D 173 -33.61 25.56 28.54
C GLU D 173 -33.30 24.33 29.40
N ASN D 174 -34.32 23.81 30.09
CA ASN D 174 -34.15 22.65 30.94
C ASN D 174 -35.38 21.76 30.82
N GLU D 175 -35.17 20.47 30.55
CA GLU D 175 -36.30 19.58 30.29
C GLU D 175 -37.10 19.33 31.56
N LEU D 176 -36.42 19.14 32.69
CA LEU D 176 -37.15 18.86 33.92
C LEU D 176 -37.95 20.06 34.41
N MET D 177 -37.66 21.25 33.89
CA MET D 177 -38.45 22.43 34.22
C MET D 177 -39.65 22.61 33.30
N TYR D 178 -39.70 21.91 32.17
CA TYR D 178 -40.75 22.14 31.17
C TYR D 178 -42.14 21.96 31.78
N GLY D 179 -42.34 20.89 32.54
CA GLY D 179 -43.63 20.56 33.10
C GLY D 179 -43.94 21.17 34.45
N VAL D 180 -43.09 22.06 34.95
CA VAL D 180 -43.27 22.64 36.27
C VAL D 180 -44.14 23.89 36.16
N PRO D 181 -45.24 23.97 36.91
CA PRO D 181 -46.11 25.15 36.87
C PRO D 181 -45.67 26.23 37.85
N PHE D 182 -45.94 27.48 37.46
CA PHE D 182 -45.66 28.63 38.29
C PHE D 182 -46.82 29.61 38.17
N GLU D 183 -46.99 30.43 39.21
CA GLU D 183 -47.97 31.51 39.15
C GLU D 183 -47.55 32.53 38.09
N PHE D 184 -48.41 32.74 37.11
CA PHE D 184 -48.14 33.60 35.97
C PHE D 184 -48.93 34.90 36.13
N PRO D 185 -48.28 36.01 36.49
CA PRO D 185 -49.01 37.24 36.77
C PRO D 185 -49.55 37.87 35.49
N PRO D 186 -50.51 38.80 35.60
CA PRO D 186 -51.08 39.39 34.37
C PRO D 186 -50.06 40.11 33.51
N GLU D 187 -48.99 40.63 34.11
CA GLU D 187 -47.97 41.33 33.32
C GLU D 187 -47.25 40.38 32.39
N ALA D 188 -47.04 39.13 32.80
CA ALA D 188 -46.35 38.17 31.96
C ALA D 188 -47.27 37.61 30.87
N GLN D 189 -48.58 37.61 31.09
CA GLN D 189 -49.51 37.12 30.09
C GLN D 189 -49.62 38.04 28.88
N SER D 190 -49.16 39.28 28.99
CA SER D 190 -49.26 40.22 27.88
C SER D 190 -48.31 39.84 26.76
N LYS D 191 -48.63 40.28 25.55
CA LYS D 191 -47.76 40.05 24.40
C LYS D 191 -46.55 40.97 24.39
N ASP D 192 -46.49 41.94 25.31
CA ASP D 192 -45.39 42.90 25.40
C ASP D 192 -44.44 42.59 26.55
N PHE D 193 -44.57 41.41 27.17
CA PHE D 193 -43.74 41.05 28.31
C PHE D 193 -42.32 40.73 27.85
N LEU D 194 -41.35 41.48 28.36
CA LEU D 194 -39.94 41.27 28.02
C LEU D 194 -39.11 41.27 29.30
N ILE D 195 -38.15 40.36 29.35
CA ILE D 195 -37.14 40.33 30.41
C ILE D 195 -35.79 40.70 29.77
N PRO D 196 -35.16 41.79 30.18
CA PRO D 196 -33.93 42.21 29.51
C PRO D 196 -32.79 41.22 29.74
N ILE D 197 -32.02 41.00 28.67
CA ILE D 197 -30.82 40.18 28.78
C ILE D 197 -29.74 40.99 29.50
N GLY D 198 -29.13 40.37 30.50
CA GLY D 198 -28.03 40.99 31.22
C GLY D 198 -28.38 41.52 32.60
N LYS D 199 -29.58 41.26 33.10
CA LYS D 199 -29.99 41.66 34.44
C LYS D 199 -30.48 40.44 35.19
N ALA D 200 -29.95 40.22 36.39
CA ALA D 200 -30.37 39.10 37.22
C ALA D 200 -31.55 39.52 38.08
N LYS D 201 -32.24 38.52 38.63
CA LYS D 201 -33.40 38.76 39.48
C LYS D 201 -33.16 38.13 40.85
N ILE D 202 -33.46 38.89 41.89
CA ILE D 202 -33.39 38.38 43.26
C ILE D 202 -34.70 37.65 43.54
N GLU D 203 -34.62 36.34 43.74
CA GLU D 203 -35.82 35.55 44.01
C GLU D 203 -36.19 35.52 45.48
N ARG D 204 -35.27 35.88 46.37
CA ARG D 204 -35.53 35.87 47.80
C ARG D 204 -34.59 36.86 48.48
N GLN D 205 -35.14 37.78 49.27
CA GLN D 205 -34.33 38.74 50.01
C GLN D 205 -33.69 38.07 51.22
N GLY D 206 -32.41 38.37 51.44
CA GLY D 206 -31.67 37.81 52.56
C GLY D 206 -30.57 38.75 53.02
N THR D 207 -29.99 38.41 54.17
CA THR D 207 -28.94 39.24 54.78
C THR D 207 -27.73 38.47 55.26
N HIS D 208 -27.75 37.14 55.26
CA HIS D 208 -26.66 36.36 55.83
C HIS D 208 -25.73 35.77 54.78
N ILE D 209 -26.22 35.48 53.58
CA ILE D 209 -25.39 34.85 52.57
C ILE D 209 -26.05 35.05 51.20
N THR D 210 -25.22 35.27 50.19
CA THR D 210 -25.69 35.40 48.81
C THR D 210 -25.51 34.08 48.08
N VAL D 211 -26.59 33.57 47.51
CA VAL D 211 -26.59 32.31 46.78
C VAL D 211 -26.99 32.61 45.35
N VAL D 212 -26.05 32.41 44.43
CA VAL D 212 -26.25 32.71 43.01
C VAL D 212 -26.32 31.39 42.24
N SER D 213 -27.29 31.29 41.34
CA SER D 213 -27.49 30.07 40.58
C SER D 213 -28.21 30.42 39.28
N HIS D 214 -28.43 29.41 38.44
CA HIS D 214 -29.18 29.56 37.19
C HIS D 214 -29.82 28.23 36.82
N SER D 215 -30.93 28.30 36.12
CA SER D 215 -31.66 27.11 35.64
C SER D 215 -32.22 26.34 36.85
N ARG D 216 -32.40 25.03 36.69
CA ARG D 216 -33.08 24.22 37.71
C ARG D 216 -32.52 24.35 39.13
N PRO D 217 -31.21 24.40 39.37
CA PRO D 217 -30.75 24.50 40.75
C PRO D 217 -31.23 25.73 41.51
N VAL D 218 -31.78 26.74 40.83
CA VAL D 218 -32.35 27.89 41.53
C VAL D 218 -33.47 27.43 42.46
N GLY D 219 -34.29 26.48 42.01
CA GLY D 219 -35.33 25.94 42.86
C GLY D 219 -34.77 25.23 44.08
N HIS D 220 -33.66 24.51 43.91
CA HIS D 220 -33.02 23.86 45.05
C HIS D 220 -32.44 24.89 46.02
N CYS D 221 -31.94 26.02 45.50
CA CYS D 221 -31.46 27.08 46.38
C CYS D 221 -32.59 27.67 47.20
N LEU D 222 -33.77 27.85 46.59
CA LEU D 222 -34.93 28.32 47.34
C LEU D 222 -35.38 27.30 48.37
N GLU D 223 -35.31 26.01 48.04
CA GLU D 223 -35.63 24.99 49.02
C GLU D 223 -34.64 25.01 50.18
N ALA D 224 -33.35 25.17 49.88
CA ALA D 224 -32.35 25.30 50.95
C ALA D 224 -32.60 26.54 51.78
N ALA D 225 -32.92 27.66 51.12
CA ALA D 225 -33.16 28.90 51.84
C ALA D 225 -34.34 28.77 52.77
N ALA D 226 -35.36 27.99 52.39
CA ALA D 226 -36.52 27.80 53.26
C ALA D 226 -36.15 26.97 54.49
N VAL D 227 -35.28 25.98 54.31
CA VAL D 227 -34.86 25.13 55.42
C VAL D 227 -33.99 25.94 56.39
N LEU D 228 -33.04 26.71 55.86
CA LEU D 228 -32.15 27.48 56.71
C LEU D 228 -32.87 28.64 57.39
N SER D 229 -33.97 29.11 56.79
CA SER D 229 -34.72 30.21 57.37
C SER D 229 -35.32 29.82 58.72
N LYS D 230 -35.72 28.55 58.87
CA LYS D 230 -36.19 28.06 60.14
C LYS D 230 -35.10 27.98 61.20
N GLU D 231 -33.83 28.10 60.81
CA GLU D 231 -32.71 28.08 61.73
C GLU D 231 -32.11 29.47 61.95
N GLY D 232 -32.73 30.51 61.40
CA GLY D 232 -32.26 31.87 61.58
C GLY D 232 -31.23 32.33 60.59
N VAL D 233 -31.12 31.68 59.44
CA VAL D 233 -30.15 32.03 58.41
C VAL D 233 -30.94 32.50 57.20
N GLU D 234 -30.79 33.79 56.87
CA GLU D 234 -31.52 34.40 55.76
C GLU D 234 -30.63 34.39 54.52
N CYS D 235 -31.00 33.58 53.53
CA CYS D 235 -30.27 33.51 52.26
C CYS D 235 -30.87 34.49 51.26
N GLU D 236 -30.00 35.10 50.47
CA GLU D 236 -30.42 35.95 49.35
C GLU D 236 -30.17 35.16 48.07
N VAL D 237 -31.22 34.57 47.53
CA VAL D 237 -31.10 33.73 46.34
C VAL D 237 -31.22 34.61 45.11
N ILE D 238 -30.23 34.49 44.20
CA ILE D 238 -30.15 35.30 43.00
C ILE D 238 -30.22 34.39 41.78
N ASN D 239 -31.12 34.72 40.87
CA ASN D 239 -31.32 33.97 39.63
C ASN D 239 -30.62 34.75 38.51
N MET D 240 -29.52 34.19 38.00
CA MET D 240 -28.70 34.91 37.02
C MET D 240 -29.50 35.29 35.79
N ARG D 241 -30.30 34.35 35.28
CA ARG D 241 -31.04 34.51 34.03
C ARG D 241 -30.11 34.59 32.83
N THR D 242 -29.13 35.50 32.87
CA THR D 242 -28.20 35.70 31.76
C THR D 242 -26.82 35.14 32.13
N ILE D 243 -26.24 34.36 31.22
CA ILE D 243 -24.88 33.86 31.40
C ILE D 243 -23.84 34.82 30.80
N ARG D 244 -24.11 35.33 29.60
CA ARG D 244 -23.26 36.33 28.99
C ARG D 244 -24.11 37.39 28.29
N PRO D 245 -24.00 38.67 28.68
CA PRO D 245 -23.16 39.20 29.77
C PRO D 245 -23.84 39.12 31.13
N MET D 246 -23.22 38.42 32.07
CA MET D 246 -23.84 38.23 33.38
C MET D 246 -23.91 39.54 34.15
N ASP D 247 -24.83 39.58 35.11
CA ASP D 247 -25.10 40.78 35.90
C ASP D 247 -24.29 40.70 37.18
N MET D 248 -23.05 41.18 37.12
CA MET D 248 -22.20 41.15 38.30
C MET D 248 -22.54 42.25 39.31
N GLU D 249 -23.11 43.36 38.84
CA GLU D 249 -23.48 44.44 39.77
C GLU D 249 -24.50 43.97 40.79
N THR D 250 -25.44 43.13 40.38
CA THR D 250 -26.44 42.61 41.32
C THR D 250 -25.80 41.68 42.34
N ILE D 251 -24.87 40.84 41.91
CA ILE D 251 -24.17 39.96 42.86
C ILE D 251 -23.28 40.79 43.78
N GLU D 252 -22.55 41.75 43.22
CA GLU D 252 -21.67 42.58 44.03
C GLU D 252 -22.46 43.34 45.09
N ALA D 253 -23.59 43.95 44.69
CA ALA D 253 -24.41 44.69 45.64
C ALA D 253 -24.94 43.80 46.75
N SER D 254 -25.22 42.53 46.46
CA SER D 254 -25.69 41.61 47.49
C SER D 254 -24.58 41.23 48.45
N VAL D 255 -23.39 40.93 47.93
CA VAL D 255 -22.27 40.52 48.78
C VAL D 255 -21.90 41.64 49.75
N MET D 256 -22.01 42.90 49.30
CA MET D 256 -21.71 44.03 50.16
C MET D 256 -22.62 44.09 51.37
N LYS D 257 -23.75 43.39 51.33
CA LYS D 257 -24.67 43.30 52.45
C LYS D 257 -24.52 42.00 53.24
N THR D 258 -24.29 40.89 52.57
CA THR D 258 -24.25 39.58 53.23
C THR D 258 -22.86 39.15 53.68
N ASN D 259 -21.82 39.64 53.01
CA ASN D 259 -20.42 39.31 53.28
C ASN D 259 -20.08 37.85 52.99
N HIS D 260 -20.97 37.08 52.36
CA HIS D 260 -20.72 35.69 52.03
C HIS D 260 -21.36 35.35 50.69
N LEU D 261 -20.70 34.46 49.94
CA LEU D 261 -21.14 34.13 48.59
C LEU D 261 -20.98 32.65 48.33
N VAL D 262 -22.04 32.02 47.81
CA VAL D 262 -22.02 30.64 47.33
C VAL D 262 -22.67 30.59 45.97
N THR D 263 -22.00 29.99 45.00
CA THR D 263 -22.57 29.77 43.68
C THR D 263 -23.00 28.31 43.54
N VAL D 264 -24.14 28.11 42.87
CA VAL D 264 -24.70 26.78 42.66
C VAL D 264 -25.01 26.61 41.17
N GLU D 265 -24.49 25.54 40.57
CA GLU D 265 -24.69 25.29 39.15
C GLU D 265 -24.77 23.79 38.90
N GLY D 266 -25.40 23.43 37.78
CA GLY D 266 -25.55 22.03 37.42
C GLY D 266 -24.38 21.45 36.66
N GLY D 267 -23.64 22.28 35.94
CA GLY D 267 -22.58 21.83 35.05
C GLY D 267 -21.31 21.38 35.76
N TRP D 268 -20.31 21.08 34.95
CA TRP D 268 -19.03 20.60 35.46
C TRP D 268 -18.27 21.72 36.19
N PRO D 269 -17.47 21.38 37.20
CA PRO D 269 -16.86 22.42 38.04
C PRO D 269 -15.78 23.22 37.36
N GLN D 270 -14.78 22.54 36.79
CA GLN D 270 -13.59 23.21 36.27
C GLN D 270 -13.91 24.08 35.07
N PHE D 271 -13.52 25.36 35.14
CA PHE D 271 -13.77 26.36 34.11
C PHE D 271 -15.27 26.58 33.87
N GLY D 272 -16.07 26.47 34.92
CA GLY D 272 -17.51 26.60 34.82
C GLY D 272 -18.01 28.00 35.18
N VAL D 273 -19.33 28.08 35.37
CA VAL D 273 -19.96 29.37 35.67
C VAL D 273 -19.50 29.89 37.02
N GLY D 274 -19.49 29.02 38.03
CA GLY D 274 -19.04 29.44 39.35
C GLY D 274 -17.61 29.97 39.35
N ALA D 275 -16.75 29.42 38.50
CA ALA D 275 -15.37 29.88 38.45
C ALA D 275 -15.30 31.33 37.99
N GLU D 276 -16.15 31.72 37.04
CA GLU D 276 -16.13 33.10 36.57
C GLU D 276 -16.68 34.04 37.64
N ILE D 277 -17.76 33.65 38.31
CA ILE D 277 -18.33 34.48 39.35
C ILE D 277 -17.32 34.71 40.47
N CYS D 278 -16.63 33.65 40.89
CA CYS D 278 -15.65 33.77 41.96
C CYS D 278 -14.46 34.61 41.52
N ALA D 279 -13.99 34.43 40.28
CA ALA D 279 -12.89 35.22 39.78
C ALA D 279 -13.27 36.69 39.65
N ARG D 280 -14.51 36.95 39.24
CA ARG D 280 -14.96 38.32 39.07
C ARG D 280 -15.20 39.00 40.42
N ILE D 281 -15.63 38.24 41.43
CA ILE D 281 -15.85 38.83 42.75
C ILE D 281 -14.51 39.19 43.38
N MET D 282 -13.45 38.47 43.04
CA MET D 282 -12.12 38.74 43.58
C MET D 282 -11.48 39.95 42.90
N GLU D 283 -11.70 40.11 41.60
CA GLU D 283 -11.21 41.28 40.88
C GLU D 283 -12.03 42.53 41.15
N GLY D 284 -13.24 42.40 41.68
CA GLY D 284 -14.16 43.51 41.74
C GLY D 284 -14.15 44.26 43.06
N PRO D 285 -15.10 45.18 43.21
CA PRO D 285 -15.14 46.02 44.42
C PRO D 285 -15.68 45.32 45.66
N ALA D 286 -16.27 44.15 45.50
CA ALA D 286 -16.89 43.44 46.61
C ALA D 286 -15.93 42.53 47.35
N PHE D 287 -14.69 42.38 46.88
CA PHE D 287 -13.80 41.39 47.49
C PHE D 287 -13.53 41.70 48.96
N ASN D 288 -13.33 42.97 49.29
CA ASN D 288 -13.05 43.33 50.67
C ASN D 288 -14.24 43.10 51.59
N PHE D 289 -15.45 42.94 51.05
CA PHE D 289 -16.63 42.71 51.86
C PHE D 289 -16.82 41.25 52.25
N LEU D 290 -16.02 40.33 51.70
CA LEU D 290 -16.17 38.92 52.02
C LEU D 290 -15.56 38.62 53.38
N ASP D 291 -16.36 38.07 54.29
CA ASP D 291 -15.88 37.57 55.57
C ASP D 291 -15.48 36.10 55.51
N ALA D 292 -15.66 35.46 54.36
CA ALA D 292 -15.28 34.07 54.16
C ALA D 292 -15.06 33.87 52.66
N PRO D 293 -14.23 32.91 52.28
CA PRO D 293 -14.04 32.65 50.85
C PRO D 293 -15.33 32.14 50.20
N ALA D 294 -15.49 32.49 48.93
CA ALA D 294 -16.63 32.03 48.15
C ALA D 294 -16.40 30.60 47.69
N VAL D 295 -17.42 29.76 47.83
CA VAL D 295 -17.32 28.36 47.49
C VAL D 295 -18.31 28.03 46.38
N ARG D 296 -17.99 26.99 45.62
CA ARG D 296 -18.77 26.60 44.45
C ARG D 296 -19.49 25.29 44.72
N VAL D 297 -20.78 25.25 44.41
CA VAL D 297 -21.56 24.02 44.36
C VAL D 297 -21.85 23.71 42.91
N THR D 298 -21.33 22.59 42.42
CA THR D 298 -21.42 22.22 41.02
C THR D 298 -21.86 20.77 40.90
N GLY D 299 -21.97 20.29 39.66
CA GLY D 299 -22.11 18.87 39.44
C GLY D 299 -20.80 18.13 39.68
N ALA D 300 -20.90 16.83 39.85
CA ALA D 300 -19.71 16.01 40.08
C ALA D 300 -18.81 16.02 38.85
N ASP D 301 -17.51 15.86 39.08
CA ASP D 301 -16.52 15.97 38.01
C ASP D 301 -16.38 14.68 37.20
N VAL D 302 -17.50 14.12 36.74
CA VAL D 302 -17.51 12.86 36.00
C VAL D 302 -18.46 12.96 34.83
N PRO D 303 -18.29 12.12 33.81
CA PRO D 303 -19.38 11.91 32.84
C PRO D 303 -20.60 11.38 33.58
N MET D 304 -21.78 11.79 33.11
CA MET D 304 -23.01 11.47 33.87
C MET D 304 -23.26 9.97 33.89
N PRO D 305 -23.32 9.34 35.06
CA PRO D 305 -23.65 7.92 35.12
C PRO D 305 -25.15 7.69 34.97
N TYR D 306 -25.50 6.44 34.69
CA TYR D 306 -26.89 6.07 34.42
C TYR D 306 -27.66 5.70 35.69
N ALA D 307 -27.05 4.93 36.59
CA ALA D 307 -27.74 4.43 37.75
C ALA D 307 -28.33 5.56 38.58
N LYS D 308 -29.51 5.30 39.17
CA LYS D 308 -30.23 6.34 39.89
C LYS D 308 -29.43 6.87 41.06
N ILE D 309 -28.84 5.98 41.85
CA ILE D 309 -28.07 6.42 43.01
C ILE D 309 -26.85 7.22 42.58
N LEU D 310 -26.26 6.85 41.44
CA LEU D 310 -25.08 7.55 40.95
C LEU D 310 -25.45 8.89 40.33
N GLU D 311 -26.53 8.94 39.54
CA GLU D 311 -26.93 10.19 38.94
C GLU D 311 -27.39 11.20 40.01
N ASP D 312 -28.08 10.72 41.05
CA ASP D 312 -28.53 11.61 42.11
C ASP D 312 -27.37 12.30 42.80
N ASN D 313 -26.24 11.62 42.90
CA ASN D 313 -25.06 12.18 43.55
C ASN D 313 -24.10 12.86 42.58
N SER D 314 -24.44 12.95 41.31
CA SER D 314 -23.65 13.73 40.36
C SER D 314 -24.25 15.10 40.10
N ILE D 315 -25.32 15.46 40.79
CA ILE D 315 -26.06 16.70 40.62
C ILE D 315 -26.17 17.38 41.99
N PRO D 316 -26.09 18.71 42.07
CA PRO D 316 -26.27 19.37 43.36
C PRO D 316 -27.64 19.06 43.95
N GLN D 317 -27.64 18.56 45.17
CA GLN D 317 -28.85 18.33 45.94
C GLN D 317 -29.03 19.45 46.95
N VAL D 318 -30.23 19.51 47.53
CA VAL D 318 -30.52 20.56 48.49
C VAL D 318 -29.59 20.46 49.70
N LYS D 319 -29.28 19.24 50.13
CA LYS D 319 -28.39 19.08 51.27
C LYS D 319 -26.97 19.52 50.94
N ASP D 320 -26.57 19.41 49.67
CA ASP D 320 -25.25 19.88 49.27
C ASP D 320 -25.16 21.40 49.32
N ILE D 321 -26.26 22.09 49.00
CA ILE D 321 -26.28 23.55 49.10
C ILE D 321 -26.25 23.98 50.55
N ILE D 322 -27.05 23.34 51.39
CA ILE D 322 -27.05 23.65 52.83
C ILE D 322 -25.67 23.39 53.43
N PHE D 323 -25.03 22.29 53.02
CA PHE D 323 -23.72 21.96 53.56
C PHE D 323 -22.70 23.04 53.22
N ALA D 324 -22.68 23.49 51.97
CA ALA D 324 -21.74 24.54 51.57
C ALA D 324 -22.05 25.87 52.27
N ILE D 325 -23.34 26.17 52.48
CA ILE D 325 -23.72 27.41 53.16
C ILE D 325 -23.25 27.39 54.61
N LYS D 326 -23.45 26.27 55.31
CA LYS D 326 -23.02 26.21 56.71
C LYS D 326 -21.50 26.23 56.84
N LYS D 327 -20.78 25.71 55.84
CA LYS D 327 -19.33 25.82 55.84
C LYS D 327 -18.88 27.28 55.72
N THR D 328 -19.50 28.03 54.82
CA THR D 328 -19.13 29.42 54.61
C THR D 328 -19.44 30.26 55.85
N LEU D 329 -20.55 29.98 56.52
CA LEU D 329 -20.97 30.72 57.71
C LEU D 329 -20.41 30.13 58.99
N ASN D 330 -19.66 29.03 58.90
CA ASN D 330 -19.05 28.38 60.06
C ASN D 330 -20.08 28.03 61.13
N ILE D 331 -21.18 27.40 60.71
CA ILE D 331 -22.23 26.98 61.65
C ILE D 331 -22.56 25.52 61.45
N SER E 4 37.28 -28.06 43.17
CA SER E 4 36.91 -29.24 42.38
C SER E 4 35.87 -28.88 41.31
N PHE E 5 35.69 -29.80 40.35
CA PHE E 5 34.76 -29.65 39.23
C PHE E 5 33.92 -30.92 39.10
N ALA E 6 33.00 -30.89 38.14
CA ALA E 6 32.11 -31.98 37.83
C ALA E 6 32.39 -32.46 36.41
N ASN E 7 32.25 -33.77 36.17
CA ASN E 7 32.58 -34.30 34.85
C ASN E 7 31.49 -33.98 33.84
N ASP E 8 30.22 -34.07 34.25
CA ASP E 8 29.10 -33.85 33.35
C ASP E 8 27.94 -33.22 34.11
N ALA E 9 26.94 -32.80 33.35
CA ALA E 9 25.73 -32.20 33.90
C ALA E 9 24.60 -32.37 32.90
N THR E 10 23.39 -32.52 33.41
CA THR E 10 22.22 -32.68 32.58
C THR E 10 21.56 -31.33 32.33
N PHE E 11 21.13 -31.09 31.10
CA PHE E 11 20.50 -29.83 30.73
C PHE E 11 19.23 -30.11 29.95
N GLU E 12 18.20 -29.29 30.20
CA GLU E 12 16.95 -29.38 29.46
C GLU E 12 17.01 -28.52 28.21
N ILE E 13 16.69 -29.13 27.06
CA ILE E 13 16.70 -28.46 25.76
C ILE E 13 15.28 -28.42 25.22
N LYS E 14 15.02 -27.44 24.36
CA LYS E 14 13.67 -27.23 23.85
C LYS E 14 13.20 -28.42 23.01
N LYS E 15 11.90 -28.72 23.11
CA LYS E 15 11.31 -29.83 22.36
C LYS E 15 11.06 -29.40 20.93
N CYS E 16 11.52 -30.20 19.98
CA CYS E 16 11.38 -29.87 18.56
C CYS E 16 9.97 -30.16 18.08
N ASP E 17 9.41 -29.21 17.31
CA ASP E 17 8.17 -29.47 16.61
C ASP E 17 8.43 -30.44 15.47
N LEU E 18 7.58 -31.46 15.34
CA LEU E 18 7.83 -32.55 14.41
C LEU E 18 6.92 -32.44 13.19
N HIS E 19 7.36 -33.05 12.10
CA HIS E 19 6.60 -33.16 10.87
C HIS E 19 6.87 -34.53 10.26
N ARG E 20 5.82 -35.36 10.18
CA ARG E 20 5.93 -36.72 9.67
C ARG E 20 6.99 -37.51 10.44
N LEU E 21 7.00 -37.31 11.76
CA LEU E 21 7.82 -38.07 12.69
C LEU E 21 7.00 -38.28 13.95
N GLU E 22 7.03 -39.50 14.48
CA GLU E 22 6.29 -39.77 15.72
C GLU E 22 7.09 -39.33 16.94
N GLU E 23 8.37 -39.66 16.99
CA GLU E 23 9.25 -39.28 18.09
C GLU E 23 10.43 -38.48 17.55
N GLY E 24 10.81 -37.45 18.30
CA GLY E 24 11.91 -36.57 17.92
C GLY E 24 13.10 -36.69 18.84
N PRO E 25 13.99 -35.70 18.80
CA PRO E 25 15.18 -35.73 19.66
C PRO E 25 14.79 -35.60 21.11
N PRO E 26 15.63 -36.08 22.03
CA PRO E 26 15.30 -35.98 23.46
C PRO E 26 15.24 -34.53 23.91
N VAL E 27 14.50 -34.32 25.00
CA VAL E 27 14.38 -33.00 25.62
C VAL E 27 15.38 -32.82 26.75
N THR E 28 16.26 -33.81 26.94
CA THR E 28 17.32 -33.75 27.93
C THR E 28 18.61 -34.27 27.30
N THR E 29 19.74 -33.70 27.73
CA THR E 29 21.03 -34.14 27.22
C THR E 29 22.08 -33.94 28.29
N VAL E 30 23.15 -34.71 28.19
CA VAL E 30 24.27 -34.65 29.13
C VAL E 30 25.44 -33.98 28.41
N LEU E 31 25.97 -32.93 29.03
CA LEU E 31 27.14 -32.23 28.54
C LEU E 31 28.31 -32.52 29.47
N THR E 32 29.41 -33.00 28.90
CA THR E 32 30.61 -33.24 29.69
C THR E 32 31.43 -31.97 29.82
N ARG E 33 32.34 -31.96 30.81
CA ARG E 33 33.20 -30.81 31.01
C ARG E 33 34.15 -30.62 29.82
N GLU E 34 34.71 -31.72 29.31
CA GLU E 34 35.61 -31.63 28.17
C GLU E 34 34.90 -31.06 26.94
N ASP E 35 33.68 -31.53 26.67
CA ASP E 35 32.92 -31.01 25.53
C ASP E 35 32.54 -29.55 25.73
N GLY E 36 32.21 -29.16 26.96
CA GLY E 36 31.84 -27.77 27.21
C GLY E 36 32.97 -26.81 26.91
N LEU E 37 34.19 -27.13 27.37
CA LEU E 37 35.35 -26.30 27.07
C LEU E 37 35.67 -26.30 25.59
N LYS E 38 35.42 -27.42 24.90
CA LYS E 38 35.66 -27.46 23.47
C LYS E 38 34.69 -26.54 22.74
N TYR E 39 33.39 -26.65 23.04
CA TYR E 39 32.38 -25.87 22.35
C TYR E 39 32.54 -24.37 22.63
N TYR E 40 32.91 -24.01 23.86
CA TYR E 40 33.05 -22.60 24.21
C TYR E 40 34.18 -21.96 23.42
N ARG E 41 35.34 -22.62 23.35
CA ARG E 41 36.46 -22.05 22.60
C ARG E 41 36.13 -21.93 21.12
N MET E 42 35.45 -22.93 20.55
CA MET E 42 35.08 -22.86 19.14
C MET E 42 34.09 -21.74 18.89
N MET E 43 33.07 -21.63 19.75
CA MET E 43 32.06 -20.60 19.55
C MET E 43 32.66 -19.21 19.74
N GLN E 44 33.47 -19.04 20.79
CA GLN E 44 34.08 -17.73 21.05
C GLN E 44 35.09 -17.37 19.97
N THR E 45 35.77 -18.36 19.38
CA THR E 45 36.70 -18.05 18.29
C THR E 45 35.96 -17.53 17.08
N VAL E 46 34.86 -18.18 16.71
CA VAL E 46 34.05 -17.71 15.58
C VAL E 46 33.51 -16.31 15.87
N ARG E 47 33.10 -16.07 17.11
CA ARG E 47 32.58 -14.75 17.47
C ARG E 47 33.62 -13.67 17.30
N ARG E 48 34.79 -13.84 17.94
CA ARG E 48 35.83 -12.83 17.85
C ARG E 48 36.35 -12.70 16.42
N MET E 49 36.25 -13.78 15.63
CA MET E 49 36.68 -13.70 14.24
C MET E 49 35.72 -12.87 13.40
N GLU E 50 34.42 -13.03 13.62
CA GLU E 50 33.44 -12.26 12.85
C GLU E 50 33.46 -10.79 13.22
N LEU E 51 33.70 -10.48 14.49
CA LEU E 51 33.81 -9.09 14.91
C LEU E 51 35.04 -8.43 14.30
N LYS E 52 36.13 -9.18 14.15
CA LYS E 52 37.33 -8.65 13.51
C LYS E 52 37.08 -8.39 12.03
N ALA E 53 36.38 -9.29 11.35
CA ALA E 53 36.08 -9.07 9.95
C ALA E 53 35.21 -7.83 9.75
N ASP E 54 34.22 -7.62 10.64
CA ASP E 54 33.40 -6.43 10.54
C ASP E 54 34.23 -5.17 10.70
N GLN E 55 35.27 -5.23 11.54
CA GLN E 55 36.14 -4.09 11.72
C GLN E 55 36.96 -3.83 10.46
N LEU E 56 37.56 -4.88 9.88
CA LEU E 56 38.32 -4.72 8.65
C LEU E 56 37.43 -4.33 7.47
N TYR E 57 36.17 -4.77 7.46
CA TYR E 57 35.24 -4.40 6.40
C TYR E 57 34.91 -2.92 6.43
N LYS E 58 34.70 -2.36 7.63
CA LYS E 58 34.44 -0.94 7.76
C LYS E 58 35.66 -0.11 7.38
N GLN E 59 36.85 -0.62 7.68
CA GLN E 59 38.11 -0.01 7.30
C GLN E 59 38.43 -0.18 5.82
N LYS E 60 37.54 -0.82 5.05
CA LYS E 60 37.67 -1.03 3.60
C LYS E 60 38.87 -1.89 3.24
N ILE E 61 39.44 -2.62 4.20
CA ILE E 61 40.48 -3.59 3.87
C ILE E 61 39.86 -4.80 3.18
N ILE E 62 38.66 -5.18 3.58
CA ILE E 62 37.87 -6.17 2.89
C ILE E 62 36.95 -5.46 1.90
N ARG E 63 36.82 -6.03 0.70
CA ARG E 63 36.01 -5.48 -0.39
C ARG E 63 34.83 -6.40 -0.70
N GLY E 64 33.90 -5.85 -1.47
CA GLY E 64 32.78 -6.64 -1.96
C GLY E 64 31.77 -7.06 -0.90
N PHE E 65 31.62 -8.38 -0.73
CA PHE E 65 30.67 -8.94 0.22
C PHE E 65 31.38 -9.40 1.47
N CYS E 66 30.67 -9.33 2.59
CA CYS E 66 31.18 -9.82 3.87
C CYS E 66 30.02 -10.11 4.81
N HIS E 67 29.32 -11.21 4.58
CA HIS E 67 28.19 -11.59 5.41
C HIS E 67 28.69 -12.31 6.65
N LEU E 68 28.33 -11.79 7.81
CA LEU E 68 28.81 -12.31 9.09
C LEU E 68 27.75 -13.19 9.73
N CYS E 69 28.22 -14.20 10.47
CA CYS E 69 27.34 -15.18 11.12
C CYS E 69 27.36 -15.06 12.64
N ASP E 70 27.85 -13.96 13.21
CA ASP E 70 27.87 -13.81 14.66
C ASP E 70 26.45 -13.77 15.20
N GLY E 71 26.22 -14.49 16.30
CA GLY E 71 24.89 -14.77 16.76
C GLY E 71 24.36 -16.12 16.34
N GLN E 72 25.00 -16.78 15.37
CA GLN E 72 24.63 -18.11 14.91
C GLN E 72 25.70 -19.13 15.29
N GLU E 73 26.47 -18.87 16.34
CA GLU E 73 27.59 -19.73 16.68
C GLU E 73 27.12 -21.11 17.15
N ALA E 74 25.90 -21.20 17.69
CA ALA E 74 25.37 -22.49 18.08
C ALA E 74 25.06 -23.37 16.89
N CYS E 75 24.95 -22.80 15.69
CA CYS E 75 24.68 -23.61 14.50
C CYS E 75 25.94 -24.33 14.03
N CYS E 76 26.96 -23.57 13.62
CA CYS E 76 28.14 -24.20 13.05
C CYS E 76 28.86 -25.07 14.07
N VAL E 77 28.88 -24.64 15.34
CA VAL E 77 29.52 -25.46 16.36
C VAL E 77 28.60 -26.60 16.77
N GLY E 78 27.30 -26.32 16.89
CA GLY E 78 26.35 -27.37 17.24
C GLY E 78 26.23 -28.44 16.18
N LEU E 79 26.22 -28.03 14.90
CA LEU E 79 26.17 -29.01 13.82
C LEU E 79 27.45 -29.83 13.77
N GLU E 80 28.60 -29.19 14.01
CA GLU E 80 29.86 -29.92 13.99
C GLU E 80 29.93 -30.95 15.12
N ALA E 81 29.27 -30.66 16.25
CA ALA E 81 29.24 -31.59 17.38
C ALA E 81 28.35 -32.79 17.12
N GLY E 82 27.45 -32.71 16.15
CA GLY E 82 26.57 -33.81 15.81
C GLY E 82 26.94 -34.62 14.58
N ILE E 83 28.05 -34.29 13.92
CA ILE E 83 28.52 -35.00 12.73
C ILE E 83 29.99 -35.36 12.93
N ASN E 84 30.50 -36.14 11.97
CA ASN E 84 31.89 -36.56 11.92
C ASN E 84 32.68 -35.71 10.95
N PRO E 85 34.01 -35.67 11.09
CA PRO E 85 34.83 -34.98 10.08
C PRO E 85 34.77 -35.61 8.71
N THR E 86 34.39 -36.89 8.61
CA THR E 86 34.25 -37.54 7.32
C THR E 86 32.89 -37.31 6.67
N ASP E 87 31.98 -36.63 7.35
CA ASP E 87 30.73 -36.21 6.74
C ASP E 87 30.95 -34.91 5.95
N HIS E 88 29.95 -34.53 5.17
CA HIS E 88 30.07 -33.43 4.22
C HIS E 88 29.07 -32.32 4.55
N LEU E 89 29.46 -31.09 4.23
CA LEU E 89 28.63 -29.93 4.54
C LEU E 89 28.80 -28.88 3.46
N ILE E 90 27.71 -28.18 3.15
CA ILE E 90 27.75 -27.11 2.16
C ILE E 90 26.72 -26.07 2.58
N THR E 91 27.02 -24.79 2.34
CA THR E 91 26.12 -23.69 2.70
C THR E 91 26.27 -22.59 1.66
N ALA E 92 25.61 -21.46 1.91
CA ALA E 92 25.65 -20.33 0.99
C ALA E 92 26.77 -19.35 1.35
N TYR E 93 26.53 -18.05 1.18
CA TYR E 93 27.57 -17.03 1.27
C TYR E 93 27.99 -16.67 2.70
N ARG E 94 27.32 -17.20 3.72
CA ARG E 94 27.61 -16.87 5.12
C ARG E 94 28.36 -18.03 5.77
N ALA E 95 29.57 -18.27 5.27
CA ALA E 95 30.28 -19.51 5.55
C ALA E 95 31.53 -19.33 6.40
N HIS E 96 31.75 -18.16 7.01
CA HIS E 96 32.99 -17.95 7.75
C HIS E 96 33.08 -18.89 8.94
N GLY E 97 31.99 -19.02 9.71
CA GLY E 97 32.01 -19.90 10.86
C GLY E 97 32.20 -21.36 10.48
N PHE E 98 31.49 -21.79 9.41
CA PHE E 98 31.61 -23.18 8.94
C PHE E 98 33.00 -23.46 8.39
N THR E 99 33.66 -22.45 7.82
CA THR E 99 35.02 -22.64 7.34
C THR E 99 35.96 -22.96 8.50
N PHE E 100 35.75 -22.33 9.67
CA PHE E 100 36.60 -22.59 10.82
C PHE E 100 36.27 -23.91 11.50
N THR E 101 34.99 -24.22 11.64
CA THR E 101 34.58 -25.47 12.28
C THR E 101 34.95 -26.69 11.44
N ARG E 102 35.13 -26.53 10.13
CA ARG E 102 35.51 -27.62 9.24
C ARG E 102 37.02 -27.82 9.13
N GLY E 103 37.82 -27.05 9.86
CA GLY E 103 39.24 -27.34 10.00
C GLY E 103 40.19 -26.24 9.59
N LEU E 104 39.74 -25.18 8.92
CA LEU E 104 40.65 -24.13 8.51
C LEU E 104 40.96 -23.17 9.66
N SER E 105 42.14 -22.58 9.60
CA SER E 105 42.60 -21.66 10.64
C SER E 105 42.08 -20.25 10.40
N VAL E 106 42.11 -19.44 11.45
CA VAL E 106 41.67 -18.06 11.32
C VAL E 106 42.60 -17.27 10.40
N ARG E 107 43.89 -17.64 10.37
CA ARG E 107 44.82 -17.00 9.45
C ARG E 107 44.36 -17.14 8.00
N GLU E 108 43.98 -18.35 7.60
CA GLU E 108 43.57 -18.58 6.22
C GLU E 108 42.28 -17.82 5.89
N ILE E 109 41.34 -17.80 6.82
CA ILE E 109 40.03 -17.20 6.55
C ILE E 109 40.15 -15.68 6.43
N LEU E 110 40.89 -15.06 7.35
CA LEU E 110 41.02 -13.61 7.33
C LEU E 110 41.87 -13.15 6.14
N ALA E 111 42.96 -13.86 5.85
CA ALA E 111 43.82 -13.47 4.74
C ALA E 111 43.07 -13.57 3.40
N GLU E 112 42.19 -14.56 3.27
CA GLU E 112 41.36 -14.63 2.08
C GLU E 112 40.37 -13.47 2.04
N LEU E 113 39.81 -13.10 3.19
CA LEU E 113 38.91 -11.96 3.25
C LEU E 113 39.60 -10.69 2.82
N THR E 114 40.86 -10.50 3.21
CA THR E 114 41.63 -9.33 2.83
C THR E 114 42.28 -9.45 1.45
N GLY E 115 42.07 -10.57 0.76
CA GLY E 115 42.57 -10.75 -0.59
C GLY E 115 44.08 -10.79 -0.70
N ARG E 116 44.71 -11.64 0.10
CA ARG E 116 46.16 -11.77 0.13
C ARG E 116 46.55 -13.18 -0.32
N LYS E 117 47.83 -13.35 -0.66
CA LYS E 117 48.30 -14.63 -1.16
C LYS E 117 48.20 -15.72 -0.11
N GLY E 118 48.25 -15.35 1.17
CA GLY E 118 48.14 -16.30 2.26
C GLY E 118 46.74 -16.79 2.54
N GLY E 119 45.76 -16.38 1.74
CA GLY E 119 44.40 -16.86 1.93
C GLY E 119 44.24 -18.31 1.51
N CYS E 120 43.15 -18.91 1.99
CA CYS E 120 42.91 -20.32 1.70
C CYS E 120 42.69 -20.57 0.21
N ALA E 121 42.15 -19.57 -0.49
CA ALA E 121 41.98 -19.62 -1.95
C ALA E 121 42.97 -18.71 -2.67
N LYS E 122 44.09 -18.35 -2.02
CA LYS E 122 45.12 -17.50 -2.59
C LYS E 122 44.53 -16.15 -3.03
N GLY E 123 43.51 -15.67 -2.31
CA GLY E 123 42.93 -14.38 -2.63
C GLY E 123 42.07 -14.35 -3.87
N LYS E 124 41.74 -15.50 -4.45
CA LYS E 124 40.97 -15.55 -5.69
C LYS E 124 39.47 -15.55 -5.46
N GLY E 125 39.01 -15.90 -4.26
CA GLY E 125 37.59 -16.12 -4.05
C GLY E 125 36.92 -15.09 -3.18
N GLY E 126 37.60 -14.65 -2.12
CA GLY E 126 37.00 -13.70 -1.21
C GLY E 126 36.11 -14.38 -0.17
N SER E 127 35.10 -13.63 0.27
CA SER E 127 34.28 -14.06 1.40
C SER E 127 33.41 -15.27 1.04
N MET E 128 32.89 -15.32 -0.19
CA MET E 128 31.83 -16.25 -0.54
C MET E 128 32.33 -17.59 -1.05
N HIS E 129 33.60 -17.73 -1.37
CA HIS E 129 34.11 -18.93 -2.06
C HIS E 129 35.31 -19.46 -1.27
N MET E 130 35.03 -20.08 -0.13
CA MET E 130 36.04 -20.70 0.70
C MET E 130 35.72 -22.18 0.85
N TYR E 131 36.69 -23.03 0.55
CA TYR E 131 36.50 -24.47 0.53
C TYR E 131 37.47 -25.13 1.49
N ALA E 132 37.09 -26.30 2.00
CA ALA E 132 37.92 -27.04 2.93
C ALA E 132 37.65 -28.53 2.74
N LYS E 133 38.36 -29.35 3.52
CA LYS E 133 38.20 -30.79 3.41
C LYS E 133 36.79 -31.19 3.83
N ASN E 134 36.06 -31.79 2.90
CA ASN E 134 34.65 -32.19 3.07
C ASN E 134 33.76 -30.99 3.38
N PHE E 135 34.21 -29.78 3.06
CA PHE E 135 33.40 -28.57 3.13
C PHE E 135 33.35 -27.96 1.74
N TYR E 136 32.20 -28.08 1.08
CA TYR E 136 32.04 -27.64 -0.30
C TYR E 136 31.63 -26.19 -0.40
N GLY E 137 32.00 -25.39 0.59
CA GLY E 137 32.12 -23.96 0.45
C GLY E 137 30.84 -23.17 0.56
N GLY E 138 31.03 -21.86 0.48
CA GLY E 138 29.95 -20.95 0.20
C GLY E 138 29.71 -20.81 -1.28
N ASN E 139 28.50 -20.38 -1.62
CA ASN E 139 28.08 -20.24 -3.00
C ASN E 139 27.30 -18.95 -3.13
N GLY E 140 27.64 -18.16 -4.15
CA GLY E 140 27.05 -16.84 -4.27
C GLY E 140 25.64 -16.84 -4.83
N ILE E 141 25.31 -17.85 -5.61
CA ILE E 141 23.98 -17.95 -6.22
C ILE E 141 23.07 -18.66 -5.23
N MET E 142 22.00 -17.97 -4.84
CA MET E 142 21.14 -18.47 -3.77
C MET E 142 20.35 -19.68 -4.24
N GLY E 143 20.32 -20.71 -3.39
CA GLY E 143 19.65 -21.95 -3.73
C GLY E 143 20.50 -22.94 -4.49
N ALA E 144 21.54 -22.48 -5.19
CA ALA E 144 22.31 -23.38 -6.05
C ALA E 144 23.00 -24.46 -5.24
N GLN E 145 23.37 -24.16 -3.99
CA GLN E 145 24.06 -25.15 -3.18
C GLN E 145 23.14 -26.28 -2.71
N VAL E 146 21.82 -26.13 -2.83
CA VAL E 146 20.89 -27.15 -2.35
C VAL E 146 20.90 -28.35 -3.29
N PRO E 147 20.75 -28.19 -4.62
CA PRO E 147 20.99 -29.35 -5.49
C PRO E 147 22.41 -29.88 -5.40
N LEU E 148 23.39 -29.01 -5.18
CA LEU E 148 24.77 -29.47 -5.03
C LEU E 148 24.91 -30.39 -3.84
N GLY E 149 24.32 -30.01 -2.70
CA GLY E 149 24.37 -30.87 -1.53
C GLY E 149 23.66 -32.19 -1.77
N ALA E 150 22.54 -32.15 -2.49
CA ALA E 150 21.86 -33.39 -2.86
C ALA E 150 22.77 -34.29 -3.68
N GLY E 151 23.60 -33.69 -4.54
CA GLY E 151 24.53 -34.48 -5.34
C GLY E 151 25.69 -35.02 -4.53
N ILE E 152 26.17 -34.24 -3.56
CA ILE E 152 27.20 -34.73 -2.65
C ILE E 152 26.66 -35.89 -1.83
N ALA E 153 25.39 -35.80 -1.42
CA ALA E 153 24.76 -36.92 -0.73
C ALA E 153 24.64 -38.14 -1.63
N LEU E 154 24.41 -37.92 -2.94
CA LEU E 154 24.37 -39.03 -3.88
C LEU E 154 25.70 -39.77 -3.93
N ALA E 155 26.80 -39.03 -3.88
CA ALA E 155 28.10 -39.67 -3.85
C ALA E 155 28.33 -40.43 -2.54
N CYS E 156 27.77 -39.93 -1.44
CA CYS E 156 27.86 -40.66 -0.17
C CYS E 156 27.19 -42.02 -0.27
N LYS E 157 25.96 -42.05 -0.79
CA LYS E 157 25.29 -43.32 -1.03
C LYS E 157 26.04 -44.15 -2.05
N TYR E 158 26.58 -43.50 -3.08
CA TYR E 158 27.31 -44.19 -4.13
C TYR E 158 28.55 -44.90 -3.58
N ASN E 159 29.28 -44.25 -2.68
CA ASN E 159 30.50 -44.83 -2.13
C ASN E 159 30.25 -45.78 -0.97
N GLY E 160 29.07 -45.70 -0.35
CA GLY E 160 28.67 -46.64 0.69
C GLY E 160 29.58 -46.71 1.90
N LYS E 161 29.97 -45.56 2.46
CA LYS E 161 30.74 -45.52 3.70
C LYS E 161 29.95 -44.91 4.86
N ASP E 162 28.61 -44.87 4.73
CA ASP E 162 27.73 -44.39 5.80
C ASP E 162 28.07 -42.95 6.20
N GLU E 163 28.34 -42.12 5.21
CA GLU E 163 28.53 -40.70 5.41
C GLU E 163 27.27 -39.95 4.98
N VAL E 164 27.06 -38.78 5.58
CA VAL E 164 25.89 -37.97 5.29
C VAL E 164 26.37 -36.60 4.83
N CYS E 165 25.45 -35.84 4.24
CA CYS E 165 25.71 -34.48 3.80
C CYS E 165 24.70 -33.53 4.42
N LEU E 166 25.21 -32.45 5.00
CA LEU E 166 24.40 -31.36 5.53
C LEU E 166 24.35 -30.26 4.48
N THR E 167 23.14 -29.88 4.07
CA THR E 167 22.93 -28.92 2.98
C THR E 167 22.14 -27.74 3.51
N LEU E 168 22.80 -26.61 3.69
CA LEU E 168 22.21 -25.44 4.34
C LEU E 168 21.77 -24.40 3.32
N TYR E 169 20.69 -23.71 3.66
CA TYR E 169 20.18 -22.59 2.87
C TYR E 169 19.42 -21.64 3.81
N GLY E 170 19.51 -20.34 3.52
CA GLY E 170 18.81 -19.36 4.33
C GLY E 170 17.32 -19.34 4.06
N ASP E 171 16.59 -18.66 4.96
CA ASP E 171 15.15 -18.58 4.81
C ASP E 171 14.74 -17.77 3.59
N GLY E 172 15.57 -16.79 3.19
CA GLY E 172 15.30 -16.01 2.00
C GLY E 172 15.41 -16.79 0.71
N ALA E 173 16.16 -17.88 0.71
CA ALA E 173 16.29 -18.77 -0.43
C ALA E 173 15.31 -19.93 -0.38
N ALA E 174 14.47 -20.01 0.66
CA ALA E 174 13.60 -21.17 0.85
C ALA E 174 12.52 -21.28 -0.22
N ASN E 175 12.38 -20.29 -1.10
CA ASN E 175 11.44 -20.36 -2.21
C ASN E 175 12.15 -20.52 -3.56
N GLN E 176 13.42 -20.95 -3.55
CA GLN E 176 14.11 -21.28 -4.78
C GLN E 176 13.59 -22.60 -5.35
N GLY E 177 13.18 -22.57 -6.62
CA GLY E 177 12.56 -23.74 -7.21
C GLY E 177 13.46 -24.96 -7.19
N GLN E 178 14.76 -24.77 -7.40
CA GLN E 178 15.68 -25.90 -7.44
C GLN E 178 15.73 -26.67 -6.13
N ILE E 179 15.34 -26.04 -5.02
CA ILE E 179 15.29 -26.73 -3.74
C ILE E 179 14.20 -27.79 -3.75
N PHE E 180 13.03 -27.45 -4.29
CA PHE E 180 11.95 -28.42 -4.37
C PHE E 180 12.27 -29.51 -5.38
N GLU E 181 13.03 -29.17 -6.43
CA GLU E 181 13.52 -30.22 -7.32
C GLU E 181 14.49 -31.14 -6.58
N ALA E 182 15.31 -30.57 -5.70
CA ALA E 182 16.24 -31.40 -4.94
C ALA E 182 15.51 -32.21 -3.87
N TYR E 183 14.44 -31.65 -3.29
CA TYR E 183 13.62 -32.43 -2.35
C TYR E 183 13.12 -33.70 -3.00
N ASN E 184 12.50 -33.57 -4.17
CA ASN E 184 11.85 -34.71 -4.82
C ASN E 184 12.85 -35.79 -5.17
N MET E 185 14.03 -35.40 -5.67
CA MET E 185 15.02 -36.40 -6.06
C MET E 185 15.69 -37.03 -4.85
N ALA E 186 15.91 -36.25 -3.79
CA ALA E 186 16.54 -36.80 -2.59
C ALA E 186 15.65 -37.87 -1.97
N ALA E 187 14.35 -37.60 -1.85
CA ALA E 187 13.42 -38.59 -1.30
C ALA E 187 13.19 -39.75 -2.26
N LEU E 188 13.22 -39.48 -3.56
CA LEU E 188 13.03 -40.53 -4.56
C LEU E 188 14.14 -41.57 -4.49
N TRP E 189 15.38 -41.13 -4.30
CA TRP E 189 16.55 -42.02 -4.27
C TRP E 189 17.02 -42.31 -2.86
N LYS E 190 16.31 -41.80 -1.83
CA LYS E 190 16.66 -42.02 -0.43
C LYS E 190 18.11 -41.62 -0.16
N LEU E 191 18.44 -40.39 -0.55
CA LEU E 191 19.78 -39.84 -0.39
C LEU E 191 20.02 -39.43 1.05
N PRO E 192 21.22 -39.66 1.58
CA PRO E 192 21.55 -39.24 2.95
C PRO E 192 21.83 -37.73 3.05
N CYS E 193 20.81 -36.93 2.73
CA CYS E 193 20.92 -35.49 2.67
C CYS E 193 20.09 -34.86 3.79
N ILE E 194 20.75 -34.06 4.63
CA ILE E 194 20.07 -33.33 5.69
C ILE E 194 19.90 -31.90 5.21
N PHE E 195 18.69 -31.57 4.77
CA PHE E 195 18.38 -30.20 4.38
C PHE E 195 18.22 -29.36 5.63
N ILE E 196 19.01 -28.31 5.74
CA ILE E 196 19.03 -27.44 6.91
C ILE E 196 18.66 -26.04 6.45
N CYS E 197 17.52 -25.54 6.91
CA CYS E 197 17.10 -24.18 6.63
C CYS E 197 17.48 -23.30 7.83
N GLU E 198 18.41 -22.37 7.61
CA GLU E 198 18.80 -21.40 8.63
C GLU E 198 17.79 -20.26 8.58
N ASN E 199 16.84 -20.29 9.52
CA ASN E 199 15.76 -19.32 9.58
C ASN E 199 16.14 -18.19 10.55
N ASN E 200 15.91 -16.96 10.11
CA ASN E 200 16.20 -15.80 10.92
C ASN E 200 14.93 -15.34 11.63
N ARG E 201 15.11 -14.58 12.71
CA ARG E 201 13.98 -14.11 13.49
C ARG E 201 13.99 -12.59 13.58
N ARG E 210 9.92 -13.17 5.01
CA ARG E 210 8.60 -12.55 5.01
C ARG E 210 7.85 -12.80 3.69
N ALA E 211 8.58 -12.94 2.59
CA ALA E 211 7.99 -13.16 1.27
C ALA E 211 7.76 -14.64 1.01
N ALA E 212 7.06 -15.27 1.95
CA ALA E 212 6.78 -16.70 1.91
C ALA E 212 5.39 -16.95 2.49
N ALA E 213 4.57 -17.69 1.74
CA ALA E 213 3.21 -17.98 2.18
C ALA E 213 3.16 -18.90 3.38
N SER E 214 4.22 -19.68 3.61
CA SER E 214 4.31 -20.56 4.77
C SER E 214 5.66 -20.34 5.45
N THR E 215 5.63 -19.98 6.73
CA THR E 215 6.83 -19.79 7.52
C THR E 215 7.19 -21.03 8.34
N ASP E 216 6.44 -22.12 8.19
CA ASP E 216 6.80 -23.40 8.81
C ASP E 216 7.77 -24.11 7.86
N TYR E 217 9.03 -23.65 7.89
CA TYR E 217 10.01 -24.13 6.93
C TYR E 217 10.35 -25.60 7.11
N TYR E 218 10.16 -26.16 8.30
CA TYR E 218 10.44 -27.58 8.49
C TYR E 218 9.39 -28.48 7.85
N LYS E 219 8.29 -27.90 7.35
CA LYS E 219 7.24 -28.66 6.68
C LYS E 219 7.30 -28.55 5.16
N ARG E 220 8.17 -27.70 4.61
CA ARG E 220 8.15 -27.45 3.17
C ARG E 220 8.59 -28.65 2.34
N GLY E 221 9.27 -29.63 2.94
CA GLY E 221 9.61 -30.84 2.21
C GLY E 221 8.44 -31.75 1.93
N ASP E 222 7.26 -31.44 2.46
CA ASP E 222 6.04 -32.23 2.24
C ASP E 222 6.26 -33.69 2.62
N PHE E 223 6.72 -34.51 1.67
CA PHE E 223 6.93 -35.92 1.94
C PHE E 223 8.16 -36.17 2.79
N ILE E 224 9.11 -35.23 2.81
CA ILE E 224 10.30 -35.38 3.64
C ILE E 224 9.96 -34.96 5.07
N PRO E 225 10.27 -35.78 6.06
CA PRO E 225 9.97 -35.38 7.45
C PRO E 225 10.88 -34.24 7.89
N GLY E 226 10.36 -33.43 8.82
CA GLY E 226 11.09 -32.26 9.28
C GLY E 226 11.00 -32.10 10.78
N LEU E 227 11.91 -31.29 11.30
CA LEU E 227 11.93 -30.94 12.72
C LEU E 227 12.44 -29.52 12.87
N ARG E 228 11.80 -28.74 13.73
CA ARG E 228 12.18 -27.34 13.97
C ARG E 228 13.01 -27.24 15.24
N VAL E 229 14.19 -26.64 15.13
CA VAL E 229 15.19 -26.66 16.20
C VAL E 229 15.48 -25.24 16.66
N ASP E 230 15.75 -25.10 17.96
CA ASP E 230 16.19 -23.83 18.53
C ASP E 230 17.69 -23.67 18.27
N GLY E 231 18.04 -22.78 17.34
CA GLY E 231 19.41 -22.60 16.94
C GLY E 231 20.26 -21.74 17.83
N MET E 232 19.70 -21.14 18.88
CA MET E 232 20.49 -20.39 19.83
C MET E 232 21.03 -21.28 20.95
N ASP E 233 20.50 -22.49 21.08
CA ASP E 233 20.97 -23.46 22.06
C ASP E 233 21.84 -24.47 21.33
N ILE E 234 23.14 -24.46 21.62
CA ILE E 234 24.07 -25.35 20.94
C ILE E 234 23.77 -26.80 21.30
N LEU E 235 23.36 -27.04 22.54
CA LEU E 235 23.01 -28.40 22.93
C LEU E 235 21.77 -28.90 22.18
N CYS E 236 20.82 -28.00 21.92
CA CYS E 236 19.66 -28.38 21.13
C CYS E 236 20.03 -28.64 19.68
N VAL E 237 21.01 -27.91 19.14
CA VAL E 237 21.47 -28.15 17.78
C VAL E 237 22.24 -29.45 17.71
N ARG E 238 23.10 -29.71 18.69
CA ARG E 238 23.86 -30.95 18.71
C ARG E 238 22.94 -32.16 18.75
N GLU E 239 21.93 -32.12 19.63
CA GLU E 239 21.06 -33.28 19.81
C GLU E 239 20.18 -33.50 18.58
N ALA E 240 19.69 -32.41 17.98
CA ALA E 240 18.89 -32.54 16.77
C ALA E 240 19.75 -33.01 15.60
N THR E 241 21.00 -32.54 15.51
CA THR E 241 21.88 -32.98 14.45
C THR E 241 22.17 -34.48 14.57
N ARG E 242 22.44 -34.95 15.79
CA ARG E 242 22.63 -36.38 15.99
C ARG E 242 21.39 -37.17 15.59
N PHE E 243 20.21 -36.63 15.90
CA PHE E 243 18.96 -37.28 15.50
C PHE E 243 18.84 -37.34 13.99
N ALA E 244 19.14 -36.23 13.31
CA ALA E 244 19.01 -36.21 11.86
C ALA E 244 20.08 -37.06 11.19
N ALA E 245 21.30 -37.02 11.72
CA ALA E 245 22.36 -37.83 11.13
C ALA E 245 22.08 -39.33 11.28
N ALA E 246 21.61 -39.75 12.45
CA ALA E 246 21.26 -41.15 12.64
C ALA E 246 20.10 -41.56 11.74
N TYR E 247 19.17 -40.65 11.48
CA TYR E 247 18.08 -40.94 10.56
C TYR E 247 18.60 -41.26 9.17
N CYS E 248 19.55 -40.46 8.67
CA CYS E 248 20.09 -40.68 7.34
C CYS E 248 21.01 -41.89 7.28
N ARG E 249 21.76 -42.19 8.34
CA ARG E 249 22.65 -43.33 8.32
C ARG E 249 21.91 -44.67 8.34
N SER E 250 20.67 -44.69 8.81
CA SER E 250 19.87 -45.91 8.83
C SER E 250 19.26 -46.24 7.47
N GLY E 251 19.41 -45.36 6.49
CA GLY E 251 18.86 -45.58 5.18
C GLY E 251 17.45 -45.07 4.97
N LYS E 252 16.89 -44.34 5.94
CA LYS E 252 15.52 -43.85 5.84
C LYS E 252 15.38 -42.66 4.91
N GLY E 253 16.46 -42.21 4.28
CA GLY E 253 16.39 -41.16 3.28
C GLY E 253 16.66 -39.79 3.86
N PRO E 254 16.19 -38.75 3.18
CA PRO E 254 16.49 -37.37 3.60
C PRO E 254 15.63 -36.94 4.77
N ILE E 255 16.01 -35.79 5.32
CA ILE E 255 15.26 -35.17 6.42
C ILE E 255 15.54 -33.69 6.38
N LEU E 256 14.56 -32.90 6.78
CA LEU E 256 14.65 -31.45 6.76
C LEU E 256 14.74 -30.92 8.19
N MET E 257 15.63 -29.96 8.41
CA MET E 257 15.93 -29.46 9.74
C MET E 257 15.96 -27.94 9.68
N GLU E 258 15.10 -27.30 10.47
CA GLU E 258 15.04 -25.84 10.53
C GLU E 258 15.74 -25.37 11.79
N LEU E 259 16.79 -24.57 11.62
CA LEU E 259 17.52 -23.96 12.72
C LEU E 259 17.07 -22.52 12.87
N GLN E 260 16.38 -22.22 13.96
CA GLN E 260 15.90 -20.87 14.22
C GLN E 260 16.92 -20.05 15.00
N THR E 261 17.64 -19.21 14.32
CA THR E 261 18.63 -18.40 14.95
C THR E 261 18.32 -16.93 14.84
N TYR E 262 19.35 -16.16 15.07
CA TYR E 262 19.28 -14.74 15.01
C TYR E 262 20.68 -14.24 14.85
N ARG E 263 20.95 -13.53 13.79
CA ARG E 263 22.26 -13.01 13.56
C ARG E 263 22.23 -11.53 13.81
N TYR E 264 23.31 -11.01 14.35
CA TYR E 264 23.40 -9.61 14.66
C TYR E 264 23.55 -8.65 13.49
N HIS E 265 23.82 -9.16 12.30
CA HIS E 265 23.93 -8.33 11.13
C HIS E 265 22.99 -8.85 10.03
N GLU E 280 16.71 -4.15 15.36
CA GLU E 280 17.43 -3.13 16.12
C GLU E 280 17.54 -3.55 17.58
N GLU E 281 16.68 -4.47 17.98
CA GLU E 281 16.72 -4.96 19.33
C GLU E 281 17.36 -6.32 19.40
N ILE E 282 18.67 -6.27 19.27
CA ILE E 282 19.51 -7.44 19.37
C ILE E 282 19.92 -7.64 20.83
N GLN E 283 19.69 -6.61 21.65
CA GLN E 283 19.99 -6.58 23.05
C GLN E 283 19.23 -7.65 23.80
N GLU E 284 17.98 -7.87 23.40
CA GLU E 284 17.17 -8.91 23.98
C GLU E 284 17.89 -10.20 23.70
N VAL E 285 18.23 -10.39 22.44
CA VAL E 285 18.90 -11.58 22.01
C VAL E 285 20.25 -11.71 22.61
N ARG E 286 20.97 -10.62 22.82
CA ARG E 286 22.28 -10.78 23.42
C ARG E 286 22.24 -10.84 24.94
N SER E 287 21.10 -10.54 25.57
CA SER E 287 20.98 -10.58 27.02
C SER E 287 20.12 -11.72 27.53
N LYS E 288 19.45 -12.47 26.64
CA LYS E 288 18.68 -13.63 27.05
C LYS E 288 18.87 -14.84 26.15
N SER E 289 19.33 -14.67 24.91
CA SER E 289 19.41 -15.78 23.97
C SER E 289 20.78 -15.89 23.29
N ASP E 290 21.77 -15.08 23.69
CA ASP E 290 23.09 -15.18 23.09
C ASP E 290 23.64 -16.58 23.28
N PRO E 291 24.06 -17.26 22.20
CA PRO E 291 24.47 -18.66 22.35
C PRO E 291 25.71 -18.87 23.19
N ILE E 292 26.62 -17.90 23.19
CA ILE E 292 27.80 -18.06 24.05
C ILE E 292 27.44 -17.82 25.51
N MET E 293 26.56 -16.88 25.79
CA MET E 293 26.20 -16.59 27.17
C MET E 293 25.40 -17.72 27.80
N LEU E 294 24.60 -18.44 27.01
CA LEU E 294 23.85 -19.56 27.55
C LEU E 294 24.80 -20.69 27.95
N LEU E 295 25.76 -21.01 27.07
CA LEU E 295 26.72 -22.06 27.41
C LEU E 295 27.62 -21.61 28.57
N LYS E 296 27.98 -20.33 28.62
CA LYS E 296 28.78 -19.82 29.73
C LYS E 296 28.01 -19.93 31.04
N ASP E 297 26.76 -19.47 31.05
CA ASP E 297 25.95 -19.52 32.27
C ASP E 297 25.66 -20.95 32.68
N ARG E 298 25.45 -21.84 31.71
CA ARG E 298 25.17 -23.23 32.01
C ARG E 298 26.38 -23.91 32.66
N MET E 299 27.58 -23.64 32.15
CA MET E 299 28.76 -24.32 32.68
C MET E 299 29.19 -23.77 34.04
N VAL E 300 28.95 -22.48 34.29
CA VAL E 300 29.34 -21.91 35.57
C VAL E 300 28.36 -22.34 36.66
N ASN E 301 27.06 -22.33 36.36
CA ASN E 301 26.06 -22.68 37.36
C ASN E 301 26.11 -24.17 37.72
N SER E 302 26.53 -25.01 36.79
CA SER E 302 26.59 -26.45 37.01
C SER E 302 27.99 -26.94 37.40
N ASN E 303 28.91 -26.03 37.68
CA ASN E 303 30.27 -26.36 38.12
C ASN E 303 31.03 -27.16 37.06
N LEU E 304 30.68 -26.98 35.78
CA LEU E 304 31.44 -27.58 34.68
C LEU E 304 32.71 -26.81 34.39
N ALA E 305 32.74 -25.52 34.70
CA ALA E 305 33.92 -24.68 34.50
C ALA E 305 33.78 -23.46 35.41
N SER E 306 34.90 -22.77 35.61
CA SER E 306 34.91 -21.57 36.43
C SER E 306 34.88 -20.34 35.56
N VAL E 307 34.45 -19.22 36.15
CA VAL E 307 34.44 -17.95 35.44
C VAL E 307 35.83 -17.58 34.98
N GLU E 308 36.85 -17.86 35.81
CA GLU E 308 38.22 -17.55 35.46
C GLU E 308 38.71 -18.39 34.27
N GLU E 309 38.28 -19.65 34.20
CA GLU E 309 38.68 -20.51 33.08
C GLU E 309 38.16 -19.96 31.76
N LEU E 310 36.88 -19.60 31.72
CA LEU E 310 36.29 -19.11 30.49
C LEU E 310 36.81 -17.73 30.12
N LYS E 311 37.24 -16.94 31.11
CA LYS E 311 37.87 -15.67 30.80
C LYS E 311 39.28 -15.87 30.26
N GLU E 312 39.99 -16.87 30.79
CA GLU E 312 41.31 -17.20 30.27
C GLU E 312 41.23 -17.68 28.82
N ILE E 313 40.17 -18.39 28.45
CA ILE E 313 40.00 -18.79 27.06
C ILE E 313 39.71 -17.59 26.19
N ASP E 314 38.91 -16.63 26.70
CA ASP E 314 38.63 -15.41 25.96
C ASP E 314 39.93 -14.70 25.58
N VAL E 315 40.90 -14.67 26.49
CA VAL E 315 42.17 -13.99 26.23
C VAL E 315 42.96 -14.75 25.17
N GLU E 316 43.06 -16.08 25.31
CA GLU E 316 43.73 -16.89 24.30
C GLU E 316 43.08 -16.72 22.93
N VAL E 317 41.74 -16.68 22.89
CA VAL E 317 41.03 -16.51 21.63
C VAL E 317 41.33 -15.15 21.03
N ARG E 318 41.32 -14.10 21.86
CA ARG E 318 41.59 -12.76 21.33
C ARG E 318 43.01 -12.66 20.79
N LYS E 319 43.97 -13.31 21.47
CA LYS E 319 45.33 -13.37 20.95
C LYS E 319 45.38 -14.08 19.61
N GLU E 320 44.59 -15.15 19.47
CA GLU E 320 44.56 -15.90 18.22
C GLU E 320 43.96 -15.07 17.09
N ILE E 321 42.99 -14.21 17.39
CA ILE E 321 42.36 -13.39 16.36
C ILE E 321 43.28 -12.24 15.96
N GLU E 322 43.88 -11.57 16.95
CA GLU E 322 44.79 -10.47 16.63
C GLU E 322 46.00 -10.96 15.87
N ASP E 323 46.48 -12.16 16.20
CA ASP E 323 47.59 -12.72 15.43
C ASP E 323 47.18 -13.00 13.99
N ALA E 324 45.94 -13.48 13.79
CA ALA E 324 45.46 -13.74 12.43
C ALA E 324 45.17 -12.44 11.69
N ALA E 325 44.60 -11.46 12.36
CA ALA E 325 44.30 -10.18 11.71
C ALA E 325 45.57 -9.47 11.28
N GLN E 326 46.62 -9.57 12.09
CA GLN E 326 47.91 -9.01 11.74
C GLN E 326 48.51 -9.69 10.51
N PHE E 327 48.42 -11.03 10.46
CA PHE E 327 48.89 -11.76 9.29
C PHE E 327 48.10 -11.35 8.06
N ALA E 328 46.77 -11.26 8.18
CA ALA E 328 45.93 -10.89 7.04
C ALA E 328 46.21 -9.46 6.57
N THR E 329 46.71 -8.61 7.45
CA THR E 329 46.99 -7.23 7.07
C THR E 329 48.38 -7.04 6.46
N ALA E 330 49.38 -7.73 6.99
CA ALA E 330 50.75 -7.57 6.53
C ALA E 330 51.11 -8.45 5.33
N ASP E 331 50.35 -9.51 5.08
CA ASP E 331 50.68 -10.41 3.98
C ASP E 331 50.45 -9.71 2.64
N PRO E 332 51.37 -9.81 1.70
CA PRO E 332 51.21 -9.10 0.43
C PRO E 332 50.14 -9.73 -0.45
N GLU E 333 49.69 -8.94 -1.43
CA GLU E 333 48.71 -9.42 -2.39
C GLU E 333 49.30 -10.58 -3.20
N PRO E 334 48.45 -11.38 -3.83
CA PRO E 334 48.96 -12.40 -4.73
C PRO E 334 49.65 -11.76 -5.91
N PRO E 335 50.70 -12.40 -6.43
CA PRO E 335 51.43 -11.80 -7.56
C PRO E 335 50.58 -11.76 -8.83
N LEU E 336 50.79 -10.72 -9.62
CA LEU E 336 50.03 -10.56 -10.86
C LEU E 336 50.32 -11.69 -11.84
N GLU E 337 51.50 -12.31 -11.76
CA GLU E 337 51.86 -13.37 -12.69
C GLU E 337 51.02 -14.63 -12.53
N GLU E 338 50.32 -14.78 -11.39
CA GLU E 338 49.50 -15.96 -11.13
C GLU E 338 48.01 -15.68 -11.31
N LEU E 339 47.65 -14.64 -12.08
CA LEU E 339 46.24 -14.30 -12.28
C LEU E 339 45.51 -15.44 -12.98
N GLY E 340 46.13 -16.04 -13.98
CA GLY E 340 45.53 -17.10 -14.75
C GLY E 340 45.69 -18.49 -14.18
N TYR E 341 46.33 -18.63 -13.03
CA TYR E 341 46.54 -19.96 -12.45
C TYR E 341 45.20 -20.60 -12.07
N HIS E 342 45.16 -21.94 -12.21
CA HIS E 342 44.04 -22.77 -11.73
C HIS E 342 42.74 -22.46 -12.48
N ILE E 343 42.79 -22.51 -13.80
CA ILE E 343 41.55 -22.47 -14.57
C ILE E 343 41.02 -23.88 -14.82
N TYR E 344 41.91 -24.77 -15.24
CA TYR E 344 41.60 -26.17 -15.42
C TYR E 344 42.44 -27.01 -14.47
N SER E 345 41.93 -28.18 -14.15
CA SER E 345 42.66 -29.14 -13.32
C SER E 345 43.32 -30.19 -14.20
N SER E 346 44.52 -30.62 -13.82
CA SER E 346 45.21 -31.72 -14.47
C SER E 346 45.43 -31.46 -15.96
N ASP E 347 45.62 -30.21 -16.34
CA ASP E 347 45.84 -29.81 -17.72
C ASP E 347 47.28 -29.32 -17.94
N PRO E 348 47.77 -29.35 -19.16
CA PRO E 348 49.10 -28.80 -19.44
C PRO E 348 49.06 -27.28 -19.37
N PRO E 349 50.21 -26.65 -19.17
CA PRO E 349 50.22 -25.18 -19.09
C PRO E 349 49.83 -24.53 -20.41
N PHE E 350 49.20 -23.37 -20.29
CA PHE E 350 48.80 -22.57 -21.44
C PHE E 350 48.71 -21.13 -20.99
N GLU E 351 48.46 -20.23 -21.95
CA GLU E 351 48.34 -18.80 -21.65
C GLU E 351 46.95 -18.29 -22.01
N VAL E 352 46.44 -17.38 -21.18
CA VAL E 352 45.12 -16.77 -21.37
C VAL E 352 45.30 -15.31 -21.77
N ARG E 353 44.32 -14.81 -22.51
CA ARG E 353 44.35 -13.45 -23.02
C ARG E 353 43.98 -12.47 -21.91
N GLY E 354 44.71 -11.36 -21.84
CA GLY E 354 44.45 -10.33 -20.86
C GLY E 354 43.52 -9.26 -21.39
N ALA E 355 43.76 -8.03 -20.95
CA ALA E 355 42.93 -6.90 -21.36
C ALA E 355 43.08 -6.58 -22.85
N ASN E 356 44.21 -6.95 -23.46
CA ASN E 356 44.38 -6.88 -24.91
C ASN E 356 45.24 -8.06 -25.34
N GLN E 357 45.38 -8.25 -26.66
CA GLN E 357 46.03 -9.44 -27.18
C GLN E 357 47.53 -9.48 -26.88
N TRP E 358 48.12 -8.42 -26.35
CA TRP E 358 49.54 -8.41 -26.03
C TRP E 358 49.83 -8.69 -24.56
N ILE E 359 48.80 -8.79 -23.73
CA ILE E 359 48.93 -9.19 -22.34
C ILE E 359 48.63 -10.69 -22.27
N LYS E 360 49.62 -11.47 -21.85
CA LYS E 360 49.51 -12.92 -21.80
C LYS E 360 49.79 -13.38 -20.38
N PHE E 361 48.82 -14.04 -19.76
CA PHE E 361 48.99 -14.59 -18.42
C PHE E 361 49.21 -16.10 -18.55
N LYS E 362 50.25 -16.60 -17.90
CA LYS E 362 50.50 -18.03 -17.89
C LYS E 362 49.51 -18.70 -16.95
N SER E 363 48.91 -19.79 -17.40
CA SER E 363 47.92 -20.53 -16.63
C SER E 363 48.48 -21.91 -16.31
N VAL E 364 48.57 -22.22 -15.02
CA VAL E 364 49.05 -23.51 -14.55
C VAL E 364 47.96 -24.10 -13.66
N SER E 365 47.77 -25.41 -13.77
CA SER E 365 46.78 -26.08 -12.93
C SER E 365 47.22 -26.04 -11.46
N SER F 2 37.01 -50.28 -41.21
CA SER F 2 36.59 -51.66 -41.43
C SER F 2 35.07 -51.83 -41.26
N LEU F 3 34.45 -51.06 -40.37
CA LEU F 3 33.03 -51.19 -40.10
C LEU F 3 32.27 -49.89 -40.35
N GLN F 4 30.98 -50.04 -40.62
CA GLN F 4 30.06 -48.91 -40.76
C GLN F 4 29.39 -48.68 -39.41
N VAL F 5 29.70 -47.55 -38.77
CA VAL F 5 29.22 -47.25 -37.43
C VAL F 5 28.54 -45.88 -37.45
N THR F 6 27.36 -45.81 -36.86
CA THR F 6 26.66 -44.53 -36.78
C THR F 6 27.17 -43.70 -35.60
N VAL F 7 26.95 -42.39 -35.68
CA VAL F 7 27.36 -41.49 -34.61
C VAL F 7 26.70 -41.88 -33.29
N ARG F 8 25.42 -42.27 -33.35
CA ARG F 8 24.72 -42.73 -32.16
C ARG F 8 25.42 -43.95 -31.55
N ASP F 9 25.83 -44.91 -32.38
CA ASP F 9 26.55 -46.06 -31.86
C ASP F 9 27.96 -45.68 -31.39
N ALA F 10 28.58 -44.70 -32.05
CA ALA F 10 29.93 -44.30 -31.64
C ALA F 10 29.92 -43.64 -30.26
N ILE F 11 28.92 -42.80 -29.99
CA ILE F 11 28.76 -42.23 -28.65
C ILE F 11 28.47 -43.35 -27.64
N ASN F 12 27.62 -44.30 -28.03
CA ASN F 12 27.30 -45.43 -27.15
C ASN F 12 28.53 -46.25 -26.81
N GLN F 13 29.41 -46.46 -27.78
CA GLN F 13 30.66 -47.17 -27.49
C GLN F 13 31.53 -46.36 -26.53
N GLY F 14 31.60 -45.05 -26.73
CA GLY F 14 32.44 -44.22 -25.88
C GLY F 14 32.02 -44.27 -24.43
N MET F 15 30.73 -44.01 -24.16
CA MET F 15 30.25 -44.05 -22.78
C MET F 15 30.39 -45.43 -22.17
N ASP F 16 30.07 -46.48 -22.94
CA ASP F 16 30.17 -47.84 -22.41
C ASP F 16 31.60 -48.16 -21.98
N GLU F 17 32.58 -47.82 -22.82
CA GLU F 17 33.96 -48.14 -22.52
C GLU F 17 34.48 -47.35 -21.31
N GLU F 18 34.03 -46.11 -21.15
CA GLU F 18 34.45 -45.32 -20.01
C GLU F 18 33.75 -45.76 -18.72
N LEU F 19 32.51 -46.24 -18.81
CA LEU F 19 31.85 -46.81 -17.64
C LEU F 19 32.56 -48.08 -17.18
N GLU F 20 32.94 -48.94 -18.12
CA GLU F 20 33.66 -50.16 -17.76
C GLU F 20 35.05 -49.82 -17.22
N ARG F 21 35.63 -48.70 -17.65
CA ARG F 21 36.99 -48.35 -17.25
C ARG F 21 37.04 -47.82 -15.83
N ASP F 22 36.10 -46.96 -15.45
CA ASP F 22 36.12 -46.26 -14.16
C ASP F 22 34.75 -46.33 -13.52
N GLU F 23 34.65 -47.02 -12.38
CA GLU F 23 33.37 -47.16 -11.69
C GLU F 23 32.85 -45.85 -11.09
N LYS F 24 33.68 -44.81 -11.02
CA LYS F 24 33.21 -43.51 -10.59
C LYS F 24 32.42 -42.78 -11.67
N VAL F 25 32.45 -43.28 -12.91
CA VAL F 25 31.69 -42.67 -14.00
C VAL F 25 30.25 -43.18 -13.95
N PHE F 26 29.30 -42.28 -14.08
CA PHE F 26 27.90 -42.67 -14.16
C PHE F 26 27.16 -41.68 -15.05
N LEU F 27 26.00 -42.12 -15.56
CA LEU F 27 25.21 -41.34 -16.49
C LEU F 27 23.83 -41.08 -15.88
N LEU F 28 23.40 -39.82 -15.90
CA LEU F 28 22.08 -39.47 -15.43
C LEU F 28 21.44 -38.50 -16.41
N GLY F 29 20.12 -38.52 -16.42
CA GLY F 29 19.36 -37.72 -17.37
C GLY F 29 17.97 -38.29 -17.50
N GLU F 30 17.19 -37.64 -18.34
CA GLU F 30 15.80 -38.06 -18.56
C GLU F 30 15.76 -39.18 -19.59
N GLU F 31 15.15 -40.31 -19.20
CA GLU F 31 14.92 -41.45 -20.09
C GLU F 31 16.21 -42.13 -20.53
N VAL F 32 17.33 -41.90 -19.83
CA VAL F 32 18.57 -42.53 -20.26
C VAL F 32 18.60 -44.03 -19.96
N ALA F 33 17.75 -44.50 -19.05
CA ALA F 33 17.85 -45.88 -18.59
C ALA F 33 16.86 -46.80 -19.31
N GLN F 34 15.66 -46.96 -18.75
CA GLN F 34 14.76 -47.98 -19.25
C GLN F 34 14.21 -47.65 -20.63
N TYR F 35 14.04 -46.36 -20.94
CA TYR F 35 13.58 -46.00 -22.28
C TYR F 35 14.66 -46.19 -23.34
N ASP F 36 15.86 -46.62 -22.95
CA ASP F 36 17.01 -46.84 -23.83
C ASP F 36 17.54 -45.55 -24.45
N GLY F 37 17.16 -44.39 -23.92
CA GLY F 37 17.62 -43.13 -24.45
C GLY F 37 16.58 -42.39 -25.26
N ALA F 38 16.44 -41.09 -25.02
CA ALA F 38 15.47 -40.29 -25.76
C ALA F 38 15.71 -40.34 -27.27
N TYR F 39 16.98 -40.49 -27.67
CA TYR F 39 17.37 -40.68 -29.06
C TYR F 39 18.18 -41.96 -29.20
N LYS F 40 17.96 -42.90 -28.29
CA LYS F 40 18.55 -44.24 -28.30
C LYS F 40 20.07 -44.21 -28.25
N VAL F 41 20.64 -43.13 -27.71
CA VAL F 41 22.10 -43.03 -27.64
C VAL F 41 22.67 -43.91 -26.53
N SER F 42 21.94 -44.05 -25.42
CA SER F 42 22.38 -44.86 -24.29
C SER F 42 21.73 -46.24 -24.28
N ARG F 43 21.45 -46.79 -25.46
CA ARG F 43 20.79 -48.09 -25.53
C ARG F 43 21.64 -49.15 -24.86
N GLY F 44 20.99 -50.01 -24.07
CA GLY F 44 21.63 -51.14 -23.45
C GLY F 44 22.49 -50.83 -22.24
N LEU F 45 22.74 -49.56 -21.94
CA LEU F 45 23.63 -49.23 -20.83
C LEU F 45 23.01 -49.61 -19.49
N TRP F 46 21.73 -49.34 -19.29
CA TRP F 46 21.10 -49.68 -18.02
C TRP F 46 21.11 -51.18 -17.79
N LYS F 47 20.90 -51.98 -18.85
CA LYS F 47 20.92 -53.42 -18.71
C LYS F 47 22.29 -53.94 -18.30
N LYS F 48 23.34 -53.20 -18.64
CA LYS F 48 24.69 -53.62 -18.33
C LYS F 48 25.17 -53.12 -16.97
N TYR F 49 24.76 -51.92 -16.53
CA TYR F 49 25.31 -51.32 -15.34
C TYR F 49 24.32 -51.07 -14.20
N GLY F 50 23.04 -50.94 -14.47
CA GLY F 50 22.05 -50.94 -13.41
C GLY F 50 21.66 -49.56 -12.88
N ASP F 51 20.83 -49.61 -11.83
CA ASP F 51 20.26 -48.39 -11.27
C ASP F 51 21.33 -47.48 -10.69
N LYS F 52 22.45 -48.04 -10.24
CA LYS F 52 23.46 -47.21 -9.60
C LYS F 52 24.16 -46.31 -10.61
N ARG F 53 24.38 -46.80 -11.84
CA ARG F 53 25.21 -46.12 -12.81
C ARG F 53 24.43 -45.43 -13.92
N ILE F 54 23.22 -45.87 -14.23
CA ILE F 54 22.39 -45.25 -15.27
C ILE F 54 21.10 -44.80 -14.59
N ILE F 55 20.98 -43.50 -14.35
CA ILE F 55 19.98 -42.95 -13.43
C ILE F 55 18.93 -42.18 -14.22
N ASP F 56 17.70 -42.67 -14.21
CA ASP F 56 16.57 -41.92 -14.74
C ASP F 56 16.22 -40.78 -13.80
N THR F 57 16.16 -39.55 -14.34
CA THR F 57 15.86 -38.40 -13.52
C THR F 57 14.49 -37.83 -13.86
N PRO F 58 13.82 -37.18 -12.93
CA PRO F 58 12.59 -36.45 -13.27
C PRO F 58 12.93 -35.26 -14.15
N ILE F 59 11.87 -34.68 -14.73
CA ILE F 59 12.08 -33.51 -15.57
C ILE F 59 12.28 -32.30 -14.66
N SER F 60 13.52 -32.15 -14.18
CA SER F 60 13.94 -31.12 -13.24
C SER F 60 15.36 -30.74 -13.60
N GLU F 61 15.51 -29.98 -14.68
CA GLU F 61 16.83 -29.71 -15.26
C GLU F 61 17.78 -29.09 -14.24
N MET F 62 17.39 -27.95 -13.65
CA MET F 62 18.27 -27.29 -12.68
C MET F 62 18.61 -28.22 -11.53
N GLY F 63 17.68 -29.07 -11.12
CA GLY F 63 17.88 -29.96 -10.00
C GLY F 63 18.90 -31.05 -10.27
N PHE F 64 18.73 -31.84 -11.34
CA PHE F 64 19.65 -32.96 -11.53
C PHE F 64 20.98 -32.53 -12.14
N ALA F 65 21.02 -31.38 -12.82
CA ALA F 65 22.31 -30.83 -13.22
C ALA F 65 23.14 -30.42 -12.01
N GLY F 66 22.51 -29.72 -11.05
CA GLY F 66 23.20 -29.40 -9.81
C GLY F 66 23.59 -30.63 -9.03
N ILE F 67 22.73 -31.65 -9.04
CA ILE F 67 23.07 -32.93 -8.41
C ILE F 67 24.27 -33.55 -9.10
N ALA F 68 24.34 -33.43 -10.43
CA ALA F 68 25.50 -33.92 -11.15
C ALA F 68 26.75 -33.18 -10.73
N VAL F 69 26.68 -31.84 -10.73
CA VAL F 69 27.84 -31.03 -10.32
C VAL F 69 28.22 -31.34 -8.88
N GLY F 70 27.22 -31.51 -8.01
CA GLY F 70 27.52 -31.88 -6.63
C GLY F 70 28.22 -33.22 -6.54
N ALA F 71 27.72 -34.21 -7.27
CA ALA F 71 28.38 -35.52 -7.29
C ALA F 71 29.79 -35.42 -7.84
N ALA F 72 30.02 -34.51 -8.80
CA ALA F 72 31.36 -34.32 -9.33
C ALA F 72 32.30 -33.72 -8.29
N MET F 73 31.81 -32.76 -7.50
CA MET F 73 32.64 -32.17 -6.46
C MET F 73 33.03 -33.19 -5.41
N ALA F 74 32.17 -34.17 -5.13
CA ALA F 74 32.47 -35.18 -4.13
C ALA F 74 33.36 -36.29 -4.67
N GLY F 75 33.85 -36.19 -5.90
CA GLY F 75 34.83 -37.13 -6.42
C GLY F 75 34.36 -38.07 -7.51
N LEU F 76 33.08 -38.07 -7.85
CA LEU F 76 32.58 -38.91 -8.93
C LEU F 76 32.72 -38.19 -10.25
N ARG F 77 32.45 -38.90 -11.35
CA ARG F 77 32.65 -38.39 -12.71
C ARG F 77 31.35 -38.53 -13.49
N PRO F 78 30.37 -37.68 -13.21
CA PRO F 78 29.05 -37.85 -13.81
C PRO F 78 29.02 -37.50 -15.30
N ILE F 79 28.04 -38.08 -15.99
CA ILE F 79 27.70 -37.72 -17.36
C ILE F 79 26.27 -37.22 -17.31
N CYS F 80 26.07 -35.92 -17.43
CA CYS F 80 24.75 -35.32 -17.32
C CYS F 80 24.23 -35.07 -18.73
N GLU F 81 23.15 -35.75 -19.09
CA GLU F 81 22.54 -35.62 -20.42
C GLU F 81 21.35 -34.67 -20.34
N PHE F 82 21.34 -33.68 -21.21
CA PHE F 82 20.14 -32.89 -21.49
C PHE F 82 19.49 -33.46 -22.73
N MET F 83 18.17 -33.66 -22.68
CA MET F 83 17.47 -34.27 -23.81
C MET F 83 17.71 -33.48 -25.09
N THR F 84 17.64 -32.16 -25.01
CA THR F 84 18.25 -31.26 -25.96
C THR F 84 18.88 -30.13 -25.17
N PHE F 85 19.77 -29.38 -25.82
CA PHE F 85 20.40 -28.28 -25.11
C PHE F 85 19.49 -27.06 -24.98
N ASN F 86 18.34 -27.03 -25.67
CA ASN F 86 17.35 -25.99 -25.39
C ASN F 86 16.91 -26.07 -23.94
N PHE F 87 16.84 -27.28 -23.40
CA PHE F 87 16.42 -27.48 -22.02
C PHE F 87 17.53 -27.22 -21.02
N SER F 88 18.78 -27.05 -21.47
CA SER F 88 19.85 -26.73 -20.54
C SER F 88 19.76 -25.31 -20.03
N MET F 89 19.02 -24.43 -20.71
CA MET F 89 18.89 -23.05 -20.23
C MET F 89 18.32 -23.01 -18.83
N GLN F 90 17.48 -23.99 -18.47
CA GLN F 90 17.00 -24.05 -17.10
C GLN F 90 18.12 -24.36 -16.11
N ALA F 91 19.20 -25.00 -16.55
CA ALA F 91 20.27 -25.40 -15.66
C ALA F 91 21.57 -24.64 -15.94
N ILE F 92 21.51 -23.57 -16.74
CA ILE F 92 22.72 -22.93 -17.21
C ILE F 92 23.50 -22.26 -16.08
N ASP F 93 22.85 -21.89 -14.97
CA ASP F 93 23.59 -21.37 -13.83
C ASP F 93 24.49 -22.44 -13.23
N GLN F 94 24.01 -23.69 -13.18
CA GLN F 94 24.82 -24.76 -12.64
C GLN F 94 26.02 -25.07 -13.52
N VAL F 95 25.89 -24.90 -14.84
CA VAL F 95 27.02 -25.15 -15.72
C VAL F 95 28.06 -24.05 -15.57
N ILE F 96 27.61 -22.79 -15.50
CA ILE F 96 28.51 -21.64 -15.49
C ILE F 96 29.01 -21.31 -14.10
N ASN F 97 28.08 -21.05 -13.17
CA ASN F 97 28.47 -20.57 -11.84
C ASN F 97 28.87 -21.69 -10.89
N SER F 98 28.26 -22.87 -11.03
CA SER F 98 28.58 -23.95 -10.10
C SER F 98 29.73 -24.82 -10.58
N ALA F 99 29.89 -25.00 -11.89
CA ALA F 99 30.89 -25.93 -12.40
C ALA F 99 32.08 -25.25 -13.06
N ALA F 100 31.84 -24.32 -13.99
CA ALA F 100 32.94 -23.75 -14.76
C ALA F 100 33.87 -22.92 -13.90
N LYS F 101 33.31 -22.07 -13.04
CA LYS F 101 34.12 -21.11 -12.30
C LYS F 101 34.71 -21.68 -11.01
N THR F 102 34.33 -22.90 -10.62
CA THR F 102 34.64 -23.36 -9.27
C THR F 102 36.14 -23.59 -9.08
N TYR F 103 36.79 -24.24 -10.04
CA TYR F 103 38.21 -24.53 -9.87
C TYR F 103 39.01 -23.25 -9.72
N TYR F 104 38.65 -22.21 -10.47
CA TYR F 104 39.37 -20.94 -10.36
C TYR F 104 39.08 -20.28 -9.01
N MET F 105 37.81 -20.22 -8.61
CA MET F 105 37.44 -19.59 -7.34
C MET F 105 38.04 -20.33 -6.16
N SER F 106 38.15 -21.66 -6.25
CA SER F 106 38.71 -22.42 -5.14
C SER F 106 40.23 -22.28 -5.04
N GLY F 107 40.88 -21.63 -6.01
CA GLY F 107 42.32 -21.55 -5.98
C GLY F 107 42.99 -22.86 -6.32
N GLY F 108 42.33 -23.73 -7.08
CA GLY F 108 42.89 -25.00 -7.46
C GLY F 108 42.63 -26.13 -6.47
N LEU F 109 41.60 -26.02 -5.65
CA LEU F 109 41.32 -27.03 -4.64
C LEU F 109 40.15 -27.93 -4.95
N GLN F 110 39.13 -27.43 -5.66
CA GLN F 110 37.89 -28.16 -5.92
C GLN F 110 37.71 -28.35 -7.42
N PRO F 111 38.15 -29.47 -7.97
CA PRO F 111 37.91 -29.76 -9.39
C PRO F 111 36.52 -30.32 -9.62
N VAL F 112 36.01 -30.12 -10.83
CA VAL F 112 34.65 -30.53 -11.16
C VAL F 112 34.66 -31.42 -12.41
N PRO F 113 34.99 -32.72 -12.28
CA PRO F 113 34.99 -33.60 -13.46
C PRO F 113 33.59 -34.01 -13.90
N ILE F 114 33.04 -33.33 -14.90
CA ILE F 114 31.67 -33.55 -15.32
C ILE F 114 31.57 -33.32 -16.83
N VAL F 115 30.63 -34.02 -17.46
CA VAL F 115 30.36 -33.87 -18.88
C VAL F 115 28.89 -33.52 -19.05
N PHE F 116 28.59 -32.49 -19.85
CA PHE F 116 27.23 -32.14 -20.24
C PHE F 116 27.08 -32.45 -21.72
N ARG F 117 26.28 -33.47 -22.04
CA ARG F 117 26.11 -33.90 -23.42
C ARG F 117 24.64 -33.94 -23.78
N GLY F 118 24.39 -33.93 -25.09
CA GLY F 118 23.04 -33.91 -25.64
C GLY F 118 23.00 -33.21 -26.98
N PRO F 119 21.94 -33.41 -27.75
CA PRO F 119 21.88 -32.77 -29.07
C PRO F 119 21.72 -31.26 -28.97
N ASN F 120 22.25 -30.58 -29.98
CA ASN F 120 22.28 -29.12 -30.03
C ASN F 120 21.93 -28.65 -31.43
N GLY F 121 21.27 -27.51 -31.51
CA GLY F 121 21.01 -26.90 -32.80
C GLY F 121 19.75 -27.42 -33.45
N ALA F 122 19.70 -27.24 -34.76
CA ALA F 122 18.49 -27.46 -35.54
C ALA F 122 18.21 -28.95 -35.71
N SER F 123 16.93 -29.26 -35.90
CA SER F 123 16.51 -30.64 -36.12
C SER F 123 15.61 -30.71 -37.36
N ALA F 124 14.37 -31.16 -37.20
CA ALA F 124 13.45 -31.25 -38.34
C ALA F 124 12.04 -31.04 -37.81
N GLY F 125 11.53 -29.82 -37.97
CA GLY F 125 10.16 -29.50 -37.61
C GLY F 125 9.88 -29.32 -36.13
N VAL F 126 10.92 -29.08 -35.32
CA VAL F 126 10.72 -28.93 -33.89
C VAL F 126 10.54 -27.47 -33.46
N ALA F 127 10.46 -26.53 -34.40
CA ALA F 127 10.09 -25.15 -34.13
C ALA F 127 11.09 -24.40 -33.26
N ALA F 128 10.74 -23.17 -32.87
CA ALA F 128 11.73 -22.22 -32.38
C ALA F 128 12.31 -22.62 -31.03
N GLN F 129 11.50 -23.15 -30.13
CA GLN F 129 12.00 -23.44 -28.79
C GLN F 129 12.82 -24.72 -28.71
N HIS F 130 12.95 -25.46 -29.81
CA HIS F 130 13.69 -26.72 -29.82
C HIS F 130 14.79 -26.74 -30.87
N SER F 131 15.18 -25.59 -31.41
CA SER F 131 16.13 -25.54 -32.53
C SER F 131 17.34 -24.67 -32.26
N GLN F 132 17.52 -24.18 -31.03
CA GLN F 132 18.59 -23.22 -30.76
C GLN F 132 19.93 -23.92 -30.69
N CYS F 133 20.95 -23.27 -31.22
CA CYS F 133 22.34 -23.73 -31.13
C CYS F 133 23.06 -22.94 -30.05
N PHE F 134 23.76 -23.64 -29.16
CA PHE F 134 24.39 -23.02 -28.00
C PHE F 134 25.91 -23.04 -28.06
N ALA F 135 26.51 -23.16 -29.25
CA ALA F 135 27.96 -23.22 -29.34
C ALA F 135 28.60 -21.92 -28.87
N ALA F 136 28.08 -20.78 -29.31
CA ALA F 136 28.71 -19.51 -28.95
C ALA F 136 28.53 -19.20 -27.47
N TRP F 137 27.36 -19.49 -26.91
CA TRP F 137 27.12 -19.19 -25.48
C TRP F 137 28.11 -19.93 -24.60
N TYR F 138 28.21 -21.26 -24.75
CA TYR F 138 29.08 -22.01 -23.86
C TYR F 138 30.55 -21.75 -24.17
N GLY F 139 30.90 -21.54 -25.44
CA GLY F 139 32.29 -21.23 -25.77
C GLY F 139 32.76 -19.90 -25.26
N HIS F 140 31.83 -19.04 -24.85
CA HIS F 140 32.10 -17.71 -24.32
C HIS F 140 32.65 -17.72 -22.90
N CYS F 141 32.59 -18.86 -22.20
CA CYS F 141 32.77 -18.89 -20.76
C CYS F 141 34.08 -19.55 -20.37
N PRO F 142 34.94 -18.85 -19.63
CA PRO F 142 36.17 -19.47 -19.11
C PRO F 142 35.86 -20.58 -18.11
N GLY F 143 36.80 -21.50 -17.98
CA GLY F 143 36.62 -22.66 -17.12
C GLY F 143 35.86 -23.81 -17.75
N LEU F 144 35.22 -23.59 -18.89
CA LEU F 144 34.56 -24.63 -19.65
C LEU F 144 35.44 -25.11 -20.79
N LYS F 145 35.13 -26.31 -21.28
CA LYS F 145 35.61 -26.81 -22.56
C LYS F 145 34.38 -27.18 -23.38
N VAL F 146 34.33 -26.74 -24.62
CA VAL F 146 33.17 -26.94 -25.48
C VAL F 146 33.61 -27.64 -26.75
N VAL F 147 32.96 -28.77 -27.05
CA VAL F 147 33.23 -29.55 -28.26
C VAL F 147 31.94 -29.75 -29.03
N SER F 148 32.09 -29.99 -30.33
CA SER F 148 30.95 -30.14 -31.24
C SER F 148 31.33 -31.18 -32.29
N PRO F 149 31.06 -32.45 -32.03
CA PRO F 149 31.48 -33.50 -32.97
C PRO F 149 30.64 -33.49 -34.24
N TRP F 150 31.21 -34.11 -35.28
CA TRP F 150 30.52 -34.26 -36.56
C TRP F 150 30.23 -35.73 -36.85
N ASN F 151 31.26 -36.53 -37.16
CA ASN F 151 31.06 -37.91 -37.61
C ASN F 151 31.23 -38.88 -36.45
N SER F 152 31.30 -40.17 -36.79
CA SER F 152 31.38 -41.21 -35.75
C SER F 152 32.72 -41.15 -35.03
N GLU F 153 33.82 -40.99 -35.79
CA GLU F 153 35.13 -40.83 -35.18
C GLU F 153 35.14 -39.65 -34.21
N ASP F 154 34.63 -38.49 -34.66
CA ASP F 154 34.59 -37.32 -33.80
C ASP F 154 33.86 -37.62 -32.49
N ALA F 155 32.68 -38.23 -32.58
CA ALA F 155 31.84 -38.40 -31.41
C ALA F 155 32.48 -39.31 -30.37
N LYS F 156 32.98 -40.48 -30.80
CA LYS F 156 33.54 -41.41 -29.83
C LYS F 156 34.83 -40.86 -29.21
N GLY F 157 35.72 -40.29 -30.03
CA GLY F 157 36.97 -39.80 -29.49
C GLY F 157 36.77 -38.64 -28.51
N LEU F 158 35.82 -37.75 -28.82
CA LEU F 158 35.62 -36.59 -27.96
C LEU F 158 34.88 -36.95 -26.68
N ILE F 159 33.90 -37.86 -26.76
CA ILE F 159 33.16 -38.23 -25.56
C ILE F 159 34.06 -38.97 -24.58
N LYS F 160 35.04 -39.73 -25.07
CA LYS F 160 35.96 -40.41 -24.16
C LYS F 160 36.95 -39.42 -23.54
N SER F 161 37.43 -38.47 -24.34
CA SER F 161 38.31 -37.43 -23.82
C SER F 161 37.58 -36.54 -22.81
N ALA F 162 36.30 -36.24 -23.09
CA ALA F 162 35.52 -35.42 -22.18
C ALA F 162 35.38 -36.08 -20.82
N ILE F 163 35.18 -37.40 -20.80
CA ILE F 163 34.97 -38.09 -19.54
C ILE F 163 36.26 -38.13 -18.73
N ARG F 164 37.39 -38.33 -19.41
CA ARG F 164 38.66 -38.41 -18.70
C ARG F 164 39.19 -37.04 -18.28
N ASP F 165 38.68 -35.96 -18.87
CA ASP F 165 39.10 -34.63 -18.46
C ASP F 165 38.50 -34.26 -17.12
N ASN F 166 39.33 -33.69 -16.24
CA ASN F 166 38.93 -33.39 -14.86
C ASN F 166 38.19 -32.06 -14.70
N ASN F 167 37.62 -31.52 -15.77
CA ASN F 167 36.96 -30.22 -15.73
C ASN F 167 35.63 -30.32 -16.48
N PRO F 168 34.74 -29.34 -16.35
CA PRO F 168 33.46 -29.42 -17.07
C PRO F 168 33.66 -29.34 -18.57
N VAL F 169 33.16 -30.35 -19.29
CA VAL F 169 33.23 -30.40 -20.75
C VAL F 169 31.82 -30.48 -21.29
N VAL F 170 31.49 -29.58 -22.22
CA VAL F 170 30.20 -29.53 -22.88
C VAL F 170 30.36 -30.18 -24.25
N VAL F 171 29.56 -31.20 -24.53
CA VAL F 171 29.62 -31.95 -25.79
C VAL F 171 28.32 -31.66 -26.55
N LEU F 172 28.38 -30.77 -27.53
CA LEU F 172 27.22 -30.37 -28.32
C LEU F 172 27.04 -31.33 -29.48
N GLU F 173 26.12 -32.29 -29.33
CA GLU F 173 25.85 -33.31 -30.32
C GLU F 173 24.85 -32.80 -31.36
N ASN F 174 24.45 -33.68 -32.28
CA ASN F 174 23.49 -33.31 -33.32
C ASN F 174 22.54 -34.48 -33.57
N GLU F 175 21.23 -34.20 -33.56
CA GLU F 175 20.26 -35.29 -33.68
C GLU F 175 20.25 -35.88 -35.08
N LEU F 176 20.32 -35.02 -36.11
CA LEU F 176 20.30 -35.51 -37.48
C LEU F 176 21.55 -36.29 -37.84
N MET F 177 22.63 -36.16 -37.07
CA MET F 177 23.83 -36.94 -37.30
C MET F 177 23.82 -38.30 -36.62
N TYR F 178 22.88 -38.52 -35.69
CA TYR F 178 22.85 -39.76 -34.92
C TYR F 178 22.77 -40.98 -35.84
N GLY F 179 21.91 -40.93 -36.84
CA GLY F 179 21.70 -42.07 -37.71
C GLY F 179 22.58 -42.17 -38.94
N VAL F 180 23.58 -41.30 -39.09
CA VAL F 180 24.42 -41.31 -40.28
C VAL F 180 25.60 -42.25 -40.07
N PRO F 181 25.84 -43.21 -40.95
CA PRO F 181 26.97 -44.12 -40.79
C PRO F 181 28.25 -43.59 -41.40
N PHE F 182 29.38 -44.01 -40.79
CA PHE F 182 30.69 -43.62 -41.27
C PHE F 182 31.61 -44.83 -41.21
N GLU F 183 32.63 -44.82 -42.08
CA GLU F 183 33.68 -45.83 -42.02
C GLU F 183 34.45 -45.70 -40.71
N PHE F 184 34.46 -46.77 -39.91
CA PHE F 184 35.07 -46.80 -38.59
C PHE F 184 36.34 -47.65 -38.62
N PRO F 185 37.52 -47.04 -38.60
CA PRO F 185 38.76 -47.80 -38.70
C PRO F 185 39.04 -48.56 -37.42
N PRO F 186 39.91 -49.57 -37.46
CA PRO F 186 40.11 -50.40 -36.25
C PRO F 186 40.67 -49.65 -35.06
N GLU F 187 41.49 -48.61 -35.25
CA GLU F 187 42.03 -47.90 -34.10
C GLU F 187 40.94 -47.15 -33.35
N ALA F 188 39.91 -46.68 -34.07
CA ALA F 188 38.80 -46.01 -33.42
C ALA F 188 37.92 -47.01 -32.68
N GLN F 189 37.91 -48.27 -33.14
CA GLN F 189 37.16 -49.32 -32.45
C GLN F 189 37.80 -49.70 -31.11
N SER F 190 39.06 -49.29 -30.90
CA SER F 190 39.77 -49.63 -29.69
C SER F 190 39.19 -48.88 -28.49
N LYS F 191 39.37 -49.46 -27.31
CA LYS F 191 38.90 -48.81 -26.08
C LYS F 191 39.84 -47.69 -25.64
N ASP F 192 41.00 -47.54 -26.29
CA ASP F 192 41.97 -46.50 -25.97
C ASP F 192 41.92 -45.34 -26.95
N PHE F 193 40.90 -45.29 -27.81
CA PHE F 193 40.81 -44.25 -28.83
C PHE F 193 40.43 -42.92 -28.19
N LEU F 194 41.28 -41.93 -28.34
CA LEU F 194 41.03 -40.60 -27.78
C LEU F 194 41.29 -39.55 -28.84
N ILE F 195 40.42 -38.55 -28.88
CA ILE F 195 40.64 -37.36 -29.70
C ILE F 195 40.90 -36.19 -28.75
N PRO F 196 42.07 -35.57 -28.82
CA PRO F 196 42.37 -34.50 -27.87
C PRO F 196 41.49 -33.28 -28.09
N ILE F 197 41.03 -32.69 -26.99
CA ILE F 197 40.25 -31.47 -27.07
C ILE F 197 41.17 -30.31 -27.41
N GLY F 198 40.77 -29.49 -28.38
CA GLY F 198 41.53 -28.31 -28.76
C GLY F 198 42.32 -28.41 -30.04
N LYS F 199 42.19 -29.49 -30.80
CA LYS F 199 42.87 -29.64 -32.08
C LYS F 199 41.82 -29.92 -33.14
N ALA F 200 41.89 -29.17 -34.24
CA ALA F 200 40.99 -29.36 -35.37
C ALA F 200 41.55 -30.42 -36.31
N LYS F 201 40.68 -30.90 -37.19
CA LYS F 201 41.05 -31.91 -38.19
C LYS F 201 40.73 -31.37 -39.58
N ILE F 202 41.67 -31.53 -40.50
CA ILE F 202 41.46 -31.18 -41.90
C ILE F 202 40.75 -32.36 -42.56
N GLU F 203 39.51 -32.16 -42.99
CA GLU F 203 38.76 -33.22 -43.64
C GLU F 203 39.00 -33.30 -45.15
N ARG F 204 39.55 -32.25 -45.74
CA ARG F 204 39.82 -32.23 -47.18
C ARG F 204 40.95 -31.25 -47.46
N GLN F 205 41.99 -31.71 -48.14
CA GLN F 205 43.10 -30.84 -48.51
C GLN F 205 42.69 -29.97 -49.69
N GLY F 206 43.07 -28.69 -49.62
CA GLY F 206 42.76 -27.76 -50.69
C GLY F 206 43.80 -26.66 -50.71
N THR F 207 43.73 -25.84 -51.76
CA THR F 207 44.69 -24.74 -51.94
C THR F 207 44.05 -23.40 -52.30
N HIS F 208 42.76 -23.35 -52.60
CA HIS F 208 42.14 -22.13 -53.09
C HIS F 208 41.37 -21.34 -52.03
N ILE F 209 40.82 -22.00 -51.02
CA ILE F 209 40.03 -21.31 -50.01
C ILE F 209 39.89 -22.21 -48.79
N THR F 210 39.94 -21.62 -47.61
CA THR F 210 39.78 -22.34 -46.37
C THR F 210 38.34 -22.24 -45.90
N VAL F 211 37.71 -23.39 -45.67
CA VAL F 211 36.33 -23.49 -45.25
C VAL F 211 36.30 -24.18 -43.89
N VAL F 212 35.93 -23.44 -42.85
CA VAL F 212 35.93 -23.91 -41.47
C VAL F 212 34.49 -24.09 -40.99
N SER F 213 34.21 -25.19 -40.33
CA SER F 213 32.85 -25.48 -39.87
C SER F 213 32.90 -26.39 -38.65
N HIS F 214 31.73 -26.67 -38.10
CA HIS F 214 31.61 -27.59 -36.97
C HIS F 214 30.22 -28.22 -37.01
N SER F 215 30.12 -29.44 -36.46
CA SER F 215 28.87 -30.18 -36.40
C SER F 215 28.37 -30.55 -37.80
N ARG F 216 27.05 -30.72 -37.93
CA ARG F 216 26.46 -31.20 -39.18
C ARG F 216 26.85 -30.41 -40.42
N PRO F 217 26.96 -29.06 -40.40
CA PRO F 217 27.33 -28.36 -41.65
C PRO F 217 28.68 -28.74 -42.22
N VAL F 218 29.54 -29.45 -41.46
CA VAL F 218 30.80 -29.93 -42.02
C VAL F 218 30.54 -30.82 -43.23
N GLY F 219 29.52 -31.68 -43.14
CA GLY F 219 29.17 -32.51 -44.26
C GLY F 219 28.74 -31.70 -45.46
N HIS F 220 27.99 -30.61 -45.22
CA HIS F 220 27.59 -29.75 -46.33
C HIS F 220 28.79 -29.03 -46.93
N CYS F 221 29.79 -28.71 -46.11
CA CYS F 221 31.01 -28.11 -46.65
C CYS F 221 31.76 -29.09 -47.55
N LEU F 222 31.79 -30.37 -47.17
CA LEU F 222 32.40 -31.38 -48.02
C LEU F 222 31.60 -31.58 -49.31
N GLU F 223 30.28 -31.54 -49.20
CA GLU F 223 29.45 -31.61 -50.42
C GLU F 223 29.71 -30.43 -51.33
N ALA F 224 29.82 -29.22 -50.75
CA ALA F 224 30.14 -28.06 -51.56
C ALA F 224 31.51 -28.20 -52.20
N ALA F 225 32.49 -28.70 -51.44
CA ALA F 225 33.83 -28.88 -51.97
C ALA F 225 33.85 -29.88 -53.12
N ALA F 226 32.99 -30.90 -53.06
CA ALA F 226 32.92 -31.89 -54.14
C ALA F 226 32.36 -31.27 -55.42
N VAL F 227 31.40 -30.36 -55.29
CA VAL F 227 30.84 -29.68 -56.45
C VAL F 227 31.86 -28.72 -57.06
N LEU F 228 32.52 -27.93 -56.21
CA LEU F 228 33.49 -26.95 -56.70
C LEU F 228 34.75 -27.62 -57.25
N SER F 229 35.07 -28.82 -56.78
CA SER F 229 36.25 -29.52 -57.26
C SER F 229 36.13 -29.87 -58.74
N LYS F 230 34.91 -30.18 -59.20
CA LYS F 230 34.67 -30.41 -60.61
C LYS F 230 34.84 -29.16 -61.45
N GLU F 231 34.90 -27.98 -60.84
CA GLU F 231 35.08 -26.71 -61.52
C GLU F 231 36.50 -26.15 -61.37
N GLY F 232 37.40 -26.91 -60.74
CA GLY F 232 38.77 -26.47 -60.57
C GLY F 232 39.04 -25.66 -59.32
N VAL F 233 38.18 -25.74 -58.31
CA VAL F 233 38.34 -25.00 -57.06
C VAL F 233 38.52 -26.02 -55.94
N GLU F 234 39.73 -26.05 -55.36
CA GLU F 234 40.07 -26.99 -54.30
C GLU F 234 39.87 -26.31 -52.95
N CYS F 235 38.87 -26.78 -52.19
CA CYS F 235 38.59 -26.26 -50.86
C CYS F 235 39.31 -27.06 -49.80
N GLU F 236 39.78 -26.37 -48.76
CA GLU F 236 40.35 -27.02 -47.59
C GLU F 236 39.31 -26.94 -46.48
N VAL F 237 38.61 -28.04 -46.27
CA VAL F 237 37.55 -28.11 -45.28
C VAL F 237 38.17 -28.47 -43.94
N ILE F 238 37.84 -27.69 -42.92
CA ILE F 238 38.38 -27.87 -41.58
C ILE F 238 37.24 -28.14 -40.62
N ASN F 239 37.37 -29.21 -39.84
CA ASN F 239 36.40 -29.58 -38.84
C ASN F 239 36.93 -29.10 -37.48
N MET F 240 36.30 -28.08 -36.92
CA MET F 240 36.81 -27.46 -35.69
C MET F 240 36.92 -28.48 -34.57
N ARG F 241 35.88 -29.31 -34.40
CA ARG F 241 35.75 -30.28 -33.32
C ARG F 241 35.60 -29.60 -31.97
N THR F 242 36.53 -28.72 -31.61
CA THR F 242 36.52 -28.02 -30.33
C THR F 242 36.09 -26.58 -30.54
N ILE F 243 35.16 -26.11 -29.71
CA ILE F 243 34.73 -24.71 -29.72
C ILE F 243 35.56 -23.87 -28.76
N ARG F 244 35.82 -24.38 -27.57
CA ARG F 244 36.72 -23.73 -26.62
C ARG F 244 37.58 -24.79 -25.94
N PRO F 245 38.92 -24.74 -26.08
CA PRO F 245 39.71 -23.77 -26.84
C PRO F 245 39.90 -24.12 -28.30
N MET F 246 39.43 -23.27 -29.20
CA MET F 246 39.47 -23.62 -30.63
C MET F 246 40.92 -23.66 -31.13
N ASP F 247 41.09 -24.40 -32.21
CA ASP F 247 42.41 -24.62 -32.81
C ASP F 247 42.62 -23.59 -33.90
N MET F 248 43.09 -22.40 -33.51
CA MET F 248 43.34 -21.35 -34.49
C MET F 248 44.64 -21.57 -35.26
N GLU F 249 45.62 -22.27 -34.67
CA GLU F 249 46.87 -22.50 -35.39
C GLU F 249 46.64 -23.29 -36.66
N THR F 250 45.73 -24.27 -36.62
CA THR F 250 45.40 -25.04 -37.83
C THR F 250 44.69 -24.17 -38.85
N ILE F 251 43.77 -23.31 -38.40
CA ILE F 251 43.07 -22.41 -39.32
C ILE F 251 44.03 -21.39 -39.92
N GLU F 252 44.88 -20.80 -39.08
CA GLU F 252 45.84 -19.81 -39.58
C GLU F 252 46.79 -20.43 -40.61
N ALA F 253 47.32 -21.63 -40.32
CA ALA F 253 48.23 -22.28 -41.24
C ALA F 253 47.56 -22.55 -42.59
N SER F 254 46.25 -22.83 -42.58
CA SER F 254 45.53 -23.03 -43.83
C SER F 254 45.36 -21.71 -44.58
N VAL F 255 45.00 -20.63 -43.88
CA VAL F 255 44.80 -19.35 -44.54
C VAL F 255 46.09 -18.86 -45.19
N MET F 256 47.23 -19.13 -44.55
CA MET F 256 48.53 -18.73 -45.10
C MET F 256 48.83 -19.41 -46.43
N LYS F 257 48.14 -20.50 -46.76
CA LYS F 257 48.28 -21.18 -48.03
C LYS F 257 47.18 -20.83 -49.02
N THR F 258 45.94 -20.70 -48.56
CA THR F 258 44.79 -20.50 -49.44
C THR F 258 44.45 -19.05 -49.72
N ASN F 259 44.83 -18.13 -48.82
CA ASN F 259 44.60 -16.68 -48.91
C ASN F 259 43.12 -16.30 -48.87
N HIS F 260 42.22 -17.24 -48.57
CA HIS F 260 40.80 -16.95 -48.47
C HIS F 260 40.19 -17.78 -47.35
N LEU F 261 39.18 -17.21 -46.69
CA LEU F 261 38.55 -17.86 -45.54
C LEU F 261 37.04 -17.67 -45.57
N VAL F 262 36.31 -18.77 -45.38
CA VAL F 262 34.85 -18.77 -45.23
C VAL F 262 34.51 -19.66 -44.04
N THR F 263 33.73 -19.13 -43.10
CA THR F 263 33.26 -19.91 -41.96
C THR F 263 31.81 -20.34 -42.18
N VAL F 264 31.49 -21.56 -41.78
CA VAL F 264 30.16 -22.13 -41.94
C VAL F 264 29.70 -22.69 -40.60
N GLU F 265 28.52 -22.27 -40.14
CA GLU F 265 27.98 -22.71 -38.86
C GLU F 265 26.47 -22.78 -38.95
N GLY F 266 25.88 -23.57 -38.06
CA GLY F 266 24.43 -23.70 -38.01
C GLY F 266 23.71 -22.66 -37.18
N GLY F 267 24.38 -22.11 -36.17
CA GLY F 267 23.77 -21.21 -35.22
C GLY F 267 23.49 -19.81 -35.76
N TRP F 268 23.02 -18.95 -34.85
CA TRP F 268 22.69 -17.57 -35.20
C TRP F 268 23.96 -16.78 -35.51
N PRO F 269 23.86 -15.79 -36.39
CA PRO F 269 25.06 -15.08 -36.87
C PRO F 269 25.69 -14.12 -35.86
N GLN F 270 24.92 -13.19 -35.29
CA GLN F 270 25.51 -12.14 -34.47
C GLN F 270 26.11 -12.72 -33.20
N PHE F 271 27.36 -12.36 -32.92
CA PHE F 271 28.10 -12.87 -31.76
C PHE F 271 28.22 -14.39 -31.81
N GLY F 272 28.33 -14.97 -33.01
CA GLY F 272 28.37 -16.39 -33.18
C GLY F 272 29.79 -16.93 -33.31
N VAL F 273 29.87 -18.20 -33.72
CA VAL F 273 31.17 -18.88 -33.80
C VAL F 273 32.02 -18.25 -34.90
N GLY F 274 31.42 -18.03 -36.08
CA GLY F 274 32.15 -17.42 -37.18
C GLY F 274 32.69 -16.04 -36.85
N ALA F 275 31.98 -15.29 -36.01
CA ALA F 275 32.45 -13.96 -35.64
C ALA F 275 33.78 -14.03 -34.89
N GLU F 276 33.95 -15.05 -34.04
CA GLU F 276 35.20 -15.17 -33.31
C GLU F 276 36.35 -15.59 -34.23
N ILE F 277 36.08 -16.51 -35.16
CA ILE F 277 37.12 -16.93 -36.10
C ILE F 277 37.58 -15.75 -36.94
N CYS F 278 36.64 -14.91 -37.39
CA CYS F 278 37.01 -13.75 -38.18
C CYS F 278 37.80 -12.74 -37.35
N ALA F 279 37.41 -12.54 -36.09
CA ALA F 279 38.14 -11.62 -35.21
C ALA F 279 39.54 -12.13 -34.92
N ARG F 280 39.68 -13.45 -34.74
CA ARG F 280 40.99 -14.01 -34.44
C ARG F 280 41.90 -13.98 -35.66
N ILE F 281 41.33 -14.12 -36.86
CA ILE F 281 42.14 -14.08 -38.06
C ILE F 281 42.64 -12.67 -38.33
N MET F 282 41.88 -11.66 -37.90
CA MET F 282 42.28 -10.28 -38.12
C MET F 282 43.32 -9.83 -37.09
N GLU F 283 43.20 -10.30 -35.85
CA GLU F 283 44.20 -10.01 -34.82
C GLU F 283 45.47 -10.83 -34.99
N GLY F 284 45.43 -11.91 -35.76
CA GLY F 284 46.51 -12.86 -35.79
C GLY F 284 47.47 -12.65 -36.96
N PRO F 285 48.39 -13.59 -37.12
CA PRO F 285 49.43 -13.43 -38.15
C PRO F 285 48.94 -13.71 -39.56
N ALA F 286 47.77 -14.28 -39.74
CA ALA F 286 47.27 -14.64 -41.05
C ALA F 286 46.51 -13.51 -41.74
N PHE F 287 46.30 -12.38 -41.07
CA PHE F 287 45.50 -11.31 -41.68
C PHE F 287 46.16 -10.78 -42.95
N ASN F 288 47.48 -10.63 -42.94
CA ASN F 288 48.19 -10.15 -44.12
C ASN F 288 48.15 -11.15 -45.27
N PHE F 289 47.83 -12.40 -45.00
CA PHE F 289 47.76 -13.42 -46.03
C PHE F 289 46.41 -13.46 -46.73
N LEU F 290 45.42 -12.71 -46.25
CA LEU F 290 44.10 -12.70 -46.87
C LEU F 290 44.10 -11.85 -48.13
N ASP F 291 43.71 -12.46 -49.26
CA ASP F 291 43.51 -11.73 -50.50
C ASP F 291 42.08 -11.25 -50.66
N ALA F 292 41.19 -11.61 -49.73
CA ALA F 292 39.79 -11.19 -49.75
C ALA F 292 39.28 -11.22 -48.33
N PRO F 293 38.24 -10.43 -48.01
CA PRO F 293 37.67 -10.48 -46.67
C PRO F 293 37.01 -11.82 -46.38
N ALA F 294 37.07 -12.22 -45.10
CA ALA F 294 36.43 -13.45 -44.67
C ALA F 294 34.94 -13.24 -44.50
N VAL F 295 34.15 -14.19 -44.99
CA VAL F 295 32.70 -14.10 -44.95
C VAL F 295 32.15 -15.27 -44.15
N ARG F 296 30.97 -15.05 -43.57
CA ARG F 296 30.32 -16.01 -42.69
C ARG F 296 29.07 -16.60 -43.34
N VAL F 297 28.95 -17.93 -43.27
CA VAL F 297 27.72 -18.64 -43.62
C VAL F 297 27.14 -19.18 -42.31
N THR F 298 25.94 -18.71 -41.95
CA THR F 298 25.30 -19.07 -40.68
C THR F 298 23.83 -19.42 -40.92
N GLY F 299 23.12 -19.74 -39.84
CA GLY F 299 21.69 -19.81 -39.92
C GLY F 299 21.06 -18.43 -40.01
N ALA F 300 19.82 -18.38 -40.49
CA ALA F 300 19.12 -17.12 -40.64
C ALA F 300 18.86 -16.50 -39.27
N ASP F 301 18.82 -15.16 -39.24
CA ASP F 301 18.72 -14.39 -37.99
C ASP F 301 17.29 -14.33 -37.48
N VAL F 302 16.65 -15.48 -37.34
CA VAL F 302 15.25 -15.56 -36.92
C VAL F 302 15.09 -16.70 -35.92
N PRO F 303 14.05 -16.65 -35.10
CA PRO F 303 13.61 -17.88 -34.42
C PRO F 303 13.25 -18.92 -35.47
N MET F 304 13.54 -20.18 -35.17
CA MET F 304 13.37 -21.22 -36.19
C MET F 304 11.89 -21.38 -36.55
N PRO F 305 11.50 -21.19 -37.80
CA PRO F 305 10.10 -21.40 -38.18
C PRO F 305 9.78 -22.88 -38.35
N TYR F 306 8.48 -23.16 -38.38
CA TYR F 306 8.02 -24.55 -38.46
C TYR F 306 7.95 -25.08 -39.89
N ALA F 307 7.36 -24.30 -40.79
CA ALA F 307 7.09 -24.80 -42.14
C ALA F 307 8.36 -25.29 -42.80
N LYS F 308 8.22 -26.34 -43.62
CA LYS F 308 9.38 -26.98 -44.23
C LYS F 308 10.15 -26.01 -45.10
N ILE F 309 9.44 -25.25 -45.94
CA ILE F 309 10.10 -24.33 -46.85
C ILE F 309 10.85 -23.26 -46.09
N LEU F 310 10.31 -22.83 -44.95
CA LEU F 310 10.95 -21.79 -44.14
C LEU F 310 12.13 -22.33 -43.34
N GLU F 311 12.00 -23.53 -42.76
CA GLU F 311 13.11 -24.11 -42.00
C GLU F 311 14.29 -24.44 -42.91
N ASP F 312 14.01 -24.89 -44.14
CA ASP F 312 15.08 -25.20 -45.09
C ASP F 312 15.91 -23.96 -45.41
N ASN F 313 15.29 -22.79 -45.41
CA ASN F 313 15.97 -21.53 -45.70
C ASN F 313 16.44 -20.81 -44.45
N SER F 314 16.28 -21.40 -43.27
CA SER F 314 16.86 -20.84 -42.05
C SER F 314 18.15 -21.53 -41.65
N ILE F 315 18.62 -22.49 -42.44
CA ILE F 315 19.80 -23.29 -42.16
C ILE F 315 20.73 -23.19 -43.37
N PRO F 316 22.04 -23.16 -43.19
CA PRO F 316 22.95 -23.13 -44.34
C PRO F 316 22.76 -24.37 -45.21
N GLN F 317 22.51 -24.12 -46.49
CA GLN F 317 22.42 -25.15 -47.51
C GLN F 317 23.73 -25.19 -48.30
N VAL F 318 23.88 -26.26 -49.09
CA VAL F 318 25.10 -26.43 -49.88
C VAL F 318 25.26 -25.28 -50.88
N LYS F 319 24.15 -24.82 -51.47
CA LYS F 319 24.24 -23.74 -52.43
C LYS F 319 24.63 -22.42 -51.77
N ASP F 320 24.25 -22.23 -50.51
CA ASP F 320 24.64 -21.02 -49.78
C ASP F 320 26.13 -21.00 -49.50
N ILE F 321 26.73 -22.16 -49.25
CA ILE F 321 28.17 -22.22 -49.05
C ILE F 321 28.90 -21.94 -50.36
N ILE F 322 28.45 -22.57 -51.45
CA ILE F 322 29.07 -22.35 -52.75
C ILE F 322 28.98 -20.88 -53.14
N PHE F 323 27.84 -20.25 -52.89
CA PHE F 323 27.66 -18.85 -53.25
C PHE F 323 28.65 -17.96 -52.52
N ALA F 324 28.82 -18.17 -51.21
CA ALA F 324 29.78 -17.39 -50.44
C ALA F 324 31.20 -17.67 -50.89
N ILE F 325 31.48 -18.92 -51.26
CA ILE F 325 32.83 -19.27 -51.72
C ILE F 325 33.14 -18.56 -53.03
N LYS F 326 32.19 -18.55 -53.97
CA LYS F 326 32.41 -17.87 -55.23
C LYS F 326 32.47 -16.35 -55.06
N LYS F 327 31.77 -15.82 -54.06
CA LYS F 327 31.87 -14.40 -53.76
C LYS F 327 33.28 -14.04 -53.26
N THR F 328 33.85 -14.87 -52.40
CA THR F 328 35.19 -14.59 -51.87
C THR F 328 36.25 -14.66 -52.96
N LEU F 329 36.11 -15.60 -53.90
CA LEU F 329 37.08 -15.79 -54.96
C LEU F 329 36.79 -14.97 -56.21
N ASN F 330 35.70 -14.20 -56.21
CA ASN F 330 35.32 -13.37 -57.35
C ASN F 330 35.19 -14.21 -58.63
N ILE F 331 34.51 -15.35 -58.51
CA ILE F 331 34.26 -16.23 -59.65
C ILE F 331 32.78 -16.61 -59.71
N ARG G 2 -46.32 -34.97 -29.98
CA ARG G 2 -46.65 -36.13 -29.18
C ARG G 2 -45.40 -36.94 -28.77
N GLY G 3 -44.80 -36.55 -27.65
CA GLY G 3 -43.67 -37.25 -27.09
C GLY G 3 -42.35 -36.67 -27.55
N SER G 4 -41.51 -36.26 -26.61
CA SER G 4 -40.24 -35.60 -26.94
C SER G 4 -39.21 -35.88 -25.84
N PHE G 5 -37.98 -35.45 -26.09
CA PHE G 5 -36.88 -35.70 -25.17
C PHE G 5 -37.06 -34.91 -23.88
N ALA G 6 -36.48 -35.45 -22.79
CA ALA G 6 -36.44 -34.70 -21.55
C ALA G 6 -35.56 -33.46 -21.72
N ASN G 7 -35.99 -32.35 -21.11
CA ASN G 7 -35.24 -31.11 -21.27
C ASN G 7 -33.99 -31.11 -20.39
N ASP G 8 -34.09 -31.66 -19.18
CA ASP G 8 -32.95 -31.71 -18.27
C ASP G 8 -33.02 -32.99 -17.44
N ALA G 9 -31.93 -33.27 -16.74
CA ALA G 9 -31.86 -34.45 -15.89
C ALA G 9 -30.76 -34.26 -14.85
N THR G 10 -30.98 -34.85 -13.67
CA THR G 10 -30.03 -34.80 -12.58
C THR G 10 -29.12 -36.02 -12.62
N PHE G 11 -27.83 -35.80 -12.33
CA PHE G 11 -26.84 -36.87 -12.36
C PHE G 11 -26.01 -36.85 -11.09
N GLU G 12 -25.63 -38.04 -10.63
CA GLU G 12 -24.71 -38.19 -9.51
C GLU G 12 -23.29 -38.19 -10.05
N ILE G 13 -22.45 -37.32 -9.50
CA ILE G 13 -21.06 -37.22 -9.94
C ILE G 13 -20.13 -37.57 -8.78
N LYS G 14 -18.93 -38.00 -9.14
CA LYS G 14 -17.97 -38.49 -8.16
C LYS G 14 -17.56 -37.38 -7.20
N LYS G 15 -17.33 -37.75 -5.95
CA LYS G 15 -16.91 -36.82 -4.92
C LYS G 15 -15.42 -36.54 -5.05
N CYS G 16 -15.05 -35.26 -5.07
CA CYS G 16 -13.65 -34.86 -5.18
C CYS G 16 -12.92 -35.07 -3.87
N ASP G 17 -11.71 -35.61 -3.94
CA ASP G 17 -10.84 -35.64 -2.78
C ASP G 17 -10.35 -34.24 -2.48
N LEU G 18 -10.45 -33.83 -1.22
CA LEU G 18 -10.16 -32.45 -0.86
C LEU G 18 -8.81 -32.34 -0.15
N HIS G 19 -8.25 -31.13 -0.20
CA HIS G 19 -7.03 -30.79 0.53
C HIS G 19 -7.16 -29.36 1.03
N ARG G 20 -7.17 -29.20 2.35
CA ARG G 20 -7.32 -27.89 2.97
C ARG G 20 -8.59 -27.19 2.50
N LEU G 21 -9.68 -27.95 2.42
CA LEU G 21 -10.98 -27.41 2.06
C LEU G 21 -12.03 -28.07 2.93
N GLU G 22 -12.96 -27.26 3.44
CA GLU G 22 -14.05 -27.78 4.25
C GLU G 22 -15.18 -28.35 3.38
N GLU G 23 -15.57 -27.60 2.35
CA GLU G 23 -16.62 -28.00 1.42
C GLU G 23 -16.05 -28.03 0.01
N GLY G 24 -16.43 -29.04 -0.76
CA GLY G 24 -15.96 -29.16 -2.11
C GLY G 24 -17.08 -28.97 -3.10
N PRO G 25 -16.87 -29.35 -4.36
CA PRO G 25 -17.92 -29.21 -5.38
C PRO G 25 -19.09 -30.13 -5.07
N PRO G 26 -20.29 -29.81 -5.55
CA PRO G 26 -21.44 -30.68 -5.30
C PRO G 26 -21.28 -32.04 -5.96
N VAL G 27 -21.97 -33.03 -5.39
CA VAL G 27 -21.95 -34.40 -5.90
C VAL G 27 -23.14 -34.70 -6.81
N THR G 28 -23.99 -33.71 -7.09
CA THR G 28 -25.09 -33.86 -8.04
C THR G 28 -25.12 -32.62 -8.92
N THR G 29 -25.51 -32.79 -10.18
CA THR G 29 -25.57 -31.68 -11.11
C THR G 29 -26.68 -31.92 -12.12
N VAL G 30 -27.14 -30.84 -12.74
CA VAL G 30 -28.18 -30.88 -13.76
C VAL G 30 -27.55 -30.63 -15.11
N LEU G 31 -27.78 -31.55 -16.05
CA LEU G 31 -27.35 -31.40 -17.43
C LEU G 31 -28.58 -31.18 -18.29
N THR G 32 -28.58 -30.09 -19.05
CA THR G 32 -29.67 -29.81 -19.97
C THR G 32 -29.43 -30.52 -21.31
N ARG G 33 -30.49 -30.64 -22.09
CA ARG G 33 -30.37 -31.25 -23.41
C ARG G 33 -29.48 -30.42 -24.32
N GLU G 34 -29.64 -29.10 -24.30
CA GLU G 34 -28.82 -28.24 -25.14
C GLU G 34 -27.35 -28.33 -24.75
N ASP G 35 -27.04 -28.31 -23.46
CA ASP G 35 -25.65 -28.42 -23.03
C ASP G 35 -25.07 -29.79 -23.37
N GLY G 36 -25.86 -30.85 -23.22
CA GLY G 36 -25.37 -32.18 -23.54
C GLY G 36 -25.01 -32.31 -25.02
N LEU G 37 -25.91 -31.86 -25.90
CA LEU G 37 -25.63 -31.90 -27.32
C LEU G 37 -24.43 -31.04 -27.71
N LYS G 38 -24.24 -29.91 -27.01
CA LYS G 38 -23.08 -29.07 -27.27
C LYS G 38 -21.80 -29.75 -26.81
N TYR G 39 -21.81 -30.32 -25.60
CA TYR G 39 -20.62 -31.00 -25.08
C TYR G 39 -20.27 -32.22 -25.93
N TYR G 40 -21.29 -32.96 -26.40
CA TYR G 40 -21.04 -34.16 -27.19
C TYR G 40 -20.38 -33.80 -28.52
N ARG G 41 -20.94 -32.79 -29.23
CA ARG G 41 -20.35 -32.41 -30.50
C ARG G 41 -18.94 -31.86 -30.31
N MET G 42 -18.70 -31.11 -29.23
CA MET G 42 -17.37 -30.57 -28.99
C MET G 42 -16.36 -31.69 -28.71
N MET G 43 -16.73 -32.66 -27.87
CA MET G 43 -15.81 -33.75 -27.59
C MET G 43 -15.58 -34.61 -28.82
N GLN G 44 -16.63 -34.92 -29.58
CA GLN G 44 -16.45 -35.74 -30.77
C GLN G 44 -15.61 -35.02 -31.82
N THR G 45 -15.69 -33.69 -31.88
CA THR G 45 -14.86 -32.94 -32.82
C THR G 45 -13.38 -33.02 -32.42
N VAL G 46 -13.08 -32.84 -31.14
CA VAL G 46 -11.71 -32.97 -30.69
C VAL G 46 -11.19 -34.37 -30.96
N ARG G 47 -12.04 -35.38 -30.75
CA ARG G 47 -11.63 -36.77 -30.97
C ARG G 47 -11.28 -37.02 -32.44
N ARG G 48 -12.19 -36.70 -33.35
CA ARG G 48 -11.92 -36.93 -34.76
C ARG G 48 -10.79 -36.05 -35.27
N MET G 49 -10.58 -34.89 -34.65
CA MET G 49 -9.47 -34.04 -35.07
C MET G 49 -8.14 -34.66 -34.66
N GLU G 50 -8.05 -35.20 -33.46
CA GLU G 50 -6.79 -35.81 -33.04
C GLU G 50 -6.52 -37.09 -33.80
N LEU G 51 -7.57 -37.85 -34.14
CA LEU G 51 -7.38 -39.05 -34.94
C LEU G 51 -6.88 -38.68 -36.34
N LYS G 52 -7.37 -37.58 -36.89
CA LYS G 52 -6.89 -37.12 -38.19
C LYS G 52 -5.46 -36.62 -38.10
N ALA G 53 -5.13 -35.89 -37.04
CA ALA G 53 -3.75 -35.45 -36.87
C ALA G 53 -2.82 -36.64 -36.72
N ASP G 54 -3.27 -37.69 -36.04
CA ASP G 54 -2.47 -38.90 -35.93
C ASP G 54 -2.24 -39.53 -37.30
N GLN G 55 -3.26 -39.48 -38.16
CA GLN G 55 -3.12 -40.02 -39.50
C GLN G 55 -2.14 -39.21 -40.32
N LEU G 56 -2.27 -37.87 -40.30
CA LEU G 56 -1.36 -37.04 -41.07
C LEU G 56 0.07 -37.14 -40.54
N TYR G 57 0.23 -37.33 -39.24
CA TYR G 57 1.56 -37.50 -38.67
C TYR G 57 2.22 -38.78 -39.16
N LYS G 58 1.46 -39.86 -39.23
CA LYS G 58 2.01 -41.11 -39.77
C LYS G 58 2.32 -40.96 -41.26
N GLN G 59 1.50 -40.21 -41.99
CA GLN G 59 1.81 -39.92 -43.39
C GLN G 59 2.94 -38.93 -43.55
N LYS G 60 3.53 -38.48 -42.44
CA LYS G 60 4.66 -37.54 -42.42
C LYS G 60 4.32 -36.20 -43.04
N ILE G 61 3.02 -35.92 -43.20
CA ILE G 61 2.61 -34.59 -43.64
C ILE G 61 2.81 -33.58 -42.52
N ILE G 62 2.57 -34.01 -41.27
CA ILE G 62 2.90 -33.23 -40.09
C ILE G 62 4.30 -33.64 -39.64
N ARG G 63 5.12 -32.65 -39.31
CA ARG G 63 6.51 -32.90 -38.94
C ARG G 63 6.75 -32.53 -37.49
N GLY G 64 7.91 -32.96 -36.99
CA GLY G 64 8.35 -32.59 -35.66
C GLY G 64 7.56 -33.26 -34.56
N PHE G 65 6.89 -32.45 -33.75
CA PHE G 65 6.10 -32.97 -32.64
C PHE G 65 4.62 -33.00 -33.00
N CYS G 66 3.90 -33.94 -32.38
CA CYS G 66 2.47 -34.02 -32.54
C CYS G 66 1.84 -34.75 -31.36
N HIS G 67 1.72 -34.09 -30.23
CA HIS G 67 1.14 -34.68 -29.03
C HIS G 67 -0.38 -34.59 -29.11
N LEU G 68 -1.05 -35.73 -28.99
CA LEU G 68 -2.50 -35.80 -29.12
C LEU G 68 -3.17 -35.90 -27.74
N CYS G 69 -4.37 -35.34 -27.66
CA CYS G 69 -5.12 -35.31 -26.41
C CYS G 69 -6.37 -36.19 -26.45
N ASP G 70 -6.43 -37.12 -27.40
CA ASP G 70 -7.59 -38.01 -27.47
C ASP G 70 -7.67 -38.88 -26.21
N GLY G 71 -8.88 -39.03 -25.68
CA GLY G 71 -9.09 -39.62 -24.38
C GLY G 71 -9.19 -38.59 -23.26
N GLN G 72 -8.80 -37.35 -23.51
CA GLN G 72 -8.86 -36.27 -22.54
C GLN G 72 -9.88 -35.21 -22.95
N GLU G 73 -10.88 -35.60 -23.76
CA GLU G 73 -11.82 -34.62 -24.28
C GLU G 73 -12.72 -34.04 -23.17
N ALA G 74 -12.95 -34.78 -22.10
CA ALA G 74 -13.77 -34.23 -21.01
C ALA G 74 -13.07 -33.10 -20.29
N CYS G 75 -11.74 -32.99 -20.46
CA CYS G 75 -10.98 -31.94 -19.80
C CYS G 75 -11.16 -30.60 -20.51
N CYS G 76 -10.74 -30.51 -21.77
CA CYS G 76 -10.82 -29.21 -22.43
C CYS G 76 -12.26 -28.76 -22.62
N VAL G 77 -13.19 -29.70 -22.88
CA VAL G 77 -14.58 -29.31 -23.01
C VAL G 77 -15.21 -29.08 -21.64
N GLY G 78 -14.85 -29.90 -20.66
CA GLY G 78 -15.36 -29.69 -19.32
C GLY G 78 -14.87 -28.39 -18.71
N LEU G 79 -13.59 -28.05 -18.92
CA LEU G 79 -13.08 -26.80 -18.40
C LEU G 79 -13.75 -25.60 -19.09
N GLU G 80 -13.98 -25.69 -20.40
CA GLU G 80 -14.60 -24.57 -21.08
C GLU G 80 -16.03 -24.35 -20.59
N ALA G 81 -16.72 -25.41 -20.20
CA ALA G 81 -18.10 -25.29 -19.72
C ALA G 81 -18.17 -24.63 -18.35
N GLY G 82 -17.06 -24.61 -17.60
CA GLY G 82 -17.01 -24.02 -16.29
C GLY G 82 -16.38 -22.65 -16.21
N ILE G 83 -15.95 -22.08 -17.34
CA ILE G 83 -15.34 -20.76 -17.38
C ILE G 83 -16.06 -19.93 -18.43
N ASN G 84 -15.72 -18.66 -18.48
CA ASN G 84 -16.27 -17.71 -19.43
C ASN G 84 -15.29 -17.49 -20.58
N PRO G 85 -15.78 -16.99 -21.72
CA PRO G 85 -14.84 -16.62 -22.79
C PRO G 85 -13.90 -15.49 -22.41
N THR G 86 -14.23 -14.69 -21.41
CA THR G 86 -13.34 -13.65 -20.92
C THR G 86 -12.34 -14.15 -19.89
N ASP G 87 -12.40 -15.42 -19.50
CA ASP G 87 -11.39 -16.00 -18.65
C ASP G 87 -10.20 -16.44 -19.50
N HIS G 88 -9.11 -16.79 -18.83
CA HIS G 88 -7.83 -17.06 -19.47
C HIS G 88 -7.40 -18.50 -19.20
N LEU G 89 -6.67 -19.07 -20.16
CA LEU G 89 -6.22 -20.44 -20.06
C LEU G 89 -4.88 -20.57 -20.77
N ILE G 90 -4.00 -21.39 -20.21
CA ILE G 90 -2.69 -21.66 -20.80
C ILE G 90 -2.29 -23.09 -20.43
N THR G 91 -1.62 -23.78 -21.35
CA THR G 91 -1.20 -25.15 -21.11
C THR G 91 0.12 -25.39 -21.84
N ALA G 92 0.59 -26.64 -21.80
CA ALA G 92 1.86 -27.02 -22.42
C ALA G 92 1.66 -27.45 -23.87
N TYR G 93 2.43 -28.45 -24.32
CA TYR G 93 2.52 -28.83 -25.73
C TYR G 93 1.34 -29.63 -26.25
N ARG G 94 0.41 -30.08 -25.40
CA ARG G 94 -0.71 -30.91 -25.83
C ARG G 94 -1.98 -30.06 -25.89
N ALA G 95 -1.98 -29.12 -26.83
CA ALA G 95 -2.94 -28.02 -26.82
C ALA G 95 -3.94 -28.07 -27.96
N HIS G 96 -4.02 -29.17 -28.71
CA HIS G 96 -4.93 -29.22 -29.86
C HIS G 96 -6.37 -29.05 -29.42
N GLY G 97 -6.78 -29.75 -28.37
CA GLY G 97 -8.15 -29.63 -27.90
C GLY G 97 -8.45 -28.24 -27.35
N PHE G 98 -7.52 -27.68 -26.58
CA PHE G 98 -7.75 -26.35 -26.00
C PHE G 98 -7.78 -25.27 -27.06
N THR G 99 -7.05 -25.44 -28.16
CA THR G 99 -7.12 -24.46 -29.24
C THR G 99 -8.51 -24.44 -29.85
N PHE G 100 -9.15 -25.60 -29.96
CA PHE G 100 -10.49 -25.67 -30.55
C PHE G 100 -11.56 -25.16 -29.61
N THR G 101 -11.49 -25.53 -28.33
CA THR G 101 -12.49 -25.07 -27.37
C THR G 101 -12.39 -23.57 -27.12
N ARG G 102 -11.23 -22.97 -27.36
CA ARG G 102 -11.02 -21.54 -27.18
C ARG G 102 -11.36 -20.72 -28.40
N GLY G 103 -11.86 -21.34 -29.47
CA GLY G 103 -12.44 -20.60 -30.58
C GLY G 103 -11.84 -20.83 -31.94
N LEU G 104 -10.67 -21.47 -32.08
CA LEU G 104 -10.10 -21.66 -33.40
C LEU G 104 -10.74 -22.84 -34.13
N SER G 105 -10.81 -22.75 -35.46
CA SER G 105 -11.47 -23.78 -36.24
C SER G 105 -10.53 -24.94 -36.54
N VAL G 106 -11.12 -26.08 -36.93
CA VAL G 106 -10.33 -27.26 -37.25
C VAL G 106 -9.48 -26.99 -38.49
N ARG G 107 -9.97 -26.17 -39.41
CA ARG G 107 -9.16 -25.77 -40.56
C ARG G 107 -7.88 -25.08 -40.11
N GLU G 108 -8.00 -24.12 -39.18
CA GLU G 108 -6.85 -23.37 -38.71
C GLU G 108 -5.86 -24.26 -37.98
N ILE G 109 -6.37 -25.20 -37.16
CA ILE G 109 -5.49 -26.05 -36.37
C ILE G 109 -4.77 -27.05 -37.26
N LEU G 110 -5.50 -27.68 -38.20
CA LEU G 110 -4.88 -28.67 -39.06
C LEU G 110 -3.91 -28.03 -40.05
N ALA G 111 -4.28 -26.87 -40.61
CA ALA G 111 -3.38 -26.21 -41.54
C ALA G 111 -2.09 -25.77 -40.84
N GLU G 112 -2.19 -25.34 -39.58
CA GLU G 112 -0.98 -25.06 -38.82
C GLU G 112 -0.17 -26.32 -38.57
N LEU G 113 -0.87 -27.43 -38.27
CA LEU G 113 -0.19 -28.71 -38.08
C LEU G 113 0.56 -29.14 -39.35
N THR G 114 -0.05 -28.92 -40.52
CA THR G 114 0.61 -29.27 -41.78
C THR G 114 1.57 -28.17 -42.26
N GLY G 115 1.70 -27.07 -41.52
CA GLY G 115 2.65 -26.01 -41.84
C GLY G 115 2.33 -25.29 -43.14
N ARG G 116 1.10 -24.84 -43.29
CA ARG G 116 0.64 -24.19 -44.50
C ARG G 116 0.24 -22.74 -44.24
N LYS G 117 0.02 -22.03 -45.34
CA LYS G 117 -0.29 -20.60 -45.29
C LYS G 117 -1.58 -20.33 -44.53
N GLY G 118 -2.53 -21.27 -44.55
CA GLY G 118 -3.79 -21.14 -43.86
C GLY G 118 -3.78 -21.46 -42.38
N GLY G 119 -2.62 -21.77 -41.79
CA GLY G 119 -2.57 -22.09 -40.39
C GLY G 119 -2.81 -20.88 -39.51
N CYS G 120 -3.18 -21.16 -38.25
CA CYS G 120 -3.50 -20.08 -37.32
C CYS G 120 -2.26 -19.25 -36.98
N ALA G 121 -1.07 -19.86 -37.03
CA ALA G 121 0.19 -19.16 -36.85
C ALA G 121 0.95 -19.01 -38.17
N LYS G 122 0.23 -19.08 -39.30
CA LYS G 122 0.81 -18.97 -40.63
C LYS G 122 1.92 -19.99 -40.87
N GLY G 123 1.79 -21.17 -40.27
CA GLY G 123 2.78 -22.20 -40.45
C GLY G 123 4.08 -21.97 -39.74
N LYS G 124 4.16 -20.96 -38.86
CA LYS G 124 5.40 -20.63 -38.19
C LYS G 124 5.63 -21.44 -36.92
N GLY G 125 4.57 -22.01 -36.35
CA GLY G 125 4.72 -22.61 -35.03
C GLY G 125 4.57 -24.11 -34.97
N GLY G 126 3.61 -24.65 -35.73
CA GLY G 126 3.38 -26.08 -35.67
C GLY G 126 2.49 -26.47 -34.49
N SER G 127 2.74 -27.69 -34.01
CA SER G 127 1.85 -28.30 -33.02
C SER G 127 1.91 -27.58 -31.67
N MET G 128 3.08 -27.07 -31.30
CA MET G 128 3.28 -26.61 -29.93
C MET G 128 3.01 -25.14 -29.71
N HIS G 129 2.86 -24.33 -30.75
CA HIS G 129 2.79 -22.87 -30.59
C HIS G 129 1.57 -22.35 -31.35
N MET G 130 0.38 -22.58 -30.79
CA MET G 130 -0.86 -22.10 -31.36
C MET G 130 -1.53 -21.17 -30.37
N TYR G 131 -1.89 -19.97 -30.80
CA TYR G 131 -2.42 -18.96 -29.90
C TYR G 131 -3.80 -18.54 -30.37
N ALA G 132 -4.64 -18.14 -29.41
CA ALA G 132 -6.00 -17.69 -29.69
C ALA G 132 -6.38 -16.65 -28.65
N LYS G 133 -7.60 -16.14 -28.79
CA LYS G 133 -8.10 -15.09 -27.91
C LYS G 133 -8.24 -15.64 -26.49
N ASN G 134 -7.49 -15.05 -25.56
CA ASN G 134 -7.41 -15.52 -24.18
C ASN G 134 -6.91 -16.95 -24.05
N PHE G 135 -6.25 -17.46 -25.08
CA PHE G 135 -5.56 -18.75 -25.01
C PHE G 135 -4.10 -18.49 -25.31
N TYR G 136 -3.26 -18.56 -24.28
CA TYR G 136 -1.85 -18.23 -24.40
C TYR G 136 -1.02 -19.43 -24.82
N GLY G 137 -1.65 -20.36 -25.54
CA GLY G 137 -0.94 -21.30 -26.37
C GLY G 137 -0.39 -22.49 -25.63
N GLY G 138 0.19 -23.37 -26.44
CA GLY G 138 1.07 -24.38 -25.93
C GLY G 138 2.46 -23.83 -25.80
N ASN G 139 3.25 -24.50 -24.96
CA ASN G 139 4.59 -24.04 -24.69
C ASN G 139 5.50 -25.26 -24.65
N GLY G 140 6.62 -25.19 -25.37
CA GLY G 140 7.46 -26.37 -25.53
C GLY G 140 8.33 -26.67 -24.34
N ILE G 141 8.69 -25.66 -23.56
CA ILE G 141 9.52 -25.85 -22.39
C ILE G 141 8.61 -26.18 -21.22
N MET G 142 8.82 -27.35 -20.63
CA MET G 142 7.92 -27.84 -19.60
C MET G 142 8.08 -27.03 -18.32
N GLY G 143 6.94 -26.71 -17.70
CA GLY G 143 6.87 -25.89 -16.52
C GLY G 143 6.80 -24.40 -16.81
N ALA G 144 7.32 -23.98 -17.95
CA ALA G 144 7.43 -22.55 -18.22
C ALA G 144 6.07 -21.87 -18.28
N GLN G 145 5.03 -22.61 -18.68
CA GLN G 145 3.71 -22.00 -18.79
C GLN G 145 3.07 -21.75 -17.43
N VAL G 146 3.58 -22.36 -16.36
CA VAL G 146 2.96 -22.23 -15.04
C VAL G 146 3.23 -20.82 -14.49
N PRO G 147 4.46 -20.31 -14.45
CA PRO G 147 4.63 -18.90 -14.07
C PRO G 147 3.93 -17.94 -15.02
N LEU G 148 3.86 -18.26 -16.31
CA LEU G 148 3.15 -17.38 -17.23
C LEU G 148 1.69 -17.24 -16.82
N GLY G 149 1.04 -18.36 -16.51
CA GLY G 149 -0.34 -18.29 -16.05
C GLY G 149 -0.48 -17.53 -14.75
N ALA G 150 0.45 -17.72 -13.82
CA ALA G 150 0.42 -16.94 -12.60
C ALA G 150 0.55 -15.45 -12.91
N GLY G 151 1.32 -15.11 -13.94
CA GLY G 151 1.44 -13.73 -14.36
C GLY G 151 0.20 -13.22 -15.08
N ILE G 152 -0.46 -14.10 -15.84
CA ILE G 152 -1.74 -13.74 -16.43
C ILE G 152 -2.78 -13.53 -15.34
N ALA G 153 -2.74 -14.36 -14.30
CA ALA G 153 -3.62 -14.16 -13.15
C ALA G 153 -3.31 -12.86 -12.43
N LEU G 154 -2.04 -12.49 -12.36
CA LEU G 154 -1.69 -11.19 -11.78
C LEU G 154 -2.34 -10.06 -12.55
N ALA G 155 -2.35 -10.13 -13.88
CA ALA G 155 -3.00 -9.09 -14.66
C ALA G 155 -4.52 -9.10 -14.49
N CYS G 156 -5.11 -10.28 -14.27
CA CYS G 156 -6.55 -10.33 -13.98
C CYS G 156 -6.89 -9.57 -12.71
N LYS G 157 -6.16 -9.87 -11.64
CA LYS G 157 -6.34 -9.11 -10.41
C LYS G 157 -6.01 -7.64 -10.63
N TYR G 158 -4.96 -7.39 -11.41
CA TYR G 158 -4.52 -6.01 -11.67
C TYR G 158 -5.61 -5.20 -12.36
N ASN G 159 -6.29 -5.80 -13.33
CA ASN G 159 -7.31 -5.08 -14.08
C ASN G 159 -8.64 -5.01 -13.35
N GLY G 160 -8.84 -5.87 -12.35
CA GLY G 160 -10.02 -5.84 -11.52
C GLY G 160 -11.33 -6.02 -12.27
N LYS G 161 -11.39 -7.01 -13.16
CA LYS G 161 -12.63 -7.37 -13.83
C LYS G 161 -13.09 -8.77 -13.47
N ASP G 162 -12.55 -9.32 -12.38
CA ASP G 162 -12.99 -10.61 -11.82
C ASP G 162 -12.89 -11.73 -12.84
N GLU G 163 -11.80 -11.74 -13.59
CA GLU G 163 -11.47 -12.83 -14.49
C GLU G 163 -10.43 -13.71 -13.82
N VAL G 164 -10.41 -14.99 -14.22
CA VAL G 164 -9.50 -15.96 -13.65
C VAL G 164 -8.64 -16.53 -14.78
N CYS G 165 -7.56 -17.22 -14.39
CA CYS G 165 -6.68 -17.90 -15.33
C CYS G 165 -6.54 -19.36 -14.94
N LEU G 166 -6.73 -20.23 -15.91
CA LEU G 166 -6.50 -21.66 -15.75
C LEU G 166 -5.11 -21.96 -16.29
N THR G 167 -4.26 -22.55 -15.47
CA THR G 167 -2.87 -22.80 -15.82
C THR G 167 -2.63 -24.29 -15.68
N LEU G 168 -2.52 -24.99 -16.81
CA LEU G 168 -2.45 -26.45 -16.85
C LEU G 168 -1.03 -26.94 -17.06
N TYR G 169 -0.73 -28.08 -16.45
CA TYR G 169 0.55 -28.74 -16.63
C TYR G 169 0.36 -30.23 -16.42
N GLY G 170 1.11 -31.04 -17.17
CA GLY G 170 1.06 -32.47 -17.02
C GLY G 170 1.76 -32.93 -15.76
N ASP G 171 1.54 -34.21 -15.43
CA ASP G 171 2.17 -34.78 -14.26
C ASP G 171 3.67 -34.92 -14.44
N GLY G 172 4.15 -35.06 -15.67
CA GLY G 172 5.57 -35.12 -15.91
C GLY G 172 6.30 -33.84 -15.62
N ALA G 173 5.59 -32.71 -15.67
CA ALA G 173 6.15 -31.40 -15.36
C ALA G 173 5.96 -31.00 -13.91
N ALA G 174 5.27 -31.82 -13.10
CA ALA G 174 4.92 -31.46 -11.72
C ALA G 174 6.13 -31.38 -10.80
N ASN G 175 7.34 -31.69 -11.27
CA ASN G 175 8.53 -31.53 -10.46
C ASN G 175 9.40 -30.39 -10.96
N GLN G 176 8.86 -29.54 -11.82
CA GLN G 176 9.57 -28.33 -12.24
C GLN G 176 9.59 -27.33 -11.10
N GLY G 177 10.80 -26.88 -10.73
CA GLY G 177 10.93 -25.99 -9.58
C GLY G 177 10.14 -24.70 -9.73
N GLN G 178 10.08 -24.17 -10.95
CA GLN G 178 9.36 -22.92 -11.17
C GLN G 178 7.88 -23.02 -10.82
N ILE G 179 7.32 -24.24 -10.82
CA ILE G 179 5.94 -24.38 -10.40
C ILE G 179 5.80 -24.05 -8.92
N PHE G 180 6.73 -24.54 -8.09
CA PHE G 180 6.68 -24.24 -6.66
C PHE G 180 6.97 -22.76 -6.40
N GLU G 181 7.80 -22.13 -7.22
CA GLU G 181 7.96 -20.69 -7.11
C GLU G 181 6.66 -19.96 -7.44
N ALA G 182 5.90 -20.50 -8.40
CA ALA G 182 4.62 -19.90 -8.77
C ALA G 182 3.56 -20.15 -7.71
N TYR G 183 3.61 -21.32 -7.05
CA TYR G 183 2.70 -21.55 -5.93
C TYR G 183 2.87 -20.46 -4.88
N ASN G 184 4.11 -20.24 -4.44
CA ASN G 184 4.36 -19.33 -3.33
C ASN G 184 3.94 -17.91 -3.69
N MET G 185 4.22 -17.47 -4.91
CA MET G 185 3.85 -16.11 -5.26
C MET G 185 2.35 -15.96 -5.47
N ALA G 186 1.71 -17.00 -6.03
CA ALA G 186 0.26 -16.93 -6.24
C ALA G 186 -0.49 -16.85 -4.92
N ALA G 187 -0.05 -17.63 -3.93
CA ALA G 187 -0.68 -17.56 -2.61
C ALA G 187 -0.32 -16.28 -1.87
N LEU G 188 0.90 -15.79 -2.06
CA LEU G 188 1.32 -14.57 -1.37
C LEU G 188 0.50 -13.37 -1.80
N TRP G 189 0.16 -13.29 -3.09
CA TRP G 189 -0.58 -12.17 -3.63
C TRP G 189 -2.05 -12.48 -3.84
N LYS G 190 -2.50 -13.68 -3.46
CA LYS G 190 -3.89 -14.09 -3.62
C LYS G 190 -4.35 -13.90 -5.06
N LEU G 191 -3.56 -14.50 -6.00
CA LEU G 191 -3.82 -14.41 -7.43
C LEU G 191 -4.95 -15.34 -7.84
N PRO G 192 -5.84 -14.92 -8.72
CA PRO G 192 -6.94 -15.79 -9.17
C PRO G 192 -6.48 -16.84 -10.16
N CYS G 193 -5.58 -17.70 -9.70
CA CYS G 193 -4.92 -18.69 -10.55
C CYS G 193 -5.38 -20.09 -10.16
N ILE G 194 -5.90 -20.83 -11.11
CA ILE G 194 -6.31 -22.22 -10.91
C ILE G 194 -5.21 -23.09 -11.50
N PHE G 195 -4.34 -23.63 -10.64
CA PHE G 195 -3.31 -24.56 -11.07
C PHE G 195 -3.93 -25.91 -11.33
N ILE G 196 -3.80 -26.41 -12.56
CA ILE G 196 -4.42 -27.67 -12.97
C ILE G 196 -3.32 -28.63 -13.38
N CYS G 197 -3.19 -29.73 -12.65
CA CYS G 197 -2.28 -30.83 -12.97
C CYS G 197 -3.05 -31.91 -13.70
N GLU G 198 -2.71 -32.14 -14.97
CA GLU G 198 -3.29 -33.22 -15.78
C GLU G 198 -2.53 -34.50 -15.50
N ASN G 199 -3.08 -35.35 -14.62
CA ASN G 199 -2.46 -36.60 -14.22
C ASN G 199 -2.98 -37.78 -15.05
N ASN G 200 -2.08 -38.64 -15.50
CA ASN G 200 -2.46 -39.86 -16.22
C ASN G 200 -2.42 -41.09 -15.30
N ARG G 210 8.09 -43.68 -9.37
CA ARG G 210 9.05 -43.78 -10.48
C ARG G 210 9.75 -42.45 -10.76
N ALA G 211 8.97 -41.37 -10.82
CA ALA G 211 9.51 -40.03 -11.09
C ALA G 211 8.99 -38.96 -10.14
N ALA G 212 8.18 -39.32 -9.15
CA ALA G 212 7.65 -38.36 -8.20
C ALA G 212 7.53 -39.01 -6.83
N ALA G 213 8.09 -38.35 -5.80
CA ALA G 213 8.00 -38.87 -4.45
C ALA G 213 6.59 -38.79 -3.89
N SER G 214 5.76 -37.90 -4.44
CA SER G 214 4.37 -37.75 -4.05
C SER G 214 3.51 -37.75 -5.30
N THR G 215 2.59 -38.71 -5.39
CA THR G 215 1.66 -38.80 -6.50
C THR G 215 0.30 -38.20 -6.20
N ASP G 216 0.14 -37.61 -5.00
CA ASP G 216 -1.05 -36.84 -4.67
C ASP G 216 -0.82 -35.42 -5.17
N TYR G 217 -0.99 -35.23 -6.47
CA TYR G 217 -0.66 -33.96 -7.09
C TYR G 217 -1.54 -32.82 -6.59
N TYR G 218 -2.74 -33.12 -6.11
CA TYR G 218 -3.60 -32.07 -5.57
C TYR G 218 -3.13 -31.56 -4.22
N LYS G 219 -2.14 -32.20 -3.60
CA LYS G 219 -1.59 -31.76 -2.33
C LYS G 219 -0.26 -31.03 -2.47
N ARG G 220 0.32 -30.99 -3.67
CA ARG G 220 1.68 -30.47 -3.85
C ARG G 220 1.77 -28.97 -3.61
N GLY G 221 0.65 -28.26 -3.66
CA GLY G 221 0.64 -26.84 -3.35
C GLY G 221 0.79 -26.51 -1.88
N ASP G 222 0.80 -27.54 -1.02
CA ASP G 222 0.99 -27.38 0.42
C ASP G 222 -0.04 -26.42 1.01
N PHE G 223 0.29 -25.11 1.00
CA PHE G 223 -0.61 -24.11 1.54
C PHE G 223 -1.80 -23.82 0.65
N ILE G 224 -1.69 -24.08 -0.66
CA ILE G 224 -2.81 -23.85 -1.57
C ILE G 224 -3.75 -25.05 -1.50
N PRO G 225 -5.05 -24.82 -1.30
CA PRO G 225 -6.00 -25.95 -1.27
C PRO G 225 -6.16 -26.61 -2.64
N GLY G 226 -6.45 -27.91 -2.60
CA GLY G 226 -6.53 -28.69 -3.82
C GLY G 226 -7.72 -29.63 -3.81
N LEU G 227 -8.06 -30.11 -4.99
CA LEU G 227 -9.10 -31.10 -5.17
C LEU G 227 -8.78 -32.04 -6.31
N ARG G 228 -9.08 -33.31 -6.13
CA ARG G 228 -8.83 -34.38 -7.10
C ARG G 228 -10.10 -34.65 -7.89
N VAL G 229 -10.01 -34.57 -9.21
CA VAL G 229 -11.18 -34.65 -10.08
C VAL G 229 -11.03 -35.84 -11.00
N ASP G 230 -12.16 -36.51 -11.28
CA ASP G 230 -12.20 -37.57 -12.28
C ASP G 230 -12.32 -36.91 -13.65
N GLY G 231 -11.23 -36.94 -14.41
CA GLY G 231 -11.15 -36.25 -15.70
C GLY G 231 -11.80 -36.96 -16.87
N MET G 232 -12.32 -38.17 -16.68
CA MET G 232 -13.06 -38.85 -17.74
C MET G 232 -14.54 -38.51 -17.71
N ASP G 233 -15.02 -37.91 -16.62
CA ASP G 233 -16.41 -37.49 -16.47
C ASP G 233 -16.48 -36.00 -16.76
N ILE G 234 -17.10 -35.62 -17.87
CA ILE G 234 -17.12 -34.21 -18.24
C ILE G 234 -17.95 -33.41 -17.23
N LEU G 235 -19.04 -33.99 -16.72
CA LEU G 235 -19.84 -33.29 -15.73
C LEU G 235 -19.08 -33.11 -14.42
N CYS G 236 -18.24 -34.09 -14.05
CA CYS G 236 -17.43 -33.92 -12.85
C CYS G 236 -16.38 -32.84 -13.05
N VAL G 237 -15.85 -32.70 -14.27
CA VAL G 237 -14.88 -31.64 -14.57
C VAL G 237 -15.59 -30.29 -14.62
N ARG G 238 -16.77 -30.23 -15.23
CA ARG G 238 -17.49 -28.96 -15.32
C ARG G 238 -17.80 -28.41 -13.92
N GLU G 239 -18.27 -29.28 -13.04
CA GLU G 239 -18.68 -28.83 -11.71
C GLU G 239 -17.48 -28.43 -10.87
N ALA G 240 -16.36 -29.16 -11.00
CA ALA G 240 -15.15 -28.79 -10.27
C ALA G 240 -14.58 -27.46 -10.77
N THR G 241 -14.65 -27.21 -12.09
CA THR G 241 -14.18 -25.95 -12.63
C THR G 241 -15.01 -24.78 -12.12
N ARG G 242 -16.35 -24.93 -12.12
CA ARG G 242 -17.21 -23.88 -11.58
C ARG G 242 -16.90 -23.61 -10.10
N PHE G 243 -16.59 -24.66 -9.34
CA PHE G 243 -16.21 -24.49 -7.95
C PHE G 243 -14.91 -23.71 -7.84
N ALA G 244 -13.91 -24.07 -8.66
CA ALA G 244 -12.62 -23.38 -8.60
C ALA G 244 -12.72 -21.95 -9.12
N ALA G 245 -13.51 -21.74 -10.18
CA ALA G 245 -13.67 -20.39 -10.69
C ALA G 245 -14.35 -19.49 -9.68
N ALA G 246 -15.40 -19.98 -9.00
CA ALA G 246 -16.05 -19.20 -7.96
C ALA G 246 -15.12 -18.95 -6.77
N TYR G 247 -14.28 -19.94 -6.44
CA TYR G 247 -13.33 -19.77 -5.35
C TYR G 247 -12.36 -18.62 -5.63
N CYS G 248 -11.80 -18.59 -6.85
CA CYS G 248 -10.85 -17.53 -7.18
C CYS G 248 -11.54 -16.18 -7.35
N ARG G 249 -12.76 -16.17 -7.89
CA ARG G 249 -13.46 -14.91 -8.09
C ARG G 249 -13.87 -14.26 -6.79
N SER G 250 -13.96 -15.03 -5.70
CA SER G 250 -14.29 -14.48 -4.40
C SER G 250 -13.12 -13.74 -3.76
N GLY G 251 -11.93 -13.82 -4.36
CA GLY G 251 -10.74 -13.19 -3.82
C GLY G 251 -9.94 -14.05 -2.86
N LYS G 252 -10.29 -15.34 -2.72
CA LYS G 252 -9.60 -16.23 -1.82
C LYS G 252 -8.24 -16.70 -2.34
N GLY G 253 -7.84 -16.27 -3.54
CA GLY G 253 -6.53 -16.61 -4.04
C GLY G 253 -6.52 -17.84 -4.93
N PRO G 254 -5.37 -18.49 -5.04
CA PRO G 254 -5.24 -19.61 -5.97
C PRO G 254 -5.83 -20.91 -5.42
N ILE G 255 -5.93 -21.90 -6.31
CA ILE G 255 -6.46 -23.21 -5.97
C ILE G 255 -5.86 -24.23 -6.94
N LEU G 256 -5.66 -25.45 -6.46
CA LEU G 256 -5.06 -26.52 -7.23
C LEU G 256 -6.08 -27.59 -7.60
N MET G 257 -6.03 -28.05 -8.83
CA MET G 257 -7.02 -28.99 -9.34
C MET G 257 -6.32 -30.10 -10.11
N GLU G 258 -6.50 -31.34 -9.69
CA GLU G 258 -5.91 -32.49 -10.35
C GLU G 258 -6.96 -33.20 -11.19
N LEU G 259 -6.74 -33.28 -12.49
CA LEU G 259 -7.63 -33.97 -13.41
C LEU G 259 -7.02 -35.34 -13.68
N GLN G 260 -7.72 -36.39 -13.25
CA GLN G 260 -7.26 -37.76 -13.43
C GLN G 260 -7.82 -38.34 -14.72
N THR G 261 -6.94 -38.72 -15.65
CA THR G 261 -7.28 -39.30 -16.94
C THR G 261 -6.42 -40.53 -17.17
N TYR G 262 -6.77 -41.29 -18.22
CA TYR G 262 -6.08 -42.55 -18.54
C TYR G 262 -5.32 -42.49 -19.85
N SER G 289 -13.94 -46.49 -20.47
CA SER G 289 -13.70 -45.24 -19.75
C SER G 289 -13.66 -44.03 -20.68
N ASP G 290 -13.98 -44.27 -21.94
CA ASP G 290 -14.00 -43.20 -22.92
C ASP G 290 -14.98 -42.10 -22.52
N PRO G 291 -14.54 -40.84 -22.44
CA PRO G 291 -15.45 -39.77 -22.00
C PRO G 291 -16.61 -39.52 -22.96
N ILE G 292 -16.42 -39.77 -24.26
CA ILE G 292 -17.53 -39.57 -25.20
C ILE G 292 -18.59 -40.64 -25.01
N MET G 293 -18.19 -41.86 -24.72
CA MET G 293 -19.19 -42.89 -24.49
C MET G 293 -19.91 -42.68 -23.16
N LEU G 294 -19.22 -42.11 -22.17
CA LEU G 294 -19.83 -41.86 -20.87
C LEU G 294 -20.92 -40.81 -20.99
N LEU G 295 -20.64 -39.70 -21.70
CA LEU G 295 -21.69 -38.73 -21.94
C LEU G 295 -22.77 -39.30 -22.85
N LYS G 296 -22.39 -40.13 -23.80
CA LYS G 296 -23.36 -40.78 -24.68
C LYS G 296 -24.32 -41.64 -23.88
N ASP G 297 -23.78 -42.47 -22.99
CA ASP G 297 -24.64 -43.37 -22.22
C ASP G 297 -25.52 -42.60 -21.26
N ARG G 298 -25.01 -41.50 -20.69
CA ARG G 298 -25.83 -40.71 -19.78
C ARG G 298 -27.01 -40.07 -20.50
N MET G 299 -26.78 -39.54 -21.70
CA MET G 299 -27.86 -38.84 -22.38
C MET G 299 -28.92 -39.78 -22.93
N VAL G 300 -28.53 -41.00 -23.31
CA VAL G 300 -29.50 -41.95 -23.85
C VAL G 300 -30.33 -42.57 -22.73
N ASN G 301 -29.69 -42.90 -21.60
CA ASN G 301 -30.42 -43.53 -20.50
C ASN G 301 -31.41 -42.58 -19.85
N SER G 302 -31.12 -41.28 -19.87
CA SER G 302 -32.03 -40.31 -19.26
C SER G 302 -32.93 -39.62 -20.27
N ASN G 303 -32.99 -40.14 -21.50
CA ASN G 303 -33.86 -39.59 -22.54
C ASN G 303 -33.52 -38.13 -22.86
N LEU G 304 -32.26 -37.74 -22.65
CA LEU G 304 -31.85 -36.41 -23.09
C LEU G 304 -31.59 -36.37 -24.59
N ALA G 305 -31.26 -37.52 -25.19
CA ALA G 305 -31.04 -37.65 -26.62
C ALA G 305 -31.15 -39.13 -26.99
N SER G 306 -31.29 -39.38 -28.28
CA SER G 306 -31.38 -40.75 -28.80
C SER G 306 -30.04 -41.17 -29.41
N VAL G 307 -29.85 -42.49 -29.48
CA VAL G 307 -28.66 -43.05 -30.10
C VAL G 307 -28.57 -42.60 -31.56
N GLU G 308 -29.71 -42.50 -32.25
CA GLU G 308 -29.72 -42.07 -33.64
C GLU G 308 -29.25 -40.63 -33.78
N GLU G 309 -29.59 -39.77 -32.82
CA GLU G 309 -29.15 -38.37 -32.89
C GLU G 309 -27.64 -38.25 -32.79
N LEU G 310 -27.02 -38.98 -31.87
CA LEU G 310 -25.59 -38.83 -31.66
C LEU G 310 -24.78 -39.36 -32.82
N LYS G 311 -25.31 -40.33 -33.58
CA LYS G 311 -24.65 -40.77 -34.81
C LYS G 311 -24.78 -39.73 -35.90
N GLU G 312 -25.93 -39.06 -36.00
CA GLU G 312 -26.03 -37.97 -36.98
C GLU G 312 -25.02 -36.87 -36.66
N ILE G 313 -24.74 -36.64 -35.37
CA ILE G 313 -23.69 -35.69 -35.00
C ILE G 313 -22.32 -36.24 -35.36
N ASP G 314 -22.09 -37.55 -35.12
CA ASP G 314 -20.84 -38.17 -35.53
C ASP G 314 -20.61 -38.01 -37.03
N VAL G 315 -21.68 -38.13 -37.83
CA VAL G 315 -21.54 -38.02 -39.27
C VAL G 315 -21.17 -36.59 -39.64
N GLU G 316 -21.89 -35.61 -39.10
CA GLU G 316 -21.58 -34.21 -39.37
C GLU G 316 -20.15 -33.87 -38.95
N VAL G 317 -19.73 -34.36 -37.80
CA VAL G 317 -18.38 -34.05 -37.30
C VAL G 317 -17.34 -34.65 -38.22
N ARG G 318 -17.53 -35.89 -38.68
CA ARG G 318 -16.52 -36.49 -39.54
C ARG G 318 -16.41 -35.77 -40.89
N LYS G 319 -17.54 -35.33 -41.47
CA LYS G 319 -17.44 -34.48 -42.67
C LYS G 319 -16.68 -33.21 -42.37
N GLU G 320 -16.91 -32.62 -41.20
CA GLU G 320 -16.22 -31.38 -40.86
C GLU G 320 -14.71 -31.61 -40.73
N ILE G 321 -14.31 -32.77 -40.21
CA ILE G 321 -12.88 -33.05 -40.06
C ILE G 321 -12.23 -33.37 -41.40
N GLU G 322 -12.89 -34.22 -42.20
CA GLU G 322 -12.32 -34.60 -43.50
C GLU G 322 -12.25 -33.40 -44.44
N ASP G 323 -13.24 -32.52 -44.38
CA ASP G 323 -13.17 -31.31 -45.21
C ASP G 323 -12.02 -30.41 -44.78
N ALA G 324 -11.77 -30.31 -43.47
CA ALA G 324 -10.66 -29.50 -43.00
C ALA G 324 -9.32 -30.15 -43.34
N ALA G 325 -9.25 -31.48 -43.23
CA ALA G 325 -8.02 -32.18 -43.57
C ALA G 325 -7.68 -32.01 -45.05
N GLN G 326 -8.71 -31.99 -45.91
CA GLN G 326 -8.47 -31.75 -47.32
C GLN G 326 -7.93 -30.34 -47.55
N PHE G 327 -8.51 -29.35 -46.87
CA PHE G 327 -8.00 -27.98 -46.96
C PHE G 327 -6.57 -27.89 -46.46
N ALA G 328 -6.29 -28.49 -45.30
CA ALA G 328 -4.96 -28.46 -44.72
C ALA G 328 -3.94 -29.17 -45.59
N THR G 329 -4.37 -30.07 -46.46
CA THR G 329 -3.49 -30.82 -47.35
C THR G 329 -3.22 -30.07 -48.65
N ALA G 330 -4.24 -29.43 -49.22
CA ALA G 330 -4.09 -28.73 -50.48
C ALA G 330 -3.60 -27.29 -50.32
N ASP G 331 -3.72 -26.71 -49.14
CA ASP G 331 -3.34 -25.32 -48.94
C ASP G 331 -1.83 -25.16 -49.11
N PRO G 332 -1.37 -24.15 -49.85
CA PRO G 332 0.07 -24.02 -50.12
C PRO G 332 0.85 -23.61 -48.87
N GLU G 333 2.15 -23.86 -48.94
CA GLU G 333 3.07 -23.44 -47.88
C GLU G 333 3.11 -21.92 -47.78
N PRO G 334 3.60 -21.37 -46.67
CA PRO G 334 3.78 -19.93 -46.60
C PRO G 334 4.84 -19.47 -47.59
N PRO G 335 4.70 -18.29 -48.16
CA PRO G 335 5.69 -17.81 -49.12
C PRO G 335 7.04 -17.53 -48.45
N LEU G 336 8.12 -17.75 -49.21
CA LEU G 336 9.45 -17.53 -48.67
C LEU G 336 9.69 -16.07 -48.31
N GLU G 337 8.98 -15.15 -48.97
CA GLU G 337 9.16 -13.72 -48.72
C GLU G 337 8.70 -13.31 -47.32
N GLU G 338 7.90 -14.14 -46.66
CA GLU G 338 7.41 -13.84 -45.33
C GLU G 338 8.14 -14.61 -44.23
N LEU G 339 9.34 -15.12 -44.52
CA LEU G 339 10.08 -15.88 -43.52
C LEU G 339 10.44 -15.00 -42.32
N GLY G 340 10.89 -13.78 -42.58
CA GLY G 340 11.29 -12.90 -41.51
C GLY G 340 10.18 -12.05 -40.92
N TYR G 341 8.95 -12.21 -41.39
CA TYR G 341 7.84 -11.40 -40.89
C TYR G 341 7.60 -11.67 -39.41
N HIS G 342 7.16 -10.63 -38.71
CA HIS G 342 6.67 -10.74 -37.32
C HIS G 342 7.79 -11.17 -36.36
N ILE G 343 8.88 -10.42 -36.38
CA ILE G 343 9.90 -10.58 -35.35
C ILE G 343 9.62 -9.66 -34.18
N TYR G 344 9.37 -8.39 -34.46
CA TYR G 344 8.98 -7.40 -33.47
C TYR G 344 7.58 -6.86 -33.76
N SER G 345 6.91 -6.39 -32.71
CA SER G 345 5.59 -5.79 -32.84
C SER G 345 5.70 -4.27 -32.87
N SER G 346 4.86 -3.63 -33.70
CA SER G 346 4.74 -2.18 -33.77
C SER G 346 6.05 -1.49 -34.13
N ASP G 347 6.90 -2.15 -34.91
CA ASP G 347 8.18 -1.62 -35.29
C ASP G 347 8.22 -1.29 -36.78
N PRO G 348 9.14 -0.42 -37.20
CA PRO G 348 9.27 -0.12 -38.63
C PRO G 348 9.90 -1.29 -39.36
N PRO G 349 9.72 -1.38 -40.69
CA PRO G 349 10.30 -2.50 -41.44
C PRO G 349 11.82 -2.45 -41.43
N PHE G 350 12.42 -3.64 -41.52
CA PHE G 350 13.87 -3.79 -41.58
C PHE G 350 14.19 -5.09 -42.28
N GLU G 351 15.48 -5.36 -42.47
CA GLU G 351 15.94 -6.56 -43.14
C GLU G 351 16.70 -7.44 -42.17
N VAL G 352 16.49 -8.76 -42.26
CA VAL G 352 17.20 -9.73 -41.45
C VAL G 352 18.11 -10.55 -42.34
N ARG G 353 19.23 -10.98 -41.76
CA ARG G 353 20.23 -11.73 -42.50
C ARG G 353 19.81 -13.18 -42.68
N GLY G 354 20.06 -13.71 -43.88
CA GLY G 354 19.77 -15.09 -44.21
C GLY G 354 20.95 -16.02 -43.97
N ALA G 355 21.07 -17.04 -44.82
CA ALA G 355 22.14 -18.01 -44.65
C ALA G 355 23.52 -17.43 -44.92
N ASN G 356 23.60 -16.37 -45.73
CA ASN G 356 24.84 -15.63 -45.90
C ASN G 356 24.50 -14.15 -46.05
N GLN G 357 25.54 -13.32 -46.07
CA GLN G 357 25.33 -11.87 -46.01
C GLN G 357 24.64 -11.32 -47.25
N TRP G 358 24.44 -12.12 -48.29
CA TRP G 358 23.79 -11.67 -49.50
C TRP G 358 22.32 -12.04 -49.56
N ILE G 359 21.83 -12.82 -48.61
CA ILE G 359 20.41 -13.16 -48.51
C ILE G 359 19.76 -12.20 -47.53
N LYS G 360 18.79 -11.42 -48.00
CA LYS G 360 18.13 -10.41 -47.18
C LYS G 360 16.63 -10.67 -47.20
N PHE G 361 16.06 -10.95 -46.02
CA PHE G 361 14.62 -11.13 -45.87
C PHE G 361 14.02 -9.88 -45.27
N LYS G 362 12.94 -9.39 -45.88
CA LYS G 362 12.24 -8.22 -45.34
C LYS G 362 11.42 -8.65 -44.12
N SER G 363 11.50 -7.86 -43.04
CA SER G 363 10.77 -8.14 -41.81
C SER G 363 9.75 -7.04 -41.58
N VAL G 364 8.48 -7.42 -41.48
CA VAL G 364 7.38 -6.50 -41.22
C VAL G 364 6.65 -6.96 -39.97
N SER G 365 6.25 -6.02 -39.13
CA SER G 365 5.48 -6.34 -37.94
C SER G 365 4.08 -6.84 -38.33
N GLY H 1 20.44 26.06 -17.99
CA GLY H 1 19.66 25.44 -16.93
C GLY H 1 19.93 23.96 -16.78
N SER H 2 21.21 23.59 -16.78
CA SER H 2 21.61 22.20 -16.62
C SER H 2 21.80 21.86 -15.14
N LEU H 3 21.55 20.60 -14.81
CA LEU H 3 21.67 20.07 -13.46
C LEU H 3 22.66 18.91 -13.44
N GLN H 4 23.19 18.63 -12.26
CA GLN H 4 24.06 17.48 -12.04
C GLN H 4 23.20 16.31 -11.61
N VAL H 5 23.07 15.31 -12.49
CA VAL H 5 22.20 14.16 -12.28
C VAL H 5 23.02 12.89 -12.41
N THR H 6 22.90 12.00 -11.44
CA THR H 6 23.59 10.72 -11.50
C THR H 6 22.80 9.74 -12.36
N VAL H 7 23.50 8.71 -12.85
CA VAL H 7 22.84 7.70 -13.67
C VAL H 7 21.72 7.02 -12.88
N ARG H 8 21.95 6.77 -11.59
CA ARG H 8 20.91 6.20 -10.74
C ARG H 8 19.68 7.10 -10.69
N ASP H 9 19.88 8.41 -10.55
CA ASP H 9 18.74 9.31 -10.56
C ASP H 9 18.10 9.40 -11.95
N ALA H 10 18.90 9.25 -13.00
CA ALA H 10 18.35 9.33 -14.35
C ALA H 10 17.45 8.14 -14.66
N ILE H 11 17.85 6.94 -14.23
CA ILE H 11 17.00 5.76 -14.38
C ILE H 11 15.73 5.93 -13.56
N ASN H 12 15.86 6.45 -12.34
CA ASN H 12 14.70 6.66 -11.48
C ASN H 12 13.71 7.62 -12.14
N GLN H 13 14.21 8.68 -12.77
CA GLN H 13 13.33 9.60 -13.49
C GLN H 13 12.61 8.90 -14.63
N GLY H 14 13.33 8.04 -15.35
CA GLY H 14 12.71 7.34 -16.47
C GLY H 14 11.57 6.45 -16.03
N MET H 15 11.83 5.57 -15.06
CA MET H 15 10.76 4.70 -14.58
C MET H 15 9.63 5.51 -13.96
N ASP H 16 9.97 6.58 -13.24
CA ASP H 16 8.94 7.42 -12.63
C ASP H 16 8.03 8.03 -13.68
N GLU H 17 8.62 8.57 -14.76
CA GLU H 17 7.80 9.22 -15.78
C GLU H 17 6.95 8.22 -16.54
N GLU H 18 7.48 7.02 -16.77
CA GLU H 18 6.75 6.02 -17.54
C GLU H 18 5.66 5.37 -16.70
N LEU H 19 5.88 5.24 -15.38
CA LEU H 19 4.81 4.76 -14.50
C LEU H 19 3.65 5.74 -14.43
N GLU H 20 3.96 7.03 -14.30
CA GLU H 20 2.91 8.05 -14.29
C GLU H 20 2.22 8.15 -15.64
N ARG H 21 2.92 7.83 -16.72
CA ARG H 21 2.35 7.99 -18.06
C ARG H 21 1.33 6.91 -18.38
N ASP H 22 1.62 5.66 -18.04
CA ASP H 22 0.82 4.50 -18.44
C ASP H 22 0.57 3.62 -17.23
N GLU H 23 -0.69 3.50 -16.81
CA GLU H 23 -1.02 2.70 -15.64
C GLU H 23 -0.78 1.21 -15.83
N LYS H 24 -0.60 0.75 -17.08
CA LYS H 24 -0.28 -0.64 -17.33
C LYS H 24 1.17 -0.98 -17.01
N VAL H 25 2.02 0.03 -16.81
CA VAL H 25 3.42 -0.21 -16.47
C VAL H 25 3.52 -0.46 -14.96
N PHE H 26 4.30 -1.49 -14.60
CA PHE H 26 4.58 -1.77 -13.20
C PHE H 26 5.97 -2.37 -13.10
N LEU H 27 6.53 -2.31 -11.89
CA LEU H 27 7.88 -2.77 -11.61
C LEU H 27 7.82 -3.89 -10.57
N LEU H 28 8.50 -4.99 -10.85
CA LEU H 28 8.60 -6.08 -9.88
C LEU H 28 10.02 -6.58 -9.83
N GLY H 29 10.40 -7.14 -8.69
CA GLY H 29 11.75 -7.58 -8.47
C GLY H 29 12.03 -7.67 -6.98
N GLU H 30 13.27 -8.05 -6.67
CA GLU H 30 13.71 -8.21 -5.30
C GLU H 30 14.11 -6.85 -4.72
N GLU H 31 13.49 -6.50 -3.60
CA GLU H 31 13.80 -5.30 -2.84
C GLU H 31 13.52 -4.01 -3.59
N VAL H 32 12.71 -4.06 -4.65
CA VAL H 32 12.44 -2.85 -5.41
C VAL H 32 11.51 -1.90 -4.68
N ALA H 33 10.77 -2.40 -3.68
CA ALA H 33 9.73 -1.59 -3.06
C ALA H 33 10.21 -0.94 -1.76
N GLN H 34 10.01 -1.65 -0.63
CA GLN H 34 10.22 -1.04 0.67
C GLN H 34 11.69 -0.74 0.94
N TYR H 35 12.59 -1.58 0.41
CA TYR H 35 14.02 -1.33 0.57
C TYR H 35 14.52 -0.18 -0.29
N ASP H 36 13.63 0.45 -1.08
CA ASP H 36 13.96 1.56 -1.97
C ASP H 36 14.89 1.15 -3.11
N GLY H 37 15.04 -0.15 -3.37
CA GLY H 37 15.91 -0.61 -4.42
C GLY H 37 17.19 -1.20 -3.88
N ALA H 38 17.61 -2.35 -4.42
CA ALA H 38 18.85 -2.97 -3.96
C ALA H 38 20.05 -2.05 -4.19
N TYR H 39 19.99 -1.19 -5.20
CA TYR H 39 21.00 -0.17 -5.42
C TYR H 39 20.38 1.22 -5.46
N LYS H 40 19.23 1.38 -4.80
CA LYS H 40 18.53 2.65 -4.65
C LYS H 40 18.08 3.23 -6.00
N VAL H 41 17.90 2.38 -7.01
CA VAL H 41 17.46 2.87 -8.30
C VAL H 41 15.96 3.19 -8.29
N SER H 42 15.18 2.41 -7.54
CA SER H 42 13.74 2.61 -7.44
C SER H 42 13.33 3.35 -6.17
N ARG H 43 14.17 4.26 -5.68
CA ARG H 43 13.86 4.97 -4.44
C ARG H 43 12.60 5.80 -4.62
N GLY H 44 11.71 5.73 -3.63
CA GLY H 44 10.48 6.49 -3.60
C GLY H 44 9.37 5.99 -4.49
N LEU H 45 9.64 5.03 -5.39
CA LEU H 45 8.60 4.61 -6.33
C LEU H 45 7.47 3.87 -5.62
N TRP H 46 7.76 2.97 -4.72
CA TRP H 46 6.73 2.25 -4.04
C TRP H 46 5.89 3.16 -3.25
N LYS H 47 6.51 4.19 -2.68
CA LYS H 47 5.88 5.20 -1.87
C LYS H 47 4.97 6.03 -2.68
N LYS H 48 5.32 6.28 -3.91
CA LYS H 48 4.50 7.07 -4.73
C LYS H 48 3.39 6.29 -5.42
N TYR H 49 3.62 5.01 -5.64
CA TYR H 49 2.66 4.21 -6.39
C TYR H 49 1.93 3.08 -5.69
N GLY H 50 2.55 2.45 -4.72
CA GLY H 50 1.92 1.44 -3.88
C GLY H 50 2.19 0.00 -4.27
N ASP H 51 1.49 -0.88 -3.53
CA ASP H 51 1.70 -2.33 -3.67
C ASP H 51 1.32 -2.84 -5.04
N LYS H 52 0.38 -2.16 -5.73
CA LYS H 52 -0.09 -2.65 -7.02
C LYS H 52 0.96 -2.48 -8.12
N ARG H 53 1.74 -1.39 -8.08
CA ARG H 53 2.65 -1.05 -9.16
C ARG H 53 4.11 -1.34 -8.87
N ILE H 54 4.51 -1.39 -7.60
CA ILE H 54 5.88 -1.69 -7.22
C ILE H 54 5.83 -2.91 -6.30
N ILE H 55 6.23 -4.06 -6.83
CA ILE H 55 5.96 -5.37 -6.24
C ILE H 55 7.27 -5.99 -5.78
N ASP H 56 7.41 -6.15 -4.46
CA ASP H 56 8.52 -6.90 -3.91
C ASP H 56 8.31 -8.39 -4.17
N THR H 57 9.30 -9.03 -4.76
CA THR H 57 9.17 -10.43 -5.08
C THR H 57 10.10 -11.27 -4.21
N PRO H 58 9.78 -12.53 -3.96
CA PRO H 58 10.73 -13.43 -3.31
C PRO H 58 11.92 -13.70 -4.23
N ILE H 59 12.95 -14.32 -3.67
CA ILE H 59 14.11 -14.68 -4.48
C ILE H 59 13.76 -15.93 -5.28
N SER H 60 13.07 -15.73 -6.40
CA SER H 60 12.55 -16.76 -7.29
C SER H 60 12.64 -16.23 -8.73
N GLU H 61 13.87 -16.20 -9.25
CA GLU H 61 14.15 -15.55 -10.52
C GLU H 61 13.29 -16.11 -11.65
N MET H 62 13.36 -17.43 -11.88
CA MET H 62 12.58 -18.04 -12.95
C MET H 62 11.09 -17.78 -12.76
N GLY H 63 10.63 -17.76 -11.51
CA GLY H 63 9.23 -17.56 -11.19
C GLY H 63 8.73 -16.17 -11.51
N PHE H 64 9.38 -15.12 -10.98
CA PHE H 64 8.83 -13.79 -11.22
C PHE H 64 9.16 -13.25 -12.60
N ALA H 65 10.21 -13.77 -13.25
CA ALA H 65 10.44 -13.48 -14.66
C ALA H 65 9.33 -14.07 -15.53
N GLY H 66 8.96 -15.32 -15.26
CA GLY H 66 7.83 -15.92 -15.97
C GLY H 66 6.52 -15.24 -15.62
N ILE H 67 6.36 -14.81 -14.37
CA ILE H 67 5.17 -14.04 -14.00
C ILE H 67 5.15 -12.71 -14.74
N ALA H 68 6.31 -12.08 -14.90
CA ALA H 68 6.38 -10.83 -15.65
C ALA H 68 6.00 -11.07 -17.11
N VAL H 69 6.59 -12.08 -17.75
CA VAL H 69 6.27 -12.37 -19.14
C VAL H 69 4.79 -12.71 -19.29
N GLY H 70 4.23 -13.44 -18.32
CA GLY H 70 2.81 -13.75 -18.37
C GLY H 70 1.95 -12.50 -18.33
N ALA H 71 2.28 -11.58 -17.41
CA ALA H 71 1.56 -10.32 -17.32
C ALA H 71 1.70 -9.49 -18.60
N ALA H 72 2.86 -9.57 -19.25
CA ALA H 72 3.03 -8.84 -20.51
C ALA H 72 2.16 -9.45 -21.61
N MET H 73 2.06 -10.77 -21.64
CA MET H 73 1.17 -11.41 -22.61
C MET H 73 -0.29 -11.03 -22.36
N ALA H 74 -0.66 -10.82 -21.08
CA ALA H 74 -2.02 -10.47 -20.75
C ALA H 74 -2.33 -8.99 -20.93
N GLY H 75 -1.39 -8.19 -21.46
CA GLY H 75 -1.64 -6.82 -21.82
C GLY H 75 -0.97 -5.77 -20.96
N LEU H 76 -0.29 -6.15 -19.88
CA LEU H 76 0.41 -5.19 -19.05
C LEU H 76 1.82 -4.97 -19.60
N ARG H 77 2.51 -4.00 -19.02
CA ARG H 77 3.84 -3.58 -19.48
C ARG H 77 4.81 -3.63 -18.31
N PRO H 78 5.21 -4.82 -17.88
CA PRO H 78 6.03 -4.94 -16.67
C PRO H 78 7.46 -4.47 -16.89
N ILE H 79 8.09 -4.12 -15.77
CA ILE H 79 9.52 -3.86 -15.67
C ILE H 79 10.06 -4.88 -14.69
N CYS H 80 10.80 -5.86 -15.21
CA CYS H 80 11.34 -6.95 -14.40
C CYS H 80 12.80 -6.64 -14.07
N GLU H 81 13.08 -6.45 -12.78
CA GLU H 81 14.45 -6.14 -12.36
C GLU H 81 15.14 -7.38 -11.81
N PHE H 82 16.30 -7.69 -12.37
CA PHE H 82 17.24 -8.64 -11.77
C PHE H 82 18.25 -7.87 -10.95
N MET H 83 18.50 -8.34 -9.72
CA MET H 83 19.41 -7.62 -8.82
C MET H 83 20.77 -7.44 -9.46
N THR H 84 21.29 -8.50 -10.08
CA THR H 84 22.34 -8.40 -11.08
C THR H 84 21.98 -9.34 -12.22
N PHE H 85 22.59 -9.13 -13.37
CA PHE H 85 22.26 -10.01 -14.48
C PHE H 85 22.93 -11.37 -14.36
N ASN H 86 23.86 -11.55 -13.42
CA ASN H 86 24.34 -12.88 -13.10
C ASN H 86 23.20 -13.77 -12.66
N PHE H 87 22.23 -13.21 -11.95
CA PHE H 87 21.08 -13.96 -11.48
C PHE H 87 20.03 -14.19 -12.55
N SER H 88 20.17 -13.56 -13.71
CA SER H 88 19.23 -13.79 -14.79
C SER H 88 19.41 -15.17 -15.42
N MET H 89 20.57 -15.80 -15.24
CA MET H 89 20.77 -17.12 -15.81
C MET H 89 19.76 -18.12 -15.27
N GLN H 90 19.29 -17.91 -14.03
CA GLN H 90 18.25 -18.79 -13.50
C GLN H 90 16.94 -18.62 -14.25
N ALA H 91 16.72 -17.46 -14.87
CA ALA H 91 15.47 -17.16 -15.56
C ALA H 91 15.66 -16.99 -17.05
N ILE H 92 16.82 -17.36 -17.59
CA ILE H 92 17.10 -17.03 -18.98
C ILE H 92 16.19 -17.79 -19.94
N ASP H 93 15.62 -18.91 -19.52
CA ASP H 93 14.67 -19.61 -20.37
C ASP H 93 13.41 -18.79 -20.62
N GLN H 94 12.92 -18.10 -19.58
CA GLN H 94 11.74 -17.25 -19.75
C GLN H 94 12.05 -16.04 -20.62
N VAL H 95 13.27 -15.51 -20.55
CA VAL H 95 13.61 -14.35 -21.38
C VAL H 95 13.67 -14.75 -22.85
N ILE H 96 14.30 -15.88 -23.15
CA ILE H 96 14.55 -16.28 -24.53
C ILE H 96 13.34 -17.02 -25.12
N ASN H 97 12.92 -18.11 -24.48
CA ASN H 97 11.88 -18.95 -25.09
C ASN H 97 10.47 -18.42 -24.88
N SER H 98 10.20 -17.78 -23.74
CA SER H 98 8.85 -17.31 -23.49
C SER H 98 8.59 -15.91 -24.03
N ALA H 99 9.59 -15.05 -24.04
CA ALA H 99 9.40 -13.66 -24.41
C ALA H 99 9.96 -13.32 -25.78
N ALA H 100 11.21 -13.68 -26.05
CA ALA H 100 11.84 -13.25 -27.29
C ALA H 100 11.19 -13.90 -28.51
N LYS H 101 10.94 -15.21 -28.44
CA LYS H 101 10.48 -15.97 -29.59
C LYS H 101 8.97 -15.99 -29.77
N THR H 102 8.20 -15.46 -28.81
CA THR H 102 6.75 -15.69 -28.81
C THR H 102 6.05 -14.99 -29.96
N TYR H 103 6.37 -13.73 -30.20
CA TYR H 103 5.69 -13.00 -31.27
C TYR H 103 5.92 -13.67 -32.62
N TYR H 104 7.13 -14.18 -32.84
CA TYR H 104 7.43 -14.85 -34.11
C TYR H 104 6.68 -16.18 -34.23
N MET H 105 6.70 -16.98 -33.17
CA MET H 105 6.02 -18.27 -33.24
C MET H 105 4.51 -18.10 -33.41
N SER H 106 3.94 -17.06 -32.80
CA SER H 106 2.51 -16.82 -32.88
C SER H 106 2.07 -16.28 -34.24
N GLY H 107 3.01 -15.99 -35.13
CA GLY H 107 2.64 -15.40 -36.40
C GLY H 107 2.21 -13.96 -36.31
N GLY H 108 2.67 -13.24 -35.29
CA GLY H 108 2.31 -11.84 -35.13
C GLY H 108 1.06 -11.60 -34.32
N LEU H 109 0.68 -12.54 -33.45
CA LEU H 109 -0.54 -12.41 -32.67
C LEU H 109 -0.30 -12.08 -31.21
N GLN H 110 0.80 -12.55 -30.62
CA GLN H 110 1.05 -12.41 -29.18
C GLN H 110 2.32 -11.59 -28.95
N PRO H 111 2.20 -10.27 -28.79
CA PRO H 111 3.36 -9.46 -28.44
C PRO H 111 3.68 -9.52 -26.96
N VAL H 112 4.94 -9.27 -26.63
CA VAL H 112 5.40 -9.35 -25.24
C VAL H 112 6.07 -8.04 -24.83
N PRO H 113 5.31 -7.01 -24.47
CA PRO H 113 5.93 -5.76 -24.04
C PRO H 113 6.50 -5.85 -22.64
N ILE H 114 7.80 -6.09 -22.52
CA ILE H 114 8.42 -6.31 -21.21
C ILE H 114 9.82 -5.73 -21.24
N VAL H 115 10.30 -5.30 -20.08
CA VAL H 115 11.67 -4.79 -19.92
C VAL H 115 12.37 -5.61 -18.85
N PHE H 116 13.58 -6.09 -19.16
CA PHE H 116 14.45 -6.76 -18.20
C PHE H 116 15.64 -5.85 -17.93
N ARG H 117 15.72 -5.28 -16.72
CA ARG H 117 16.79 -4.36 -16.39
C ARG H 117 17.50 -4.78 -15.12
N GLY H 118 18.68 -4.22 -14.90
CA GLY H 118 19.52 -4.54 -13.78
C GLY H 118 20.97 -4.30 -14.11
N PRO H 119 21.83 -4.24 -13.10
CA PRO H 119 23.25 -4.00 -13.38
C PRO H 119 23.90 -5.22 -14.01
N ASN H 120 24.90 -4.97 -14.85
CA ASN H 120 25.55 -6.03 -15.61
C ASN H 120 27.06 -5.81 -15.59
N GLY H 121 27.80 -6.91 -15.60
CA GLY H 121 29.24 -6.85 -15.72
C GLY H 121 29.96 -6.70 -14.39
N ALA H 122 31.19 -6.21 -14.50
CA ALA H 122 32.11 -6.19 -13.36
C ALA H 122 31.73 -5.10 -12.37
N SER H 123 32.08 -5.35 -11.11
CA SER H 123 31.80 -4.40 -10.03
C SER H 123 33.07 -4.10 -9.27
N ALA H 124 33.08 -4.40 -7.96
CA ALA H 124 34.28 -4.15 -7.16
C ALA H 124 34.33 -5.22 -6.06
N GLY H 125 35.13 -6.26 -6.30
CA GLY H 125 35.36 -7.29 -5.31
C GLY H 125 34.23 -8.28 -5.13
N VAL H 126 33.33 -8.42 -6.09
CA VAL H 126 32.19 -9.31 -5.94
C VAL H 126 32.49 -10.70 -6.49
N ALA H 127 33.73 -10.94 -6.94
CA ALA H 127 34.22 -12.25 -7.34
C ALA H 127 33.53 -12.79 -8.60
N ALA H 128 33.80 -14.07 -8.93
CA ALA H 128 33.56 -14.58 -10.27
C ALA H 128 32.08 -14.73 -10.59
N GLN H 129 31.27 -15.11 -9.61
CA GLN H 129 29.84 -15.37 -9.86
C GLN H 129 29.00 -14.10 -9.90
N HIS H 130 29.59 -12.93 -9.63
CA HIS H 130 28.82 -11.69 -9.57
C HIS H 130 29.38 -10.62 -10.51
N SER H 131 30.22 -11.00 -11.46
CA SER H 131 30.90 -10.01 -12.28
C SER H 131 30.74 -10.24 -13.78
N GLN H 132 29.88 -11.17 -14.19
CA GLN H 132 29.79 -11.55 -15.59
C GLN H 132 29.01 -10.53 -16.42
N CYS H 133 29.46 -10.32 -17.66
CA CYS H 133 28.78 -9.46 -18.63
C CYS H 133 28.00 -10.33 -19.61
N PHE H 134 26.73 -10.00 -19.80
CA PHE H 134 25.84 -10.81 -20.63
C PHE H 134 25.41 -10.07 -21.89
N ALA H 135 26.19 -9.08 -22.33
CA ALA H 135 25.81 -8.34 -23.52
C ALA H 135 25.81 -9.24 -24.75
N ALA H 136 26.84 -10.08 -24.89
CA ALA H 136 26.94 -10.94 -26.06
C ALA H 136 25.90 -12.06 -26.02
N TRP H 137 25.62 -12.61 -24.85
CA TRP H 137 24.61 -13.67 -24.76
C TRP H 137 23.26 -13.18 -25.23
N TYR H 138 22.79 -12.08 -24.66
CA TYR H 138 21.46 -11.59 -25.01
C TYR H 138 21.42 -10.98 -26.40
N GLY H 139 22.51 -10.33 -26.84
CA GLY H 139 22.54 -9.79 -28.19
C GLY H 139 22.55 -10.86 -29.26
N HIS H 140 22.85 -12.10 -28.88
CA HIS H 140 22.90 -13.23 -29.80
C HIS H 140 21.53 -13.70 -30.25
N CYS H 141 20.45 -13.25 -29.59
CA CYS H 141 19.15 -13.90 -29.69
C CYS H 141 18.15 -13.04 -30.46
N PRO H 142 17.58 -13.56 -31.55
CA PRO H 142 16.53 -12.82 -32.25
C PRO H 142 15.27 -12.71 -31.42
N GLY H 143 14.49 -11.68 -31.73
CA GLY H 143 13.30 -11.37 -30.97
C GLY H 143 13.54 -10.51 -29.75
N LEU H 144 14.79 -10.34 -29.33
CA LEU H 144 15.17 -9.45 -28.25
C LEU H 144 15.70 -8.14 -28.80
N LYS H 145 15.69 -7.13 -27.94
CA LYS H 145 16.46 -5.91 -28.13
C LYS H 145 17.33 -5.73 -26.90
N VAL H 146 18.61 -5.44 -27.12
CA VAL H 146 19.57 -5.34 -26.02
C VAL H 146 20.24 -3.98 -26.08
N VAL H 147 20.20 -3.24 -24.96
CA VAL H 147 20.85 -1.94 -24.84
C VAL H 147 21.76 -1.94 -23.63
N SER H 148 22.73 -1.03 -23.65
CA SER H 148 23.73 -0.94 -22.58
C SER H 148 24.12 0.52 -22.41
N PRO H 149 23.43 1.25 -21.53
CA PRO H 149 23.69 2.69 -21.38
C PRO H 149 25.01 2.97 -20.69
N TRP H 150 25.51 4.18 -20.92
CA TRP H 150 26.73 4.66 -20.25
C TRP H 150 26.42 5.77 -19.27
N ASN H 151 26.07 6.97 -19.75
CA ASN H 151 25.91 8.15 -18.90
C ASN H 151 24.43 8.37 -18.57
N SER H 152 24.12 9.53 -17.97
CA SER H 152 22.77 9.79 -17.50
C SER H 152 21.78 9.94 -18.66
N GLU H 153 22.18 10.66 -19.71
CA GLU H 153 21.31 10.74 -20.88
C GLU H 153 20.99 9.35 -21.42
N ASP H 154 22.03 8.52 -21.58
CA ASP H 154 21.81 7.15 -22.07
C ASP H 154 20.81 6.39 -21.21
N ALA H 155 20.99 6.45 -19.90
CA ALA H 155 20.16 5.61 -19.02
C ALA H 155 18.70 6.03 -19.09
N LYS H 156 18.43 7.34 -18.96
CA LYS H 156 17.05 7.80 -18.97
C LYS H 156 16.42 7.64 -20.35
N GLY H 157 17.16 8.01 -21.40
CA GLY H 157 16.60 7.91 -22.75
C GLY H 157 16.30 6.48 -23.16
N LEU H 158 17.20 5.55 -22.80
CA LEU H 158 17.01 4.16 -23.20
C LEU H 158 15.95 3.46 -22.36
N ILE H 159 15.88 3.77 -21.06
CA ILE H 159 14.90 3.10 -20.22
C ILE H 159 13.48 3.50 -20.62
N LYS H 160 13.29 4.74 -21.08
CA LYS H 160 11.97 5.18 -21.53
C LYS H 160 11.62 4.57 -22.88
N SER H 161 12.58 4.49 -23.80
CA SER H 161 12.33 3.81 -25.07
C SER H 161 12.07 2.33 -24.87
N ALA H 162 12.78 1.70 -23.91
CA ALA H 162 12.58 0.29 -23.66
C ALA H 162 11.15 0.00 -23.20
N ILE H 163 10.60 0.88 -22.35
CA ILE H 163 9.26 0.64 -21.82
C ILE H 163 8.19 0.83 -22.90
N ARG H 164 8.37 1.84 -23.76
CA ARG H 164 7.38 2.12 -24.80
C ARG H 164 7.46 1.15 -25.96
N ASP H 165 8.55 0.40 -26.08
CA ASP H 165 8.63 -0.61 -27.13
C ASP H 165 7.77 -1.81 -26.76
N ASN H 166 7.05 -2.33 -27.76
CA ASN H 166 6.09 -3.42 -27.56
C ASN H 166 6.73 -4.80 -27.57
N ASN H 167 8.04 -4.90 -27.37
CA ASN H 167 8.77 -6.16 -27.46
C ASN H 167 9.73 -6.26 -26.28
N PRO H 168 10.26 -7.45 -26.00
CA PRO H 168 11.20 -7.60 -24.88
C PRO H 168 12.48 -6.82 -25.15
N VAL H 169 12.81 -5.91 -24.23
CA VAL H 169 14.03 -5.12 -24.29
C VAL H 169 14.82 -5.38 -23.03
N VAL H 170 16.11 -5.68 -23.19
CA VAL H 170 17.04 -5.93 -22.09
C VAL H 170 17.87 -4.68 -21.89
N VAL H 171 17.89 -4.16 -20.67
CA VAL H 171 18.64 -2.96 -20.33
C VAL H 171 19.76 -3.36 -19.37
N LEU H 172 20.96 -3.51 -19.90
CA LEU H 172 22.12 -3.92 -19.10
C LEU H 172 22.74 -2.68 -18.48
N GLU H 173 22.45 -2.44 -17.21
CA GLU H 173 22.95 -1.30 -16.48
C GLU H 173 24.34 -1.62 -15.91
N ASN H 174 24.90 -0.70 -15.14
CA ASN H 174 26.23 -0.88 -14.57
C ASN H 174 26.26 -0.34 -13.15
N GLU H 175 26.82 -1.14 -12.23
CA GLU H 175 26.82 -0.78 -10.82
C GLU H 175 27.73 0.42 -10.53
N LEU H 176 28.92 0.44 -11.10
CA LEU H 176 29.86 1.53 -10.84
C LEU H 176 29.42 2.85 -11.49
N MET H 177 28.49 2.81 -12.44
CA MET H 177 27.98 4.03 -13.08
C MET H 177 26.81 4.65 -12.33
N TYR H 178 26.18 3.92 -11.40
CA TYR H 178 24.99 4.42 -10.72
C TYR H 178 25.26 5.76 -10.02
N GLY H 179 26.37 5.86 -9.30
CA GLY H 179 26.67 7.04 -8.53
C GLY H 179 27.43 8.14 -9.25
N VAL H 180 27.64 8.02 -10.56
CA VAL H 180 28.42 9.02 -11.29
C VAL H 180 27.51 10.14 -11.82
N PRO H 181 27.81 11.40 -11.51
CA PRO H 181 27.00 12.51 -12.02
C PRO H 181 27.47 12.99 -13.39
N PHE H 182 26.49 13.49 -14.15
CA PHE H 182 26.73 14.00 -15.50
C PHE H 182 25.96 15.29 -15.72
N GLU H 183 26.42 16.06 -16.69
CA GLU H 183 25.71 17.25 -17.14
C GLU H 183 24.36 16.84 -17.74
N PHE H 184 23.27 17.29 -17.15
CA PHE H 184 21.95 16.91 -17.62
C PHE H 184 21.29 18.10 -18.31
N PRO H 185 21.25 18.15 -19.63
CA PRO H 185 20.71 19.35 -20.32
C PRO H 185 19.19 19.43 -20.19
N PRO H 186 18.59 20.59 -20.49
CA PRO H 186 17.13 20.70 -20.36
C PRO H 186 16.36 19.73 -21.24
N GLU H 187 16.95 19.29 -22.35
CA GLU H 187 16.29 18.34 -23.23
C GLU H 187 16.08 16.98 -22.56
N ALA H 188 17.04 16.56 -21.73
CA ALA H 188 16.92 15.28 -21.05
C ALA H 188 15.98 15.33 -19.86
N GLN H 189 15.82 16.48 -19.22
CA GLN H 189 14.90 16.58 -18.10
C GLN H 189 13.44 16.50 -18.54
N SER H 190 13.17 16.64 -19.84
CA SER H 190 11.80 16.64 -20.32
C SER H 190 11.14 15.28 -20.12
N LYS H 191 9.82 15.32 -20.05
CA LYS H 191 9.00 14.12 -19.93
C LYS H 191 8.87 13.36 -21.25
N ASP H 192 9.32 13.95 -22.37
CA ASP H 192 9.26 13.33 -23.67
C ASP H 192 10.63 12.90 -24.20
N PHE H 193 11.67 12.92 -23.36
CA PHE H 193 13.00 12.60 -23.83
C PHE H 193 13.13 11.11 -24.12
N LEU H 194 13.45 10.78 -25.37
CA LEU H 194 13.60 9.40 -25.82
C LEU H 194 14.90 9.25 -26.62
N ILE H 195 15.60 8.15 -26.39
CA ILE H 195 16.76 7.77 -27.20
C ILE H 195 16.37 6.57 -28.03
N PRO H 196 16.40 6.65 -29.36
CA PRO H 196 15.94 5.52 -30.18
C PRO H 196 16.87 4.32 -30.03
N ILE H 197 16.27 3.14 -29.94
CA ILE H 197 17.04 1.91 -29.88
C ILE H 197 17.59 1.63 -31.27
N GLY H 198 18.88 1.31 -31.35
CA GLY H 198 19.49 0.97 -32.61
C GLY H 198 20.32 2.06 -33.26
N LYS H 199 20.56 3.18 -32.57
CA LYS H 199 21.40 4.26 -33.08
C LYS H 199 22.49 4.56 -32.08
N ALA H 200 23.73 4.63 -32.55
CA ALA H 200 24.87 4.95 -31.71
C ALA H 200 25.10 6.46 -31.67
N LYS H 201 25.87 6.90 -30.66
CA LYS H 201 26.21 8.30 -30.48
C LYS H 201 27.72 8.49 -30.49
N ILE H 202 28.19 9.46 -31.25
CA ILE H 202 29.60 9.82 -31.26
C ILE H 202 29.85 10.77 -30.08
N GLU H 203 30.63 10.30 -29.09
CA GLU H 203 30.92 11.12 -27.92
C GLU H 203 32.11 12.05 -28.13
N ARG H 204 32.94 11.81 -29.14
CA ARG H 204 34.09 12.65 -29.41
C ARG H 204 34.45 12.53 -30.88
N GLN H 205 34.54 13.67 -31.57
CA GLN H 205 34.94 13.68 -32.97
C GLN H 205 36.44 13.48 -33.07
N GLY H 206 36.85 12.68 -34.05
CA GLY H 206 38.26 12.39 -34.29
C GLY H 206 38.50 12.09 -35.75
N THR H 207 39.78 11.97 -36.11
CA THR H 207 40.18 11.69 -37.47
C THR H 207 41.25 10.61 -37.62
N HIS H 208 41.85 10.13 -36.53
CA HIS H 208 42.96 9.19 -36.64
C HIS H 208 42.57 7.74 -36.36
N ILE H 209 41.57 7.50 -35.51
CA ILE H 209 41.20 6.13 -35.15
C ILE H 209 39.79 6.15 -34.56
N THR H 210 39.03 5.12 -34.86
CA THR H 210 37.68 4.93 -34.34
C THR H 210 37.73 4.01 -33.14
N VAL H 211 37.19 4.46 -32.01
CA VAL H 211 37.17 3.68 -30.77
C VAL H 211 35.72 3.45 -30.39
N VAL H 212 35.26 2.20 -30.45
CA VAL H 212 33.87 1.83 -30.19
C VAL H 212 33.81 1.08 -28.86
N SER H 213 32.82 1.43 -28.04
CA SER H 213 32.68 0.82 -26.73
C SER H 213 31.22 0.88 -26.29
N HIS H 214 30.95 0.31 -25.12
CA HIS H 214 29.62 0.35 -24.53
C HIS H 214 29.75 0.26 -23.02
N SER H 215 28.76 0.83 -22.32
CA SER H 215 28.69 0.80 -20.85
C SER H 215 29.87 1.59 -20.27
N ARG H 216 30.30 1.22 -19.06
CA ARG H 216 31.29 2.01 -18.32
C ARG H 216 32.58 2.26 -19.08
N PRO H 217 33.16 1.30 -19.83
CA PRO H 217 34.42 1.59 -20.54
C PRO H 217 34.34 2.75 -21.53
N VAL H 218 33.14 3.23 -21.90
CA VAL H 218 33.06 4.41 -22.76
C VAL H 218 33.76 5.58 -22.10
N GLY H 219 33.58 5.74 -20.78
CA GLY H 219 34.28 6.79 -20.08
C GLY H 219 35.79 6.62 -20.13
N HIS H 220 36.27 5.38 -20.05
CA HIS H 220 37.70 5.13 -20.18
C HIS H 220 38.21 5.42 -21.58
N CYS H 221 37.39 5.21 -22.61
CA CYS H 221 37.81 5.58 -23.95
C CYS H 221 37.97 7.08 -24.08
N LEU H 222 37.07 7.85 -23.46
CA LEU H 222 37.20 9.30 -23.47
C LEU H 222 38.43 9.75 -22.68
N GLU H 223 38.73 9.07 -21.57
CA GLU H 223 39.95 9.37 -20.83
C GLU H 223 41.19 9.06 -21.67
N ALA H 224 41.18 7.93 -22.36
CA ALA H 224 42.30 7.59 -23.23
C ALA H 224 42.45 8.60 -24.36
N ALA H 225 41.32 9.02 -24.96
CA ALA H 225 41.39 10.00 -26.04
C ALA H 225 41.92 11.35 -25.55
N ALA H 226 41.65 11.70 -24.29
CA ALA H 226 42.15 12.96 -23.74
C ALA H 226 43.66 12.93 -23.58
N VAL H 227 44.22 11.77 -23.20
CA VAL H 227 45.67 11.62 -23.08
C VAL H 227 46.32 11.66 -24.46
N LEU H 228 45.76 10.91 -25.41
CA LEU H 228 46.34 10.84 -26.74
C LEU H 228 46.20 12.15 -27.49
N SER H 229 45.20 12.97 -27.15
CA SER H 229 45.05 14.25 -27.83
C SER H 229 46.23 15.17 -27.56
N LYS H 230 46.82 15.07 -26.36
CA LYS H 230 48.02 15.82 -26.05
C LYS H 230 49.23 15.38 -26.87
N GLU H 231 49.16 14.21 -27.52
CA GLU H 231 50.24 13.71 -28.35
C GLU H 231 49.95 13.85 -29.84
N GLY H 232 48.83 14.48 -30.21
CA GLY H 232 48.48 14.67 -31.59
C GLY H 232 47.66 13.58 -32.24
N VAL H 233 46.98 12.74 -31.46
CA VAL H 233 46.16 11.65 -31.99
C VAL H 233 44.70 11.93 -31.63
N GLU H 234 43.88 12.20 -32.64
CA GLU H 234 42.46 12.53 -32.44
C GLU H 234 41.63 11.26 -32.59
N CYS H 235 41.06 10.80 -31.49
CA CYS H 235 40.21 9.60 -31.50
C CYS H 235 38.75 9.98 -31.72
N GLU H 236 38.05 9.14 -32.46
CA GLU H 236 36.60 9.26 -32.65
C GLU H 236 35.95 8.19 -31.79
N VAL H 237 35.46 8.58 -30.62
CA VAL H 237 34.84 7.65 -29.68
C VAL H 237 33.37 7.50 -30.00
N ILE H 238 32.91 6.25 -30.11
CA ILE H 238 31.53 5.93 -30.47
C ILE H 238 30.90 5.19 -29.31
N ASN H 239 29.72 5.64 -28.90
CA ASN H 239 28.97 5.00 -27.83
C ASN H 239 27.87 4.15 -28.47
N MET H 240 28.01 2.82 -28.38
CA MET H 240 27.07 1.93 -29.07
C MET H 240 25.63 2.17 -28.62
N ARG H 241 25.41 2.26 -27.31
CA ARG H 241 24.08 2.36 -26.70
C ARG H 241 23.29 1.06 -26.89
N THR H 242 23.13 0.62 -28.14
CA THR H 242 22.37 -0.58 -28.46
C THR H 242 23.33 -1.71 -28.84
N ILE H 243 23.10 -2.89 -28.26
CA ILE H 243 23.85 -4.10 -28.63
C ILE H 243 23.17 -4.86 -29.76
N ARG H 244 21.84 -5.02 -29.67
CA ARG H 244 21.07 -5.60 -30.75
C ARG H 244 19.77 -4.82 -30.96
N PRO H 245 19.54 -4.22 -32.13
CA PRO H 245 20.45 -4.22 -33.29
C PRO H 245 21.50 -3.11 -33.27
N MET H 246 22.77 -3.48 -33.26
CA MET H 246 23.82 -2.46 -33.15
C MET H 246 23.86 -1.59 -34.39
N ASP H 247 24.38 -0.38 -34.21
CA ASP H 247 24.43 0.64 -35.26
C ASP H 247 25.77 0.57 -35.96
N MET H 248 25.87 -0.30 -36.97
CA MET H 248 27.12 -0.45 -37.72
C MET H 248 27.32 0.69 -38.70
N GLU H 249 26.24 1.32 -39.17
CA GLU H 249 26.38 2.42 -40.13
C GLU H 249 27.20 3.56 -39.54
N THR H 250 27.03 3.85 -38.24
CA THR H 250 27.82 4.88 -37.60
C THR H 250 29.29 4.46 -37.49
N ILE H 251 29.52 3.18 -37.18
CA ILE H 251 30.89 2.67 -37.10
C ILE H 251 31.54 2.66 -38.48
N GLU H 252 30.81 2.18 -39.49
CA GLU H 252 31.36 2.10 -40.84
C GLU H 252 31.72 3.48 -41.39
N ALA H 253 30.82 4.46 -41.20
CA ALA H 253 31.11 5.81 -41.65
C ALA H 253 32.31 6.40 -40.93
N SER H 254 32.53 6.03 -39.67
CA SER H 254 33.68 6.52 -38.93
C SER H 254 34.97 5.90 -39.42
N VAL H 255 34.97 4.58 -39.64
CA VAL H 255 36.18 3.90 -40.11
C VAL H 255 36.58 4.45 -41.48
N MET H 256 35.60 4.77 -42.32
CA MET H 256 35.92 5.31 -43.65
C MET H 256 36.66 6.64 -43.57
N LYS H 257 36.61 7.31 -42.41
CA LYS H 257 37.35 8.55 -42.20
C LYS H 257 38.66 8.34 -41.44
N THR H 258 38.65 7.47 -40.43
CA THR H 258 39.82 7.27 -39.57
C THR H 258 40.76 6.19 -40.06
N ASN H 259 40.25 5.22 -40.83
CA ASN H 259 41.00 4.10 -41.39
C ASN H 259 41.51 3.13 -40.32
N HIS H 260 41.09 3.27 -39.07
CA HIS H 260 41.53 2.40 -38.00
C HIS H 260 40.38 2.17 -37.04
N LEU H 261 40.34 0.98 -36.44
CA LEU H 261 39.23 0.62 -35.56
C LEU H 261 39.77 -0.15 -34.36
N VAL H 262 39.33 0.26 -33.17
CA VAL H 262 39.58 -0.46 -31.93
C VAL H 262 38.25 -0.55 -31.16
N THR H 263 37.87 -1.76 -30.76
CA THR H 263 36.69 -1.98 -29.95
C THR H 263 37.09 -2.22 -28.50
N VAL H 264 36.32 -1.68 -27.57
CA VAL H 264 36.58 -1.80 -26.13
C VAL H 264 35.32 -2.28 -25.45
N GLU H 265 35.44 -3.36 -24.66
CA GLU H 265 34.31 -3.93 -23.95
C GLU H 265 34.81 -4.50 -22.64
N GLY H 266 33.88 -4.63 -21.69
CA GLY H 266 34.20 -5.17 -20.37
C GLY H 266 34.13 -6.68 -20.30
N GLY H 267 33.31 -7.30 -21.16
CA GLY H 267 33.07 -8.72 -21.07
C GLY H 267 34.22 -9.57 -21.58
N TRP H 268 33.96 -10.88 -21.60
CA TRP H 268 34.96 -11.85 -22.01
C TRP H 268 35.24 -11.72 -23.51
N PRO H 269 36.45 -12.06 -23.94
CA PRO H 269 36.85 -11.79 -25.33
C PRO H 269 36.19 -12.69 -26.36
N GLN H 270 36.29 -14.01 -26.16
CA GLN H 270 35.84 -14.96 -27.17
C GLN H 270 34.32 -14.90 -27.32
N PHE H 271 33.87 -14.75 -28.57
CA PHE H 271 32.45 -14.64 -28.91
C PHE H 271 31.78 -13.44 -28.22
N GLY H 272 32.53 -12.35 -28.05
CA GLY H 272 32.05 -11.16 -27.37
C GLY H 272 31.54 -10.10 -28.34
N VAL H 273 31.32 -8.90 -27.80
CA VAL H 273 30.79 -7.80 -28.60
C VAL H 273 31.79 -7.38 -29.66
N GLY H 274 33.06 -7.23 -29.28
CA GLY H 274 34.07 -6.82 -30.24
C GLY H 274 34.20 -7.80 -31.40
N ALA H 275 33.97 -9.09 -31.13
CA ALA H 275 34.08 -10.10 -32.18
C ALA H 275 33.04 -9.87 -33.27
N GLU H 276 31.83 -9.44 -32.90
CA GLU H 276 30.82 -9.18 -33.92
C GLU H 276 31.16 -7.93 -34.71
N ILE H 277 31.63 -6.88 -34.03
CA ILE H 277 32.01 -5.64 -34.73
C ILE H 277 33.13 -5.91 -35.71
N CYS H 278 34.14 -6.68 -35.29
CA CYS H 278 35.23 -7.00 -36.21
C CYS H 278 34.76 -7.85 -37.37
N ALA H 279 33.87 -8.81 -37.12
CA ALA H 279 33.33 -9.60 -38.23
C ALA H 279 32.48 -8.75 -39.15
N ARG H 280 31.70 -7.82 -38.59
CA ARG H 280 30.84 -6.97 -39.43
C ARG H 280 31.64 -5.95 -40.21
N ILE H 281 32.76 -5.49 -39.66
CA ILE H 281 33.58 -4.52 -40.39
C ILE H 281 34.28 -5.21 -41.56
N MET H 282 34.58 -6.50 -41.42
CA MET H 282 35.25 -7.22 -42.49
C MET H 282 34.27 -7.61 -43.62
N GLU H 283 33.05 -7.99 -43.25
CA GLU H 283 32.04 -8.31 -44.25
C GLU H 283 31.48 -7.08 -44.93
N GLY H 284 31.71 -5.90 -44.37
CA GLY H 284 31.05 -4.68 -44.82
C GLY H 284 31.85 -3.83 -45.78
N PRO H 285 31.34 -2.62 -46.06
CA PRO H 285 31.99 -1.75 -47.05
C PRO H 285 33.22 -1.02 -46.53
N ALA H 286 33.45 -1.02 -45.22
CA ALA H 286 34.55 -0.27 -44.65
C ALA H 286 35.85 -1.06 -44.56
N PHE H 287 35.84 -2.33 -44.96
CA PHE H 287 37.04 -3.15 -44.80
C PHE H 287 38.20 -2.62 -45.64
N ASN H 288 37.92 -2.20 -46.87
CA ASN H 288 38.99 -1.68 -47.73
C ASN H 288 39.60 -0.38 -47.21
N PHE H 289 38.91 0.32 -46.30
CA PHE H 289 39.41 1.56 -45.74
C PHE H 289 40.32 1.36 -44.55
N LEU H 290 40.47 0.13 -44.05
CA LEU H 290 41.36 -0.13 -42.92
C LEU H 290 42.81 -0.12 -43.38
N ASP H 291 43.63 0.73 -42.76
CA ASP H 291 45.07 0.71 -42.97
C ASP H 291 45.78 -0.17 -41.96
N ALA H 292 45.05 -0.75 -41.01
CA ALA H 292 45.60 -1.65 -40.02
C ALA H 292 44.48 -2.57 -39.55
N PRO H 293 44.81 -3.78 -39.08
CA PRO H 293 43.75 -4.66 -38.59
C PRO H 293 43.09 -4.10 -37.34
N ALA H 294 41.81 -4.40 -37.20
CA ALA H 294 41.07 -3.99 -36.01
C ALA H 294 41.38 -4.93 -34.85
N VAL H 295 41.62 -4.35 -33.68
CA VAL H 295 41.96 -5.14 -32.51
C VAL H 295 40.89 -4.94 -31.44
N ARG H 296 40.77 -5.93 -30.57
CA ARG H 296 39.74 -5.95 -29.53
C ARG H 296 40.38 -5.71 -28.17
N VAL H 297 39.81 -4.78 -27.41
CA VAL H 297 40.14 -4.57 -26.01
C VAL H 297 38.98 -5.11 -25.19
N THR H 298 39.26 -6.15 -24.39
CA THR H 298 38.22 -6.85 -23.65
C THR H 298 38.68 -7.06 -22.21
N GLY H 299 37.82 -7.71 -21.41
CA GLY H 299 38.26 -8.22 -20.13
C GLY H 299 39.13 -9.45 -20.28
N ALA H 300 39.85 -9.80 -19.21
CA ALA H 300 40.70 -10.97 -19.24
C ALA H 300 39.86 -12.24 -19.36
N ASP H 301 40.44 -13.25 -19.99
CA ASP H 301 39.73 -14.48 -20.29
C ASP H 301 39.69 -15.39 -19.08
N VAL H 302 39.26 -14.88 -17.93
CA VAL H 302 39.27 -15.64 -16.68
C VAL H 302 37.98 -15.37 -15.94
N PRO H 303 37.58 -16.30 -15.06
CA PRO H 303 36.58 -15.93 -14.03
C PRO H 303 37.12 -14.77 -13.21
N MET H 304 36.24 -13.85 -12.84
CA MET H 304 36.71 -12.63 -12.18
C MET H 304 37.34 -12.96 -10.84
N PRO H 305 38.61 -12.65 -10.62
CA PRO H 305 39.23 -12.91 -9.32
C PRO H 305 38.87 -11.83 -8.30
N TYR H 306 39.09 -12.16 -7.03
CA TYR H 306 38.66 -11.28 -5.96
C TYR H 306 39.69 -10.19 -5.64
N ALA H 307 40.97 -10.54 -5.55
CA ALA H 307 41.99 -9.60 -5.09
C ALA H 307 42.01 -8.33 -5.93
N LYS H 308 42.31 -7.21 -5.27
CA LYS H 308 42.23 -5.90 -5.93
C LYS H 308 43.18 -5.82 -7.12
N ILE H 309 44.43 -6.27 -6.95
CA ILE H 309 45.40 -6.18 -8.03
C ILE H 309 45.00 -7.06 -9.20
N LEU H 310 44.40 -8.22 -8.92
CA LEU H 310 44.03 -9.15 -9.99
C LEU H 310 42.79 -8.67 -10.72
N GLU H 311 41.79 -8.18 -9.99
CA GLU H 311 40.59 -7.67 -10.65
C GLU H 311 40.90 -6.44 -11.48
N ASP H 312 41.81 -5.59 -11.00
CA ASP H 312 42.20 -4.41 -11.77
C ASP H 312 42.78 -4.78 -13.13
N ASN H 313 43.48 -5.91 -13.20
CA ASN H 313 44.08 -6.39 -14.44
C ASN H 313 43.19 -7.38 -15.19
N SER H 314 41.98 -7.64 -14.69
CA SER H 314 40.98 -8.42 -15.40
C SER H 314 39.96 -7.53 -16.08
N ILE H 315 40.14 -6.21 -16.01
CA ILE H 315 39.22 -5.22 -16.55
C ILE H 315 40.03 -4.29 -17.43
N PRO H 316 39.48 -3.82 -18.55
CA PRO H 316 40.23 -2.87 -19.39
C PRO H 316 40.57 -1.60 -18.62
N GLN H 317 41.86 -1.28 -18.61
CA GLN H 317 42.33 -0.04 -18.01
C GLN H 317 42.59 0.98 -19.12
N VAL H 318 42.76 2.24 -18.70
CA VAL H 318 42.96 3.30 -19.68
C VAL H 318 44.25 3.07 -20.44
N LYS H 319 45.29 2.57 -19.75
CA LYS H 319 46.55 2.29 -20.44
C LYS H 319 46.42 1.13 -21.41
N ASP H 320 45.50 0.19 -21.15
CA ASP H 320 45.28 -0.92 -22.08
C ASP H 320 44.64 -0.47 -23.38
N ILE H 321 43.75 0.53 -23.30
CA ILE H 321 43.18 1.10 -24.52
C ILE H 321 44.24 1.89 -25.28
N ILE H 322 45.04 2.70 -24.55
CA ILE H 322 46.10 3.46 -25.20
C ILE H 322 47.12 2.54 -25.85
N PHE H 323 47.47 1.44 -25.17
CA PHE H 323 48.45 0.50 -25.72
C PHE H 323 47.96 -0.10 -27.03
N ALA H 324 46.68 -0.52 -27.07
CA ALA H 324 46.13 -1.08 -28.29
C ALA H 324 46.06 -0.03 -29.39
N ILE H 325 45.75 1.22 -29.04
CA ILE H 325 45.67 2.28 -30.03
C ILE H 325 47.03 2.54 -30.65
N LYS H 326 48.07 2.61 -29.81
CA LYS H 326 49.41 2.86 -30.32
C LYS H 326 49.93 1.67 -31.13
N LYS H 327 49.51 0.46 -30.79
CA LYS H 327 49.84 -0.70 -31.63
C LYS H 327 49.16 -0.58 -32.98
N THR H 328 47.89 -0.17 -33.00
CA THR H 328 47.15 -0.05 -34.25
C THR H 328 47.75 1.01 -35.15
N LEU H 329 48.23 2.11 -34.59
CA LEU H 329 48.80 3.18 -35.39
C LEU H 329 50.30 3.04 -35.59
N ASN H 330 50.94 2.02 -35.00
CA ASN H 330 52.38 1.80 -35.10
C ASN H 330 53.15 3.04 -34.66
N ILE H 331 52.75 3.60 -33.52
CA ILE H 331 53.42 4.77 -32.94
C ILE H 331 53.73 4.54 -31.47
N1' TPP I . -29.53 14.36 16.74
C2' TPP I . -28.46 13.59 17.05
CM2 TPP I . -27.13 13.88 16.39
N3' TPP I . -28.55 12.57 17.93
C4' TPP I . -29.73 12.29 18.52
N4' TPP I . -29.83 11.27 19.41
C5' TPP I . -30.90 13.12 18.19
C6' TPP I . -30.73 14.16 17.29
C7' TPP I . -32.25 12.86 18.82
N3 TPP I . -32.76 11.57 18.37
C2 TPP I . -32.37 10.39 18.91
S1 TPP I . -33.11 8.98 18.20
C5 TPP I . -33.99 10.03 17.14
C4 TPP I . -33.66 11.45 17.38
CM4 TPP I . -34.25 12.61 16.62
C6 TPP I . -34.91 9.33 16.18
C7 TPP I . -36.27 9.12 16.83
O7 TPP I . -36.22 7.95 17.65
PA TPP I . -36.91 6.58 17.18
O1A TPP I . -38.38 6.64 17.53
O2A TPP I . -36.07 5.42 17.67
O3A TPP I . -36.77 6.65 15.58
PB TPP I . -35.51 5.99 14.83
O1B TPP I . -35.95 4.57 14.58
O2B TPP I . -35.34 6.83 13.59
O3B TPP I . -34.38 6.13 15.83
N1' TPP J . -10.37 22.69 7.57
C2' TPP J . -11.34 23.61 7.34
CM2 TPP J . -12.78 23.24 7.55
N3' TPP J . -11.04 24.87 6.93
C4' TPP J . -9.75 25.23 6.74
N4' TPP J . -9.44 26.48 6.33
C5' TPP J . -8.68 24.23 6.99
C6' TPP J . -9.08 22.96 7.41
C7' TPP J . -7.23 24.57 6.80
N3 TPP J . -6.98 24.83 5.39
C2 TPP J . -7.11 26.06 4.82
S1 TPP J . -6.75 26.14 3.12
C5 TPP J . -6.43 24.44 3.15
C4 TPP J . -6.60 23.87 4.52
CM4 TPP J . -6.39 22.43 4.87
C6 TPP J . -6.03 23.84 1.83
C7 TPP J . -6.21 24.87 0.72
O7 TPP J . -4.94 25.24 0.20
PA TPP J . -4.84 26.05 -1.18
O1A TPP J . -4.48 25.08 -2.28
O2A TPP J . -3.99 27.28 -0.95
O3A TPP J . -6.35 26.54 -1.43
PB TPP J . -7.31 25.74 -2.44
O1B TPP J . -7.53 24.41 -1.78
O2B TPP J . -8.55 26.61 -2.53
O3B TPP J . -6.51 25.67 -3.73
N1' TPP K . 19.10 -14.15 -6.32
C2' TPP K . 20.05 -15.11 -6.37
CM2 TPP K . 19.73 -16.42 -7.04
N3' TPP K . 21.29 -14.92 -5.85
C4' TPP K . 21.60 -13.75 -5.25
N4' TPP K . 22.84 -13.54 -4.73
C5' TPP K . 20.56 -12.69 -5.17
C6' TPP K . 19.32 -12.96 -5.74
C7' TPP K . 20.85 -11.37 -4.52
N3 TPP K . 20.99 -11.56 -3.08
C2 TPP K . 22.07 -12.14 -2.51
S1 TPP K . 22.02 -12.26 -0.78
C5 TPP K . 20.48 -11.48 -0.81
C4 TPP K . 20.05 -11.17 -2.20
CM4 TPP K . 18.76 -10.48 -2.56
C6 TPP K . 19.83 -11.27 0.54
C7 TPP K . 20.86 -10.71 1.50
O7 TPP K . 20.18 -10.10 2.61
PA TPP K . 20.52 -10.55 4.12
O1A TPP K . 19.28 -10.37 4.95
O2A TPP K . 21.81 -9.86 4.53
O3A TPP K . 20.82 -12.12 3.96
PB TPP K . 19.93 -13.19 4.78
O1B TPP K . 20.63 -14.51 4.52
O2B TPP K . 20.02 -12.73 6.22
O3B TPP K . 18.57 -13.08 4.17
MG MG L . 23.29 -9.46 6.22
N1' TPP M . 12.59 -30.99 -20.53
C2' TPP M . 11.92 -29.81 -20.63
CM2 TPP M . 12.15 -28.74 -19.59
N3' TPP M . 11.03 -29.58 -21.63
C4' TPP M . 10.81 -30.53 -22.57
N4' TPP M . 9.92 -30.31 -23.57
C5' TPP M . 11.54 -31.81 -22.46
C6' TPP M . 12.44 -31.97 -21.42
C7' TPP M . 11.33 -32.90 -23.49
N3 TPP M . 10.05 -33.56 -23.24
C2 TPP M . 8.91 -33.22 -23.87
S1 TPP M . 7.50 -34.14 -23.41
C5 TPP M . 8.51 -35.04 -22.32
C4 TPP M . 9.92 -34.57 -22.36
CM4 TPP M . 11.03 -35.15 -21.53
C6 TPP M . 7.80 -36.12 -21.53
C7 TPP M . 7.52 -37.32 -22.44
O7 TPP M . 6.55 -36.96 -23.42
PA TPP M . 5.52 -38.06 -23.97
O1A TPP M . 6.31 -39.29 -24.37
O2A TPP M . 4.62 -37.40 -24.99
O3A TPP M . 4.64 -38.42 -22.68
PB TPP M . 4.10 -37.25 -21.72
O1B TPP M . 2.68 -37.66 -21.40
O2B TPP M . 5.04 -37.30 -20.53
O3B TPP M . 4.22 -36.00 -22.55
MG MG N . 6.30 -40.77 -21.23
#